data_4Q66
#
_entry.id   4Q66
#
_cell.length_a   114.659
_cell.length_b   208.168
_cell.length_c   155.078
_cell.angle_alpha   90.00
_cell.angle_beta   105.48
_cell.angle_gamma   90.00
#
_symmetry.space_group_name_H-M   'P 1 21 1'
#
loop_
_entity.id
_entity.type
_entity.pdbx_description
1 polymer Chs5p
2 polymer 'Protein BCH1'
3 polymer 'ADP-ribosylation factor 1'
4 non-polymer 'PHOSPHOAMINOPHOSPHONIC ACID-GUANYLATE ESTER'
5 non-polymer 'MAGNESIUM ION'
#
loop_
_entity_poly.entity_id
_entity_poly.type
_entity_poly.pdbx_seq_one_letter_code
_entity_poly.pdbx_strand_id
1 'polypeptide(L)'
;MDPEFSSVDVLLTVGKLDASLALLTTQDHHVIEFPTVLLPENVKAGSIIKMQVSQNLEEEKKQRNHFKSIQAKILEKYGT
HKPESPVLKIVNVTQTSCVLAWDPLKLGSAKLKSLILYRKGIRSMVIPNPFKVTTTKISGLSVDTPYEFQLKLITTSGTL
WSEKVILRTHKMTDMSGITVCLGPLDPLKEISDLQISQCLSHIGARPLQRHVAIDTTHFVCNDLDNEESNEELIRAKHNN
IPIVRPEWVRACEVEKRIVGVRGFYLDADQSILKSYTFPPVNEEELSYSKENEPVAEVADENKMPEDTTDVEQVASHNDN
EGNPSEAKEQGEKSGHEAAPVSPAEDPLHASTALENETTIETVNPSVR
;
A,J,G,D
2 'polypeptide(L)'
;MLSQTSIPEVKEDVIGYALHQRRARVGQFQDLGPPDLITLIKSLPSSSSTTTATASANDNGATSNINGQDPTTIVTELHS
HDKLKGQIGTFFYCMGIDTSDPTSITIFAKKITDLFLDTPQIWFGKKKHFHVSKISISSWNAFRKYDVNIIVHIPGTVQT
YIINSDGEQSQLPSVAEASSGRNSQDLNVNMIWAETFMSGIVRDIMIMKDNRADGESQNLVETLIFNPFTSGELEDVANN
FIKLFPLVYEKGVYLDAPTHVLNPSLTNNYLVETLVEIVRLTKSLEACRKMLKKLIEIHPEAVIILIRVYFACDLEIDAV
DLINEQLNSPSSFLADDSKTSHIQLIFKSELLSIQSEFLLDVKRDYKLAKEVAMEAVNCAPNEFKTWYLLTRIYIKLNDM
SNALLSLNACPMSQVKEKYVLRRIAPITSDENLHLPLPLDASIEEISSLNPMDVQLEQKSADPNLVNLSASSLKSTFQLA
YKLLTEIVQITGWEQLLKYRSKIFVMEDEYQGSTSSIDEAEVRGNDISKMRSKRLCERWLDNLFMLLYEDLKTYTDWQSE
QLYFDAQNSKYHKLTVEWELFGLCAKRLGHLPEAAKAFQIGLSQRFSPVCAKNLLQFYIDEHKRIRRDSVSANSELTSSQ
ILSSINDIDSSIIDLVVKICCWNHRWYIEFSIILIDALSVAVQDMGITKVHNEIASRFSDPVAQLIDDNILNFLKNFTND
TFDNGTENLYFQGHHHHHH
;
K,E,B,H
3 'polypeptide(L)'
;MTENLYFQGSGMRILMVGLDGAGKTTVLYKLKLGEVITTIPTIGFNVETVQYKNISFTVWDVGGLDRIRSLWRHYYRNTE
GVIFVVDSNDRSRIGEAREVMQRMLNEDELRNAAWLVFANKQDLPEAMSAAEITEKLGLHSIRNRPWFIQATCATSGEGL
YEGLEWLSNSLKNST
;
F,L,C,I
#
loop_
_chem_comp.id
_chem_comp.type
_chem_comp.name
_chem_comp.formula
GNP non-polymer 'PHOSPHOAMINOPHOSPHONIC ACID-GUANYLATE ESTER' 'C10 H17 N6 O13 P3'
MG non-polymer 'MAGNESIUM ION' 'Mg 2'
#
# COMPACT_ATOMS: atom_id res chain seq x y z
N SER A 6 5.34 18.78 13.34
CA SER A 6 5.08 18.10 12.07
C SER A 6 6.38 17.54 11.48
N SER A 7 7.29 17.11 12.34
CA SER A 7 8.56 16.54 11.91
C SER A 7 8.39 15.12 11.37
N VAL A 8 9.04 14.84 10.25
CA VAL A 8 8.97 13.51 9.64
C VAL A 8 10.21 12.68 9.95
N ASP A 9 10.04 11.64 10.75
CA ASP A 9 11.15 10.76 11.11
C ASP A 9 11.18 9.51 10.24
N VAL A 10 12.30 9.31 9.54
CA VAL A 10 12.46 8.17 8.66
C VAL A 10 13.72 7.38 9.00
N LEU A 11 13.58 6.06 9.10
CA LEU A 11 14.73 5.20 9.34
C LEU A 11 15.25 4.61 8.03
N LEU A 12 16.50 4.94 7.71
CA LEU A 12 17.10 4.51 6.45
C LEU A 12 18.30 3.60 6.70
N THR A 13 18.58 2.73 5.73
CA THR A 13 19.72 1.84 5.82
C THR A 13 20.75 2.22 4.77
N VAL A 14 22.02 2.27 5.17
CA VAL A 14 23.09 2.63 4.25
C VAL A 14 23.47 1.41 3.40
N GLY A 15 23.15 1.50 2.10
CA GLY A 15 23.51 0.45 1.16
C GLY A 15 24.97 0.54 0.78
N LYS A 16 25.24 0.70 -0.51
CA LYS A 16 26.61 0.90 -0.98
C LYS A 16 27.11 2.27 -0.53
N LEU A 17 28.40 2.38 -0.24
CA LEU A 17 28.99 3.63 0.21
C LEU A 17 30.38 3.84 -0.37
N ASP A 18 30.55 4.92 -1.13
CA ASP A 18 31.85 5.28 -1.68
C ASP A 18 32.38 6.53 -1.01
N ALA A 19 33.44 7.10 -1.57
CA ALA A 19 34.06 8.29 -1.00
C ALA A 19 33.20 9.54 -1.22
N SER A 20 32.33 9.48 -2.23
CA SER A 20 31.51 10.63 -2.58
C SER A 20 30.06 10.44 -2.17
N LEU A 21 29.36 9.54 -2.86
CA LEU A 21 27.93 9.35 -2.64
C LEU A 21 27.62 8.10 -1.81
N ALA A 22 26.36 7.98 -1.39
CA ALA A 22 25.90 6.82 -0.65
C ALA A 22 24.48 6.48 -1.06
N LEU A 23 24.14 5.20 -1.02
CA LEU A 23 22.80 4.76 -1.40
C LEU A 23 21.99 4.36 -0.17
N LEU A 24 20.96 5.15 0.12
CA LEU A 24 20.12 4.89 1.29
C LEU A 24 18.89 4.08 0.91
N THR A 25 18.63 3.01 1.67
CA THR A 25 17.49 2.15 1.40
C THR A 25 16.48 2.21 2.55
N THR A 26 15.20 2.23 2.21
CA THR A 26 14.13 2.25 3.21
C THR A 26 13.30 0.97 3.15
N GLN A 27 12.39 0.82 4.10
CA GLN A 27 11.52 -0.36 4.14
C GLN A 27 10.48 -0.33 3.01
N ASP A 28 10.19 0.87 2.50
CA ASP A 28 9.25 1.00 1.40
C ASP A 28 9.99 0.93 0.05
N HIS A 29 11.21 0.42 0.10
CA HIS A 29 12.05 0.20 -1.08
C HIS A 29 12.36 1.48 -1.85
N HIS A 30 12.91 2.47 -1.15
CA HIS A 30 13.39 3.69 -1.79
C HIS A 30 14.91 3.67 -1.86
N VAL A 31 15.45 4.06 -3.01
CA VAL A 31 16.90 4.15 -3.17
C VAL A 31 17.31 5.60 -3.38
N ILE A 32 17.86 6.21 -2.33
CA ILE A 32 18.21 7.62 -2.35
C ILE A 32 19.71 7.84 -2.50
N GLU A 33 20.11 8.53 -3.57
CA GLU A 33 21.50 8.94 -3.74
C GLU A 33 21.80 10.10 -2.80
N PHE A 34 22.75 9.89 -1.90
CA PHE A 34 23.02 10.86 -0.85
C PHE A 34 24.50 11.07 -0.63
N PRO A 35 24.93 12.34 -0.57
CA PRO A 35 26.33 12.71 -0.34
C PRO A 35 26.84 12.22 1.01
N THR A 36 28.02 11.60 1.03
CA THR A 36 28.58 11.02 2.24
C THR A 36 28.98 12.09 3.25
N VAL A 37 29.32 13.28 2.74
CA VAL A 37 29.75 14.38 3.59
C VAL A 37 28.60 14.87 4.49
N LEU A 38 27.38 14.61 4.05
CA LEU A 38 26.20 14.97 4.83
C LEU A 38 25.81 13.88 5.83
N LEU A 39 26.69 12.89 5.97
CA LEU A 39 26.46 11.78 6.90
C LEU A 39 27.42 11.85 8.09
N PRO A 40 27.02 11.22 9.22
CA PRO A 40 27.86 11.11 10.43
C PRO A 40 29.24 10.50 10.17
N GLU A 41 30.11 10.57 11.17
CA GLU A 41 31.49 10.10 11.02
C GLU A 41 31.59 8.59 11.05
N ASN A 42 30.78 7.95 11.90
CA ASN A 42 30.80 6.50 12.04
C ASN A 42 29.65 5.83 11.31
N VAL A 43 29.53 6.10 10.01
CA VAL A 43 28.45 5.54 9.21
C VAL A 43 28.78 4.15 8.67
N LYS A 44 30.01 3.96 8.22
CA LYS A 44 30.44 2.69 7.64
C LYS A 44 29.51 2.27 6.50
N ALA A 45 29.09 1.01 6.52
CA ALA A 45 28.16 0.49 5.54
C ALA A 45 27.23 -0.54 6.18
N GLY A 46 25.94 -0.46 5.84
CA GLY A 46 24.96 -1.36 6.42
C GLY A 46 24.45 -0.86 7.76
N SER A 47 24.73 0.40 8.07
CA SER A 47 24.28 0.99 9.33
C SER A 47 22.94 1.69 9.16
N ILE A 48 22.22 1.83 10.27
CA ILE A 48 20.92 2.47 10.25
C ILE A 48 21.00 3.90 10.77
N ILE A 49 20.53 4.84 9.96
CA ILE A 49 20.53 6.25 10.32
C ILE A 49 19.12 6.81 10.43
N LYS A 50 18.94 7.80 11.30
CA LYS A 50 17.65 8.45 11.48
C LYS A 50 17.67 9.84 10.85
N MET A 51 16.83 10.05 9.86
CA MET A 51 16.76 11.33 9.16
C MET A 51 15.52 12.11 9.56
N GLN A 52 15.73 13.20 10.29
CA GLN A 52 14.62 14.05 10.73
C GLN A 52 14.48 15.25 9.79
N VAL A 53 13.45 15.23 8.96
CA VAL A 53 13.20 16.32 8.03
C VAL A 53 12.11 17.26 8.55
N SER A 54 12.50 18.45 8.95
CA SER A 54 11.56 19.44 9.45
C SER A 54 11.71 20.75 8.69
N GLN A 55 10.58 21.43 8.47
CA GLN A 55 10.59 22.70 7.75
C GLN A 55 11.09 23.83 8.64
N ASN A 56 11.93 24.69 8.09
CA ASN A 56 12.48 25.81 8.85
C ASN A 56 11.80 27.12 8.48
N LEU A 57 10.82 27.52 9.28
CA LEU A 57 10.05 28.72 9.01
C LEU A 57 10.84 29.98 9.31
N GLU A 58 11.76 29.87 10.27
CA GLU A 58 12.58 31.01 10.67
C GLU A 58 13.60 31.37 9.60
N GLU A 59 14.03 30.36 8.84
CA GLU A 59 14.99 30.58 7.77
C GLU A 59 14.31 31.08 6.49
N GLU A 60 13.04 30.70 6.31
CA GLU A 60 12.28 31.15 5.15
C GLU A 60 12.07 32.66 5.17
N LYS A 61 11.72 33.18 6.35
CA LYS A 61 11.51 34.62 6.49
C LYS A 61 12.83 35.38 6.41
N LYS A 62 13.92 34.72 6.79
CA LYS A 62 15.24 35.33 6.73
C LYS A 62 15.68 35.50 5.28
N GLN A 63 15.43 34.50 4.46
CA GLN A 63 15.76 34.55 3.04
C GLN A 63 14.81 35.50 2.31
N ARG A 64 13.57 35.57 2.80
CA ARG A 64 12.57 36.46 2.22
C ARG A 64 12.96 37.92 2.46
N ASN A 65 13.39 38.22 3.69
CA ASN A 65 13.83 39.57 4.03
C ASN A 65 15.12 39.94 3.30
N HIS A 66 15.94 38.94 3.01
CA HIS A 66 17.20 39.16 2.31
C HIS A 66 16.96 39.38 0.81
N PHE A 67 15.99 38.65 0.26
CA PHE A 67 15.66 38.77 -1.16
C PHE A 67 15.09 40.14 -1.48
N LYS A 68 14.19 40.62 -0.61
CA LYS A 68 13.57 41.94 -0.80
C LYS A 68 14.58 43.06 -0.58
N SER A 69 15.59 42.81 0.25
CA SER A 69 16.63 43.80 0.53
C SER A 69 17.54 44.00 -0.69
N ILE A 70 17.93 42.90 -1.32
CA ILE A 70 18.80 42.94 -2.49
C ILE A 70 18.10 43.62 -3.66
N GLN A 71 16.87 43.19 -3.93
CA GLN A 71 16.08 43.75 -5.03
C GLN A 71 15.88 45.26 -4.88
N ALA A 72 15.76 45.71 -3.64
CA ALA A 72 15.59 47.14 -3.37
C ALA A 72 16.89 47.90 -3.58
N LYS A 73 18.02 47.24 -3.32
CA LYS A 73 19.32 47.88 -3.50
C LYS A 73 19.68 47.95 -4.98
N ILE A 74 19.26 46.94 -5.74
CA ILE A 74 19.49 46.93 -7.17
C ILE A 74 18.64 48.03 -7.83
N LEU A 75 17.42 48.19 -7.35
CA LEU A 75 16.52 49.21 -7.86
C LEU A 75 17.06 50.62 -7.60
N GLU A 76 17.66 50.82 -6.44
CA GLU A 76 18.15 52.14 -6.04
C GLU A 76 19.36 52.58 -6.84
N LYS A 77 20.27 51.64 -7.11
CA LYS A 77 21.46 51.97 -7.90
C LYS A 77 21.14 52.02 -9.38
N TYR A 78 20.60 50.93 -9.91
CA TYR A 78 20.25 50.87 -11.33
C TYR A 78 18.75 50.90 -11.50
N GLY A 79 18.26 51.87 -12.28
CA GLY A 79 16.83 52.00 -12.53
C GLY A 79 16.13 52.92 -11.57
N THR A 80 16.71 54.08 -11.30
CA THR A 80 16.10 55.06 -10.42
C THR A 80 16.42 56.47 -10.88
N HIS A 81 17.70 56.77 -11.01
CA HIS A 81 18.15 58.05 -11.51
C HIS A 81 18.10 58.07 -13.03
N LYS A 82 17.27 58.95 -13.60
CA LYS A 82 17.13 59.06 -15.04
C LYS A 82 17.78 60.33 -15.57
N PRO A 83 18.98 60.20 -16.17
CA PRO A 83 19.77 61.30 -16.69
C PRO A 83 19.74 61.40 -18.22
N GLU A 84 19.98 62.56 -18.86
CA GLU A 84 20.04 63.93 -18.34
C GLU A 84 20.31 64.83 -19.54
N SER A 85 19.54 65.89 -19.70
CA SER A 85 19.76 66.80 -20.82
C SER A 85 21.15 67.43 -20.72
N PRO A 86 21.85 67.53 -21.86
CA PRO A 86 23.19 68.12 -21.86
C PRO A 86 23.15 69.63 -22.11
N VAL A 87 23.81 70.40 -21.27
CA VAL A 87 23.82 71.86 -21.41
C VAL A 87 24.96 72.33 -22.30
N LEU A 88 24.64 72.86 -23.47
CA LEU A 88 25.64 73.36 -24.39
C LEU A 88 25.92 74.84 -24.16
N LYS A 89 27.19 75.19 -24.02
CA LYS A 89 27.58 76.58 -23.77
C LYS A 89 28.65 77.04 -24.76
N ILE A 90 28.95 78.33 -24.74
CA ILE A 90 29.97 78.90 -25.62
C ILE A 90 31.13 79.46 -24.80
N VAL A 91 32.34 79.07 -25.14
CA VAL A 91 33.54 79.57 -24.46
C VAL A 91 34.05 80.85 -25.12
N ASN A 92 34.45 80.74 -26.38
CA ASN A 92 34.99 81.89 -27.11
C ASN A 92 34.75 81.77 -28.62
N VAL A 93 34.47 82.90 -29.26
CA VAL A 93 34.25 82.94 -30.70
C VAL A 93 35.20 83.93 -31.36
N THR A 94 35.85 83.50 -32.43
CA THR A 94 36.76 84.37 -33.17
C THR A 94 36.18 84.71 -34.54
N GLN A 95 37.04 85.21 -35.43
CA GLN A 95 36.60 85.59 -36.77
C GLN A 95 36.41 84.37 -37.66
N THR A 96 37.15 83.30 -37.38
CA THR A 96 37.14 82.12 -38.23
C THR A 96 36.92 80.83 -37.45
N SER A 97 36.72 80.95 -36.14
CA SER A 97 36.53 79.77 -35.29
C SER A 97 35.66 80.06 -34.08
N CYS A 98 35.30 79.00 -33.36
CA CYS A 98 34.54 79.12 -32.12
C CYS A 98 34.78 77.90 -31.24
N VAL A 99 34.82 78.11 -29.93
CA VAL A 99 35.04 77.02 -28.98
C VAL A 99 33.78 76.73 -28.18
N LEU A 100 33.26 75.51 -28.34
CA LEU A 100 32.05 75.10 -27.62
C LEU A 100 32.41 74.21 -26.44
N ALA A 101 31.55 74.23 -25.43
CA ALA A 101 31.75 73.40 -24.25
C ALA A 101 30.42 72.96 -23.66
N TRP A 102 30.48 71.98 -22.77
CA TRP A 102 29.28 71.49 -22.11
C TRP A 102 29.56 71.21 -20.63
N ASP A 103 28.52 71.39 -19.81
CA ASP A 103 28.63 71.08 -18.39
C ASP A 103 28.93 69.59 -18.22
N PRO A 104 29.67 69.24 -17.15
CA PRO A 104 30.00 67.84 -16.87
C PRO A 104 28.77 66.95 -16.95
N LEU A 105 28.80 66.00 -17.89
CA LEU A 105 27.67 65.12 -18.13
C LEU A 105 27.32 64.30 -16.90
N LYS A 106 26.08 64.43 -16.44
CA LYS A 106 25.62 63.72 -15.26
C LYS A 106 24.85 62.46 -15.67
N LEU A 107 25.41 61.30 -15.36
CA LEU A 107 24.78 60.02 -15.68
C LEU A 107 24.92 59.06 -14.52
N GLY A 108 23.87 58.96 -13.71
CA GLY A 108 23.89 58.11 -12.52
C GLY A 108 24.19 56.65 -12.83
N SER A 109 23.52 56.15 -13.88
CA SER A 109 23.71 54.78 -14.34
C SER A 109 23.06 54.64 -15.70
N ALA A 110 23.57 55.35 -16.70
CA ALA A 110 22.79 55.54 -17.92
C ALA A 110 22.84 54.34 -18.88
N LYS A 111 23.97 53.87 -19.40
CA LYS A 111 25.31 54.48 -19.38
C LYS A 111 25.48 55.20 -20.70
N LEU A 112 26.51 56.04 -20.82
CA LEU A 112 26.73 56.79 -22.06
C LEU A 112 27.18 55.89 -23.22
N LYS A 113 26.64 56.16 -24.41
CA LYS A 113 27.05 55.44 -25.61
C LYS A 113 27.86 56.33 -26.55
N SER A 114 27.27 57.46 -26.93
CA SER A 114 27.91 58.38 -27.86
C SER A 114 27.36 59.79 -27.72
N LEU A 115 28.25 60.78 -27.78
CA LEU A 115 27.84 62.18 -27.76
C LEU A 115 28.19 62.84 -29.09
N ILE A 116 27.15 63.23 -29.84
CA ILE A 116 27.36 63.77 -31.17
C ILE A 116 26.96 65.24 -31.29
N LEU A 117 27.87 66.06 -31.82
CA LEU A 117 27.59 67.47 -32.08
C LEU A 117 26.77 67.61 -33.35
N TYR A 118 25.83 68.56 -33.35
CA TYR A 118 24.97 68.77 -34.50
C TYR A 118 24.96 70.23 -34.97
N ARG A 119 25.33 70.45 -36.22
CA ARG A 119 25.16 71.76 -36.84
C ARG A 119 24.42 71.61 -38.17
N LYS A 120 23.10 71.79 -38.12
CA LYS A 120 22.22 71.59 -39.27
C LYS A 120 22.39 70.19 -39.84
N GLY A 121 22.41 69.20 -38.95
CA GLY A 121 22.61 67.82 -39.34
C GLY A 121 23.73 67.16 -38.55
N ILE A 122 24.01 65.90 -38.87
CA ILE A 122 25.04 65.13 -38.17
C ILE A 122 26.41 65.37 -38.85
N ARG A 123 26.47 66.40 -39.68
CA ARG A 123 27.66 66.71 -40.47
C ARG A 123 28.91 66.90 -39.62
N SER A 124 28.72 67.37 -38.38
CA SER A 124 29.84 67.60 -37.48
C SER A 124 30.37 66.30 -36.89
N MET A 125 31.48 66.40 -36.14
CA MET A 125 32.16 65.24 -35.60
C MET A 125 31.47 64.65 -34.37
N VAL A 126 31.99 63.51 -33.91
CA VAL A 126 31.49 62.86 -32.70
C VAL A 126 32.55 62.97 -31.60
N ILE A 127 32.13 63.40 -30.42
CA ILE A 127 33.05 63.65 -29.31
C ILE A 127 33.78 62.38 -28.87
N PRO A 128 35.12 62.41 -28.94
CA PRO A 128 35.97 61.28 -28.54
C PRO A 128 35.94 61.03 -27.03
N ASN A 129 36.27 62.03 -26.22
CA ASN A 129 36.26 61.89 -24.78
C ASN A 129 35.33 62.89 -24.10
N PRO A 130 34.04 62.54 -24.01
CA PRO A 130 33.01 63.42 -23.42
C PRO A 130 33.25 63.73 -21.94
N PHE A 131 33.99 62.87 -21.26
CA PHE A 131 34.23 63.06 -19.83
C PHE A 131 35.59 63.69 -19.54
N LYS A 132 36.62 63.23 -20.23
CA LYS A 132 37.97 63.74 -20.03
C LYS A 132 38.14 65.15 -20.58
N VAL A 133 37.53 65.41 -21.73
CA VAL A 133 37.59 66.72 -22.37
C VAL A 133 36.18 67.25 -22.64
N THR A 134 35.85 68.37 -22.00
CA THR A 134 34.51 68.95 -22.13
C THR A 134 34.49 70.14 -23.07
N THR A 135 35.52 70.29 -23.88
CA THR A 135 35.61 71.41 -24.81
C THR A 135 35.99 70.96 -26.23
N THR A 136 35.38 71.58 -27.23
CA THR A 136 35.70 71.30 -28.63
C THR A 136 35.76 72.59 -29.43
N LYS A 137 36.66 72.64 -30.41
CA LYS A 137 36.83 73.84 -31.22
C LYS A 137 36.47 73.59 -32.69
N ILE A 138 35.62 74.46 -33.24
CA ILE A 138 35.24 74.37 -34.65
C ILE A 138 36.23 75.12 -35.52
N SER A 139 36.90 74.39 -36.40
CA SER A 139 38.00 74.94 -37.19
C SER A 139 37.54 75.77 -38.37
N GLY A 140 36.87 75.13 -39.33
CA GLY A 140 36.50 75.78 -40.57
C GLY A 140 35.20 76.57 -40.49
N LEU A 141 35.32 77.89 -40.46
CA LEU A 141 34.16 78.77 -40.44
C LEU A 141 34.38 79.96 -41.35
N SER A 142 33.32 80.75 -41.55
CA SER A 142 33.38 81.93 -42.40
C SER A 142 33.32 83.20 -41.56
N VAL A 143 33.90 84.27 -42.08
CA VAL A 143 33.95 85.54 -41.36
C VAL A 143 32.59 86.22 -41.33
N ASP A 144 32.16 86.61 -40.13
CA ASP A 144 30.89 87.31 -39.92
C ASP A 144 29.71 86.49 -40.43
N THR A 145 29.68 85.22 -40.06
CA THR A 145 28.63 84.31 -40.52
C THR A 145 27.96 83.60 -39.34
N PRO A 146 26.61 83.64 -39.29
CA PRO A 146 25.84 82.98 -38.23
C PRO A 146 25.89 81.46 -38.30
N TYR A 147 25.92 80.80 -37.15
CA TYR A 147 25.88 79.34 -37.07
C TYR A 147 25.04 78.88 -35.88
N GLU A 148 24.63 77.62 -35.90
CA GLU A 148 23.90 77.05 -34.77
C GLU A 148 24.42 75.65 -34.46
N PHE A 149 24.44 75.30 -33.18
CA PHE A 149 24.96 74.01 -32.74
C PHE A 149 24.10 73.41 -31.64
N GLN A 150 24.09 72.09 -31.57
CA GLN A 150 23.41 71.38 -30.48
C GLN A 150 24.00 69.98 -30.30
N LEU A 151 24.03 69.52 -29.05
CA LEU A 151 24.62 68.22 -28.73
C LEU A 151 23.57 67.12 -28.67
N LYS A 152 23.92 65.96 -29.22
CA LYS A 152 23.05 64.80 -29.15
C LYS A 152 23.62 63.76 -28.21
N LEU A 153 22.93 63.55 -27.09
CA LEU A 153 23.37 62.57 -26.09
C LEU A 153 22.68 61.24 -26.32
N ILE A 154 23.44 60.28 -26.86
CA ILE A 154 22.90 58.94 -27.09
C ILE A 154 23.25 58.04 -25.93
N THR A 155 22.22 57.59 -25.22
CA THR A 155 22.41 56.79 -24.02
C THR A 155 21.55 55.53 -24.09
N THR A 156 22.02 54.45 -23.47
CA THR A 156 21.30 53.17 -23.49
C THR A 156 20.09 53.16 -22.56
N SER A 157 19.74 54.33 -22.03
CA SER A 157 18.50 54.53 -21.29
C SER A 157 17.55 55.41 -22.10
N GLY A 158 18.04 55.86 -23.25
CA GLY A 158 17.29 56.72 -24.15
C GLY A 158 18.14 57.86 -24.67
N THR A 159 17.66 58.54 -25.71
CA THR A 159 18.38 59.65 -26.29
C THR A 159 17.75 60.98 -25.92
N LEU A 160 18.53 61.83 -25.23
CA LEU A 160 18.03 63.13 -24.80
C LEU A 160 18.94 64.25 -25.30
N TRP A 161 18.45 65.02 -26.26
CA TRP A 161 19.21 66.14 -26.81
C TRP A 161 18.39 67.41 -26.77
N SER A 162 19.02 68.52 -26.38
CA SER A 162 18.31 69.80 -26.27
C SER A 162 19.27 70.99 -26.24
N GLU A 163 18.71 72.17 -26.03
CA GLU A 163 19.47 73.41 -25.88
C GLU A 163 20.37 73.68 -27.09
N LYS A 164 19.77 74.08 -28.20
CA LYS A 164 20.53 74.49 -29.38
C LYS A 164 20.93 75.96 -29.28
N VAL A 165 22.20 76.25 -29.57
CA VAL A 165 22.73 77.59 -29.41
C VAL A 165 23.20 78.20 -30.71
N ILE A 166 22.76 79.42 -30.99
CA ILE A 166 23.18 80.14 -32.20
C ILE A 166 24.30 81.12 -31.87
N LEU A 167 25.21 81.30 -32.82
CA LEU A 167 26.32 82.23 -32.63
C LEU A 167 26.77 82.82 -33.97
N ARG A 168 27.33 84.02 -33.92
CA ARG A 168 27.83 84.68 -35.12
C ARG A 168 29.30 85.03 -34.99
N THR A 169 30.10 84.58 -35.96
CA THR A 169 31.53 84.81 -35.95
C THR A 169 31.85 86.31 -35.98
N HIS A 170 32.90 86.69 -35.29
CA HIS A 170 33.28 88.10 -35.14
C HIS A 170 33.81 88.69 -36.45
N LYS A 171 33.63 89.99 -36.61
CA LYS A 171 34.14 90.70 -37.78
C LYS A 171 35.62 91.01 -37.59
N MET A 172 36.26 91.49 -38.65
CA MET A 172 37.69 91.82 -38.59
C MET A 172 37.98 92.97 -37.64
N THR A 173 37.00 93.84 -37.46
CA THR A 173 37.16 94.98 -36.56
C THR A 173 36.86 94.62 -35.11
N ASP A 174 36.29 93.43 -34.90
CA ASP A 174 35.97 92.95 -33.56
C ASP A 174 37.08 92.02 -33.06
N MET A 175 37.79 92.46 -32.03
CA MET A 175 38.92 91.71 -31.49
C MET A 175 38.63 91.18 -30.08
N SER A 176 37.34 91.01 -29.77
CA SER A 176 36.92 90.59 -28.44
C SER A 176 37.21 89.11 -28.19
N GLY A 177 37.46 88.35 -29.25
CA GLY A 177 37.70 86.93 -29.13
C GLY A 177 39.16 86.55 -29.07
N ILE A 178 40.04 87.54 -29.21
CA ILE A 178 41.48 87.29 -29.20
C ILE A 178 42.01 87.01 -27.79
N THR A 179 42.60 85.84 -27.61
CA THR A 179 43.18 85.46 -26.33
C THR A 179 44.65 85.07 -26.53
N VAL A 180 45.53 85.62 -25.69
CA VAL A 180 46.97 85.36 -25.82
C VAL A 180 47.57 84.75 -24.55
N CYS A 181 48.89 84.65 -24.53
CA CYS A 181 49.60 84.11 -23.38
C CYS A 181 50.66 85.08 -22.86
N LEU A 208 43.91 87.73 -20.52
CA LEU A 208 45.28 87.25 -20.40
C LEU A 208 45.31 85.89 -19.71
N GLN A 209 45.89 84.90 -20.36
CA GLN A 209 45.98 83.55 -19.81
C GLN A 209 47.43 83.09 -19.70
N ARG A 210 47.78 82.55 -18.53
CA ARG A 210 49.14 82.06 -18.30
C ARG A 210 49.33 80.67 -18.86
N HIS A 211 48.24 79.92 -18.97
CA HIS A 211 48.31 78.54 -19.45
C HIS A 211 47.66 78.39 -20.82
N VAL A 212 48.28 77.58 -21.67
CA VAL A 212 47.76 77.32 -23.01
C VAL A 212 46.60 76.33 -22.99
N ALA A 213 45.42 76.79 -23.40
CA ALA A 213 44.24 75.93 -23.44
C ALA A 213 43.78 75.71 -24.87
N ILE A 214 42.53 75.25 -25.02
CA ILE A 214 41.96 74.99 -26.33
C ILE A 214 41.63 76.30 -27.05
N ASP A 215 41.08 77.25 -26.31
CA ASP A 215 40.65 78.52 -26.88
C ASP A 215 41.79 79.50 -27.06
N THR A 216 43.02 79.03 -26.87
CA THR A 216 44.20 79.88 -27.06
C THR A 216 44.42 80.13 -28.54
N THR A 217 44.46 81.41 -28.92
CA THR A 217 44.59 81.79 -30.33
C THR A 217 46.02 82.18 -30.69
N HIS A 218 46.70 82.87 -29.77
CA HIS A 218 48.07 83.32 -30.00
C HIS A 218 48.97 83.07 -28.80
N PHE A 219 50.26 82.88 -29.06
CA PHE A 219 51.24 82.69 -28.00
C PHE A 219 52.27 83.81 -28.02
N VAL A 220 52.10 84.78 -27.12
CA VAL A 220 53.00 85.91 -27.04
C VAL A 220 54.19 85.62 -26.13
N LEU A 233 65.81 78.56 -24.23
CA LEU A 233 64.72 78.08 -23.39
C LEU A 233 63.69 77.33 -24.23
N ILE A 234 63.97 76.06 -24.50
CA ILE A 234 63.07 75.26 -25.33
C ILE A 234 62.04 74.54 -24.47
N ARG A 235 60.81 74.52 -24.97
CA ARG A 235 59.70 73.80 -24.34
C ARG A 235 59.04 72.90 -25.37
N ALA A 236 58.17 72.01 -24.91
CA ALA A 236 57.42 71.14 -25.83
C ALA A 236 56.42 71.99 -26.60
N LYS A 237 55.79 72.92 -25.89
CA LYS A 237 54.88 73.90 -26.47
C LYS A 237 53.73 73.38 -27.34
N HIS A 238 53.38 74.22 -28.31
CA HIS A 238 52.20 74.03 -29.14
C HIS A 238 52.44 73.25 -30.42
N ASN A 239 51.36 72.65 -30.94
CA ASN A 239 51.40 71.98 -32.23
C ASN A 239 51.43 72.94 -33.41
N ASN A 240 50.66 74.03 -33.31
CA ASN A 240 50.54 75.01 -34.41
C ASN A 240 49.98 76.37 -34.01
N ILE A 241 50.29 76.82 -32.80
CA ILE A 241 49.85 78.14 -32.35
C ILE A 241 50.79 79.23 -32.87
N PRO A 242 50.23 80.26 -33.51
CA PRO A 242 50.99 81.38 -34.07
C PRO A 242 51.90 82.05 -33.05
N ARG A 245 55.35 87.56 -30.13
CA ARG A 245 55.98 88.88 -29.97
C ARG A 245 54.92 89.97 -29.81
N PRO A 246 55.04 90.77 -28.74
CA PRO A 246 54.10 91.86 -28.45
C PRO A 246 54.54 93.18 -29.07
N TRP A 248 52.81 93.05 -31.78
CA TRP A 248 51.63 92.58 -32.49
C TRP A 248 50.36 93.01 -31.77
N VAL A 249 50.35 92.88 -30.45
CA VAL A 249 49.21 93.29 -29.65
C VAL A 249 49.05 94.81 -29.69
N ARG A 250 50.18 95.51 -29.62
CA ARG A 250 50.19 96.96 -29.72
C ARG A 250 49.74 97.40 -31.12
N ALA A 251 50.09 96.59 -32.12
CA ALA A 251 49.73 96.89 -33.50
C ALA A 251 48.23 96.81 -33.71
N CYS A 252 47.58 95.86 -33.03
CA CYS A 252 46.13 95.68 -33.15
C CYS A 252 45.37 96.80 -32.45
N GLU A 253 46.02 97.42 -31.46
CA GLU A 253 45.40 98.50 -30.71
C GLU A 253 45.41 99.80 -31.52
N VAL A 254 46.49 100.01 -32.26
CA VAL A 254 46.65 101.23 -33.06
C VAL A 254 45.80 101.19 -34.32
N GLU A 255 45.85 100.06 -35.03
CA GLU A 255 45.15 99.93 -36.30
C GLU A 255 43.65 99.66 -36.11
N LYS A 256 43.24 99.45 -34.88
CA LYS A 256 41.84 99.19 -34.53
C LYS A 256 41.29 97.96 -35.26
N ARG A 257 42.19 97.02 -35.57
CA ARG A 257 41.81 95.77 -36.23
C ARG A 257 42.87 94.71 -36.01
N ILE A 258 42.54 93.46 -36.33
CA ILE A 258 43.49 92.36 -36.14
C ILE A 258 44.49 92.29 -37.30
N VAL A 259 45.77 92.33 -36.97
CA VAL A 259 46.84 92.29 -37.96
C VAL A 259 47.81 91.15 -37.69
N GLY A 263 53.77 87.66 -39.68
CA GLY A 263 54.56 88.85 -39.88
C GLY A 263 55.32 89.28 -38.64
N PHE A 264 54.70 89.10 -37.48
CA PHE A 264 55.32 89.46 -36.21
C PHE A 264 56.08 88.29 -35.59
N TYR A 265 56.64 87.44 -36.44
CA TYR A 265 57.46 86.33 -35.98
C TYR A 265 58.81 86.82 -35.48
N LEU A 266 59.55 85.95 -34.81
CA LEU A 266 60.88 86.29 -34.33
C LEU A 266 61.93 86.03 -35.40
N ASP A 267 61.47 85.71 -36.60
CA ASP A 267 62.36 85.45 -37.73
C ASP A 267 62.26 86.56 -38.78
N ALA A 268 61.13 87.26 -38.77
CA ALA A 268 60.87 88.32 -39.74
C ALA A 268 61.61 89.61 -39.39
N ASP A 269 61.36 90.65 -40.18
CA ASP A 269 61.99 91.95 -39.97
C ASP A 269 61.38 92.65 -38.75
N GLN A 270 62.10 93.63 -38.21
CA GLN A 270 61.64 94.34 -37.02
C GLN A 270 61.33 95.81 -37.33
N SER A 271 60.22 96.30 -36.80
CA SER A 271 59.82 97.68 -36.99
C SER A 271 58.88 98.14 -35.87
N THR A 277 55.92 100.76 -30.15
CA THR A 277 56.28 101.25 -28.83
C THR A 277 55.10 101.13 -27.86
N PHE A 278 55.31 100.38 -26.78
CA PHE A 278 54.28 100.18 -25.76
C PHE A 278 54.17 101.38 -24.83
N PRO A 279 52.95 101.95 -24.72
CA PRO A 279 52.68 103.06 -23.81
C PRO A 279 52.57 102.60 -22.36
N PRO A 280 53.23 103.32 -21.43
CA PRO A 280 53.21 102.98 -20.01
C PRO A 280 52.09 103.69 -19.25
N VAL B 8 3.00 -29.54 21.92
CA VAL B 8 1.60 -29.88 22.11
C VAL B 8 0.88 -30.04 20.78
N ASP B 9 0.58 -31.28 20.42
CA ASP B 9 -0.11 -31.58 19.16
C ASP B 9 -1.54 -32.04 19.43
N VAL B 10 -2.50 -31.40 18.77
CA VAL B 10 -3.90 -31.76 18.93
C VAL B 10 -4.58 -31.89 17.57
N LEU B 11 -5.34 -32.98 17.39
CA LEU B 11 -6.07 -33.21 16.15
C LEU B 11 -7.50 -32.70 16.25
N LEU B 12 -7.89 -31.87 15.30
CA LEU B 12 -9.24 -31.32 15.29
C LEU B 12 -9.97 -31.66 14.00
N THR B 13 -11.29 -31.79 14.09
CA THR B 13 -12.12 -32.06 12.91
C THR B 13 -12.95 -30.82 12.57
N VAL B 14 -13.00 -30.49 11.29
CA VAL B 14 -13.75 -29.31 10.85
C VAL B 14 -15.24 -29.61 10.72
N GLY B 15 -16.04 -28.95 11.53
CA GLY B 15 -17.49 -29.08 11.48
C GLY B 15 -18.07 -28.17 10.42
N LYS B 16 -18.77 -27.13 10.86
CA LYS B 16 -19.30 -26.12 9.94
C LYS B 16 -18.17 -25.22 9.45
N LEU B 17 -18.25 -24.82 8.19
CA LEU B 17 -17.24 -23.95 7.59
C LEU B 17 -17.86 -22.75 6.88
N ASP B 18 -17.64 -21.57 7.41
CA ASP B 18 -18.11 -20.35 6.76
C ASP B 18 -16.94 -19.65 6.07
N ALA B 19 -17.23 -18.59 5.33
CA ALA B 19 -16.20 -17.87 4.58
C ALA B 19 -15.24 -17.14 5.51
N SER B 20 -15.72 -16.82 6.71
CA SER B 20 -14.91 -16.06 7.67
C SER B 20 -14.39 -16.95 8.80
N LEU B 21 -15.29 -17.65 9.47
CA LEU B 21 -14.92 -18.48 10.62
C LEU B 21 -15.18 -19.96 10.36
N ALA B 22 -14.89 -20.78 11.37
CA ALA B 22 -15.11 -22.22 11.27
C ALA B 22 -15.26 -22.84 12.65
N LEU B 23 -15.96 -23.98 12.71
CA LEU B 23 -16.14 -24.70 13.96
C LEU B 23 -15.27 -25.95 13.99
N LEU B 24 -14.27 -25.97 14.86
CA LEU B 24 -13.36 -27.09 14.98
C LEU B 24 -13.73 -27.96 16.19
N THR B 25 -13.86 -29.26 15.95
CA THR B 25 -14.26 -30.18 17.01
C THR B 25 -13.14 -31.17 17.32
N THR B 26 -12.85 -31.34 18.60
CA THR B 26 -11.82 -32.28 19.03
C THR B 26 -12.44 -33.61 19.45
N GLN B 27 -11.61 -34.53 19.93
CA GLN B 27 -12.10 -35.82 20.42
C GLN B 27 -12.52 -35.74 21.88
N ASP B 28 -12.08 -34.70 22.57
CA ASP B 28 -12.47 -34.47 23.96
C ASP B 28 -13.64 -33.49 24.03
N HIS B 29 -14.39 -33.43 22.93
CA HIS B 29 -15.61 -32.62 22.83
C HIS B 29 -15.38 -31.13 23.05
N HIS B 30 -14.31 -30.60 22.49
CA HIS B 30 -14.08 -29.16 22.47
C HIS B 30 -14.60 -28.55 21.18
N VAL B 31 -15.27 -27.40 21.29
CA VAL B 31 -15.76 -26.69 20.11
C VAL B 31 -15.11 -25.31 20.03
N ILE B 32 -14.27 -25.11 19.02
CA ILE B 32 -13.49 -23.88 18.90
C ILE B 32 -13.83 -23.08 17.65
N GLU B 33 -14.25 -21.83 17.84
CA GLU B 33 -14.44 -20.92 16.72
C GLU B 33 -13.08 -20.43 16.23
N PHE B 34 -12.76 -20.78 14.98
CA PHE B 34 -11.44 -20.50 14.44
C PHE B 34 -11.53 -19.79 13.08
N PRO B 35 -10.72 -18.74 12.90
CA PRO B 35 -10.68 -17.99 11.64
C PRO B 35 -10.24 -18.86 10.46
N THR B 36 -10.98 -18.77 9.36
CA THR B 36 -10.72 -19.60 8.19
C THR B 36 -9.37 -19.24 7.55
N VAL B 37 -9.01 -17.96 7.63
CA VAL B 37 -7.79 -17.46 7.01
C VAL B 37 -6.54 -18.07 7.66
N LEU B 38 -6.70 -18.55 8.89
CA LEU B 38 -5.59 -19.19 9.59
C LEU B 38 -5.54 -20.70 9.30
N LEU B 39 -6.49 -21.17 8.50
CA LEU B 39 -6.54 -22.56 8.07
C LEU B 39 -5.96 -22.72 6.66
N PRO B 40 -5.48 -23.93 6.33
CA PRO B 40 -4.99 -24.23 4.98
C PRO B 40 -6.03 -23.97 3.89
N GLU B 41 -5.60 -24.00 2.63
CA GLU B 41 -6.49 -23.68 1.51
C GLU B 41 -7.37 -24.85 1.11
N ASN B 42 -6.90 -26.06 1.34
CA ASN B 42 -7.66 -27.26 0.97
C ASN B 42 -8.29 -27.94 2.19
N VAL B 43 -8.95 -27.15 3.02
CA VAL B 43 -9.58 -27.69 4.23
C VAL B 43 -10.96 -28.27 3.95
N LYS B 44 -11.77 -27.54 3.18
CA LYS B 44 -13.14 -27.93 2.88
C LYS B 44 -13.93 -28.15 4.18
N ALA B 45 -14.76 -29.19 4.21
CA ALA B 45 -15.56 -29.48 5.39
C ALA B 45 -15.50 -30.96 5.74
N GLY B 46 -15.51 -31.27 7.03
CA GLY B 46 -15.44 -32.64 7.49
C GLY B 46 -14.02 -33.19 7.41
N SER B 47 -13.04 -32.29 7.42
CA SER B 47 -11.64 -32.69 7.35
C SER B 47 -10.97 -32.64 8.72
N ILE B 48 -9.86 -33.36 8.85
CA ILE B 48 -9.08 -33.38 10.08
C ILE B 48 -7.77 -32.61 9.92
N ILE B 49 -7.55 -31.64 10.79
CA ILE B 49 -6.35 -30.83 10.75
C ILE B 49 -5.45 -31.10 11.96
N LYS B 50 -4.15 -30.94 11.76
CA LYS B 50 -3.18 -31.12 12.83
C LYS B 50 -2.68 -29.76 13.32
N MET B 51 -3.04 -29.42 14.55
CA MET B 51 -2.65 -28.14 15.13
C MET B 51 -1.51 -28.31 16.11
N GLN B 52 -0.33 -27.80 15.74
CA GLN B 52 0.85 -27.90 16.58
C GLN B 52 1.13 -26.58 17.28
N VAL B 53 0.76 -26.49 18.56
CA VAL B 53 0.97 -25.27 19.32
C VAL B 53 2.24 -25.33 20.14
N SER B 54 3.17 -24.43 19.85
CA SER B 54 4.44 -24.38 20.56
C SER B 54 4.72 -22.99 21.11
N GLN B 55 5.49 -22.91 22.20
CA GLN B 55 5.84 -21.64 22.81
C GLN B 55 7.09 -21.05 22.15
N ASN B 56 7.06 -19.76 21.87
CA ASN B 56 8.18 -19.09 21.22
C ASN B 56 8.92 -18.19 22.21
N LEU B 57 9.97 -18.73 22.81
CA LEU B 57 10.71 -18.01 23.85
C LEU B 57 11.51 -16.86 23.26
N GLU B 58 11.98 -17.02 22.03
CA GLU B 58 12.80 -16.00 21.38
C GLU B 58 11.99 -14.75 21.08
N GLU B 59 10.72 -14.94 20.76
CA GLU B 59 9.83 -13.82 20.48
C GLU B 59 9.46 -13.10 21.78
N GLU B 60 9.38 -13.85 22.87
CA GLU B 60 9.06 -13.28 24.17
C GLU B 60 10.15 -12.36 24.67
N LYS B 61 11.40 -12.80 24.56
CA LYS B 61 12.52 -11.97 25.01
C LYS B 61 12.72 -10.80 24.06
N LYS B 62 12.31 -10.99 22.81
CA LYS B 62 12.39 -9.93 21.82
C LYS B 62 11.37 -8.85 22.13
N GLN B 63 10.16 -9.27 22.50
CA GLN B 63 9.10 -8.33 22.87
C GLN B 63 9.40 -7.68 24.21
N ARG B 64 9.98 -8.45 25.12
CA ARG B 64 10.34 -7.95 26.45
C ARG B 64 11.37 -6.83 26.34
N ASN B 65 12.36 -7.02 25.47
CA ASN B 65 13.37 -6.00 25.24
C ASN B 65 12.78 -4.78 24.57
N HIS B 66 11.83 -5.01 23.67
CA HIS B 66 11.15 -3.93 22.97
C HIS B 66 10.29 -3.11 23.94
N PHE B 67 9.58 -3.81 24.83
CA PHE B 67 8.71 -3.16 25.80
C PHE B 67 9.53 -2.30 26.76
N LYS B 68 10.65 -2.83 27.22
CA LYS B 68 11.52 -2.09 28.14
C LYS B 68 12.12 -0.87 27.45
N SER B 69 12.40 -1.00 26.15
CA SER B 69 12.97 0.11 25.38
C SER B 69 11.97 1.25 25.22
N ILE B 70 10.71 0.90 25.01
CA ILE B 70 9.65 1.89 24.86
C ILE B 70 9.40 2.62 26.18
N GLN B 71 9.25 1.84 27.25
CA GLN B 71 9.00 2.39 28.58
C GLN B 71 10.10 3.32 29.04
N ALA B 72 11.35 2.96 28.72
CA ALA B 72 12.49 3.78 29.08
C ALA B 72 12.56 5.03 28.21
N LYS B 73 12.07 4.92 26.98
CA LYS B 73 12.06 6.05 26.06
C LYS B 73 11.02 7.07 26.48
N ILE B 74 9.88 6.59 26.94
CA ILE B 74 8.80 7.46 27.42
C ILE B 74 9.25 8.19 28.68
N LEU B 75 9.92 7.45 29.57
CA LEU B 75 10.41 8.01 30.83
C LEU B 75 11.41 9.12 30.59
N GLU B 76 12.23 8.98 29.55
CA GLU B 76 13.26 9.96 29.24
C GLU B 76 12.67 11.25 28.71
N LYS B 77 11.71 11.14 27.80
CA LYS B 77 11.10 12.33 27.21
C LYS B 77 10.14 13.02 28.17
N TYR B 78 9.14 12.29 28.64
CA TYR B 78 8.14 12.87 29.54
C TYR B 78 8.22 12.22 30.93
N GLY B 79 8.70 12.95 31.92
CA GLY B 79 8.79 12.41 33.26
C GLY B 79 10.20 12.18 33.77
N THR B 80 11.08 13.15 33.58
CA THR B 80 12.45 13.06 34.07
C THR B 80 13.01 14.45 34.28
N HIS B 81 12.70 15.35 33.35
CA HIS B 81 13.13 16.73 33.41
C HIS B 81 12.02 17.63 33.93
N LYS B 82 12.28 18.34 35.02
CA LYS B 82 11.27 19.20 35.62
C LYS B 82 11.59 20.68 35.38
N PRO B 83 10.55 21.52 35.27
CA PRO B 83 10.74 22.97 35.16
C PRO B 83 11.36 23.54 36.42
N GLU B 84 12.14 24.61 36.30
CA GLU B 84 12.87 25.14 37.45
C GLU B 84 12.27 26.42 38.00
N SER B 85 13.12 27.27 38.54
CA SER B 85 12.68 28.49 39.20
C SER B 85 12.72 29.71 38.28
N PRO B 86 11.65 30.52 38.31
CA PRO B 86 11.55 31.79 37.59
C PRO B 86 12.27 32.92 38.33
N VAL B 87 13.59 32.99 38.18
CA VAL B 87 14.39 33.97 38.91
C VAL B 87 14.11 35.41 38.44
N LEU B 88 13.82 36.27 39.40
CA LEU B 88 13.51 37.67 39.10
C LEU B 88 14.49 38.62 39.80
N ILE B 90 16.27 42.89 38.42
CA ILE B 90 16.09 44.32 38.23
C ILE B 90 17.07 44.87 37.20
N VAL B 91 16.53 45.48 36.14
CA VAL B 91 17.33 46.11 35.11
C VAL B 91 17.70 47.53 35.49
N ASN B 92 16.68 48.36 35.67
CA ASN B 92 16.88 49.77 36.01
C ASN B 92 15.68 50.35 36.75
N VAL B 93 15.94 51.21 37.73
CA VAL B 93 14.88 51.85 38.49
C VAL B 93 14.95 53.37 38.39
N THR B 96 10.08 56.99 38.82
CA THR B 96 8.64 56.79 38.72
C THR B 96 8.32 55.50 37.96
N SER B 97 9.35 54.74 37.61
CA SER B 97 9.18 53.50 36.88
C SER B 97 10.39 52.58 37.05
N CYS B 98 10.19 51.29 36.86
CA CYS B 98 11.27 50.32 36.94
C CYS B 98 11.06 49.16 35.98
N VAL B 99 12.15 48.66 35.41
CA VAL B 99 12.07 47.57 34.45
C VAL B 99 12.55 46.26 35.08
N LEU B 100 11.65 45.29 35.14
CA LEU B 100 11.98 43.97 35.70
C LEU B 100 12.20 42.97 34.57
N ALA B 101 13.14 42.05 34.78
CA ALA B 101 13.43 41.03 33.78
C ALA B 101 13.68 39.68 34.42
N TRP B 102 13.64 38.63 33.61
CA TRP B 102 13.87 37.28 34.10
C TRP B 102 14.62 36.42 33.08
N ASP B 103 15.49 35.56 33.57
CA ASP B 103 16.24 34.64 32.72
C ASP B 103 15.31 33.73 31.93
N PRO B 104 15.75 33.31 30.73
CA PRO B 104 14.97 32.40 29.87
C PRO B 104 14.40 31.20 30.62
N LEU B 105 13.07 31.07 30.59
CA LEU B 105 12.37 30.04 31.34
C LEU B 105 12.81 28.64 30.96
N LYS B 106 13.17 27.85 31.96
CA LYS B 106 13.59 26.47 31.73
C LYS B 106 12.49 25.50 32.15
N LEU B 107 11.89 24.84 31.17
CA LEU B 107 10.83 23.88 31.44
C LEU B 107 11.23 22.49 30.94
N GLY B 108 11.28 21.53 31.87
CA GLY B 108 11.62 20.17 31.52
C GLY B 108 10.64 19.60 30.51
N SER B 109 9.35 19.77 30.79
CA SER B 109 8.33 19.32 29.87
C SER B 109 7.26 20.38 29.68
N ALA B 110 6.71 20.44 28.47
CA ALA B 110 5.64 21.38 28.14
C ALA B 110 4.41 21.09 29.00
N LYS B 111 3.65 22.13 29.36
CA LYS B 111 3.92 23.51 28.99
C LYS B 111 3.56 24.44 30.15
N LEU B 112 4.09 25.65 30.15
CA LEU B 112 3.67 26.65 31.13
C LEU B 112 2.23 27.07 30.84
N LYS B 113 1.41 27.11 31.89
CA LYS B 113 0.02 27.52 31.75
C LYS B 113 -0.11 29.03 31.83
N SER B 114 0.64 29.63 32.76
CA SER B 114 0.57 31.07 32.95
C SER B 114 1.76 31.58 33.76
N LEU B 115 2.26 32.76 33.40
CA LEU B 115 3.33 33.41 34.14
C LEU B 115 2.83 34.73 34.71
N ILE B 116 2.61 34.76 36.02
CA ILE B 116 2.00 35.92 36.66
C ILE B 116 2.97 36.64 37.58
N LEU B 117 2.98 37.97 37.49
CA LEU B 117 3.78 38.80 38.39
C LEU B 117 3.00 39.10 39.66
N TYR B 118 3.69 39.11 40.80
CA TYR B 118 3.06 39.34 42.09
C TYR B 118 3.71 40.48 42.86
N ARG B 119 2.90 41.42 43.33
CA ARG B 119 3.37 42.45 44.25
C ARG B 119 2.34 42.64 45.37
N LYS B 120 2.56 41.91 46.47
CA LYS B 120 1.62 41.88 47.59
C LYS B 120 0.23 41.44 47.12
N GLY B 121 0.20 40.50 46.19
CA GLY B 121 -1.05 40.00 45.64
C GLY B 121 -0.96 39.64 44.17
N ILE B 122 -2.05 39.10 43.64
CA ILE B 122 -2.12 38.71 42.24
C ILE B 122 -2.55 39.90 41.38
N ARG B 123 -2.53 41.08 41.98
CA ARG B 123 -3.04 42.30 41.37
C ARG B 123 -2.35 42.65 40.05
N SER B 124 -1.09 42.25 39.90
CA SER B 124 -0.36 42.55 38.68
C SER B 124 -0.86 41.73 37.49
N MET B 125 -0.49 42.15 36.30
CA MET B 125 -0.95 41.52 35.06
C MET B 125 -0.28 40.17 34.82
N VAL B 126 -0.81 39.42 33.88
CA VAL B 126 -0.21 38.16 33.45
C VAL B 126 0.69 38.41 32.23
N ILE B 127 1.90 37.87 32.25
CA ILE B 127 2.82 38.06 31.14
C ILE B 127 2.31 37.37 29.88
N PRO B 128 2.04 38.15 28.83
CA PRO B 128 1.50 37.63 27.57
C PRO B 128 2.47 36.72 26.81
N ASN B 129 3.69 37.21 26.56
CA ASN B 129 4.69 36.44 25.83
C ASN B 129 5.98 36.29 26.63
N PRO B 130 6.04 35.28 27.51
CA PRO B 130 7.19 35.04 28.39
C PRO B 130 8.48 34.69 27.64
N PHE B 131 8.34 34.13 26.44
CA PHE B 131 9.50 33.68 25.67
C PHE B 131 9.99 34.73 24.68
N LYS B 132 9.10 35.62 24.26
CA LYS B 132 9.47 36.65 23.30
C LYS B 132 9.92 37.93 24.01
N VAL B 133 9.16 38.34 25.01
CA VAL B 133 9.49 39.52 25.79
C VAL B 133 9.72 39.16 27.25
N THR B 134 10.97 39.22 27.68
CA THR B 134 11.33 38.86 29.05
C THR B 134 11.48 40.09 29.94
N THR B 135 10.97 41.21 29.47
CA THR B 135 11.06 42.46 30.22
C THR B 135 9.70 43.12 30.41
N THR B 136 9.45 43.64 31.61
CA THR B 136 8.21 44.35 31.92
C THR B 136 8.51 45.63 32.69
N LYS B 137 7.82 46.71 32.33
CA LYS B 137 8.04 48.00 32.95
C LYS B 137 6.83 48.46 33.77
N ILE B 138 7.04 48.65 35.06
CA ILE B 138 5.99 49.13 35.95
C ILE B 138 5.67 50.59 35.64
N SER B 139 4.39 50.87 35.38
CA SER B 139 3.98 52.20 34.93
C SER B 139 3.97 53.24 36.04
N GLY B 140 3.06 53.07 37.00
CA GLY B 140 2.91 54.04 38.07
C GLY B 140 3.68 53.65 39.32
N LEU B 141 4.42 54.60 39.87
CA LEU B 141 5.20 54.35 41.09
C LEU B 141 5.10 55.53 42.04
N SER B 142 5.67 55.38 43.23
CA SER B 142 5.64 56.43 44.23
C SER B 142 7.03 57.01 44.48
N VAL B 143 7.11 58.04 45.30
CA VAL B 143 8.37 58.69 45.62
C VAL B 143 8.86 58.31 47.02
N ASP B 144 10.10 57.87 47.11
CA ASP B 144 10.71 57.44 48.36
C ASP B 144 9.90 56.35 49.05
N THR B 145 9.52 55.33 48.28
CA THR B 145 8.72 54.23 48.80
C THR B 145 9.36 52.87 48.49
N GLU B 148 7.87 45.18 46.73
CA GLU B 148 8.35 43.81 46.51
C GLU B 148 7.69 43.19 45.28
N PHE B 149 8.42 42.30 44.62
CA PHE B 149 7.93 41.63 43.42
C PHE B 149 8.32 40.16 43.40
N GLN B 150 7.48 39.32 42.81
CA GLN B 150 7.76 37.90 42.70
C GLN B 150 6.99 37.27 41.54
N LEU B 151 7.63 36.32 40.87
CA LEU B 151 7.02 35.65 39.71
C LEU B 151 6.38 34.32 40.10
N LYS B 152 5.28 33.99 39.41
CA LYS B 152 4.59 32.73 39.62
C LYS B 152 4.57 31.91 38.34
N LEU B 153 5.32 30.82 38.32
CA LEU B 153 5.42 29.99 37.13
C LEU B 153 4.47 28.79 37.22
N ILE B 154 3.33 28.90 36.55
CA ILE B 154 2.35 27.82 36.53
C ILE B 154 2.56 26.92 35.31
N THR B 155 3.04 25.71 35.55
CA THR B 155 3.29 24.75 34.48
C THR B 155 2.42 23.52 34.63
N THR B 156 2.40 22.69 33.59
CA THR B 156 1.65 21.44 33.61
C THR B 156 2.30 20.43 34.56
N SER B 157 3.58 20.65 34.86
CA SER B 157 4.31 19.79 35.78
C SER B 157 4.16 20.26 37.22
N GLY B 158 3.74 21.52 37.39
CA GLY B 158 3.55 22.08 38.70
C GLY B 158 3.79 23.58 38.75
N THR B 159 3.31 24.23 39.80
CA THR B 159 3.50 25.67 39.97
C THR B 159 4.70 25.95 40.87
N LEU B 160 5.60 26.82 40.40
CA LEU B 160 6.79 27.17 41.15
C LEU B 160 6.99 28.68 41.18
N TRP B 161 6.87 29.25 42.38
CA TRP B 161 7.11 30.68 42.56
C TRP B 161 8.26 30.88 43.55
N SER B 162 9.19 31.76 43.20
CA SER B 162 10.36 32.02 44.03
C SER B 162 11.04 33.34 43.70
N GLU B 163 12.12 33.62 44.40
CA GLU B 163 12.93 34.82 44.18
C GLU B 163 12.13 36.11 44.34
N LYS B 164 11.71 36.40 45.56
CA LYS B 164 11.05 37.67 45.85
C LYS B 164 12.10 38.78 45.91
N VAL B 165 11.83 39.87 45.20
CA VAL B 165 12.79 40.97 45.09
C VAL B 165 12.22 42.29 45.58
N ILE B 166 12.90 42.90 46.55
CA ILE B 166 12.50 44.20 47.07
C ILE B 166 13.35 45.29 46.42
N LEU B 167 12.76 46.47 46.24
CA LEU B 167 13.46 47.59 45.61
C LEU B 167 12.98 48.93 46.14
N ARG B 168 13.82 49.95 46.00
CA ARG B 168 13.46 51.29 46.42
C ARG B 168 13.02 52.12 45.22
N THR B 169 11.81 52.65 45.30
CA THR B 169 11.22 53.42 44.20
C THR B 169 11.96 54.73 43.96
N HIS B 170 11.92 55.19 42.72
CA HIS B 170 12.53 56.46 42.34
C HIS B 170 11.74 57.63 42.91
N SER C 7 1.41 -25.88 5.30
CA SER C 7 1.21 -25.56 6.70
C SER C 7 1.12 -24.06 6.93
N VAL C 8 0.17 -23.65 7.76
CA VAL C 8 -0.02 -22.24 8.07
C VAL C 8 0.59 -21.89 9.43
N ASP C 9 1.65 -21.10 9.41
CA ASP C 9 2.32 -20.68 10.64
C ASP C 9 1.83 -19.33 11.10
N VAL C 10 1.29 -19.28 12.31
CA VAL C 10 0.75 -18.05 12.88
C VAL C 10 1.38 -17.73 14.22
N LEU C 11 1.79 -16.48 14.39
CA LEU C 11 2.34 -16.03 15.67
C LEU C 11 1.25 -15.35 16.49
N LEU C 12 0.94 -15.92 17.65
CA LEU C 12 -0.13 -15.38 18.50
C LEU C 12 0.37 -14.95 19.86
N THR C 13 -0.33 -13.99 20.46
CA THR C 13 -0.01 -13.52 21.80
C THR C 13 -1.12 -13.91 22.77
N VAL C 14 -0.74 -14.41 23.94
CA VAL C 14 -1.71 -14.82 24.95
C VAL C 14 -2.25 -13.62 25.71
N GLY C 15 -3.52 -13.31 25.49
CA GLY C 15 -4.18 -12.21 26.19
C GLY C 15 -4.52 -12.62 27.61
N LYS C 16 -5.81 -12.54 27.95
CA LYS C 16 -6.26 -13.00 29.26
C LYS C 16 -6.17 -14.51 29.34
N LEU C 17 -5.86 -15.03 30.53
CA LEU C 17 -5.72 -16.46 30.71
C LEU C 17 -6.27 -16.89 32.06
N ASP C 18 -7.30 -17.73 32.04
CA ASP C 18 -7.86 -18.31 33.25
C ASP C 18 -7.57 -19.81 33.28
N ALA C 19 -8.23 -20.52 34.20
CA ALA C 19 -8.01 -21.95 34.33
C ALA C 19 -8.64 -22.73 33.18
N SER C 20 -9.62 -22.13 32.51
CA SER C 20 -10.36 -22.81 31.45
C SER C 20 -10.00 -22.31 30.06
N LEU C 21 -10.41 -21.09 29.74
CA LEU C 21 -10.23 -20.56 28.40
C LEU C 21 -9.09 -19.55 28.31
N ALA C 22 -8.71 -19.21 27.08
CA ALA C 22 -7.66 -18.22 26.83
C ALA C 22 -7.98 -17.39 25.61
N LEU C 23 -7.56 -16.12 25.62
CA LEU C 23 -7.77 -15.24 24.49
C LEU C 23 -6.47 -15.00 23.73
N LEU C 24 -6.41 -15.52 22.50
CA LEU C 24 -5.22 -15.40 21.68
C LEU C 24 -5.32 -14.19 20.76
N THR C 25 -4.25 -13.39 20.73
CA THR C 25 -4.23 -12.18 19.92
C THR C 25 -3.19 -12.27 18.80
N THR C 26 -3.56 -11.82 17.60
CA THR C 26 -2.65 -11.82 16.47
C THR C 26 -2.35 -10.40 16.02
N GLN C 27 -1.42 -10.26 15.09
CA GLN C 27 -1.06 -8.95 14.55
C GLN C 27 -2.17 -8.41 13.66
N ASP C 28 -3.03 -9.30 13.17
CA ASP C 28 -4.15 -8.91 12.34
C ASP C 28 -5.38 -8.62 13.19
N HIS C 29 -5.15 -8.41 14.48
CA HIS C 29 -6.20 -8.05 15.44
C HIS C 29 -7.31 -9.10 15.50
N HIS C 30 -6.92 -10.35 15.73
CA HIS C 30 -7.87 -11.43 15.94
C HIS C 30 -7.92 -11.83 17.41
N VAL C 31 -9.13 -12.02 17.93
CA VAL C 31 -9.29 -12.47 19.31
C VAL C 31 -9.94 -13.85 19.32
N ILE C 32 -9.13 -14.88 19.57
CA ILE C 32 -9.60 -16.26 19.51
C ILE C 32 -9.80 -16.88 20.88
N GLU C 33 -11.01 -17.32 21.16
CA GLU C 33 -11.29 -18.06 22.38
C GLU C 33 -10.73 -19.48 22.23
N PHE C 34 -9.78 -19.82 23.10
CA PHE C 34 -9.06 -21.08 22.96
C PHE C 34 -8.87 -21.76 24.32
N PRO C 35 -9.21 -23.06 24.40
CA PRO C 35 -9.05 -23.85 25.62
C PRO C 35 -7.60 -23.96 26.08
N THR C 36 -7.38 -23.77 27.37
CA THR C 36 -6.03 -23.75 27.92
C THR C 36 -5.37 -25.14 27.90
N VAL C 37 -6.19 -26.18 27.92
CA VAL C 37 -5.68 -27.55 27.94
C VAL C 37 -4.95 -27.90 26.64
N LEU C 38 -5.26 -27.21 25.55
CA LEU C 38 -4.53 -27.40 24.30
C LEU C 38 -3.30 -26.50 24.23
N LEU C 39 -2.99 -25.85 25.35
CA LEU C 39 -1.80 -25.00 25.44
C LEU C 39 -0.79 -25.64 26.40
N PRO C 40 0.50 -25.30 26.26
CA PRO C 40 1.54 -25.80 27.17
C PRO C 40 1.25 -25.49 28.65
N GLU C 41 1.99 -26.12 29.54
CA GLU C 41 1.76 -25.96 30.97
C GLU C 41 2.32 -24.64 31.49
N ASN C 42 3.47 -24.24 30.96
CA ASN C 42 4.10 -23.00 31.39
C ASN C 42 3.86 -21.87 30.38
N VAL C 43 2.60 -21.65 30.06
CA VAL C 43 2.21 -20.64 29.09
C VAL C 43 2.02 -19.27 29.74
N LYS C 44 1.48 -19.27 30.96
CA LYS C 44 1.20 -18.05 31.72
C LYS C 44 0.29 -17.09 30.92
N ALA C 45 0.65 -15.81 30.91
CA ALA C 45 -0.13 -14.81 30.17
C ALA C 45 0.79 -13.74 29.61
N GLY C 46 0.52 -13.33 28.38
CA GLY C 46 1.35 -12.35 27.70
C GLY C 46 2.54 -13.01 27.02
N SER C 47 2.46 -14.33 26.88
CA SER C 47 3.53 -15.08 26.23
C SER C 47 3.25 -15.25 24.75
N ILE C 48 4.30 -15.46 23.97
CA ILE C 48 4.16 -15.62 22.53
C ILE C 48 4.22 -17.09 22.16
N ILE C 49 3.18 -17.58 21.47
CA ILE C 49 3.15 -18.96 21.02
C ILE C 49 3.08 -19.06 19.50
N LYS C 50 3.68 -20.11 18.97
CA LYS C 50 3.64 -20.36 17.53
C LYS C 50 2.71 -21.53 17.24
N MET C 51 1.63 -21.24 16.51
CA MET C 51 0.65 -22.27 16.20
C MET C 51 0.71 -22.70 14.74
N GLN C 52 1.15 -23.94 14.51
CA GLN C 52 1.26 -24.48 13.16
C GLN C 52 0.04 -25.31 12.79
N VAL C 53 -0.79 -24.79 11.91
CA VAL C 53 -1.99 -25.49 11.46
C VAL C 53 -1.77 -26.19 10.13
N SER C 54 -1.70 -27.51 10.16
CA SER C 54 -1.48 -28.30 8.96
C SER C 54 -2.57 -29.36 8.78
N GLN C 55 -2.93 -29.63 7.53
CA GLN C 55 -3.96 -30.62 7.24
C GLN C 55 -3.41 -32.04 7.40
N ASN C 56 -4.20 -32.91 8.01
CA ASN C 56 -3.80 -34.28 8.24
C ASN C 56 -4.48 -35.22 7.24
N LEU C 57 -3.76 -35.55 6.17
CA LEU C 57 -4.32 -36.34 5.09
C LEU C 57 -4.43 -37.84 5.42
N GLU C 58 -3.50 -38.35 6.22
CA GLU C 58 -3.52 -39.76 6.58
C GLU C 58 -4.64 -40.08 7.57
N GLU C 59 -5.03 -39.08 8.37
CA GLU C 59 -6.11 -39.27 9.33
C GLU C 59 -7.47 -39.17 8.68
N GLU C 60 -7.56 -38.39 7.60
CA GLU C 60 -8.81 -38.28 6.85
C GLU C 60 -9.11 -39.60 6.16
N LYS C 61 -8.08 -40.21 5.57
CA LYS C 61 -8.22 -41.48 4.89
C LYS C 61 -8.44 -42.61 5.90
N LYS C 62 -7.95 -42.41 7.12
CA LYS C 62 -8.11 -43.38 8.19
C LYS C 62 -9.55 -43.42 8.68
N GLN C 63 -10.18 -42.26 8.78
CA GLN C 63 -11.57 -42.17 9.22
C GLN C 63 -12.56 -42.70 8.18
N ARG C 64 -12.20 -42.56 6.91
CA ARG C 64 -13.04 -43.08 5.83
C ARG C 64 -13.13 -44.59 5.92
N ASN C 65 -12.00 -45.23 6.17
CA ASN C 65 -11.94 -46.67 6.32
C ASN C 65 -12.72 -47.13 7.56
N HIS C 66 -12.76 -46.29 8.58
CA HIS C 66 -13.49 -46.59 9.79
C HIS C 66 -14.98 -46.34 9.62
N PHE C 67 -15.32 -45.26 8.91
CA PHE C 67 -16.71 -44.90 8.68
C PHE C 67 -17.39 -45.92 7.76
N LYS C 68 -16.70 -46.32 6.72
CA LYS C 68 -17.22 -47.30 5.78
C LYS C 68 -17.34 -48.67 6.45
N SER C 69 -16.49 -48.92 7.44
CA SER C 69 -16.52 -50.17 8.19
C SER C 69 -17.76 -50.24 9.06
N ILE C 70 -18.08 -49.13 9.72
CA ILE C 70 -19.25 -49.06 10.59
C ILE C 70 -20.55 -49.18 9.79
N GLN C 71 -20.65 -48.41 8.71
CA GLN C 71 -21.82 -48.43 7.85
C GLN C 71 -22.07 -49.81 7.26
N ALA C 72 -20.99 -50.51 6.94
CA ALA C 72 -21.08 -51.86 6.40
C ALA C 72 -21.48 -52.85 7.49
N LYS C 73 -21.06 -52.56 8.72
CA LYS C 73 -21.36 -53.43 9.85
C LYS C 73 -22.81 -53.29 10.29
N ILE C 74 -23.33 -52.08 10.18
CA ILE C 74 -24.74 -51.81 10.49
C ILE C 74 -25.64 -52.48 9.47
N LEU C 75 -25.23 -52.42 8.21
CA LEU C 75 -25.98 -53.01 7.11
C LEU C 75 -26.09 -54.53 7.25
N GLU C 76 -25.01 -55.15 7.70
CA GLU C 76 -24.95 -56.60 7.83
C GLU C 76 -25.83 -57.10 8.98
N LYS C 77 -25.84 -56.35 10.07
CA LYS C 77 -26.65 -56.71 11.23
C LYS C 77 -28.13 -56.40 11.01
N TYR C 78 -28.42 -55.15 10.68
CA TYR C 78 -29.80 -54.72 10.44
C TYR C 78 -30.04 -54.47 8.96
N GLY C 79 -31.05 -55.15 8.41
CA GLY C 79 -31.37 -55.02 7.01
C GLY C 79 -30.72 -56.09 6.16
N THR C 80 -30.28 -57.18 6.80
CA THR C 80 -29.68 -58.29 6.09
C THR C 80 -29.86 -59.60 6.86
N PRO C 83 -37.48 -61.99 7.69
CA PRO C 83 -38.37 -62.61 8.67
C PRO C 83 -39.03 -63.90 8.18
N GLU C 84 -39.64 -63.88 7.00
CA GLU C 84 -40.23 -65.06 6.37
C GLU C 84 -41.44 -65.62 7.12
N SER C 85 -42.47 -65.97 6.36
CA SER C 85 -43.72 -66.50 6.90
C SER C 85 -43.50 -67.75 7.75
N PRO C 86 -44.31 -67.89 8.82
CA PRO C 86 -44.21 -69.02 9.75
C PRO C 86 -45.05 -70.22 9.32
N VAL C 87 -44.46 -71.40 9.39
CA VAL C 87 -45.11 -72.62 8.94
C VAL C 87 -45.96 -73.27 10.04
N LEU C 88 -47.27 -73.29 9.82
CA LEU C 88 -48.22 -73.86 10.77
C LEU C 88 -48.45 -75.35 10.50
N LYS C 89 -48.32 -76.16 11.54
CA LYS C 89 -48.50 -77.60 11.41
C LYS C 89 -49.49 -78.15 12.44
N ILE C 90 -49.82 -79.43 12.31
CA ILE C 90 -50.76 -80.07 13.22
C ILE C 90 -50.09 -81.16 14.05
N VAL C 91 -50.27 -81.09 15.37
CA VAL C 91 -49.71 -82.08 16.27
C VAL C 91 -50.65 -83.27 16.45
N ASN C 92 -51.84 -83.00 16.98
CA ASN C 92 -52.82 -84.05 17.22
C ASN C 92 -54.25 -83.52 17.16
N VAL C 93 -55.15 -84.34 16.63
CA VAL C 93 -56.57 -83.96 16.53
C VAL C 93 -57.45 -85.00 17.21
N THR C 94 -58.36 -84.53 18.06
CA THR C 94 -59.30 -85.41 18.74
C THR C 94 -60.73 -85.18 18.23
N GLN C 95 -61.70 -85.69 18.97
CA GLN C 95 -63.10 -85.55 18.57
C GLN C 95 -63.63 -84.15 18.83
N THR C 96 -63.07 -83.49 19.84
CA THR C 96 -63.55 -82.17 20.24
C THR C 96 -62.44 -81.14 20.35
N SER C 97 -61.22 -81.53 20.01
CA SER C 97 -60.08 -80.61 20.11
C SER C 97 -58.99 -80.92 19.09
N CYS C 98 -58.01 -80.01 19.00
CA CYS C 98 -56.86 -80.20 18.12
C CYS C 98 -55.68 -79.37 18.61
N VAL C 99 -54.47 -79.91 18.45
CA VAL C 99 -53.27 -79.21 18.88
C VAL C 99 -52.45 -78.73 17.68
N LEU C 100 -52.28 -77.41 17.57
CA LEU C 100 -51.53 -76.82 16.47
C LEU C 100 -50.15 -76.38 16.94
N ALA C 101 -49.19 -76.37 16.02
CA ALA C 101 -47.83 -75.94 16.33
C ALA C 101 -47.19 -75.24 15.14
N TRP C 102 -46.07 -74.55 15.40
CA TRP C 102 -45.36 -73.86 14.35
C TRP C 102 -43.85 -73.99 14.51
N ASP C 103 -43.14 -73.99 13.40
CA ASP C 103 -41.68 -74.04 13.39
C ASP C 103 -41.11 -72.82 14.11
N PRO C 104 -39.94 -72.98 14.75
CA PRO C 104 -39.26 -71.90 15.47
C PRO C 104 -39.16 -70.63 14.64
N LEU C 105 -39.75 -69.55 15.13
CA LEU C 105 -39.81 -68.29 14.41
C LEU C 105 -38.41 -67.74 14.11
N LYS C 106 -38.13 -67.53 12.82
CA LYS C 106 -36.83 -67.04 12.39
C LYS C 106 -36.86 -65.54 12.11
N LEU C 107 -36.13 -64.77 12.91
CA LEU C 107 -36.08 -63.32 12.75
C LEU C 107 -34.64 -62.81 12.88
N ALA C 110 -36.21 -58.78 14.54
CA ALA C 110 -37.10 -58.19 13.54
C ALA C 110 -37.56 -56.76 13.90
N LYS C 111 -38.10 -56.50 15.09
CA LYS C 111 -38.46 -57.47 16.13
C LYS C 111 -39.93 -57.84 16.05
N LEU C 112 -40.31 -58.93 16.71
CA LEU C 112 -41.68 -59.40 16.69
C LEU C 112 -42.60 -58.49 17.50
N LYS C 113 -43.80 -58.24 16.99
CA LYS C 113 -44.80 -57.45 17.70
C LYS C 113 -45.92 -58.33 18.21
N SER C 114 -46.55 -59.08 17.32
CA SER C 114 -47.67 -59.94 17.69
C SER C 114 -47.88 -61.10 16.73
N LEU C 115 -48.16 -62.28 17.27
CA LEU C 115 -48.50 -63.45 16.47
C LEU C 115 -49.94 -63.84 16.73
N ILE C 116 -50.80 -63.71 15.72
CA ILE C 116 -52.22 -63.94 15.89
C ILE C 116 -52.72 -65.14 15.09
N LEU C 117 -53.41 -66.05 15.75
CA LEU C 117 -54.02 -67.20 15.09
C LEU C 117 -55.31 -66.76 14.39
N TYR C 118 -55.59 -67.34 13.24
CA TYR C 118 -56.78 -66.97 12.48
C TYR C 118 -57.62 -68.19 12.10
N ARG C 119 -58.89 -68.16 12.51
CA ARG C 119 -59.85 -69.19 12.11
C ARG C 119 -61.08 -68.54 11.49
N LYS C 120 -61.09 -68.45 10.16
CA LYS C 120 -62.17 -67.81 9.41
C LYS C 120 -62.42 -66.37 9.85
N GLY C 121 -61.34 -65.61 10.01
CA GLY C 121 -61.46 -64.23 10.45
C GLY C 121 -60.57 -63.91 11.64
N SER C 124 -60.06 -64.08 16.60
CA SER C 124 -59.41 -65.16 17.34
C SER C 124 -58.38 -64.61 18.33
N MET C 125 -57.81 -65.50 19.14
CA MET C 125 -56.89 -65.08 20.20
C MET C 125 -55.49 -64.75 19.68
N VAL C 126 -54.68 -64.18 20.56
CA VAL C 126 -53.30 -63.84 20.24
C VAL C 126 -52.32 -64.70 21.04
N ILE C 127 -51.32 -65.27 20.36
CA ILE C 127 -50.35 -66.14 21.01
C ILE C 127 -49.56 -65.38 22.07
N PRO C 128 -49.60 -65.86 23.32
CA PRO C 128 -48.92 -65.20 24.45
C PRO C 128 -47.39 -65.28 24.33
N ASN C 129 -46.84 -66.48 24.23
CA ASN C 129 -45.40 -66.66 24.12
C ASN C 129 -45.02 -67.41 22.85
N PRO C 130 -44.89 -66.67 21.73
CA PRO C 130 -44.58 -67.25 20.41
C PRO C 130 -43.24 -67.98 20.36
N PHE C 131 -42.32 -67.60 21.24
CA PHE C 131 -40.98 -68.20 21.24
C PHE C 131 -40.84 -69.26 22.31
N LYS C 132 -41.36 -68.98 23.51
CA LYS C 132 -41.26 -69.90 24.63
C LYS C 132 -42.14 -71.13 24.43
N VAL C 133 -43.33 -70.92 23.88
CA VAL C 133 -44.26 -72.00 23.61
C VAL C 133 -44.68 -72.00 22.14
N THR C 134 -44.36 -73.08 21.43
CA THR C 134 -44.65 -73.16 20.01
C THR C 134 -45.87 -74.03 19.70
N THR C 135 -46.68 -74.30 20.71
CA THR C 135 -47.87 -75.13 20.54
C THR C 135 -49.10 -74.49 21.18
N THR C 136 -50.25 -74.61 20.51
CA THR C 136 -51.51 -74.13 21.05
C THR C 136 -52.62 -75.15 20.80
N LYS C 137 -53.55 -75.26 21.75
CA LYS C 137 -54.63 -76.23 21.64
C LYS C 137 -56.00 -75.54 21.57
N ILE C 138 -56.80 -75.94 20.58
CA ILE C 138 -58.16 -75.43 20.43
C ILE C 138 -59.14 -76.25 21.25
N SER C 139 -59.78 -75.62 22.22
CA SER C 139 -60.62 -76.33 23.17
C SER C 139 -62.00 -76.67 22.58
N GLY C 140 -62.78 -75.64 22.26
CA GLY C 140 -64.15 -75.84 21.81
C GLY C 140 -64.28 -76.14 20.33
N LEU C 141 -64.58 -77.40 20.01
CA LEU C 141 -64.81 -77.81 18.63
C LEU C 141 -65.99 -78.77 18.53
N SER C 142 -66.40 -79.08 17.31
CA SER C 142 -67.52 -79.99 17.08
C SER C 142 -67.05 -81.33 16.54
N VAL C 143 -67.81 -82.38 16.82
CA VAL C 143 -67.46 -83.73 16.40
C VAL C 143 -67.64 -83.91 14.90
N ASP C 144 -66.59 -84.41 14.24
CA ASP C 144 -66.60 -84.68 12.81
C ASP C 144 -66.94 -83.42 12.00
N THR C 145 -66.28 -82.31 12.34
CA THR C 145 -66.53 -81.04 11.67
C THR C 145 -65.22 -80.44 11.15
N PRO C 146 -65.21 -80.04 9.88
CA PRO C 146 -64.02 -79.43 9.24
C PRO C 146 -63.71 -78.03 9.79
N TYR C 147 -62.42 -77.72 9.90
CA TYR C 147 -61.98 -76.39 10.33
C TYR C 147 -60.72 -75.99 9.57
N GLU C 148 -60.40 -74.70 9.59
CA GLU C 148 -59.17 -74.21 8.98
C GLU C 148 -58.48 -73.18 9.87
N PHE C 149 -57.15 -73.17 9.85
CA PHE C 149 -56.37 -72.27 10.69
C PHE C 149 -55.18 -71.70 9.93
N GLN C 150 -54.76 -70.49 10.30
CA GLN C 150 -53.55 -69.89 9.75
C GLN C 150 -53.00 -68.83 10.71
N LEU C 151 -51.68 -68.72 10.75
CA LEU C 151 -51.02 -67.78 11.66
C LEU C 151 -50.69 -66.45 10.99
N LYS C 152 -50.89 -65.36 11.72
CA LYS C 152 -50.54 -64.03 11.21
C LYS C 152 -49.33 -63.49 11.96
N LEU C 153 -48.21 -63.37 11.26
CA LEU C 153 -46.98 -62.88 11.88
C LEU C 153 -46.77 -61.39 11.67
N ILE C 154 -46.99 -60.61 12.71
CA ILE C 154 -46.79 -59.16 12.66
C ILE C 154 -45.42 -58.78 13.21
N THR C 155 -44.56 -58.25 12.34
CA THR C 155 -43.19 -57.90 12.71
C THR C 155 -42.86 -56.47 12.32
N THR C 156 -41.90 -55.87 13.02
CA THR C 156 -41.49 -54.49 12.75
C THR C 156 -40.68 -54.40 11.45
N SER C 157 -40.61 -55.50 10.72
CA SER C 157 -40.01 -55.51 9.39
C SER C 157 -41.09 -55.73 8.33
N GLY C 158 -42.32 -55.93 8.77
CA GLY C 158 -43.43 -56.17 7.89
C GLY C 158 -44.30 -57.32 8.38
N THR C 159 -45.48 -57.48 7.80
CA THR C 159 -46.38 -58.55 8.19
C THR C 159 -46.40 -59.66 7.15
N LEU C 160 -45.98 -60.86 7.56
CA LEU C 160 -45.92 -62.00 6.66
C LEU C 160 -46.70 -63.19 7.21
N TRP C 161 -47.84 -63.48 6.59
CA TRP C 161 -48.66 -64.61 7.02
C TRP C 161 -48.95 -65.57 5.87
N SER C 162 -48.86 -66.87 6.16
CA SER C 162 -49.06 -67.90 5.15
C SER C 162 -49.35 -69.26 5.77
N GLU C 163 -49.39 -70.28 4.91
CA GLU C 163 -49.60 -71.66 5.32
C GLU C 163 -50.91 -71.86 6.10
N LYS C 164 -52.02 -71.82 5.39
CA LYS C 164 -53.31 -72.13 6.00
C LYS C 164 -53.57 -73.63 5.94
N VAL C 165 -53.99 -74.18 7.07
CA VAL C 165 -54.18 -75.63 7.17
C VAL C 165 -55.63 -76.00 7.49
N ILE C 166 -56.19 -76.90 6.70
CA ILE C 166 -57.54 -77.40 6.96
C ILE C 166 -57.48 -78.75 7.67
N LEU C 167 -58.44 -78.98 8.56
CA LEU C 167 -58.49 -80.24 9.30
C LEU C 167 -59.91 -80.61 9.65
N ARG C 168 -60.16 -81.91 9.82
CA ARG C 168 -61.47 -82.39 10.21
C ARG C 168 -61.37 -83.20 11.49
N THR C 169 -62.15 -82.82 12.50
CA THR C 169 -62.13 -83.50 13.79
C THR C 169 -62.53 -84.96 13.65
N HIS C 170 -61.91 -85.82 14.45
CA HIS C 170 -62.13 -87.26 14.36
C HIS C 170 -63.50 -87.66 14.87
N LYS C 171 -64.02 -88.77 14.35
CA LYS C 171 -65.31 -89.29 14.76
C LYS C 171 -65.15 -90.09 16.06
N MET C 172 -66.27 -90.46 16.67
CA MET C 172 -66.25 -91.22 17.91
C MET C 172 -65.65 -92.62 17.71
N THR C 173 -65.78 -93.14 16.49
CA THR C 173 -65.26 -94.47 16.16
C THR C 173 -63.78 -94.41 15.81
N ASP C 174 -63.27 -93.19 15.62
CA ASP C 174 -61.86 -92.98 15.30
C ASP C 174 -61.06 -92.69 16.57
N MET C 175 -60.16 -93.62 16.91
CA MET C 175 -59.38 -93.51 18.14
C MET C 175 -57.91 -93.26 17.84
N SER C 176 -57.63 -92.74 16.65
CA SER C 176 -56.26 -92.48 16.22
C SER C 176 -55.66 -91.26 16.93
N GLY C 177 -56.53 -90.46 17.54
CA GLY C 177 -56.10 -89.24 18.20
C GLY C 177 -55.86 -89.40 19.69
N ILE C 178 -56.09 -90.60 20.20
CA ILE C 178 -55.91 -90.85 21.63
C ILE C 178 -54.43 -90.94 21.99
N THR C 179 -53.98 -90.04 22.86
CA THR C 179 -52.60 -90.03 23.31
C THR C 179 -52.52 -90.11 24.84
N VAL C 180 -51.65 -90.99 25.34
CA VAL C 180 -51.51 -91.17 26.78
C VAL C 180 -50.07 -90.90 27.24
N SER C 192 -49.64 -104.65 33.29
CA SER C 192 -48.33 -104.29 32.77
C SER C 192 -48.44 -103.27 31.64
N ASP C 193 -47.34 -102.59 31.35
CA ASP C 193 -47.32 -101.57 30.30
C ASP C 193 -47.28 -102.21 28.91
N LEU C 194 -46.87 -103.48 28.85
CA LEU C 194 -46.80 -104.20 27.59
C LEU C 194 -48.19 -104.48 27.04
N GLN C 195 -49.14 -104.73 27.93
CA GLN C 195 -50.52 -104.97 27.54
C GLN C 195 -51.16 -103.68 27.01
N ILE C 196 -50.74 -102.55 27.56
CA ILE C 196 -51.25 -101.25 27.13
C ILE C 196 -50.57 -100.79 25.85
N SER C 197 -49.30 -101.16 25.70
CA SER C 197 -48.51 -100.77 24.54
C SER C 197 -49.10 -101.29 23.23
N GLN C 198 -49.45 -102.57 23.21
CA GLN C 198 -50.02 -103.18 22.01
C GLN C 198 -51.49 -102.81 21.84
N CYS C 199 -52.17 -102.56 22.96
CA CYS C 199 -53.58 -102.20 22.92
C CYS C 199 -53.78 -100.84 22.25
N LEU C 200 -52.80 -99.96 22.41
CA LEU C 200 -52.82 -98.65 21.77
C LEU C 200 -52.49 -98.79 20.28
N SER C 201 -51.80 -99.87 19.93
CA SER C 201 -51.45 -100.14 18.55
C SER C 201 -52.62 -100.77 17.79
N HIS C 202 -53.50 -101.44 18.54
CA HIS C 202 -54.67 -102.07 17.95
C HIS C 202 -55.72 -101.05 17.54
N ILE C 203 -55.77 -99.94 18.26
CA ILE C 203 -56.74 -98.89 18.00
C ILE C 203 -56.18 -97.80 17.09
N GLY C 204 -54.92 -97.97 16.69
CA GLY C 204 -54.27 -97.03 15.78
C GLY C 204 -53.89 -95.72 16.44
N ALA C 205 -53.68 -95.75 17.75
CA ALA C 205 -53.31 -94.56 18.50
C ALA C 205 -51.81 -94.26 18.36
N VAL C 212 -46.52 -85.65 30.82
CA VAL C 212 -47.75 -84.99 30.42
C VAL C 212 -47.47 -83.70 29.65
N ALA C 213 -47.86 -83.67 28.38
CA ALA C 213 -47.66 -82.49 27.55
C ALA C 213 -48.99 -81.83 27.18
N ILE C 214 -48.97 -81.00 26.15
CA ILE C 214 -50.16 -80.30 25.70
C ILE C 214 -51.13 -81.25 25.00
N ASP C 215 -50.59 -82.10 24.13
CA ASP C 215 -51.42 -83.01 23.34
C ASP C 215 -51.83 -84.26 24.12
N THR C 216 -51.57 -84.28 25.41
CA THR C 216 -51.96 -85.40 26.26
C THR C 216 -53.47 -85.38 26.49
N THR C 217 -54.14 -86.47 26.13
CA THR C 217 -55.59 -86.55 26.24
C THR C 217 -56.03 -87.29 27.50
N HIS C 218 -55.30 -88.35 27.84
CA HIS C 218 -55.61 -89.16 29.02
C HIS C 218 -54.36 -89.49 29.82
N PHE C 219 -54.54 -89.67 31.12
CA PHE C 219 -53.44 -90.06 32.00
C PHE C 219 -53.71 -91.40 32.66
N VAL C 220 -53.11 -92.45 32.12
CA VAL C 220 -53.31 -93.80 32.65
C VAL C 220 -52.30 -94.11 33.76
N GLU C 232 -45.79 -86.02 37.44
CA GLU C 232 -46.67 -86.16 36.29
C GLU C 232 -48.14 -86.20 36.74
N LEU C 233 -48.36 -86.53 38.00
CA LEU C 233 -49.71 -86.60 38.55
C LEU C 233 -50.23 -85.22 38.92
N ILE C 234 -49.30 -84.30 39.18
CA ILE C 234 -49.64 -82.94 39.59
C ILE C 234 -49.74 -82.02 38.39
N ARG C 235 -49.08 -82.39 37.29
CA ARG C 235 -49.18 -81.64 36.05
C ARG C 235 -50.44 -82.05 35.32
N ALA C 236 -50.92 -83.25 35.62
CA ALA C 236 -52.15 -83.76 35.02
C ALA C 236 -53.36 -83.02 35.58
N LYS C 237 -53.36 -82.76 36.88
CA LYS C 237 -54.47 -82.05 37.52
C LYS C 237 -54.47 -80.55 37.26
N HIS C 238 -53.48 -80.07 36.51
CA HIS C 238 -53.36 -78.65 36.23
C HIS C 238 -54.11 -78.36 34.93
N ASN C 239 -53.93 -79.27 33.98
CA ASN C 239 -54.69 -79.29 32.74
C ASN C 239 -56.13 -79.74 32.99
N ASN C 240 -56.29 -80.58 34.02
CA ASN C 240 -57.55 -81.21 34.40
C ASN C 240 -57.86 -82.38 33.49
N ILE C 241 -56.82 -83.15 33.19
CA ILE C 241 -56.94 -84.34 32.34
C ILE C 241 -57.55 -85.50 33.12
N PRO C 242 -58.62 -86.10 32.58
CA PRO C 242 -59.34 -87.22 33.19
C PRO C 242 -58.44 -88.40 33.56
N ILE C 243 -58.23 -88.58 34.86
CA ILE C 243 -57.46 -89.72 35.36
C ILE C 243 -58.33 -90.96 35.41
N VAL C 244 -58.13 -91.87 34.46
CA VAL C 244 -58.99 -93.04 34.34
C VAL C 244 -58.26 -94.35 34.57
N ARG C 245 -59.04 -95.42 34.76
CA ARG C 245 -58.53 -96.76 34.94
C ARG C 245 -57.85 -97.27 33.67
N PRO C 246 -56.77 -98.05 33.82
CA PRO C 246 -56.02 -98.61 32.70
C PRO C 246 -56.84 -99.59 31.85
N GLU C 247 -57.94 -100.09 32.41
CA GLU C 247 -58.78 -101.06 31.71
C GLU C 247 -59.69 -100.39 30.69
N TRP C 248 -59.67 -99.06 30.66
CA TRP C 248 -60.49 -98.30 29.72
C TRP C 248 -59.97 -98.45 28.29
N VAL C 249 -58.66 -98.56 28.14
CA VAL C 249 -58.03 -98.68 26.84
C VAL C 249 -58.39 -100.01 26.17
N ARG C 250 -58.64 -101.02 27.01
CA ARG C 250 -58.91 -102.38 26.53
C ARG C 250 -60.17 -102.45 25.65
N ALA C 251 -61.06 -101.47 25.81
CA ALA C 251 -62.28 -101.41 25.01
C ALA C 251 -61.96 -101.01 23.58
N VAL D 8 24.46 15.23 12.54
CA VAL D 8 24.77 16.10 11.41
C VAL D 8 23.51 16.74 10.84
N ASP D 9 23.33 18.02 11.11
CA ASP D 9 22.18 18.77 10.63
C ASP D 9 22.56 19.76 9.54
N VAL D 10 21.85 19.69 8.41
CA VAL D 10 22.12 20.59 7.28
C VAL D 10 20.83 21.21 6.73
N LEU D 11 20.91 22.50 6.42
CA LEU D 11 19.75 23.23 5.90
C LEU D 11 19.68 23.13 4.39
N LEU D 12 18.51 22.74 3.88
CA LEU D 12 18.34 22.52 2.45
C LEU D 12 17.26 23.43 1.86
N THR D 13 17.42 23.77 0.59
CA THR D 13 16.44 24.58 -0.12
C THR D 13 15.73 23.73 -1.17
N VAL D 14 14.41 23.84 -1.22
CA VAL D 14 13.62 23.07 -2.17
C VAL D 14 13.59 23.74 -3.54
N GLY D 15 14.13 23.08 -4.55
CA GLY D 15 14.09 23.58 -5.91
C GLY D 15 12.78 23.21 -6.56
N LYS D 16 12.83 22.29 -7.52
CA LYS D 16 11.61 21.77 -8.13
C LYS D 16 10.92 20.78 -7.20
N LEU D 17 9.59 20.83 -7.17
CA LEU D 17 8.81 19.91 -6.34
C LEU D 17 7.68 19.30 -7.15
N ASP D 18 7.80 18.01 -7.45
CA ASP D 18 6.74 17.27 -8.13
C ASP D 18 6.03 16.36 -7.12
N ALA D 19 5.00 15.68 -7.57
CA ALA D 19 4.21 14.82 -6.68
C ALA D 19 5.02 13.63 -6.17
N SER D 20 6.05 13.25 -6.91
CA SER D 20 6.85 12.09 -6.55
C SER D 20 8.19 12.47 -5.92
N LEU D 21 8.99 13.25 -6.64
CA LEU D 21 10.33 13.60 -6.18
C LEU D 21 10.49 15.09 -5.92
N ALA D 22 11.70 15.49 -5.54
CA ALA D 22 12.02 16.88 -5.28
C ALA D 22 13.51 17.14 -5.46
N LEU D 23 13.86 18.38 -5.81
CA LEU D 23 15.26 18.76 -5.95
C LEU D 23 15.69 19.67 -4.80
N LEU D 24 16.58 19.15 -3.96
CA LEU D 24 17.07 19.90 -2.80
C LEU D 24 18.46 20.48 -3.08
N THR D 25 18.61 21.78 -2.83
CA THR D 25 19.86 22.48 -3.09
C THR D 25 20.50 23.00 -1.81
N THR D 26 21.79 22.75 -1.63
CA THR D 26 22.52 23.23 -0.46
C THR D 26 23.27 24.51 -0.76
N GLN D 27 24.00 25.01 0.23
CA GLN D 27 24.84 26.19 0.05
C GLN D 27 26.20 25.76 -0.50
N ASP D 28 26.50 24.47 -0.38
CA ASP D 28 27.74 23.90 -0.91
C ASP D 28 27.51 23.33 -2.30
N HIS D 29 26.45 23.82 -2.96
CA HIS D 29 26.13 23.44 -4.33
C HIS D 29 25.89 21.94 -4.50
N HIS D 30 25.18 21.35 -3.53
CA HIS D 30 24.76 19.96 -3.66
C HIS D 30 23.34 19.90 -4.22
N VAL D 31 23.11 18.99 -5.17
CA VAL D 31 21.79 18.81 -5.74
C VAL D 31 21.30 17.39 -5.46
N ILE D 32 20.29 17.27 -4.62
CA ILE D 32 19.80 15.97 -4.20
C ILE D 32 18.36 15.71 -4.61
N GLU D 33 18.14 14.67 -5.41
CA GLU D 33 16.79 14.23 -5.73
C GLU D 33 16.24 13.45 -4.54
N PHE D 34 15.16 13.98 -3.95
CA PHE D 34 14.63 13.43 -2.73
C PHE D 34 13.14 13.16 -2.86
N PRO D 35 12.69 11.98 -2.40
CA PRO D 35 11.28 11.58 -2.43
C PRO D 35 10.40 12.54 -1.64
N THR D 36 9.29 12.96 -2.24
CA THR D 36 8.41 13.95 -1.64
C THR D 36 7.70 13.43 -0.39
N VAL D 37 7.43 12.13 -0.35
CA VAL D 37 6.69 11.54 0.76
C VAL D 37 7.47 11.63 2.08
N LEU D 38 8.78 11.80 2.00
CA LEU D 38 9.60 11.99 3.20
C LEU D 38 9.69 13.46 3.60
N LEU D 39 9.03 14.31 2.82
CA LEU D 39 8.98 15.74 3.13
C LEU D 39 7.65 16.07 3.81
N PRO D 40 7.62 17.17 4.60
CA PRO D 40 6.38 17.64 5.22
C PRO D 40 5.26 17.93 4.21
N GLU D 41 4.04 18.14 4.71
CA GLU D 41 2.90 18.33 3.82
C GLU D 41 2.83 19.76 3.29
N ASN D 42 3.34 20.71 4.06
CA ASN D 42 3.33 22.11 3.65
C ASN D 42 4.71 22.59 3.22
N VAL D 43 5.36 21.78 2.38
CA VAL D 43 6.70 22.11 1.91
C VAL D 43 6.66 23.07 0.72
N LYS D 44 5.75 22.82 -0.22
CA LYS D 44 5.64 23.61 -1.44
C LYS D 44 6.97 23.65 -2.20
N ALA D 45 7.31 24.80 -2.75
CA ALA D 45 8.56 24.96 -3.48
C ALA D 45 9.25 26.26 -3.08
N GLY D 46 10.58 26.24 -3.04
CA GLY D 46 11.34 27.41 -2.64
C GLY D 46 11.34 27.58 -1.13
N SER D 47 11.12 26.50 -0.42
CA SER D 47 11.10 26.52 1.03
C SER D 47 12.42 26.02 1.60
N ILE D 48 12.70 26.36 2.85
CA ILE D 48 13.91 25.92 3.51
C ILE D 48 13.59 24.83 4.52
N ILE D 49 14.21 23.67 4.37
CA ILE D 49 13.98 22.56 5.28
C ILE D 49 15.23 22.25 6.10
N LYS D 50 15.02 21.77 7.31
CA LYS D 50 16.13 21.38 8.19
C LYS D 50 16.21 19.85 8.27
N MET D 51 17.27 19.30 7.70
CA MET D 51 17.44 17.85 7.70
C MET D 51 18.48 17.43 8.73
N GLN D 52 18.03 16.77 9.79
CA GLN D 52 18.91 16.34 10.87
C GLN D 52 19.16 14.84 10.81
N VAL D 53 20.33 14.46 10.31
CA VAL D 53 20.68 13.05 10.17
C VAL D 53 21.53 12.54 11.33
N SER D 54 21.00 11.56 12.06
CA SER D 54 21.69 10.99 13.20
C SER D 54 21.78 9.46 13.09
N GLN D 55 22.79 8.87 13.72
CA GLN D 55 22.96 7.42 13.69
C GLN D 55 22.15 6.75 14.78
N ASN D 56 21.47 5.65 14.43
CA ASN D 56 20.64 4.92 15.39
C ASN D 56 21.28 3.60 15.77
N LEU D 57 22.02 3.59 16.87
CA LEU D 57 22.76 2.41 17.29
C LEU D 57 21.90 1.27 17.78
N GLU D 58 20.79 1.58 18.45
CA GLU D 58 19.93 0.54 19.00
C GLU D 58 19.21 -0.23 17.88
N GLU D 59 18.91 0.45 16.78
CA GLU D 59 18.28 -0.18 15.64
C GLU D 59 19.27 -1.07 14.90
N GLU D 60 20.54 -0.69 14.94
CA GLU D 60 21.61 -1.48 14.35
C GLU D 60 21.76 -2.77 15.14
N LYS D 61 21.70 -2.65 16.46
CA LYS D 61 21.84 -3.78 17.36
C LYS D 61 20.65 -4.72 17.25
N LYS D 62 19.49 -4.17 16.89
CA LYS D 62 18.30 -5.00 16.69
C LYS D 62 18.41 -5.83 15.41
N GLN D 63 18.89 -5.20 14.34
CA GLN D 63 19.07 -5.90 13.07
C GLN D 63 20.23 -6.88 13.14
N ARG D 64 21.27 -6.52 13.88
CA ARG D 64 22.43 -7.37 14.03
C ARG D 64 22.04 -8.67 14.74
N ASN D 65 21.23 -8.54 15.79
CA ASN D 65 20.72 -9.70 16.51
C ASN D 65 19.74 -10.49 15.66
N HIS D 66 18.96 -9.77 14.85
CA HIS D 66 18.00 -10.40 13.96
C HIS D 66 18.71 -11.21 12.87
N PHE D 67 19.78 -10.64 12.33
CA PHE D 67 20.54 -11.28 11.26
C PHE D 67 21.18 -12.58 11.77
N LYS D 68 21.74 -12.54 12.97
CA LYS D 68 22.34 -13.72 13.57
C LYS D 68 21.29 -14.78 13.84
N SER D 69 20.09 -14.34 14.20
CA SER D 69 18.99 -15.25 14.48
C SER D 69 18.54 -15.99 13.22
N ILE D 70 18.52 -15.28 12.10
CA ILE D 70 18.15 -15.87 10.82
C ILE D 70 19.22 -16.85 10.34
N GLN D 71 20.47 -16.42 10.39
CA GLN D 71 21.59 -17.25 9.96
C GLN D 71 21.69 -18.54 10.77
N ALA D 72 21.43 -18.44 12.06
CA ALA D 72 21.47 -19.60 12.95
C ALA D 72 20.26 -20.50 12.68
N LYS D 73 19.16 -19.91 12.26
CA LYS D 73 17.95 -20.66 11.96
C LYS D 73 18.12 -21.47 10.68
N ILE D 74 18.79 -20.87 9.69
CA ILE D 74 19.06 -21.54 8.43
C ILE D 74 20.00 -22.72 8.62
N LEU D 75 21.04 -22.50 9.42
CA LEU D 75 22.03 -23.54 9.71
C LEU D 75 21.40 -24.73 10.44
N GLU D 76 20.44 -24.44 11.31
CA GLU D 76 19.78 -25.49 12.08
C GLU D 76 18.87 -26.34 11.20
N LYS D 77 18.10 -25.69 10.34
CA LYS D 77 17.18 -26.39 9.45
C LYS D 77 17.94 -27.12 8.35
N TYR D 78 18.78 -26.39 7.63
CA TYR D 78 19.54 -26.95 6.52
C TYR D 78 21.02 -26.95 6.86
N GLY D 79 21.56 -28.15 7.06
CA GLY D 79 22.94 -28.30 7.50
C GLY D 79 22.96 -28.94 8.88
N THR D 80 24.15 -29.18 9.40
CA THR D 80 24.35 -29.81 10.72
C THR D 80 23.80 -31.25 10.81
N HIS D 81 22.63 -31.48 10.23
CA HIS D 81 22.04 -32.81 10.23
C HIS D 81 22.30 -33.51 8.91
N LYS D 82 23.00 -34.64 8.95
CA LYS D 82 23.39 -35.36 7.74
C LYS D 82 22.61 -36.67 7.61
N PRO D 83 22.42 -37.15 6.37
CA PRO D 83 21.83 -38.48 6.15
C PRO D 83 22.71 -39.58 6.72
N GLU D 84 22.12 -40.68 7.15
CA GLU D 84 22.85 -41.71 7.87
C GLU D 84 23.17 -42.93 6.99
N SER D 85 23.20 -44.10 7.62
CA SER D 85 23.62 -45.32 6.94
C SER D 85 22.44 -46.08 6.36
N PRO D 86 22.56 -46.52 5.10
CA PRO D 86 21.52 -47.36 4.49
C PRO D 86 21.67 -48.82 4.89
N VAL D 87 21.33 -49.13 6.13
CA VAL D 87 21.46 -50.49 6.65
C VAL D 87 20.35 -51.42 6.15
N LEU D 88 20.73 -52.56 5.58
CA LEU D 88 19.74 -53.53 5.14
C LEU D 88 19.96 -54.88 5.83
N LYS D 89 18.87 -55.58 6.12
CA LYS D 89 18.95 -56.85 6.84
C LYS D 89 18.34 -58.00 6.05
N ILE D 90 18.39 -59.19 6.63
CA ILE D 90 17.82 -60.38 6.00
C ILE D 90 16.59 -60.85 6.75
N VAL D 91 15.46 -60.92 6.05
CA VAL D 91 14.22 -61.39 6.66
C VAL D 91 14.11 -62.90 6.59
N ASN D 92 14.11 -63.44 5.38
CA ASN D 92 14.00 -64.88 5.19
C ASN D 92 14.60 -65.32 3.85
N VAL D 93 15.26 -66.47 3.85
CA VAL D 93 15.89 -67.01 2.65
C VAL D 93 15.36 -68.40 2.33
N THR D 94 14.96 -68.62 1.07
CA THR D 94 14.52 -69.93 0.64
C THR D 94 15.59 -70.60 -0.21
N GLN D 95 15.17 -71.29 -1.27
CA GLN D 95 16.11 -72.00 -2.14
C GLN D 95 16.32 -71.26 -3.46
N THR D 96 15.30 -70.54 -3.89
CA THR D 96 15.35 -69.83 -5.16
C THR D 96 14.95 -68.36 -5.00
N SER D 97 14.73 -67.95 -3.76
CA SER D 97 14.34 -66.57 -3.47
C SER D 97 14.66 -66.17 -2.05
N CYS D 98 14.82 -64.87 -1.81
CA CYS D 98 15.08 -64.34 -0.48
C CYS D 98 14.49 -62.95 -0.33
N VAL D 99 14.01 -62.63 0.87
CA VAL D 99 13.40 -61.34 1.12
C VAL D 99 14.34 -60.43 1.89
N LEU D 100 14.71 -59.30 1.27
CA LEU D 100 15.58 -58.32 1.90
C LEU D 100 14.79 -57.12 2.39
N ALA D 101 15.22 -56.57 3.51
CA ALA D 101 14.57 -55.40 4.09
C ALA D 101 15.60 -54.43 4.63
N TRP D 102 15.17 -53.20 4.92
CA TRP D 102 16.06 -52.19 5.45
C TRP D 102 15.35 -51.32 6.48
N ASP D 103 16.09 -50.90 7.49
CA ASP D 103 15.55 -50.00 8.52
C ASP D 103 15.05 -48.71 7.88
N PRO D 104 14.01 -48.09 8.47
CA PRO D 104 13.46 -46.83 7.98
C PRO D 104 14.54 -45.79 7.69
N LEU D 105 14.60 -45.34 6.45
CA LEU D 105 15.64 -44.40 6.03
C LEU D 105 15.57 -43.10 6.81
N LYS D 106 16.69 -42.73 7.42
CA LYS D 106 16.79 -41.49 8.18
C LYS D 106 17.61 -40.46 7.42
N LEU D 107 16.94 -39.40 6.97
CA LEU D 107 17.59 -38.33 6.24
C LEU D 107 17.50 -37.01 6.99
N GLY D 108 18.66 -36.45 7.35
CA GLY D 108 18.71 -35.18 8.06
C GLY D 108 18.06 -34.07 7.27
N SER D 109 18.42 -33.97 5.99
CA SER D 109 17.84 -32.97 5.11
C SER D 109 17.46 -33.56 3.76
N ALA D 110 16.43 -32.98 3.14
CA ALA D 110 15.97 -33.39 1.83
C ALA D 110 17.09 -33.20 0.80
N LYS D 111 17.14 -34.04 -0.23
CA LYS D 111 16.16 -35.09 -0.47
C LYS D 111 16.83 -36.36 -0.99
N LEU D 112 16.15 -37.49 -0.85
CA LEU D 112 16.61 -38.73 -1.47
C LEU D 112 16.43 -38.63 -2.98
N LYS D 113 17.49 -38.91 -3.72
CA LYS D 113 17.41 -38.89 -5.18
C LYS D 113 17.04 -40.26 -5.73
N SER D 114 17.68 -41.29 -5.21
CA SER D 114 17.44 -42.66 -5.67
C SER D 114 18.01 -43.68 -4.68
N LEU D 115 17.31 -44.79 -4.51
CA LEU D 115 17.79 -45.88 -3.66
C LEU D 115 18.01 -47.13 -4.49
N ILE D 116 19.27 -47.49 -4.72
CA ILE D 116 19.61 -48.59 -5.61
C ILE D 116 20.23 -49.77 -4.88
N LEU D 117 19.75 -50.97 -5.21
CA LEU D 117 20.33 -52.20 -4.69
C LEU D 117 21.49 -52.67 -5.57
N TYR D 118 22.54 -53.20 -4.95
CA TYR D 118 23.71 -53.67 -5.67
C TYR D 118 24.01 -55.13 -5.37
N ARG D 119 24.20 -55.93 -6.41
CA ARG D 119 24.62 -57.32 -6.24
C ARG D 119 25.71 -57.69 -7.25
N ARG D 123 23.51 -52.67 -10.09
CA ARG D 123 22.98 -53.26 -11.30
C ARG D 123 21.50 -53.58 -11.14
N SER D 124 21.09 -53.86 -9.91
CA SER D 124 19.69 -54.17 -9.60
C SER D 124 18.81 -52.93 -9.78
N MET D 125 17.50 -53.14 -9.78
CA MET D 125 16.55 -52.06 -10.03
C MET D 125 16.49 -51.05 -8.90
N VAL D 126 15.85 -49.92 -9.15
CA VAL D 126 15.66 -48.87 -8.15
C VAL D 126 14.35 -49.06 -7.39
N ILE D 127 14.42 -48.94 -6.07
CA ILE D 127 13.23 -49.07 -5.22
C ILE D 127 12.24 -47.95 -5.49
N PRO D 128 11.03 -48.31 -5.93
CA PRO D 128 9.99 -47.33 -6.28
C PRO D 128 9.51 -46.51 -5.07
N ASN D 129 9.14 -47.19 -3.99
CA ASN D 129 8.68 -46.50 -2.79
C ASN D 129 9.51 -46.90 -1.56
N PRO D 130 10.67 -46.26 -1.38
CA PRO D 130 11.60 -46.57 -0.29
C PRO D 130 11.04 -46.24 1.09
N PHE D 131 10.09 -45.31 1.16
CA PHE D 131 9.56 -44.87 2.44
C PHE D 131 8.27 -45.61 2.81
N LYS D 132 7.56 -46.10 1.81
CA LYS D 132 6.31 -46.82 2.04
C LYS D 132 6.55 -48.32 2.15
N VAL D 133 7.38 -48.85 1.25
CA VAL D 133 7.72 -50.27 1.26
C VAL D 133 9.22 -50.45 1.50
N THR D 134 9.57 -50.94 2.69
CA THR D 134 10.97 -51.12 3.05
C THR D 134 11.44 -52.57 2.85
N THR D 135 10.67 -53.34 2.08
CA THR D 135 11.00 -54.73 1.82
C THR D 135 11.04 -55.05 0.33
N THR D 136 12.05 -55.81 -0.08
CA THR D 136 12.18 -56.25 -1.47
C THR D 136 12.51 -57.73 -1.54
N LYS D 137 11.88 -58.45 -2.45
CA LYS D 137 12.10 -59.88 -2.57
C LYS D 137 12.74 -60.23 -3.91
N ILE D 138 13.94 -60.81 -3.85
CA ILE D 138 14.64 -61.23 -5.05
C ILE D 138 13.92 -62.41 -5.68
N SER D 139 13.55 -62.26 -6.95
CA SER D 139 12.73 -63.26 -7.62
C SER D 139 13.53 -64.50 -8.03
N GLY D 140 14.45 -64.32 -8.97
CA GLY D 140 15.22 -65.44 -9.50
C GLY D 140 16.60 -65.59 -8.87
N LEU D 141 16.92 -66.82 -8.48
CA LEU D 141 18.22 -67.13 -7.90
C LEU D 141 18.78 -68.44 -8.45
N VAL D 143 20.11 -72.46 -6.24
CA VAL D 143 20.15 -73.34 -5.08
C VAL D 143 21.59 -73.56 -4.61
N ASP D 144 21.83 -73.34 -3.32
CA ASP D 144 23.15 -73.49 -2.71
C ASP D 144 24.18 -72.63 -3.44
N THR D 145 23.82 -71.38 -3.70
CA THR D 145 24.70 -70.45 -4.40
C THR D 145 24.86 -69.15 -3.60
N PRO D 146 26.10 -68.76 -3.34
CA PRO D 146 26.41 -67.52 -2.59
C PRO D 146 26.08 -66.25 -3.37
N TYR D 147 25.36 -65.33 -2.73
CA TYR D 147 25.05 -64.03 -3.31
C TYR D 147 25.39 -62.92 -2.33
N GLU D 148 25.55 -61.70 -2.85
CA GLU D 148 25.83 -60.55 -2.00
C GLU D 148 24.92 -59.37 -2.35
N PHE D 149 24.58 -58.57 -1.35
CA PHE D 149 23.71 -57.42 -1.54
C PHE D 149 24.15 -56.22 -0.71
N GLN D 150 23.93 -55.02 -1.25
CA GLN D 150 24.22 -53.78 -0.54
C GLN D 150 23.41 -52.63 -1.15
N LEU D 151 22.99 -51.70 -0.30
CA LEU D 151 22.17 -50.59 -0.75
C LEU D 151 22.99 -49.35 -1.06
N LYS D 152 22.53 -48.58 -2.04
CA LYS D 152 23.18 -47.34 -2.43
C LYS D 152 22.24 -46.16 -2.21
N LEU D 153 22.56 -45.33 -1.23
CA LEU D 153 21.71 -44.20 -0.88
C LEU D 153 22.21 -42.91 -1.53
N ILE D 154 21.59 -42.54 -2.65
CA ILE D 154 21.94 -41.30 -3.35
C ILE D 154 21.04 -40.16 -2.92
N THR D 155 21.60 -39.23 -2.15
CA THR D 155 20.84 -38.08 -1.69
C THR D 155 21.44 -36.77 -2.22
N THR D 156 20.71 -35.68 -2.07
CA THR D 156 21.19 -34.37 -2.47
C THR D 156 22.30 -33.91 -1.53
N SER D 157 22.39 -34.56 -0.37
CA SER D 157 23.41 -34.25 0.61
C SER D 157 24.68 -35.06 0.34
N GLY D 158 24.54 -36.13 -0.44
CA GLY D 158 25.67 -36.97 -0.79
C GLY D 158 25.26 -38.42 -0.99
N THR D 159 26.12 -39.19 -1.64
CA THR D 159 25.85 -40.61 -1.87
C THR D 159 26.53 -41.46 -0.82
N LEU D 160 25.77 -42.34 -0.18
CA LEU D 160 26.30 -43.19 0.87
C LEU D 160 25.88 -44.63 0.69
N TRP D 161 26.84 -45.50 0.40
CA TRP D 161 26.58 -46.93 0.30
C TRP D 161 27.42 -47.69 1.32
N SER D 162 26.80 -48.61 2.04
CA SER D 162 27.48 -49.38 3.07
C SER D 162 26.74 -50.66 3.42
N GLU D 163 27.31 -51.42 4.36
CA GLU D 163 26.71 -52.66 4.87
C GLU D 163 26.44 -53.67 3.77
N LYS D 164 27.50 -54.22 3.18
CA LYS D 164 27.34 -55.29 2.20
C LYS D 164 27.06 -56.61 2.91
N VAL D 165 26.03 -57.31 2.45
CA VAL D 165 25.60 -58.54 3.11
C VAL D 165 25.64 -59.73 2.16
N ILE D 166 26.42 -60.75 2.52
CA ILE D 166 26.50 -61.97 1.73
C ILE D 166 25.64 -63.08 2.35
N LEU D 167 25.07 -63.93 1.51
CA LEU D 167 24.25 -65.03 2.00
C LEU D 167 24.31 -66.24 1.07
N ARG D 168 24.14 -67.42 1.64
CA ARG D 168 24.09 -68.66 0.87
C ARG D 168 22.67 -69.21 0.83
N THR D 169 22.15 -69.43 -0.37
CA THR D 169 20.80 -69.94 -0.54
C THR D 169 20.68 -71.35 0.04
N HIS D 170 19.52 -71.63 0.65
CA HIS D 170 19.29 -72.92 1.32
C HIS D 170 19.34 -74.10 0.36
N LYS D 171 19.71 -75.26 0.89
CA LYS D 171 19.75 -76.49 0.11
C LYS D 171 18.37 -77.14 0.13
N MET D 172 18.18 -78.14 -0.73
CA MET D 172 16.90 -78.86 -0.81
C MET D 172 16.56 -79.53 0.51
N THR D 173 17.57 -80.06 1.19
CA THR D 173 17.37 -80.72 2.48
C THR D 173 17.23 -79.69 3.60
N HIS D 238 -1.43 -62.39 -6.15
CA HIS D 238 -0.20 -62.23 -5.39
C HIS D 238 0.34 -63.56 -4.90
N VAL D 261 4.71 -79.37 -5.21
CA VAL D 261 3.54 -79.06 -4.40
C VAL D 261 2.26 -79.13 -5.23
N ARG D 262 2.39 -79.58 -6.47
CA ARG D 262 1.24 -79.70 -7.37
C ARG D 262 0.29 -80.79 -6.91
N GLY D 263 0.86 -81.86 -6.35
CA GLY D 263 0.07 -82.98 -5.87
C GLY D 263 -0.64 -82.68 -4.57
N PHE D 264 -0.24 -81.59 -3.91
CA PHE D 264 -0.85 -81.20 -2.65
C PHE D 264 -1.82 -80.03 -2.84
N TYR D 265 -2.20 -79.78 -4.09
CA TYR D 265 -3.17 -78.73 -4.40
C TYR D 265 -4.56 -79.11 -3.90
N LEU D 266 -5.44 -78.12 -3.85
CA LEU D 266 -6.81 -78.36 -3.40
C LEU D 266 -7.66 -78.97 -4.51
N ASP D 267 -7.15 -78.94 -5.73
CA ASP D 267 -7.85 -79.52 -6.87
C ASP D 267 -7.15 -80.77 -7.39
N ALA D 268 -6.12 -81.20 -6.67
CA ALA D 268 -5.37 -82.38 -7.06
C ALA D 268 -5.92 -83.65 -6.39
N SER E 3 -35.27 29.74 47.35
CA SER E 3 -36.14 30.49 48.24
C SER E 3 -37.61 30.28 47.89
N GLN E 4 -38.22 29.24 48.47
CA GLN E 4 -39.65 28.93 48.29
C GLN E 4 -39.98 28.67 46.82
N THR E 5 -39.72 29.66 45.98
CA THR E 5 -39.73 29.45 44.54
C THR E 5 -38.54 28.56 44.20
N SER E 6 -38.46 28.12 42.94
CA SER E 6 -37.43 27.18 42.50
C SER E 6 -37.45 25.90 43.33
N ILE E 7 -38.65 25.54 43.81
CA ILE E 7 -38.88 24.32 44.56
C ILE E 7 -40.12 23.63 44.01
N PRO E 8 -39.93 22.67 43.09
CA PRO E 8 -41.04 21.95 42.47
C PRO E 8 -41.78 21.09 43.50
N GLU E 9 -43.07 20.87 43.28
CA GLU E 9 -43.87 20.06 44.19
C GLU E 9 -44.90 19.23 43.43
N VAL E 10 -45.28 18.10 44.00
CA VAL E 10 -46.32 17.25 43.42
C VAL E 10 -47.35 16.88 44.48
N LYS E 11 -48.62 17.17 44.19
CA LYS E 11 -49.69 16.85 45.13
C LYS E 11 -49.85 15.34 45.24
N GLU E 12 -50.34 14.88 46.38
CA GLU E 12 -50.60 13.46 46.57
C GLU E 12 -52.10 13.19 46.61
N ASP E 13 -52.55 12.29 45.74
CA ASP E 13 -53.94 11.87 45.71
C ASP E 13 -54.34 11.31 47.07
N VAL E 14 -53.41 10.55 47.66
CA VAL E 14 -53.55 10.08 49.03
C VAL E 14 -52.27 10.42 49.80
N ILE E 15 -52.42 11.07 50.94
CA ILE E 15 -51.26 11.49 51.74
C ILE E 15 -50.44 10.28 52.18
N GLY E 16 -49.14 10.33 51.92
CA GLY E 16 -48.26 9.23 52.23
C GLY E 16 -47.95 8.39 51.00
N TYR E 17 -48.28 8.94 49.84
CA TYR E 17 -48.07 8.24 48.57
C TYR E 17 -46.60 8.27 48.18
N ALA E 18 -45.86 9.23 48.71
CA ALA E 18 -44.45 9.40 48.37
C ALA E 18 -43.61 8.23 48.88
N LEU E 19 -43.60 8.04 50.19
CA LEU E 19 -42.75 7.02 50.81
C LEU E 19 -43.29 5.61 50.62
N HIS E 20 -44.61 5.47 50.46
CA HIS E 20 -45.22 4.16 50.33
C HIS E 20 -44.86 3.51 48.99
N GLN E 21 -44.70 4.33 47.96
CA GLN E 21 -44.32 3.85 46.64
C GLN E 21 -42.82 3.58 46.56
N ARG E 22 -42.07 4.20 47.46
CA ARG E 22 -40.62 4.01 47.49
C ARG E 22 -40.26 2.68 48.14
N ARG E 23 -41.14 2.21 49.01
CA ARG E 23 -40.93 0.95 49.74
C ARG E 23 -40.95 -0.26 48.81
N ALA E 24 -41.80 -0.21 47.79
CA ALA E 24 -41.95 -1.34 46.88
C ALA E 24 -41.05 -1.21 45.65
N ARG E 25 -40.22 -0.17 45.64
CA ARG E 25 -39.26 0.01 44.56
C ARG E 25 -37.85 -0.35 45.03
N VAL E 26 -37.74 -0.92 46.23
CA VAL E 26 -36.44 -1.22 46.80
C VAL E 26 -35.89 -2.53 46.23
N GLY E 27 -36.79 -3.48 45.97
CA GLY E 27 -36.40 -4.75 45.40
C GLY E 27 -35.71 -4.58 44.06
N GLN E 28 -36.16 -3.57 43.31
CA GLN E 28 -35.56 -3.27 42.02
C GLN E 28 -34.77 -1.96 42.05
N PHE E 29 -33.72 -1.93 42.88
CA PHE E 29 -32.82 -0.78 42.94
C PHE E 29 -31.41 -1.17 42.51
N GLN E 30 -31.15 -1.07 41.21
CA GLN E 30 -29.81 -1.33 40.69
C GLN E 30 -29.02 -0.03 40.65
N ASP E 31 -27.82 -0.11 40.08
CA ASP E 31 -26.85 1.00 40.01
C ASP E 31 -26.77 1.85 41.28
N LEU E 32 -26.46 3.13 41.10
CA LEU E 32 -26.31 4.06 42.20
C LEU E 32 -27.62 4.31 42.94
N GLY E 33 -28.74 4.15 42.24
CA GLY E 33 -30.05 4.34 42.84
C GLY E 33 -30.69 5.66 42.48
N PRO E 34 -31.92 5.88 42.97
CA PRO E 34 -32.72 7.09 42.69
C PRO E 34 -32.28 8.29 43.53
N PRO E 35 -32.65 9.51 43.10
CA PRO E 35 -32.31 10.69 43.89
C PRO E 35 -33.03 10.72 45.23
N ASP E 36 -32.55 11.56 46.14
CA ASP E 36 -33.13 11.65 47.47
C ASP E 36 -34.55 12.23 47.42
N LEU E 37 -35.52 11.46 47.89
CA LEU E 37 -36.91 11.91 47.88
C LEU E 37 -37.22 12.75 49.11
N ILE E 38 -37.76 13.93 48.87
CA ILE E 38 -38.10 14.87 49.95
C ILE E 38 -39.58 15.24 49.92
N PHE E 91 -42.96 15.59 48.02
CA PHE E 91 -42.92 14.55 47.01
C PHE E 91 -41.72 14.73 46.08
N PHE E 92 -41.27 15.97 45.94
CA PHE E 92 -40.20 16.29 45.01
C PHE E 92 -38.87 15.64 45.36
N TYR E 93 -38.03 15.45 44.34
CA TYR E 93 -36.71 14.86 44.52
C TYR E 93 -35.64 15.95 44.64
N CYS E 94 -34.52 15.61 45.28
CA CYS E 94 -33.47 16.58 45.50
C CYS E 94 -32.08 15.96 45.54
N MET E 95 -31.09 16.69 45.04
CA MET E 95 -29.71 16.22 45.04
C MET E 95 -28.77 17.28 45.62
N GLY E 96 -27.66 16.82 46.18
CA GLY E 96 -26.66 17.72 46.72
C GLY E 96 -26.86 18.04 48.19
N ILE E 97 -27.62 17.20 48.87
CA ILE E 97 -27.86 17.38 50.30
C ILE E 97 -26.74 16.74 51.11
N ASP E 98 -26.21 17.49 52.08
CA ASP E 98 -25.16 16.97 52.95
C ASP E 98 -25.73 15.96 53.93
N THR E 99 -25.61 14.68 53.59
CA THR E 99 -26.15 13.62 54.43
C THR E 99 -25.07 12.94 55.26
N SER E 100 -23.97 13.66 55.49
CA SER E 100 -22.85 13.13 56.25
C SER E 100 -23.18 13.00 57.73
N ASP E 101 -24.13 13.80 58.19
CA ASP E 101 -24.52 13.81 59.59
C ASP E 101 -26.01 14.09 59.73
N PRO E 102 -26.70 13.33 60.59
CA PRO E 102 -28.14 13.50 60.78
C PRO E 102 -28.50 14.90 61.29
N THR E 103 -27.63 15.48 62.11
CA THR E 103 -27.87 16.83 62.63
C THR E 103 -27.75 17.86 61.51
N SER E 104 -26.84 17.62 60.57
CA SER E 104 -26.68 18.52 59.43
C SER E 104 -27.85 18.41 58.48
N ILE E 105 -28.52 17.26 58.49
CA ILE E 105 -29.72 17.07 57.69
C ILE E 105 -30.89 17.82 58.30
N THR E 106 -30.98 17.80 59.63
CA THR E 106 -32.02 18.53 60.35
C THR E 106 -31.86 20.04 60.14
N ILE E 107 -30.62 20.47 59.96
CA ILE E 107 -30.34 21.87 59.65
C ILE E 107 -30.91 22.22 58.28
N PHE E 108 -30.72 21.32 57.33
CA PHE E 108 -31.26 21.50 55.99
C PHE E 108 -32.78 21.53 56.01
N ALA E 109 -33.39 20.63 56.77
CA ALA E 109 -34.84 20.59 56.88
C ALA E 109 -35.35 21.84 57.58
N LYS E 110 -34.54 22.37 58.49
CA LYS E 110 -34.88 23.60 59.21
C LYS E 110 -34.97 24.79 58.25
N LYS E 111 -34.03 24.86 57.31
CA LYS E 111 -34.00 25.94 56.33
C LYS E 111 -35.16 25.88 55.35
N ILE E 112 -35.65 24.67 55.09
CA ILE E 112 -36.76 24.47 54.16
C ILE E 112 -38.09 24.83 54.81
N THR E 113 -38.25 24.48 56.08
CA THR E 113 -39.48 24.75 56.82
C THR E 113 -39.56 26.21 57.26
N ASP E 114 -38.44 26.91 57.22
CA ASP E 114 -38.40 28.32 57.57
C ASP E 114 -38.72 29.25 56.41
N LEU E 115 -39.11 28.68 55.27
CA LEU E 115 -39.47 29.49 54.11
C LEU E 115 -40.98 29.59 53.95
N PHE E 116 -41.70 28.60 54.49
CA PHE E 116 -43.15 28.61 54.45
C PHE E 116 -43.72 29.54 55.52
N LEU E 117 -42.90 29.86 56.52
CA LEU E 117 -43.27 30.78 57.58
C LEU E 117 -43.33 32.22 57.10
N ASP E 118 -42.37 32.61 56.27
CA ASP E 118 -42.29 33.96 55.75
C ASP E 118 -42.89 34.05 54.36
N THR E 119 -43.98 34.81 54.22
CA THR E 119 -44.69 35.00 52.95
C THR E 119 -45.19 33.66 52.38
N PRO E 120 -46.52 33.45 52.43
CA PRO E 120 -47.07 32.20 51.89
C PRO E 120 -46.77 32.05 50.40
N GLN E 121 -47.42 32.84 49.55
CA GLN E 121 -47.11 32.88 48.11
C GLN E 121 -47.30 31.56 47.35
N ILE E 122 -47.43 30.44 48.06
CA ILE E 122 -47.50 29.14 47.41
C ILE E 122 -48.74 29.00 46.53
N TRP E 123 -48.65 28.10 45.55
CA TRP E 123 -49.74 27.84 44.61
C TRP E 123 -50.25 29.09 43.91
N PHE E 124 -51.51 29.04 43.50
CA PHE E 124 -52.11 30.10 42.69
C PHE E 124 -52.80 31.16 43.54
N GLY E 125 -53.11 30.82 44.80
CA GLY E 125 -53.81 31.73 45.67
C GLY E 125 -53.35 31.76 47.11
N LYS E 126 -52.22 32.44 47.34
CA LYS E 126 -51.67 32.65 48.68
C LYS E 126 -51.55 31.37 49.52
N LYS E 127 -52.29 31.30 50.61
CA LYS E 127 -52.19 30.19 51.55
C LYS E 127 -52.91 28.94 51.05
N HIS E 129 -49.46 26.14 55.63
CA HIS E 129 -49.21 25.88 57.05
C HIS E 129 -49.44 24.41 57.40
N PHE E 130 -49.93 23.64 56.43
CA PHE E 130 -50.11 22.20 56.62
C PHE E 130 -48.83 21.47 56.24
N HIS E 131 -47.77 21.74 56.99
CA HIS E 131 -46.45 21.21 56.69
C HIS E 131 -45.78 20.56 57.90
N VAL E 132 -46.55 20.36 58.98
CA VAL E 132 -46.04 19.69 60.16
C VAL E 132 -46.01 18.19 59.88
N SER E 133 -45.22 17.45 60.66
CA SER E 133 -45.02 16.01 60.45
C SER E 133 -44.47 15.76 59.05
N LYS E 134 -43.66 16.70 58.57
CA LYS E 134 -43.08 16.67 57.24
C LYS E 134 -41.61 17.08 57.40
N ILE E 135 -40.74 16.84 56.41
CA ILE E 135 -41.10 16.37 55.07
C ILE E 135 -40.47 15.01 54.77
N SER E 136 -39.53 14.61 55.62
CA SER E 136 -38.92 13.27 55.58
C SER E 136 -38.08 13.04 54.33
N ILE E 137 -36.77 13.21 54.46
CA ILE E 137 -35.83 12.92 53.39
C ILE E 137 -35.45 11.45 53.43
N SER E 138 -35.08 10.88 52.29
CA SER E 138 -34.74 9.46 52.21
C SER E 138 -33.60 9.19 51.23
N SER E 139 -32.37 9.22 51.74
CA SER E 139 -31.19 8.94 50.93
C SER E 139 -30.94 7.44 50.81
N TRP E 140 -30.31 7.03 49.70
CA TRP E 140 -30.05 5.62 49.42
C TRP E 140 -28.59 5.36 49.14
N ASN E 141 -28.06 4.24 49.62
CA ASN E 141 -26.69 3.85 49.32
C ASN E 141 -26.64 2.49 48.62
N ALA E 142 -25.74 2.37 47.64
CA ALA E 142 -25.66 1.16 46.82
C ALA E 142 -24.62 0.18 47.35
N PHE E 143 -23.77 0.64 48.27
CA PHE E 143 -22.78 -0.23 48.90
C PHE E 143 -23.48 -1.36 49.64
N ARG E 144 -24.41 -0.99 50.50
CA ARG E 144 -25.30 -1.93 51.13
C ARG E 144 -26.72 -1.50 50.82
N LYS E 145 -27.43 -2.31 50.05
CA LYS E 145 -28.74 -1.92 49.52
C LYS E 145 -29.79 -1.75 50.60
N TYR E 146 -29.81 -0.58 51.23
CA TYR E 146 -30.85 -0.22 52.19
C TYR E 146 -31.14 1.27 52.09
N ASP E 147 -32.37 1.65 52.42
CA ASP E 147 -32.79 3.05 52.28
C ASP E 147 -32.88 3.73 53.64
N VAL E 148 -32.18 4.85 53.77
CA VAL E 148 -32.16 5.61 55.02
C VAL E 148 -33.25 6.68 55.03
N ASN E 149 -34.29 6.45 55.81
CA ASN E 149 -35.38 7.41 55.94
C ASN E 149 -35.30 8.15 57.28
N ILE E 150 -35.46 9.46 57.24
CA ILE E 150 -35.46 10.27 58.46
C ILE E 150 -36.66 11.23 58.47
N ILE E 151 -37.50 11.08 59.48
CA ILE E 151 -38.72 11.89 59.58
C ILE E 151 -38.63 12.91 60.70
N VAL E 152 -38.96 14.16 60.40
CA VAL E 152 -38.92 15.23 61.40
C VAL E 152 -40.33 15.71 61.71
N HIS E 153 -40.89 15.25 62.82
CA HIS E 153 -42.24 15.64 63.21
C HIS E 153 -42.24 16.98 63.95
N VAL E 158 -37.27 13.03 66.30
CA VAL E 158 -36.90 12.78 64.91
C VAL E 158 -36.75 11.28 64.64
N GLN E 159 -37.73 10.71 63.93
CA GLN E 159 -37.72 9.29 63.60
C GLN E 159 -36.74 8.97 62.47
N THR E 160 -35.85 8.02 62.72
CA THR E 160 -34.89 7.56 61.72
C THR E 160 -34.90 6.04 61.63
N TYR E 161 -35.23 5.51 60.46
CA TYR E 161 -35.30 4.07 60.28
C TYR E 161 -34.67 3.62 58.95
N ILE E 162 -34.57 2.31 58.76
CA ILE E 162 -33.93 1.74 57.59
C ILE E 162 -34.84 0.78 56.84
N ILE E 163 -34.89 0.92 55.52
CA ILE E 163 -35.65 0.01 54.69
C ILE E 163 -34.73 -0.87 53.86
N ASN E 164 -34.62 -2.14 54.23
CA ASN E 164 -33.72 -3.07 53.55
C ASN E 164 -34.22 -3.45 52.16
N SER E 165 -33.41 -4.21 51.43
CA SER E 165 -33.75 -4.63 50.08
C SER E 165 -34.95 -5.57 50.07
N ASP E 166 -35.15 -6.29 51.18
CA ASP E 166 -36.28 -7.21 51.29
C ASP E 166 -37.60 -6.46 51.41
N GLY E 167 -37.54 -5.25 51.95
CA GLY E 167 -38.74 -4.42 52.10
C GLY E 167 -39.12 -4.18 53.54
N GLU E 168 -38.60 -5.03 54.44
CA GLU E 168 -38.88 -4.92 55.86
C GLU E 168 -38.24 -3.67 56.46
N GLN E 169 -38.87 -3.12 57.49
CA GLN E 169 -38.39 -1.89 58.11
C GLN E 169 -37.46 -2.17 59.29
N SER E 170 -36.37 -1.43 59.35
CA SER E 170 -35.43 -1.52 60.47
C SER E 170 -35.53 -0.29 61.36
N GLN E 171 -34.41 0.09 61.97
CA GLN E 171 -34.37 1.26 62.85
C GLN E 171 -32.95 1.79 63.04
N LEU E 172 -32.81 3.11 62.95
CA LEU E 172 -31.52 3.77 63.19
C LEU E 172 -31.36 4.14 64.65
N PRO E 173 -30.32 3.60 65.30
CA PRO E 173 -30.04 3.88 66.71
C PRO E 173 -29.48 5.30 66.90
N SER E 174 -29.84 5.94 68.01
CA SER E 174 -29.37 7.28 68.31
C SER E 174 -27.91 7.26 68.74
N VAL E 175 -27.27 8.43 68.72
CA VAL E 175 -25.87 8.54 69.11
C VAL E 175 -25.70 8.49 70.63
N LEU E 187 -19.34 1.77 66.13
CA LEU E 187 -19.38 2.93 65.25
C LEU E 187 -20.06 2.60 63.94
N ASN E 188 -20.93 1.59 63.98
CA ASN E 188 -21.70 1.20 62.81
C ASN E 188 -22.69 2.28 62.42
N VAL E 189 -23.05 3.12 63.39
CA VAL E 189 -23.96 4.23 63.14
C VAL E 189 -23.26 5.26 62.25
N ASN E 190 -22.01 5.54 62.55
CA ASN E 190 -21.21 6.47 61.77
C ASN E 190 -20.94 5.93 60.37
N MET E 191 -20.80 4.61 60.28
CA MET E 191 -20.53 3.95 59.00
C MET E 191 -21.73 4.03 58.08
N ILE E 192 -22.93 4.03 58.66
CA ILE E 192 -24.16 4.15 57.89
C ILE E 192 -24.27 5.51 57.25
N TRP E 193 -24.06 6.56 58.05
CA TRP E 193 -24.10 7.92 57.54
C TRP E 193 -22.91 8.20 56.62
N ALA E 194 -21.84 7.44 56.79
CA ALA E 194 -20.65 7.58 55.96
C ALA E 194 -20.92 7.08 54.55
N GLU E 195 -21.42 5.85 54.44
CA GLU E 195 -21.66 5.23 53.14
C GLU E 195 -22.76 5.95 52.36
N THR E 196 -23.82 6.35 53.06
CA THR E 196 -24.94 7.03 52.41
C THR E 196 -24.56 8.43 51.94
N PHE E 197 -23.61 9.04 52.62
CA PHE E 197 -23.10 10.34 52.21
C PHE E 197 -22.26 10.18 50.95
N MET E 198 -21.35 9.21 50.97
CA MET E 198 -20.48 8.95 49.83
C MET E 198 -21.27 8.55 48.60
N SER E 199 -22.24 7.66 48.77
CA SER E 199 -23.08 7.24 47.66
C SER E 199 -23.91 8.40 47.12
N GLY E 200 -24.32 9.30 48.01
CA GLY E 200 -25.07 10.46 47.61
C GLY E 200 -24.25 11.41 46.74
N ILE E 201 -23.02 11.68 47.17
CA ILE E 201 -22.12 12.54 46.43
C ILE E 201 -21.79 11.96 45.06
N VAL E 202 -21.61 10.64 45.02
CA VAL E 202 -21.36 9.94 43.76
C VAL E 202 -22.50 10.17 42.77
N ARG E 203 -23.73 10.08 43.27
CA ARG E 203 -24.91 10.33 42.45
C ARG E 203 -24.94 11.77 41.95
N ASP E 204 -24.55 12.70 42.82
CA ASP E 204 -24.56 14.12 42.50
C ASP E 204 -23.55 14.49 41.43
N ILE E 205 -22.44 13.75 41.37
CA ILE E 205 -21.38 14.04 40.43
C ILE E 205 -21.55 13.28 39.12
N MET E 206 -21.82 11.99 39.23
CA MET E 206 -21.92 11.13 38.06
C MET E 206 -23.13 11.43 37.18
N ILE E 207 -24.12 12.11 37.75
CA ILE E 207 -25.31 12.49 36.99
C ILE E 207 -24.97 13.61 36.00
N MET E 208 -23.88 14.32 36.27
CA MET E 208 -23.45 15.42 35.42
C MET E 208 -22.30 15.01 34.51
N LYS E 209 -21.64 13.92 34.88
CA LYS E 209 -20.47 13.46 34.13
C LYS E 209 -20.87 12.43 33.08
N ASP E 210 -21.82 11.57 33.42
CA ASP E 210 -22.32 10.59 32.46
C ASP E 210 -23.19 11.25 31.40
N ASN E 211 -23.73 12.42 31.72
CA ASN E 211 -24.58 13.15 30.80
C ASN E 211 -23.85 14.34 30.17
N ARG E 212 -22.53 14.36 30.32
CA ARG E 212 -21.71 15.45 29.81
C ARG E 212 -21.78 15.52 28.28
N ALA E 213 -21.97 14.37 27.65
CA ALA E 213 -22.07 14.30 26.19
C ALA E 213 -23.35 14.96 25.69
N ASP E 214 -24.41 14.86 26.48
CA ASP E 214 -25.70 15.44 26.12
C ASP E 214 -25.91 16.79 26.79
N GLY E 215 -24.81 17.39 27.24
CA GLY E 215 -24.87 18.69 27.88
C GLY E 215 -25.57 18.67 29.21
N GLU E 216 -25.38 17.58 29.96
CA GLU E 216 -25.98 17.40 31.28
C GLU E 216 -27.49 17.56 31.23
N SER E 217 -28.13 16.86 30.29
CA SER E 217 -29.57 16.90 30.13
C SER E 217 -30.28 16.33 31.35
N GLN E 218 -31.43 16.92 31.70
CA GLN E 218 -32.19 16.50 32.86
C GLN E 218 -33.56 15.93 32.47
N ASN E 219 -33.74 14.64 32.72
CA ASN E 219 -34.98 13.96 32.38
C ASN E 219 -36.08 14.17 33.42
N LEU E 220 -35.68 14.15 34.69
CA LEU E 220 -36.63 14.29 35.79
C LEU E 220 -36.90 15.76 36.09
N VAL E 221 -38.14 16.17 35.95
CA VAL E 221 -38.50 17.58 36.09
C VAL E 221 -38.68 18.00 37.55
N GLU E 222 -39.26 17.12 38.36
CA GLU E 222 -39.60 17.43 39.74
C GLU E 222 -38.40 17.40 40.69
N THR E 223 -37.19 17.41 40.14
CA THR E 223 -35.99 17.35 40.96
C THR E 223 -35.37 18.73 41.16
N LEU E 224 -34.87 18.97 42.37
CA LEU E 224 -34.14 20.19 42.69
C LEU E 224 -32.68 19.87 42.96
N ILE E 225 -31.79 20.33 42.08
CA ILE E 225 -30.38 19.99 42.16
C ILE E 225 -29.53 21.12 42.72
N PHE E 226 -28.86 20.86 43.83
CA PHE E 226 -27.97 21.84 44.44
C PHE E 226 -26.51 21.61 44.04
N ASN E 227 -25.65 22.57 44.38
CA ASN E 227 -24.21 22.39 44.21
C ASN E 227 -23.68 21.61 45.40
N PRO E 228 -23.22 20.37 45.16
CA PRO E 228 -22.76 19.49 46.23
C PRO E 228 -21.51 20.02 46.95
N PHE E 229 -20.71 20.83 46.25
CA PHE E 229 -19.48 21.34 46.83
C PHE E 229 -19.74 22.48 47.82
N THR E 230 -20.86 23.17 47.63
CA THR E 230 -21.19 24.31 48.47
C THR E 230 -22.26 23.98 49.50
N SER E 231 -22.51 22.69 49.72
CA SER E 231 -23.51 22.27 50.68
C SER E 231 -22.89 21.90 52.02
N GLY E 232 -21.65 22.34 52.23
CA GLY E 232 -20.93 22.02 53.46
C GLY E 232 -21.44 22.73 54.69
N GLU E 233 -21.66 21.95 55.75
CA GLU E 233 -22.04 22.48 57.05
C GLU E 233 -21.04 22.01 58.11
N LEU E 234 -20.19 22.92 58.56
CA LEU E 234 -19.12 22.65 59.53
C LEU E 234 -18.04 21.73 58.96
N GLU E 235 -18.31 21.14 57.80
CA GLU E 235 -17.34 20.28 57.12
C GLU E 235 -17.38 20.50 55.62
N ASP E 236 -16.21 20.80 55.04
CA ASP E 236 -16.09 20.97 53.59
C ASP E 236 -16.40 19.65 52.90
N VAL E 237 -17.39 19.64 52.02
CA VAL E 237 -17.83 18.42 51.34
C VAL E 237 -16.69 17.79 50.54
N ALA E 238 -15.89 18.63 49.89
CA ALA E 238 -14.75 18.17 49.11
C ALA E 238 -13.76 17.42 50.00
N ASN E 239 -13.41 18.03 51.13
CA ASN E 239 -12.48 17.42 52.08
C ASN E 239 -13.11 16.26 52.84
N ASN E 240 -14.42 16.33 53.03
CA ASN E 240 -15.15 15.28 53.73
C ASN E 240 -15.23 13.99 52.91
N PHE E 241 -15.32 14.15 51.59
CA PHE E 241 -15.35 13.02 50.67
C PHE E 241 -14.02 12.27 50.68
N ILE E 242 -12.95 13.03 50.84
CA ILE E 242 -11.60 12.46 50.83
C ILE E 242 -11.28 11.70 52.11
N LYS E 243 -11.58 12.31 53.25
CA LYS E 243 -11.31 11.70 54.54
C LYS E 243 -12.20 10.48 54.78
N LEU E 244 -13.31 10.42 54.07
CA LEU E 244 -14.28 9.34 54.25
C LEU E 244 -14.14 8.30 53.14
N PHE E 245 -13.22 8.54 52.22
CA PHE E 245 -13.00 7.65 51.08
C PHE E 245 -12.43 6.26 51.44
N PRO E 246 -11.37 6.20 52.27
CA PRO E 246 -10.83 4.87 52.52
C PRO E 246 -11.79 3.96 53.30
N LEU E 247 -12.69 4.56 54.08
CA LEU E 247 -13.66 3.78 54.83
C LEU E 247 -14.70 3.15 53.92
N VAL E 248 -14.90 3.77 52.76
CA VAL E 248 -15.91 3.31 51.80
C VAL E 248 -15.24 2.63 50.60
N TYR E 249 -13.90 2.66 50.59
CA TYR E 249 -13.11 2.00 49.56
C TYR E 249 -13.29 0.49 49.67
N GLU E 250 -12.84 -0.22 48.63
CA GLU E 250 -12.90 -1.69 48.55
C GLU E 250 -14.33 -2.20 48.33
N LYS E 251 -15.30 -1.30 48.44
CA LYS E 251 -16.69 -1.62 48.16
C LYS E 251 -17.20 -0.82 46.98
N GLY E 252 -16.29 -0.12 46.33
CA GLY E 252 -16.62 0.72 45.18
C GLY E 252 -16.98 -0.08 43.94
N VAL E 253 -16.59 -1.35 43.92
CA VAL E 253 -16.88 -2.22 42.78
C VAL E 253 -18.39 -2.51 42.73
N TYR E 254 -19.04 -2.46 43.88
CA TYR E 254 -20.48 -2.69 43.96
C TYR E 254 -21.26 -1.55 43.30
N LEU E 255 -20.60 -0.41 43.12
CA LEU E 255 -21.22 0.72 42.46
C LEU E 255 -21.13 0.58 40.94
N ASP E 256 -20.57 -0.55 40.51
CA ASP E 256 -20.33 -0.83 39.10
C ASP E 256 -19.41 0.22 38.48
N ALA E 257 -19.52 0.40 37.17
CA ALA E 257 -18.61 1.30 36.45
C ALA E 257 -19.37 2.03 35.34
N PRO E 258 -18.77 3.10 34.79
CA PRO E 258 -19.35 3.77 33.62
C PRO E 258 -19.61 2.82 32.46
N THR E 259 -20.46 3.22 31.52
CA THR E 259 -20.87 2.37 30.43
C THR E 259 -19.71 1.98 29.50
N HIS E 260 -18.64 2.76 29.52
CA HIS E 260 -17.50 2.49 28.65
C HIS E 260 -16.51 1.54 29.33
N VAL E 261 -16.79 1.18 30.58
CA VAL E 261 -15.97 0.22 31.31
C VAL E 261 -16.71 -1.11 31.42
N LEU E 262 -16.23 -2.11 30.69
CA LEU E 262 -16.89 -3.41 30.66
C LEU E 262 -16.49 -4.26 31.86
N ASN E 263 -15.26 -4.09 32.33
CA ASN E 263 -14.75 -4.89 33.45
C ASN E 263 -14.33 -4.02 34.63
N PRO E 264 -15.27 -3.74 35.53
CA PRO E 264 -15.05 -2.91 36.74
C PRO E 264 -14.04 -3.53 37.68
N SER E 265 -13.42 -2.70 38.52
CA SER E 265 -12.45 -3.17 39.50
C SER E 265 -12.34 -2.19 40.66
N LEU E 266 -11.30 -2.35 41.47
CA LEU E 266 -11.07 -1.46 42.60
C LEU E 266 -10.64 -0.07 42.13
N THR E 267 -10.19 0.00 40.89
CA THR E 267 -9.74 1.26 40.31
C THR E 267 -10.80 1.86 39.36
N ASN E 268 -11.36 1.03 38.50
CA ASN E 268 -12.39 1.48 37.57
C ASN E 268 -13.80 1.29 38.10
N ASN E 269 -14.32 2.32 38.75
CA ASN E 269 -15.68 2.30 39.26
C ASN E 269 -16.19 3.71 39.53
N TYR E 270 -17.50 3.84 39.74
CA TYR E 270 -18.12 5.15 39.95
C TYR E 270 -17.57 5.87 41.16
N LEU E 271 -17.12 5.12 42.17
CA LEU E 271 -16.58 5.72 43.38
C LEU E 271 -15.28 6.46 43.09
N VAL E 272 -14.38 5.82 42.35
CA VAL E 272 -13.10 6.42 42.00
C VAL E 272 -13.30 7.53 40.97
N GLU E 273 -14.19 7.30 40.01
CA GLU E 273 -14.51 8.30 38.99
C GLU E 273 -15.02 9.59 39.63
N THR E 274 -15.76 9.43 40.72
CA THR E 274 -16.26 10.58 41.47
C THR E 274 -15.12 11.27 42.22
N LEU E 275 -14.23 10.47 42.80
CA LEU E 275 -13.10 10.99 43.56
C LEU E 275 -12.20 11.85 42.69
N VAL E 276 -11.78 11.30 41.55
CA VAL E 276 -10.86 12.01 40.66
C VAL E 276 -11.52 13.25 40.08
N GLU E 277 -12.85 13.25 40.02
CA GLU E 277 -13.59 14.41 39.52
C GLU E 277 -13.68 15.51 40.57
N ILE E 278 -13.88 15.11 41.83
CA ILE E 278 -13.93 16.06 42.93
C ILE E 278 -12.58 16.73 43.16
N VAL E 279 -11.53 15.91 43.16
CA VAL E 279 -10.17 16.41 43.37
C VAL E 279 -9.79 17.39 42.25
N ARG E 280 -10.20 17.08 41.03
CA ARG E 280 -9.89 17.93 39.88
C ARG E 280 -10.54 19.31 40.00
N LEU E 281 -11.81 19.32 40.39
CA LEU E 281 -12.57 20.56 40.45
C LEU E 281 -12.17 21.45 41.63
N THR E 282 -11.88 20.82 42.77
CA THR E 282 -11.57 21.56 43.99
C THR E 282 -10.06 21.77 44.17
N LYS E 283 -9.28 21.11 43.32
CA LYS E 283 -7.81 21.22 43.36
C LYS E 283 -7.25 20.88 44.73
N SER E 284 -7.88 19.94 45.42
CA SER E 284 -7.41 19.50 46.73
C SER E 284 -6.38 18.39 46.59
N LEU E 285 -5.19 18.77 46.14
CA LEU E 285 -4.11 17.81 45.88
C LEU E 285 -3.53 17.24 47.18
N GLU E 286 -3.07 18.13 48.06
CA GLU E 286 -2.38 17.72 49.27
C GLU E 286 -3.29 16.93 50.22
N ALA E 287 -4.59 17.11 50.07
CA ALA E 287 -5.56 16.41 50.91
C ALA E 287 -5.78 14.98 50.41
N CYS E 288 -5.89 14.84 49.10
CA CYS E 288 -6.10 13.54 48.48
C CYS E 288 -4.81 12.73 48.43
N ARG E 289 -3.70 13.42 48.19
CA ARG E 289 -2.39 12.77 48.12
C ARG E 289 -2.00 12.16 49.46
N LYS E 290 -2.30 12.89 50.55
CA LYS E 290 -2.02 12.40 51.89
C LYS E 290 -2.87 11.18 52.23
N MET E 291 -4.10 11.19 51.76
CA MET E 291 -5.04 10.09 52.02
C MET E 291 -4.67 8.83 51.24
N LEU E 292 -4.34 9.01 49.97
CA LEU E 292 -4.04 7.88 49.09
C LEU E 292 -2.72 7.18 49.45
N LYS E 293 -1.72 7.95 49.87
CA LYS E 293 -0.42 7.38 50.21
C LYS E 293 -0.51 6.40 51.38
N LYS E 294 -1.42 6.66 52.31
CA LYS E 294 -1.64 5.75 53.43
C LYS E 294 -2.49 4.56 53.01
N LEU E 295 -3.26 4.74 51.95
CA LEU E 295 -4.13 3.69 51.44
C LEU E 295 -3.29 2.66 50.66
N ILE E 296 -2.21 3.14 50.07
CA ILE E 296 -1.30 2.28 49.32
C ILE E 296 -0.63 1.27 50.24
N GLU E 297 -0.38 1.68 51.48
CA GLU E 297 0.29 0.86 52.48
C GLU E 297 -0.42 -0.48 52.73
N ILE E 298 -1.74 -0.49 52.61
CA ILE E 298 -2.50 -1.72 52.81
C ILE E 298 -3.12 -2.15 51.47
N HIS E 299 -3.19 -1.21 50.53
CA HIS E 299 -3.74 -1.49 49.20
C HIS E 299 -2.84 -0.92 48.11
N PRO E 300 -1.75 -1.64 47.80
CA PRO E 300 -0.71 -1.19 46.87
C PRO E 300 -1.24 -0.86 45.48
N GLU E 301 -2.41 -1.40 45.13
CA GLU E 301 -2.97 -1.18 43.80
C GLU E 301 -3.65 0.17 43.70
N ALA E 302 -3.76 0.88 44.82
CA ALA E 302 -4.42 2.18 44.83
C ALA E 302 -3.51 3.28 44.32
N VAL E 303 -2.30 2.90 43.90
CA VAL E 303 -1.35 3.85 43.33
C VAL E 303 -1.85 4.35 41.97
N ILE E 304 -2.67 3.54 41.32
CA ILE E 304 -3.25 3.90 40.03
C ILE E 304 -4.16 5.12 40.18
N ILE E 305 -4.87 5.19 41.30
CA ILE E 305 -5.72 6.33 41.60
C ILE E 305 -4.90 7.59 41.78
N LEU E 306 -3.78 7.45 42.51
CA LEU E 306 -2.88 8.56 42.77
C LEU E 306 -2.28 9.12 41.49
N ILE E 307 -2.03 8.25 40.52
CA ILE E 307 -1.50 8.67 39.24
C ILE E 307 -2.50 9.55 38.49
N ARG E 308 -3.77 9.13 38.50
CA ARG E 308 -4.82 9.88 37.84
C ARG E 308 -5.03 11.23 38.51
N VAL E 309 -4.81 11.28 39.83
CA VAL E 309 -4.93 12.52 40.58
C VAL E 309 -3.82 13.49 40.18
N TYR E 310 -2.61 12.97 40.01
CA TYR E 310 -1.47 13.80 39.60
C TYR E 310 -1.69 14.43 38.23
N PHE E 311 -2.25 13.66 37.31
CA PHE E 311 -2.58 14.16 35.97
C PHE E 311 -3.63 15.27 36.04
N ALA E 312 -4.59 15.10 36.94
CA ALA E 312 -5.68 16.07 37.10
C ALA E 312 -5.21 17.33 37.81
N CYS E 313 -4.27 17.18 38.73
CA CYS E 313 -3.78 18.31 39.51
C CYS E 313 -2.47 18.87 38.99
N ASP E 314 -2.27 18.80 37.67
CA ASP E 314 -1.11 19.38 37.01
C ASP E 314 0.21 18.86 37.57
N LEU E 315 0.43 17.55 37.43
CA LEU E 315 1.68 16.93 37.86
C LEU E 315 2.11 15.87 36.84
N GLU E 316 2.38 16.32 35.62
CA GLU E 316 2.78 15.44 34.52
C GLU E 316 4.10 14.72 34.83
N ASP E 318 5.84 13.70 37.38
CA ASP E 318 5.63 12.96 38.63
C ASP E 318 4.67 11.80 38.45
N ALA E 319 3.74 11.95 37.51
CA ALA E 319 2.75 10.91 37.23
C ALA E 319 3.38 9.79 36.39
N VAL E 320 4.10 10.17 35.35
CA VAL E 320 4.77 9.20 34.48
C VAL E 320 5.87 8.48 35.25
N ASP E 321 6.57 9.21 36.12
CA ASP E 321 7.57 8.62 37.00
C ASP E 321 6.93 7.55 37.88
N LEU E 322 5.68 7.78 38.27
CA LEU E 322 4.97 6.83 39.11
C LEU E 322 4.48 5.65 38.29
N ILE E 323 4.07 5.92 37.05
CA ILE E 323 3.66 4.87 36.13
C ILE E 323 4.84 3.95 35.80
N ASN E 324 5.97 4.56 35.46
CA ASN E 324 7.18 3.81 35.15
C ASN E 324 7.66 2.98 36.33
N GLU E 325 7.37 3.47 37.54
CA GLU E 325 7.72 2.76 38.76
C GLU E 325 6.93 1.46 38.88
N GLN E 326 5.69 1.48 38.39
CA GLN E 326 4.81 0.32 38.52
C GLN E 326 5.03 -0.70 37.40
N LEU E 327 5.50 -0.23 36.25
CA LEU E 327 5.62 -1.08 35.07
C LEU E 327 7.05 -1.56 34.81
N ASN E 328 7.99 -1.15 35.66
CA ASN E 328 9.39 -1.51 35.42
C ASN E 328 10.10 -1.97 36.69
N SER E 329 9.97 -1.20 37.77
CA SER E 329 10.64 -1.53 39.02
C SER E 329 10.09 -2.81 39.64
N PRO E 330 10.99 -3.74 40.02
CA PRO E 330 10.63 -5.04 40.59
C PRO E 330 9.89 -4.93 41.92
N SER E 331 9.96 -3.77 42.55
CA SER E 331 9.31 -3.57 43.84
C SER E 331 7.87 -3.12 43.67
N SER E 332 7.38 -3.13 42.43
CA SER E 332 6.00 -2.74 42.16
C SER E 332 5.03 -3.82 42.62
N PHE E 333 3.76 -3.46 42.76
CA PHE E 333 2.75 -4.40 43.23
C PHE E 333 2.38 -5.39 42.13
N LEU E 334 2.67 -5.03 40.89
CA LEU E 334 2.39 -5.90 39.74
C LEU E 334 3.30 -7.12 39.74
N ALA E 335 4.51 -6.96 40.27
CA ALA E 335 5.46 -8.06 40.38
C ALA E 335 5.43 -8.64 41.79
N ASP E 336 4.55 -9.62 42.00
CA ASP E 336 4.42 -10.24 43.31
C ASP E 336 4.55 -11.76 43.22
N THR E 340 -2.40 -13.13 41.96
CA THR E 340 -3.08 -13.88 40.91
C THR E 340 -2.55 -13.50 39.52
N SER E 341 -3.30 -13.85 38.49
CA SER E 341 -2.88 -13.58 37.12
C SER E 341 -3.94 -12.81 36.34
N HIS E 342 -5.13 -12.66 36.91
CA HIS E 342 -6.21 -11.93 36.25
C HIS E 342 -6.54 -10.63 36.97
N ILE E 343 -6.49 -10.65 38.30
CA ILE E 343 -6.75 -9.45 39.09
C ILE E 343 -5.59 -8.47 38.93
N GLN E 344 -4.40 -9.02 38.72
CA GLN E 344 -3.21 -8.20 38.54
C GLN E 344 -3.07 -7.72 37.11
N LEU E 345 -3.62 -8.50 36.18
CA LEU E 345 -3.52 -8.19 34.76
C LEU E 345 -4.38 -7.00 34.37
N ILE E 346 -5.53 -6.86 35.02
CA ILE E 346 -6.44 -5.76 34.71
C ILE E 346 -5.91 -4.45 35.27
N PHE E 347 -5.09 -4.54 36.30
CA PHE E 347 -4.46 -3.34 36.86
C PHE E 347 -3.34 -2.87 35.94
N LYS E 348 -2.62 -3.83 35.36
CA LYS E 348 -1.54 -3.52 34.43
C LYS E 348 -2.09 -2.88 33.16
N SER E 349 -3.24 -3.39 32.69
CA SER E 349 -3.86 -2.89 31.48
C SER E 349 -4.32 -1.44 31.67
N GLU E 350 -4.86 -1.14 32.84
CA GLU E 350 -5.28 0.21 33.17
C GLU E 350 -4.10 1.17 33.16
N LEU E 351 -2.97 0.71 33.70
CA LEU E 351 -1.74 1.50 33.69
C LEU E 351 -1.28 1.76 32.27
N LEU E 352 -1.35 0.74 31.43
CA LEU E 352 -0.97 0.87 30.03
C LEU E 352 -1.97 1.76 29.29
N SER E 353 -3.24 1.65 29.65
CA SER E 353 -4.28 2.47 29.02
C SER E 353 -4.10 3.95 29.36
N ILE E 354 -3.84 4.24 30.63
CA ILE E 354 -3.60 5.60 31.08
C ILE E 354 -2.37 6.18 30.40
N GLN E 355 -1.30 5.39 30.36
CA GLN E 355 -0.05 5.81 29.74
C GLN E 355 -0.24 6.09 28.25
N SER E 356 -0.95 5.20 27.57
CA SER E 356 -1.18 5.33 26.14
C SER E 356 -2.10 6.51 25.81
N GLU E 357 -3.13 6.69 26.63
CA GLU E 357 -4.07 7.79 26.44
C GLU E 357 -3.40 9.13 26.71
N PHE E 358 -2.55 9.16 27.74
CA PHE E 358 -1.78 10.36 28.06
C PHE E 358 -0.88 10.75 26.89
N LEU E 359 -0.25 9.76 26.28
CA LEU E 359 0.62 10.00 25.13
C LEU E 359 -0.16 10.53 23.94
N LEU E 360 -1.45 10.19 23.87
CA LEU E 360 -2.26 10.55 22.71
C LEU E 360 -2.94 11.91 22.85
N ASP E 361 -3.70 12.10 23.93
CA ASP E 361 -4.45 13.34 24.14
C ASP E 361 -3.54 14.56 24.17
N VAL E 362 -2.42 14.45 24.88
CA VAL E 362 -1.41 15.49 24.90
C VAL E 362 -0.08 14.90 24.43
N LYS E 363 0.91 15.75 24.22
CA LYS E 363 2.27 15.33 23.87
C LYS E 363 2.36 14.69 22.48
N ARG E 364 1.28 14.78 21.70
CA ARG E 364 1.18 14.21 20.34
C ARG E 364 1.72 12.78 20.29
N ASP E 365 2.94 12.62 19.78
CA ASP E 365 3.71 11.37 19.84
C ASP E 365 2.89 10.10 19.62
N TYR E 366 2.30 9.99 18.43
CA TYR E 366 1.43 8.86 18.11
C TYR E 366 2.22 7.56 18.01
N LYS E 367 3.50 7.68 17.68
CA LYS E 367 4.36 6.50 17.52
C LYS E 367 4.50 5.70 18.81
N LEU E 368 4.89 6.37 19.89
CA LEU E 368 5.06 5.71 21.18
C LEU E 368 3.72 5.34 21.78
N ALA E 369 2.68 6.08 21.45
CA ALA E 369 1.35 5.81 21.95
C ALA E 369 0.81 4.50 21.40
N LYS E 370 1.23 4.13 20.19
CA LYS E 370 0.78 2.91 19.55
C LYS E 370 1.34 1.67 20.24
N GLU E 371 2.62 1.72 20.57
CA GLU E 371 3.31 0.60 21.19
C GLU E 371 2.74 0.27 22.57
N VAL E 372 2.25 1.29 23.25
CA VAL E 372 1.66 1.10 24.57
C VAL E 372 0.20 0.65 24.44
N ALA E 373 -0.47 1.17 23.41
CA ALA E 373 -1.87 0.82 23.15
C ALA E 373 -2.04 -0.66 22.84
N MET E 374 -1.09 -1.21 22.08
CA MET E 374 -1.14 -2.62 21.72
C MET E 374 -0.85 -3.51 22.92
N GLU E 375 0.02 -3.04 23.81
CA GLU E 375 0.32 -3.76 25.03
C GLU E 375 -0.88 -3.75 25.97
N ALA E 376 -1.65 -2.66 25.91
CA ALA E 376 -2.87 -2.55 26.69
C ALA E 376 -3.92 -3.55 26.21
N VAL E 377 -3.93 -3.79 24.90
CA VAL E 377 -4.85 -4.74 24.31
C VAL E 377 -4.50 -6.18 24.69
N ASN E 378 -3.21 -6.50 24.64
CA ASN E 378 -2.74 -7.84 24.98
C ASN E 378 -2.97 -8.18 26.45
N CYS E 379 -3.18 -7.16 27.27
CA CYS E 379 -3.46 -7.36 28.70
C CYS E 379 -4.97 -7.47 28.94
N ALA E 380 -5.75 -6.74 28.16
CA ALA E 380 -7.20 -6.77 28.28
C ALA E 380 -7.88 -6.61 26.93
N PRO E 381 -7.95 -7.70 26.15
CA PRO E 381 -8.54 -7.68 24.81
C PRO E 381 -10.07 -7.64 24.83
N ASN E 382 -10.65 -7.85 26.00
CA ASN E 382 -12.10 -7.82 26.14
C ASN E 382 -12.60 -6.46 26.60
N GLU E 383 -11.66 -5.56 26.89
CA GLU E 383 -12.00 -4.21 27.32
C GLU E 383 -12.23 -3.28 26.14
N PHE E 384 -13.14 -2.33 26.31
CA PHE E 384 -13.47 -1.38 25.25
C PHE E 384 -12.41 -0.30 25.09
N LYS E 385 -11.97 0.26 26.20
CA LYS E 385 -11.04 1.40 26.18
C LYS E 385 -9.72 1.07 25.49
N THR E 386 -9.25 -0.16 25.64
CA THR E 386 -8.00 -0.59 25.03
C THR E 386 -8.07 -0.54 23.51
N TRP E 387 -9.12 -1.14 22.95
CA TRP E 387 -9.32 -1.13 21.51
C TRP E 387 -9.73 0.24 21.00
N TYR E 388 -10.42 1.01 21.86
CA TYR E 388 -10.83 2.36 21.50
C TYR E 388 -9.63 3.26 21.33
N LEU E 389 -8.64 3.10 22.20
CA LEU E 389 -7.40 3.87 22.11
C LEU E 389 -6.62 3.53 20.85
N LEU E 390 -6.39 2.23 20.64
CA LEU E 390 -5.62 1.76 19.50
C LEU E 390 -6.22 2.23 18.18
N THR E 391 -7.55 2.26 18.11
CA THR E 391 -8.24 2.72 16.92
C THR E 391 -7.96 4.21 16.68
N ARG E 392 -7.96 4.98 17.76
CA ARG E 392 -7.66 6.40 17.68
C ARG E 392 -6.23 6.64 17.20
N ILE E 393 -5.32 5.78 17.62
CA ILE E 393 -3.92 5.90 17.22
C ILE E 393 -3.77 5.67 15.72
N TYR E 394 -4.42 4.64 15.21
CA TYR E 394 -4.38 4.30 13.79
C TYR E 394 -4.90 5.44 12.92
N ILE E 395 -5.98 6.07 13.37
CA ILE E 395 -6.55 7.21 12.66
C ILE E 395 -5.56 8.37 12.64
N LYS E 396 -4.93 8.63 13.79
CA LYS E 396 -3.93 9.68 13.88
C LYS E 396 -2.67 9.32 13.10
N LEU E 397 -2.43 8.02 12.92
CA LEU E 397 -1.29 7.55 12.15
C LEU E 397 -1.63 7.38 10.67
N ASN E 398 -2.81 7.85 10.28
CA ASN E 398 -3.27 7.82 8.90
C ASN E 398 -3.35 6.40 8.32
N ASP E 399 -3.47 5.41 9.21
CA ASP E 399 -3.62 4.02 8.77
C ASP E 399 -5.07 3.59 8.91
N MET E 400 -5.86 3.87 7.89
CA MET E 400 -7.30 3.59 7.94
C MET E 400 -7.59 2.11 7.72
N SER E 401 -6.61 1.37 7.25
CA SER E 401 -6.76 -0.07 7.02
C SER E 401 -6.92 -0.81 8.35
N ASN E 402 -5.97 -0.61 9.25
CA ASN E 402 -6.01 -1.25 10.56
C ASN E 402 -6.97 -0.53 11.51
N ALA E 403 -7.31 0.71 11.17
CA ALA E 403 -8.25 1.49 11.97
C ALA E 403 -9.63 0.85 11.94
N LEU E 404 -10.02 0.34 10.78
CA LEU E 404 -11.30 -0.36 10.62
C LEU E 404 -11.24 -1.74 11.27
N LEU E 405 -10.07 -2.36 11.23
CA LEU E 405 -9.88 -3.67 11.83
C LEU E 405 -9.95 -3.58 13.35
N SER E 406 -9.30 -2.57 13.92
CA SER E 406 -9.29 -2.38 15.37
C SER E 406 -10.65 -1.91 15.85
N LEU E 407 -11.36 -1.17 15.01
CA LEU E 407 -12.69 -0.69 15.36
C LEU E 407 -13.69 -1.85 15.34
N ASN E 408 -13.44 -2.81 14.45
CA ASN E 408 -14.32 -3.97 14.32
C ASN E 408 -14.12 -4.95 15.48
N ALA E 409 -12.88 -5.10 15.93
CA ALA E 409 -12.56 -6.00 17.02
C ALA E 409 -12.83 -5.33 18.37
N CYS E 410 -13.32 -4.10 18.31
CA CYS E 410 -13.62 -3.33 19.51
C CYS E 410 -14.93 -3.79 20.14
N PRO E 411 -14.85 -4.29 21.38
CA PRO E 411 -16.02 -4.81 22.10
C PRO E 411 -17.00 -3.71 22.51
N MET E 412 -18.30 -4.01 22.44
CA MET E 412 -19.34 -3.04 22.77
C MET E 412 -20.00 -3.35 24.09
N SER E 413 -20.69 -2.37 24.66
CA SER E 413 -21.40 -2.55 25.91
C SER E 413 -22.84 -3.00 25.67
N VAL E 415 -25.51 -3.92 27.35
CA VAL E 415 -26.42 -4.14 28.47
C VAL E 415 -26.46 -2.92 29.40
N LYS E 416 -25.29 -2.52 29.88
CA LYS E 416 -25.17 -1.41 30.82
C LYS E 416 -25.60 -0.10 30.18
N GLU E 417 -26.18 0.79 30.97
CA GLU E 417 -26.63 2.09 30.49
C GLU E 417 -26.06 3.23 31.32
N LYS E 418 -26.15 4.45 30.79
CA LYS E 418 -25.68 5.64 31.50
C LYS E 418 -26.62 5.96 32.66
N TYR E 419 -26.06 6.53 33.72
CA TYR E 419 -26.84 6.83 34.92
C TYR E 419 -27.76 8.02 34.74
N VAL E 420 -29.05 7.80 34.95
CA VAL E 420 -30.05 8.86 34.89
C VAL E 420 -30.96 8.81 36.10
N LEU E 421 -31.69 9.89 36.33
CA LEU E 421 -32.62 9.96 37.45
C LEU E 421 -33.95 9.30 37.07
N ARG E 422 -34.34 8.30 37.85
CA ARG E 422 -35.60 7.58 37.60
C ARG E 422 -36.63 7.89 38.68
N ARG E 423 -37.89 7.97 38.25
CA ARG E 423 -38.98 8.37 39.13
C ARG E 423 -39.43 7.21 40.02
N ILE E 424 -39.86 7.54 41.24
CA ILE E 424 -40.33 6.53 42.18
C ILE E 424 -41.69 5.98 41.76
N ALA E 425 -42.67 6.86 41.59
CA ALA E 425 -43.99 6.46 41.15
C ALA E 425 -44.38 7.23 39.89
N PRO E 426 -44.62 6.49 38.78
CA PRO E 426 -44.98 7.08 37.49
C PRO E 426 -46.27 7.90 37.55
N ILE E 427 -46.27 9.07 36.91
CA ILE E 427 -47.45 9.92 36.86
C ILE E 427 -47.76 10.34 35.42
N GLU E 431 -51.29 16.16 34.71
CA GLU E 431 -50.64 17.31 35.33
C GLU E 431 -51.12 17.52 36.76
N ASN E 432 -50.32 17.03 37.71
CA ASN E 432 -50.63 17.16 39.13
C ASN E 432 -49.48 17.88 39.84
N LEU E 433 -48.44 18.21 39.08
CA LEU E 433 -47.25 18.86 39.62
C LEU E 433 -47.35 20.38 39.57
N HIS E 434 -46.68 21.02 40.52
CA HIS E 434 -46.63 22.48 40.59
C HIS E 434 -45.25 22.97 40.19
N LEU E 435 -45.18 23.84 39.20
CA LEU E 435 -43.89 24.33 38.69
C LEU E 435 -43.77 25.84 38.87
N PRO E 436 -43.24 26.27 40.02
CA PRO E 436 -43.03 27.69 40.39
C PRO E 436 -41.84 28.36 39.70
N LEU E 437 -42.11 29.37 38.88
CA LEU E 437 -41.06 30.12 38.21
C LEU E 437 -40.37 31.06 39.20
N PRO E 438 -39.05 30.86 39.40
CA PRO E 438 -38.25 31.64 40.35
C PRO E 438 -37.81 33.00 39.82
N LEU E 439 -37.77 33.99 40.70
CA LEU E 439 -37.31 35.35 40.38
C LEU E 439 -37.99 35.91 39.13
N ASP E 440 -39.31 35.75 39.06
CA ASP E 440 -40.10 36.22 37.93
C ASP E 440 -39.58 35.69 36.60
N ASN E 450 -34.16 35.80 31.86
CA ASN E 450 -34.55 36.85 30.91
C ASN E 450 -35.38 36.31 29.73
N PRO E 451 -34.92 35.23 29.06
CA PRO E 451 -35.80 34.71 28.01
C PRO E 451 -37.03 34.01 28.59
N MET E 452 -38.21 34.40 28.12
CA MET E 452 -39.44 33.78 28.60
C MET E 452 -40.34 33.30 27.46
N ASP E 453 -39.94 32.19 26.85
CA ASP E 453 -40.73 31.59 25.78
C ASP E 453 -41.63 30.52 26.36
N VAL E 454 -42.73 30.21 25.69
CA VAL E 454 -43.61 29.14 26.14
C VAL E 454 -43.36 27.80 25.43
N GLN E 455 -43.93 27.65 24.24
CA GLN E 455 -43.86 26.37 23.55
C GLN E 455 -42.76 26.30 22.50
N LEU E 456 -41.87 25.33 22.67
CA LEU E 456 -40.83 25.03 21.70
C LEU E 456 -41.22 23.76 20.95
N GLU E 457 -41.00 23.76 19.64
CA GLU E 457 -41.35 22.65 18.76
C GLU E 457 -42.86 22.34 18.78
N GLN E 458 -43.20 21.08 19.02
CA GLN E 458 -44.56 20.58 18.92
C GLN E 458 -45.11 20.94 17.53
N LYS E 459 -44.27 20.77 16.52
CA LYS E 459 -44.60 21.13 15.14
C LYS E 459 -44.05 20.11 14.16
N SER E 460 -44.40 20.26 12.89
CA SER E 460 -43.90 19.36 11.86
C SER E 460 -42.46 19.73 11.48
N ALA E 461 -41.68 18.71 11.13
CA ALA E 461 -40.29 18.91 10.73
C ALA E 461 -39.91 17.93 9.62
N ASP E 462 -38.81 18.20 8.94
CA ASP E 462 -38.33 17.35 7.86
C ASP E 462 -38.14 15.92 8.34
N PRO E 463 -38.96 14.99 7.81
CA PRO E 463 -38.98 13.57 8.21
C PRO E 463 -37.61 12.90 8.18
N ASN E 464 -36.76 13.30 7.25
CA ASN E 464 -35.43 12.71 7.14
C ASN E 464 -34.41 13.43 8.00
N LEU E 465 -34.83 14.54 8.63
CA LEU E 465 -33.94 15.31 9.48
C LEU E 465 -34.06 14.92 10.95
N VAL E 466 -35.28 14.61 11.37
CA VAL E 466 -35.54 14.29 12.77
C VAL E 466 -35.45 12.77 13.03
N ASN E 467 -35.60 11.98 11.97
CA ASN E 467 -35.52 10.52 12.10
C ASN E 467 -34.11 9.99 11.90
N LEU E 468 -33.12 10.86 12.08
CA LEU E 468 -31.72 10.45 11.95
C LEU E 468 -31.33 9.49 13.06
N SER E 469 -31.04 8.25 12.67
CA SER E 469 -30.72 7.19 13.62
C SER E 469 -29.36 7.43 14.27
N ALA E 470 -28.54 8.28 13.65
CA ALA E 470 -27.23 8.59 14.18
C ALA E 470 -27.35 9.38 15.48
N SER E 471 -28.49 10.03 15.67
CA SER E 471 -28.77 10.74 16.90
C SER E 471 -29.18 9.75 17.99
N SER E 472 -29.13 10.20 19.24
CA SER E 472 -29.53 9.39 20.40
C SER E 472 -28.76 8.07 20.52
N LEU E 473 -27.53 8.06 20.02
CA LEU E 473 -26.66 6.90 20.20
C LEU E 473 -26.12 6.86 21.62
N LYS E 474 -26.19 5.69 22.26
CA LYS E 474 -25.76 5.55 23.64
C LYS E 474 -24.57 4.63 23.79
N SER E 475 -23.95 4.66 24.98
CA SER E 475 -22.83 3.79 25.31
C SER E 475 -21.66 3.91 24.34
N THR E 476 -20.98 2.78 24.13
CA THR E 476 -19.80 2.74 23.28
C THR E 476 -20.13 2.95 21.81
N PHE E 477 -21.38 2.72 21.43
CA PHE E 477 -21.82 2.88 20.05
C PHE E 477 -21.70 4.33 19.59
N GLN E 478 -21.89 5.26 20.52
CA GLN E 478 -21.74 6.68 20.22
C GLN E 478 -20.26 7.03 20.01
N LEU E 479 -19.41 6.53 20.89
CA LEU E 479 -17.98 6.80 20.83
C LEU E 479 -17.37 6.17 19.57
N ALA E 480 -17.91 5.03 19.16
CA ALA E 480 -17.43 4.34 17.98
C ALA E 480 -17.80 5.09 16.70
N TYR E 481 -19.00 5.69 16.71
CA TYR E 481 -19.48 6.43 15.55
C TYR E 481 -18.66 7.70 15.32
N LYS E 482 -18.14 8.27 16.40
CA LYS E 482 -17.31 9.47 16.30
C LYS E 482 -16.02 9.17 15.55
N LEU E 483 -15.46 7.98 15.78
CA LEU E 483 -14.25 7.56 15.10
C LEU E 483 -14.53 7.22 13.65
N LEU E 484 -15.73 6.71 13.38
CA LEU E 484 -16.13 6.34 12.02
C LEU E 484 -16.26 7.58 11.15
N THR E 485 -16.84 8.64 11.71
CA THR E 485 -16.98 9.90 11.00
C THR E 485 -15.62 10.56 10.82
N GLU E 486 -14.71 10.27 11.75
CA GLU E 486 -13.35 10.79 11.68
C GLU E 486 -12.57 10.11 10.56
N ILE E 487 -12.93 8.85 10.28
CA ILE E 487 -12.29 8.09 9.21
C ILE E 487 -12.79 8.53 7.84
N VAL E 488 -14.09 8.66 7.70
CA VAL E 488 -14.71 9.05 6.43
C VAL E 488 -14.39 10.51 6.10
N GLN E 489 -13.93 11.26 7.09
CA GLN E 489 -13.55 12.65 6.90
C GLN E 489 -12.27 12.75 6.07
N ILE E 490 -11.38 11.78 6.26
CA ILE E 490 -10.11 11.76 5.55
C ILE E 490 -10.25 11.06 4.19
N THR E 491 -10.86 9.89 4.19
CA THR E 491 -10.94 9.07 2.99
C THR E 491 -12.05 9.52 2.05
N GLY E 492 -13.23 9.77 2.61
CA GLY E 492 -14.40 10.06 1.80
C GLY E 492 -15.26 8.82 1.70
N TRP E 493 -16.55 9.00 1.36
CA TRP E 493 -17.48 7.88 1.33
C TRP E 493 -17.13 6.85 0.27
N GLU E 494 -16.70 7.33 -0.90
CA GLU E 494 -16.36 6.44 -2.00
C GLU E 494 -15.09 5.64 -1.69
N GLN E 495 -14.12 6.29 -1.08
CA GLN E 495 -12.86 5.65 -0.74
C GLN E 495 -13.03 4.73 0.47
N LEU E 496 -14.00 5.05 1.32
CA LEU E 496 -14.29 4.24 2.50
C LEU E 496 -14.84 2.87 2.10
N LEU E 497 -15.68 2.86 1.06
CA LEU E 497 -16.27 1.62 0.56
C LEU E 497 -15.20 0.72 -0.04
N LYS E 498 -14.14 1.34 -0.54
CA LYS E 498 -13.01 0.59 -1.07
C LYS E 498 -12.30 -0.15 0.07
N TYR E 499 -12.15 0.51 1.20
CA TYR E 499 -11.55 -0.11 2.39
C TYR E 499 -12.45 -1.21 2.93
N ARG E 500 -13.76 -0.95 2.94
CA ARG E 500 -14.73 -1.90 3.48
C ARG E 500 -14.76 -3.20 2.69
N SER E 501 -14.85 -3.10 1.37
CA SER E 501 -14.95 -4.28 0.52
C SER E 501 -13.63 -5.04 0.43
N LYS E 502 -12.57 -4.43 0.94
CA LYS E 502 -11.24 -5.04 0.89
C LYS E 502 -10.99 -5.95 2.09
N ILE E 503 -11.53 -5.58 3.25
CA ILE E 503 -11.26 -6.31 4.49
C ILE E 503 -12.51 -6.88 5.16
N PHE E 504 -13.68 -6.60 4.58
CA PHE E 504 -14.92 -7.13 5.12
C PHE E 504 -15.70 -7.91 4.07
N VAL E 505 -16.62 -8.76 4.54
CA VAL E 505 -17.44 -9.57 3.64
C VAL E 505 -18.74 -8.83 3.28
N MET E 506 -19.25 -9.11 2.08
CA MET E 506 -20.48 -8.51 1.58
C MET E 506 -20.47 -6.99 1.67
N SER E 532 -9.47 -14.99 4.17
CA SER E 532 -8.79 -13.87 3.53
C SER E 532 -9.41 -12.54 3.95
N LYS E 533 -10.63 -12.59 4.49
CA LYS E 533 -11.35 -11.42 4.95
C LYS E 533 -11.86 -11.63 6.38
N ARG E 534 -12.48 -10.58 6.94
CA ARG E 534 -13.02 -10.67 8.29
C ARG E 534 -14.50 -10.28 8.32
N LEU E 535 -15.23 -10.85 9.27
CA LEU E 535 -16.66 -10.58 9.41
C LEU E 535 -16.91 -9.27 10.13
N CYS E 536 -17.85 -8.48 9.63
CA CYS E 536 -18.25 -7.24 10.29
C CYS E 536 -19.10 -7.56 11.52
N GLU E 537 -18.94 -6.78 12.57
CA GLU E 537 -19.60 -7.05 13.85
C GLU E 537 -21.02 -6.51 13.92
N ARG E 538 -21.69 -6.44 12.78
CA ARG E 538 -23.10 -6.02 12.70
C ARG E 538 -23.32 -4.58 13.18
N TRP E 539 -22.95 -4.28 14.42
CA TRP E 539 -23.12 -2.94 14.96
C TRP E 539 -22.31 -1.93 14.16
N LEU E 540 -21.17 -2.36 13.63
CA LEU E 540 -20.35 -1.50 12.80
C LEU E 540 -21.02 -1.26 11.46
N ASP E 541 -21.61 -2.31 10.90
CA ASP E 541 -22.30 -2.21 9.62
C ASP E 541 -23.49 -1.28 9.71
N ASN E 542 -24.18 -1.30 10.85
CA ASN E 542 -25.31 -0.41 11.07
C ASN E 542 -24.88 1.05 11.12
N LEU E 543 -23.69 1.29 11.67
CA LEU E 543 -23.15 2.64 11.75
C LEU E 543 -22.82 3.19 10.37
N PHE E 544 -22.50 2.30 9.44
CA PHE E 544 -22.26 2.70 8.06
C PHE E 544 -23.57 3.19 7.43
N MET E 545 -24.67 2.52 7.77
CA MET E 545 -25.99 2.94 7.30
C MET E 545 -26.34 4.31 7.89
N LEU E 546 -25.99 4.49 9.15
CA LEU E 546 -26.23 5.76 9.84
C LEU E 546 -25.32 6.85 9.29
N LEU E 547 -24.11 6.48 8.90
CA LEU E 547 -23.15 7.43 8.35
C LEU E 547 -23.62 7.97 7.01
N TYR E 548 -24.23 7.10 6.21
CA TYR E 548 -24.71 7.49 4.89
C TYR E 548 -25.85 8.51 5.00
N GLU E 549 -26.67 8.37 6.03
CA GLU E 549 -27.80 9.29 6.24
C GLU E 549 -27.32 10.68 6.65
N ASP E 550 -26.26 10.73 7.45
CA ASP E 550 -25.70 11.99 7.91
C ASP E 550 -24.94 12.72 6.80
N LEU E 551 -24.19 11.98 6.02
CA LEU E 551 -23.44 12.55 4.91
C LEU E 551 -24.38 13.10 3.85
N LYS E 552 -25.49 12.40 3.62
CA LYS E 552 -26.51 12.86 2.67
C LYS E 552 -27.18 14.13 3.16
N THR E 553 -27.54 14.15 4.44
CA THR E 553 -28.23 15.29 5.04
C THR E 553 -27.36 16.55 5.03
N TYR E 554 -26.09 16.38 5.41
CA TYR E 554 -25.16 17.51 5.48
C TYR E 554 -24.89 18.09 4.10
N THR E 555 -24.79 17.22 3.09
CA THR E 555 -24.50 17.67 1.73
C THR E 555 -25.72 18.34 1.11
N ASP E 556 -26.89 17.77 1.34
CA ASP E 556 -28.14 18.32 0.83
C ASP E 556 -28.47 19.65 1.50
N TRP E 557 -27.90 19.86 2.68
CA TRP E 557 -28.13 21.10 3.43
C TRP E 557 -27.21 22.21 2.91
N GLN E 558 -25.94 21.89 2.76
CA GLN E 558 -24.95 22.86 2.31
C GLN E 558 -25.15 23.25 0.85
N SER E 559 -25.60 22.29 0.04
CA SER E 559 -25.86 22.54 -1.37
C SER E 559 -27.04 23.49 -1.55
N GLU E 560 -28.06 23.32 -0.70
CA GLU E 560 -29.22 24.18 -0.72
C GLU E 560 -28.86 25.56 -0.19
N GLN E 561 -28.09 25.58 0.90
CA GLN E 561 -27.69 26.83 1.54
C GLN E 561 -26.79 27.65 0.61
N LEU E 562 -26.06 26.98 -0.27
CA LEU E 562 -25.21 27.65 -1.23
C LEU E 562 -26.03 28.38 -2.29
N TYR E 563 -27.18 27.81 -2.64
CA TYR E 563 -28.06 28.38 -3.64
C TYR E 563 -28.78 29.63 -3.13
N PHE E 564 -29.20 29.59 -1.88
CA PHE E 564 -29.93 30.70 -1.27
C PHE E 564 -29.04 31.88 -0.92
N ASP E 565 -27.73 31.65 -0.94
CA ASP E 565 -26.77 32.71 -0.66
C ASP E 565 -26.30 33.38 -1.96
N ALA E 566 -27.23 33.58 -2.88
CA ALA E 566 -26.93 34.21 -4.17
C ALA E 566 -28.02 35.20 -4.55
N HIS E 572 -36.79 31.35 7.23
CA HIS E 572 -35.80 30.55 6.53
C HIS E 572 -35.79 29.13 7.09
N LYS E 573 -35.17 28.95 8.25
CA LYS E 573 -35.16 27.66 8.95
C LYS E 573 -35.44 27.86 10.44
N LEU E 574 -36.28 27.00 11.00
CA LEU E 574 -36.62 27.07 12.41
C LEU E 574 -35.41 26.73 13.29
N THR E 575 -35.41 27.25 14.51
CA THR E 575 -34.29 27.07 15.42
C THR E 575 -34.06 25.59 15.75
N VAL E 576 -35.15 24.84 15.85
CA VAL E 576 -35.07 23.41 16.13
C VAL E 576 -34.40 22.70 14.97
N GLU E 577 -34.68 23.15 13.76
CA GLU E 577 -34.06 22.60 12.56
C GLU E 577 -32.57 22.93 12.52
N TRP E 578 -32.19 24.06 13.12
CA TRP E 578 -30.78 24.43 13.19
C TRP E 578 -30.05 23.56 14.22
N GLU E 579 -30.77 23.13 15.25
CA GLU E 579 -30.20 22.23 16.25
C GLU E 579 -29.87 20.88 15.62
N LEU E 580 -30.83 20.32 14.90
CA LEU E 580 -30.69 19.02 14.28
C LEU E 580 -29.54 18.99 13.27
N PHE E 581 -29.45 20.03 12.45
CA PHE E 581 -28.36 20.13 11.49
C PHE E 581 -27.03 20.42 12.19
N GLY E 582 -27.09 21.26 13.22
CA GLY E 582 -25.90 21.60 13.98
C GLY E 582 -25.30 20.39 14.66
N LEU E 583 -26.15 19.55 15.24
CA LEU E 583 -25.71 18.31 15.87
C LEU E 583 -25.19 17.35 14.80
N CYS E 584 -25.79 17.43 13.61
CA CYS E 584 -25.39 16.59 12.49
C CYS E 584 -23.99 16.95 12.01
N ALA E 585 -23.73 18.25 11.90
CA ALA E 585 -22.44 18.74 11.47
C ALA E 585 -21.40 18.46 12.55
N LYS E 586 -21.81 18.51 13.81
CA LYS E 586 -20.92 18.25 14.92
C LYS E 586 -20.54 16.77 14.95
N ARG E 587 -21.49 15.91 14.62
CA ARG E 587 -21.23 14.48 14.58
C ARG E 587 -20.26 14.11 13.47
N LEU E 588 -20.32 14.83 12.36
CA LEU E 588 -19.43 14.57 11.23
C LEU E 588 -18.08 15.24 11.43
N GLY E 589 -17.98 16.11 12.42
CA GLY E 589 -16.73 16.75 12.76
C GLY E 589 -16.55 18.11 12.12
N HIS E 590 -17.64 18.72 11.69
CA HIS E 590 -17.59 20.07 11.13
C HIS E 590 -17.95 21.09 12.20
N LEU E 591 -17.01 21.35 13.10
CA LEU E 591 -17.24 22.24 14.23
C LEU E 591 -17.55 23.69 13.84
N PRO E 592 -16.73 24.30 12.96
CA PRO E 592 -17.07 25.70 12.65
C PRO E 592 -18.36 25.81 11.84
N GLU E 593 -18.67 24.77 11.07
CA GLU E 593 -19.88 24.74 10.27
C GLU E 593 -21.10 24.47 11.16
N ALA E 594 -20.88 23.79 12.28
CA ALA E 594 -21.95 23.49 13.23
C ALA E 594 -22.21 24.69 14.14
N ALA E 595 -21.14 25.39 14.50
CA ALA E 595 -21.24 26.55 15.38
C ALA E 595 -22.09 27.66 14.74
N LYS E 596 -21.99 27.78 13.42
CA LYS E 596 -22.76 28.77 12.69
C LYS E 596 -24.25 28.44 12.77
N ALA E 597 -24.58 27.16 12.63
CA ALA E 597 -25.96 26.71 12.71
C ALA E 597 -26.55 26.97 14.08
N PHE E 598 -25.76 26.71 15.12
CA PHE E 598 -26.17 26.94 16.49
C PHE E 598 -26.30 28.43 16.82
N GLN E 599 -25.44 29.24 16.21
CA GLN E 599 -25.44 30.68 16.46
C GLN E 599 -26.65 31.35 15.80
N ILE E 600 -27.01 30.89 14.61
CA ILE E 600 -28.17 31.41 13.90
C ILE E 600 -29.46 31.04 14.64
N GLY E 601 -29.54 29.77 15.05
CA GLY E 601 -30.70 29.30 15.78
C GLY E 601 -30.84 29.92 17.14
N LEU E 602 -29.74 30.45 17.67
CA LEU E 602 -29.74 31.07 18.99
C LEU E 602 -30.26 32.51 18.90
N SER E 603 -30.29 33.05 17.69
CA SER E 603 -30.70 34.43 17.48
C SER E 603 -32.22 34.53 17.41
N GLN E 604 -32.84 33.60 16.67
CA GLN E 604 -34.28 33.60 16.49
C GLN E 604 -35.00 33.19 17.76
N ARG E 605 -34.35 32.38 18.58
CA ARG E 605 -34.92 31.91 19.84
C ARG E 605 -33.83 31.41 20.76
N PHE E 606 -34.10 31.38 22.06
CA PHE E 606 -33.13 30.81 22.99
C PHE E 606 -33.22 29.29 22.97
N SER E 607 -32.07 28.63 22.98
CA SER E 607 -32.04 27.18 22.96
C SER E 607 -30.89 26.64 23.82
N PRO E 608 -31.21 25.73 24.75
CA PRO E 608 -30.17 25.13 25.59
C PRO E 608 -29.19 24.28 24.78
N VAL E 609 -29.71 23.58 23.77
CA VAL E 609 -28.86 22.79 22.89
C VAL E 609 -27.87 23.67 22.14
N CYS E 610 -28.37 24.76 21.59
CA CYS E 610 -27.52 25.70 20.85
C CYS E 610 -26.54 26.41 21.76
N ALA E 611 -27.01 26.84 22.92
CA ALA E 611 -26.17 27.58 23.87
C ALA E 611 -25.04 26.73 24.42
N LYS E 612 -25.35 25.51 24.82
CA LYS E 612 -24.35 24.61 25.37
C LYS E 612 -23.32 24.19 24.33
N ASN E 613 -23.77 23.99 23.09
CA ASN E 613 -22.88 23.60 22.01
C ASN E 613 -22.01 24.75 21.52
N LEU E 614 -22.59 25.95 21.47
CA LEU E 614 -21.85 27.13 21.05
C LEU E 614 -20.83 27.52 22.12
N LEU E 615 -21.17 27.25 23.38
CA LEU E 615 -20.27 27.51 24.50
C LEU E 615 -19.02 26.65 24.40
N GLN E 616 -19.21 25.37 24.06
CA GLN E 616 -18.10 24.45 23.91
C GLN E 616 -17.21 24.84 22.73
N PHE E 617 -17.80 25.49 21.74
CA PHE E 617 -17.07 25.96 20.57
C PHE E 617 -16.04 27.03 20.95
N TYR E 618 -16.48 27.99 21.76
CA TYR E 618 -15.60 29.08 22.19
C TYR E 618 -14.49 28.57 23.10
N ILE E 619 -14.77 27.53 23.87
CA ILE E 619 -13.77 26.91 24.72
C ILE E 619 -12.65 26.34 23.86
N ASP E 620 -13.04 25.67 22.78
CA ASP E 620 -12.08 25.10 21.84
C ASP E 620 -11.33 26.20 21.10
N GLU E 621 -12.04 27.27 20.77
CA GLU E 621 -11.42 28.41 20.10
C GLU E 621 -10.43 29.12 21.03
N HIS E 622 -10.75 29.13 22.32
CA HIS E 622 -9.87 29.75 23.31
C HIS E 622 -8.58 28.94 23.47
N LYS E 623 -8.73 27.62 23.57
CA LYS E 623 -7.59 26.73 23.71
C LYS E 623 -6.70 26.77 22.47
N ARG E 624 -7.32 26.98 21.32
CA ARG E 624 -6.61 27.00 20.04
C ARG E 624 -5.62 28.16 19.97
N ILE E 625 -6.07 29.35 20.36
CA ILE E 625 -5.23 30.53 20.32
C ILE E 625 -4.06 30.41 21.30
N ARG E 626 -4.34 29.88 22.48
CA ARG E 626 -3.31 29.72 23.51
C ARG E 626 -2.21 28.76 23.05
N ARG E 627 -2.59 27.80 22.20
CA ARG E 627 -1.63 26.85 21.66
C ARG E 627 -0.85 27.46 20.50
N ASP E 628 -1.54 28.23 19.67
CA ASP E 628 -0.91 28.87 18.51
C ASP E 628 0.01 30.01 18.94
N SER E 629 -0.27 30.60 20.09
CA SER E 629 0.54 31.68 20.61
C SER E 629 1.89 31.17 21.12
N LEU E 642 -4.18 38.67 21.01
CA LEU E 642 -4.37 39.44 22.22
C LEU E 642 -5.80 39.98 22.30
N SER E 643 -6.32 40.40 21.16
CA SER E 643 -7.66 40.97 21.07
C SER E 643 -8.72 39.88 20.98
N SER E 644 -8.39 38.81 20.25
CA SER E 644 -9.31 37.71 20.00
C SER E 644 -9.70 36.98 21.29
N ILE E 645 -8.76 36.87 22.22
CA ILE E 645 -9.01 36.17 23.48
C ILE E 645 -10.09 36.89 24.29
N ASN E 646 -9.98 38.21 24.39
CA ASN E 646 -10.94 38.99 25.16
C ASN E 646 -12.34 38.86 24.58
N ASP E 647 -12.44 38.84 23.26
CA ASP E 647 -13.72 38.67 22.58
C ASP E 647 -14.32 37.31 22.87
N ILE E 648 -13.46 36.30 23.00
CA ILE E 648 -13.90 34.95 23.32
C ILE E 648 -14.35 34.86 24.78
N ASP E 649 -13.56 35.44 25.68
CA ASP E 649 -13.87 35.43 27.10
C ASP E 649 -15.22 36.08 27.37
N SER E 650 -15.48 37.19 26.69
CA SER E 650 -16.76 37.90 26.84
C SER E 650 -17.93 37.06 26.32
N SER E 651 -17.69 36.35 25.21
CA SER E 651 -18.72 35.50 24.63
C SER E 651 -18.98 34.26 25.48
N ILE E 652 -17.93 33.77 26.13
CA ILE E 652 -18.05 32.63 27.04
C ILE E 652 -18.91 33.01 28.24
N ILE E 653 -18.56 34.11 28.88
CA ILE E 653 -19.30 34.61 30.04
C ILE E 653 -20.74 34.89 29.65
N ASP E 654 -20.94 35.48 28.48
CA ASP E 654 -22.28 35.80 27.98
C ASP E 654 -23.15 34.56 27.84
N LEU E 655 -22.52 33.43 27.48
CA LEU E 655 -23.26 32.19 27.31
C LEU E 655 -23.44 31.46 28.64
N VAL E 656 -22.41 31.50 29.48
CA VAL E 656 -22.48 30.84 30.79
C VAL E 656 -23.60 31.42 31.64
N VAL E 657 -23.73 32.74 31.64
CA VAL E 657 -24.77 33.41 32.39
C VAL E 657 -26.16 33.00 31.90
N LYS E 658 -26.34 32.95 30.59
CA LYS E 658 -27.64 32.61 30.00
C LYS E 658 -28.05 31.17 30.30
N ILE E 659 -27.12 30.24 30.16
CA ILE E 659 -27.40 28.83 30.42
C ILE E 659 -27.70 28.60 31.90
N CYS E 660 -26.95 29.27 32.76
CA CYS E 660 -27.12 29.15 34.20
C CYS E 660 -28.50 29.68 34.62
N CYS E 661 -28.95 30.73 33.94
CA CYS E 661 -30.28 31.29 34.20
C CYS E 661 -31.37 30.33 33.76
N TRP E 662 -31.11 29.59 32.70
CA TRP E 662 -32.07 28.61 32.19
C TRP E 662 -32.12 27.38 33.10
N ASN E 663 -30.97 27.02 33.66
CA ASN E 663 -30.90 25.92 34.60
C ASN E 663 -31.62 26.27 35.90
N HIS E 664 -31.47 27.52 36.32
CA HIS E 664 -32.08 27.99 37.55
C HIS E 664 -33.60 28.03 37.44
N ARG E 665 -34.10 28.24 36.22
CA ARG E 665 -35.54 28.28 36.00
C ARG E 665 -36.13 26.89 36.15
N TRP E 666 -35.34 25.87 35.82
CA TRP E 666 -35.79 24.49 35.97
C TRP E 666 -35.09 23.78 37.13
N TYR E 667 -34.88 24.53 38.22
CA TYR E 667 -34.44 23.99 39.51
C TYR E 667 -33.10 23.27 39.47
N ILE E 668 -32.17 23.80 38.68
CA ILE E 668 -30.82 23.23 38.60
C ILE E 668 -29.78 24.28 38.97
N GLU E 669 -29.10 24.06 40.09
CA GLU E 669 -28.13 25.02 40.60
C GLU E 669 -26.70 24.53 40.42
N PHE E 670 -26.54 23.37 39.79
CA PHE E 670 -25.22 22.77 39.64
C PHE E 670 -24.98 22.26 38.22
N SER E 671 -23.85 22.69 37.64
CA SER E 671 -23.46 22.26 36.30
C SER E 671 -21.95 22.29 36.14
N ILE E 672 -21.35 21.11 36.05
CA ILE E 672 -19.89 20.99 35.94
C ILE E 672 -19.39 21.66 34.66
N ILE E 673 -20.18 21.56 33.59
CA ILE E 673 -19.84 22.19 32.31
C ILE E 673 -19.66 23.69 32.48
N LEU E 674 -20.60 24.31 33.17
CA LEU E 674 -20.59 25.75 33.39
C LEU E 674 -19.48 26.18 34.34
N ILE E 675 -19.14 25.32 35.27
CA ILE E 675 -18.06 25.60 36.22
C ILE E 675 -16.71 25.60 35.50
N ASP E 676 -16.50 24.61 34.63
CA ASP E 676 -15.27 24.55 33.86
C ASP E 676 -15.21 25.66 32.81
N ALA E 677 -16.35 25.98 32.23
CA ALA E 677 -16.42 27.01 31.18
C ALA E 677 -16.08 28.39 31.73
N LEU E 678 -16.69 28.77 32.84
CA LEU E 678 -16.45 30.07 33.43
C LEU E 678 -15.05 30.16 34.02
N SER E 679 -14.50 29.00 34.39
CA SER E 679 -13.16 28.92 34.96
C SER E 679 -12.11 29.34 33.94
N VAL E 680 -12.42 29.17 32.65
CA VAL E 680 -11.52 29.55 31.58
C VAL E 680 -11.26 31.04 31.60
N ALA E 681 -12.32 31.82 31.73
CA ALA E 681 -12.20 33.27 31.79
C ALA E 681 -11.51 33.72 33.07
N VAL E 682 -11.82 33.04 34.18
CA VAL E 682 -11.24 33.38 35.48
C VAL E 682 -9.72 33.28 35.47
N GLN E 683 -9.18 32.29 34.77
CA GLN E 683 -7.73 32.15 34.64
C GLN E 683 -7.14 33.33 33.87
N ASP E 684 -7.92 33.85 32.93
CA ASP E 684 -7.48 34.99 32.13
C ASP E 684 -7.73 36.30 32.85
N MET E 685 -9.00 36.61 33.08
CA MET E 685 -9.39 37.84 33.77
C MET E 685 -9.74 37.54 35.22
N GLY E 686 -9.42 38.48 36.11
CA GLY E 686 -9.59 38.29 37.54
C GLY E 686 -10.97 37.85 37.99
N ILE E 687 -11.03 37.21 39.16
CA ILE E 687 -12.29 36.73 39.73
C ILE E 687 -13.29 37.87 39.98
N THR E 688 -12.76 39.06 40.24
CA THR E 688 -13.60 40.22 40.48
C THR E 688 -13.98 40.88 39.15
N LYS E 689 -13.12 40.73 38.16
CA LYS E 689 -13.39 41.31 36.85
C LYS E 689 -14.51 40.56 36.15
N VAL E 690 -14.56 39.25 36.35
CA VAL E 690 -15.61 38.41 35.77
C VAL E 690 -16.96 38.78 36.38
N HIS E 691 -16.98 39.00 37.69
CA HIS E 691 -18.21 39.35 38.39
C HIS E 691 -18.74 40.69 37.88
N ASN E 692 -17.86 41.66 37.75
CA ASN E 692 -18.24 42.99 37.26
C ASN E 692 -18.60 42.97 35.78
N GLU E 693 -18.06 41.99 35.07
CA GLU E 693 -18.40 41.79 33.66
C GLU E 693 -19.86 41.38 33.54
N ILE E 694 -20.28 40.53 34.48
CA ILE E 694 -21.65 40.04 34.51
C ILE E 694 -22.61 41.12 35.01
N ALA E 695 -22.20 41.82 36.05
CA ALA E 695 -23.02 42.86 36.66
C ALA E 695 -23.22 44.06 35.72
N SER E 696 -22.36 44.16 34.71
CA SER E 696 -22.46 45.25 33.75
C SER E 696 -23.44 44.93 32.63
N ARG E 697 -23.19 43.83 31.93
CA ARG E 697 -24.03 43.43 30.80
C ARG E 697 -25.39 42.92 31.25
N PHE E 698 -25.42 42.29 32.42
CA PHE E 698 -26.67 41.77 32.99
C PHE E 698 -27.03 42.54 34.26
N SER E 699 -28.18 42.21 34.83
CA SER E 699 -28.64 42.89 36.03
C SER E 699 -27.92 42.41 37.28
N ASP E 700 -28.13 43.10 38.39
CA ASP E 700 -27.48 42.76 39.65
C ASP E 700 -27.95 41.43 40.26
N PRO E 701 -29.27 41.15 40.28
CA PRO E 701 -29.67 39.86 40.86
C PRO E 701 -29.23 38.67 40.02
N VAL E 702 -29.05 38.88 38.72
CA VAL E 702 -28.55 37.84 37.83
C VAL E 702 -27.09 37.53 38.17
N ALA E 703 -26.32 38.59 38.38
CA ALA E 703 -24.92 38.45 38.77
C ALA E 703 -24.79 37.75 40.11
N GLN E 704 -25.77 37.99 40.99
CA GLN E 704 -25.81 37.34 42.29
C GLN E 704 -26.09 35.85 42.13
N LEU E 705 -26.90 35.52 41.14
CA LEU E 705 -27.23 34.12 40.85
C LEU E 705 -26.00 33.36 40.40
N ILE E 706 -25.27 33.93 39.44
CA ILE E 706 -24.05 33.33 38.94
C ILE E 706 -23.02 33.27 40.05
N ASP E 707 -23.06 34.25 40.94
CA ASP E 707 -22.12 34.33 42.06
C ASP E 707 -22.29 33.14 43.01
N ASP E 708 -23.53 32.81 43.32
CA ASP E 708 -23.82 31.72 44.25
C ASP E 708 -23.54 30.35 43.63
N ASN E 709 -23.98 30.16 42.40
CA ASN E 709 -23.89 28.86 41.73
C ASN E 709 -22.48 28.47 41.31
N ILE E 710 -21.75 29.40 40.72
CA ILE E 710 -20.45 29.08 40.13
C ILE E 710 -19.29 29.87 40.74
N LEU E 711 -19.47 31.18 40.88
CA LEU E 711 -18.38 32.07 41.24
C LEU E 711 -17.92 31.91 42.68
N ASN E 712 -18.84 31.54 43.57
CA ASN E 712 -18.50 31.33 44.97
C ASN E 712 -17.65 30.07 45.13
N PHE E 713 -17.90 29.08 44.29
CA PHE E 713 -17.14 27.85 44.30
C PHE E 713 -15.68 28.09 43.90
N LEU E 714 -15.49 28.86 42.83
CA LEU E 714 -14.16 29.15 42.33
C LEU E 714 -13.37 30.06 43.27
N LYS E 715 -14.08 30.91 44.01
CA LYS E 715 -13.44 31.90 44.86
C LYS E 715 -12.86 31.28 46.12
N ASN E 716 -13.51 30.24 46.65
CA ASN E 716 -13.09 29.68 47.93
C ASN E 716 -12.86 28.17 47.91
N PHE E 717 -13.81 27.43 47.36
CA PHE E 717 -13.77 25.97 47.43
C PHE E 717 -12.85 25.32 46.40
N THR E 718 -11.87 26.08 45.93
CA THR E 718 -10.85 25.55 45.01
C THR E 718 -9.48 25.60 45.67
N ASN E 719 -9.46 25.68 47.00
CA ASN E 719 -8.24 25.76 47.78
C ASN E 719 -7.35 26.92 47.33
N ASP E 720 -7.98 28.07 47.15
CA ASP E 720 -7.30 29.31 46.75
C ASP E 720 -6.49 29.12 45.47
N THR E 721 -7.13 28.59 44.44
CA THR E 721 -6.47 28.39 43.15
C THR E 721 -6.37 29.72 42.41
N PHE E 722 -7.32 30.61 42.66
CA PHE E 722 -7.35 31.91 42.01
C PHE E 722 -7.16 33.05 43.03
N LEU F 2 30.68 -37.46 -39.28
CA LEU F 2 31.98 -36.90 -38.94
C LEU F 2 32.94 -37.01 -40.13
N SER F 3 32.39 -37.18 -41.32
CA SER F 3 33.17 -37.53 -42.51
C SER F 3 32.83 -36.70 -43.73
N GLN F 4 33.63 -35.65 -43.98
CA GLN F 4 33.49 -34.78 -45.16
C GLN F 4 32.20 -33.96 -45.13
N THR F 5 31.06 -34.64 -45.03
CA THR F 5 29.80 -33.94 -44.81
C THR F 5 29.81 -33.26 -43.45
N SER F 6 28.77 -32.46 -43.20
CA SER F 6 28.67 -31.65 -41.98
C SER F 6 29.84 -30.69 -41.82
N ILE F 7 30.40 -30.26 -42.95
CA ILE F 7 31.48 -29.27 -42.96
C ILE F 7 31.18 -28.19 -44.00
N PRO F 8 30.55 -27.08 -43.55
CA PRO F 8 30.20 -25.96 -44.43
C PRO F 8 31.45 -25.22 -44.93
N GLU F 9 31.34 -24.59 -46.10
CA GLU F 9 32.46 -23.82 -46.64
C GLU F 9 31.99 -22.56 -47.34
N VAL F 10 32.86 -21.55 -47.37
CA VAL F 10 32.57 -20.30 -48.06
C VAL F 10 33.77 -19.90 -48.94
N LYS F 11 33.51 -19.66 -50.22
CA LYS F 11 34.58 -19.27 -51.13
C LYS F 11 35.06 -17.86 -50.81
N VAL F 14 38.11 -15.34 -53.45
CA VAL F 14 39.52 -15.02 -53.62
C VAL F 14 40.33 -15.52 -52.43
N ILE F 15 41.40 -16.27 -52.72
CA ILE F 15 42.24 -16.86 -51.69
C ILE F 15 42.93 -15.80 -50.82
N GLY F 16 42.76 -15.94 -49.50
CA GLY F 16 43.36 -15.01 -48.55
C GLY F 16 42.36 -13.98 -48.04
N TYR F 17 41.09 -14.18 -48.36
CA TYR F 17 40.04 -13.26 -47.93
C TYR F 17 39.67 -13.50 -46.47
N ALA F 18 39.97 -14.70 -45.99
CA ALA F 18 39.59 -15.10 -44.63
C ALA F 18 40.34 -14.31 -43.56
N LEU F 19 41.66 -14.45 -43.55
CA LEU F 19 42.47 -13.83 -42.51
C LEU F 19 42.62 -12.33 -42.69
N HIS F 20 42.46 -11.86 -43.93
CA HIS F 20 42.62 -10.44 -44.21
C HIS F 20 41.51 -9.61 -43.57
N GLN F 21 40.32 -10.18 -43.51
CA GLN F 21 39.19 -9.51 -42.85
C GLN F 21 39.26 -9.67 -41.34
N ARG F 22 39.95 -10.72 -40.89
CA ARG F 22 40.12 -10.98 -39.47
C ARG F 22 41.23 -10.12 -38.88
N ARG F 23 42.20 -9.78 -39.72
CA ARG F 23 43.37 -9.03 -39.28
C ARG F 23 43.03 -7.59 -38.88
N ALA F 24 42.10 -6.97 -39.59
CA ALA F 24 41.76 -5.57 -39.30
C ALA F 24 40.54 -5.44 -38.40
N ARG F 25 39.98 -6.56 -37.95
CA ARG F 25 38.86 -6.51 -37.03
C ARG F 25 39.27 -6.95 -35.62
N VAL F 26 40.53 -6.66 -35.26
CA VAL F 26 41.04 -7.04 -33.95
C VAL F 26 40.71 -5.98 -32.91
N GLY F 27 40.74 -4.71 -33.34
CA GLY F 27 40.45 -3.60 -32.45
C GLY F 27 39.05 -3.65 -31.86
N ASP F 31 34.64 -8.61 -25.61
CA ASP F 31 34.07 -9.77 -24.93
C ASP F 31 34.90 -11.02 -25.18
N LEU F 32 34.24 -12.18 -25.19
CA LEU F 32 34.91 -13.46 -25.37
C LEU F 32 35.58 -13.58 -26.73
N GLY F 33 35.04 -12.88 -27.72
CA GLY F 33 35.63 -12.86 -29.05
C GLY F 33 34.93 -13.76 -30.06
N PRO F 34 35.41 -13.75 -31.31
CA PRO F 34 34.83 -14.51 -32.41
C PRO F 34 35.25 -15.98 -32.35
N PRO F 35 34.49 -16.86 -33.02
CA PRO F 35 34.84 -18.28 -33.06
C PRO F 35 36.13 -18.52 -33.85
N ASP F 36 36.72 -19.71 -33.68
CA ASP F 36 37.95 -20.04 -34.38
C ASP F 36 37.71 -20.18 -35.88
N LEU F 37 38.39 -19.36 -36.65
CA LEU F 37 38.24 -19.37 -38.11
C LEU F 37 39.19 -20.38 -38.73
N ILE F 38 38.65 -21.25 -39.59
CA ILE F 38 39.45 -22.26 -40.26
C ILE F 38 39.37 -22.12 -41.77
N PHE F 91 37.65 -21.31 -44.59
CA PHE F 91 36.96 -20.07 -44.25
C PHE F 91 35.96 -20.30 -43.11
N PHE F 92 35.46 -21.52 -43.01
CA PHE F 92 34.42 -21.84 -42.03
C PHE F 92 34.89 -21.68 -40.59
N TYR F 93 33.94 -21.45 -39.69
CA TYR F 93 34.23 -21.31 -38.27
C TYR F 93 34.03 -22.63 -37.56
N CYS F 94 34.72 -22.80 -36.43
CA CYS F 94 34.65 -24.05 -35.70
C CYS F 94 34.84 -23.85 -34.20
N MET F 95 34.14 -24.66 -33.41
CA MET F 95 34.24 -24.61 -31.96
C MET F 95 34.48 -26.00 -31.37
N GLY F 96 35.11 -26.03 -30.20
CA GLY F 96 35.35 -27.29 -29.52
C GLY F 96 36.68 -27.94 -29.87
N ILE F 97 37.60 -27.15 -30.43
CA ILE F 97 38.92 -27.66 -30.78
C ILE F 97 39.85 -27.61 -29.59
N ASP F 98 40.55 -28.71 -29.32
CA ASP F 98 41.51 -28.77 -28.23
C ASP F 98 42.75 -27.96 -28.56
N THR F 99 42.79 -26.72 -28.07
CA THR F 99 43.92 -25.83 -28.35
C THR F 99 44.86 -25.75 -27.14
N SER F 100 44.83 -26.78 -26.30
CA SER F 100 45.66 -26.81 -25.11
C SER F 100 47.14 -27.04 -25.46
N ASP F 101 47.38 -27.65 -26.60
CA ASP F 101 48.73 -27.97 -27.04
C ASP F 101 48.84 -27.90 -28.56
N PRO F 102 49.91 -27.27 -29.07
CA PRO F 102 50.10 -27.11 -30.51
C PRO F 102 50.20 -28.45 -31.23
N THR F 103 50.77 -29.46 -30.58
CA THR F 103 50.87 -30.79 -31.17
C THR F 103 49.49 -31.43 -31.28
N SER F 104 48.64 -31.16 -30.29
CA SER F 104 47.27 -31.66 -30.30
C SER F 104 46.45 -30.97 -31.37
N ILE F 105 46.85 -29.75 -31.72
CA ILE F 105 46.20 -29.01 -32.79
C ILE F 105 46.57 -29.61 -34.14
N THR F 106 47.84 -29.99 -34.29
CA THR F 106 48.31 -30.63 -35.51
C THR F 106 47.61 -31.98 -35.70
N ILE F 107 47.24 -32.61 -34.58
CA ILE F 107 46.49 -33.86 -34.62
C ILE F 107 45.10 -33.60 -35.19
N PHE F 108 44.47 -32.52 -34.75
CA PHE F 108 43.17 -32.12 -35.28
C PHE F 108 43.28 -31.80 -36.76
N ALA F 109 44.35 -31.08 -37.12
CA ALA F 109 44.60 -30.74 -38.51
C ALA F 109 44.92 -32.00 -39.31
N LYS F 110 45.52 -32.98 -38.64
CA LYS F 110 45.83 -34.26 -39.27
C LYS F 110 44.53 -34.97 -39.65
N LYS F 111 43.55 -34.91 -38.77
CA LYS F 111 42.25 -35.52 -39.02
C LYS F 111 41.54 -34.78 -40.14
N ILE F 112 41.84 -33.49 -40.28
CA ILE F 112 41.25 -32.66 -41.32
C ILE F 112 41.95 -32.91 -42.66
N THR F 113 43.27 -33.08 -42.62
CA THR F 113 44.04 -33.33 -43.83
C THR F 113 43.88 -34.78 -44.29
N ASP F 114 43.38 -35.65 -43.41
CA ASP F 114 43.10 -37.03 -43.76
C ASP F 114 41.67 -37.11 -44.31
N LEU F 115 41.05 -35.95 -44.41
CA LEU F 115 39.71 -35.80 -44.97
C LEU F 115 39.83 -35.25 -46.38
N PHE F 116 41.01 -34.70 -46.67
CA PHE F 116 41.29 -34.11 -47.98
C PHE F 116 41.39 -35.18 -49.06
N LEU F 117 41.57 -36.43 -48.66
CA LEU F 117 41.58 -37.54 -49.61
C LEU F 117 40.17 -37.78 -50.14
N ASP F 118 40.00 -38.83 -50.94
CA ASP F 118 38.73 -39.16 -51.57
C ASP F 118 38.25 -38.01 -52.46
N THR F 119 36.98 -38.01 -52.82
CA THR F 119 36.43 -37.00 -53.72
C THR F 119 35.28 -36.20 -53.11
N PRO F 120 35.55 -34.94 -52.71
CA PRO F 120 34.53 -34.04 -52.18
C PRO F 120 33.51 -33.67 -53.26
N GLN F 121 32.23 -33.68 -52.91
CA GLN F 121 31.18 -33.30 -53.85
C GLN F 121 30.81 -31.82 -53.72
N ILE F 122 31.53 -30.97 -54.43
CA ILE F 122 31.30 -29.52 -54.38
C ILE F 122 29.93 -29.17 -54.95
N SER F 136 44.49 -23.38 -42.00
CA SER F 136 45.02 -22.38 -41.06
C SER F 136 43.95 -21.94 -40.07
N ILE F 137 43.96 -22.54 -38.88
CA ILE F 137 43.03 -22.16 -37.83
C ILE F 137 43.59 -20.98 -37.03
N SER F 138 42.69 -20.22 -36.40
CA SER F 138 43.10 -19.03 -35.66
C SER F 138 42.29 -18.83 -34.38
N SER F 139 42.79 -19.36 -33.27
CA SER F 139 42.10 -19.22 -31.99
C SER F 139 42.42 -17.87 -31.33
N TRP F 140 41.48 -17.37 -30.53
CA TRP F 140 41.61 -16.07 -29.89
C TRP F 140 41.39 -16.16 -28.39
N ASN F 141 42.14 -15.38 -27.63
CA ASN F 141 41.93 -15.31 -26.17
C ASN F 141 41.59 -13.89 -25.72
N ALA F 142 40.67 -13.78 -24.78
CA ALA F 142 40.19 -12.48 -24.34
C ALA F 142 40.93 -11.97 -23.11
N PHE F 143 41.67 -12.85 -22.45
CA PHE F 143 42.48 -12.46 -21.29
C PHE F 143 43.52 -11.43 -21.72
N ARG F 144 44.27 -11.77 -22.77
CA ARG F 144 45.16 -10.83 -23.43
C ARG F 144 44.78 -10.76 -24.90
N LYS F 145 44.31 -9.60 -25.33
CA LYS F 145 43.75 -9.44 -26.67
C LYS F 145 44.78 -9.62 -27.78
N TYR F 146 45.05 -10.86 -28.15
CA TYR F 146 45.90 -11.17 -29.29
C TYR F 146 45.39 -12.44 -29.97
N ASP F 147 45.63 -12.55 -31.28
CA ASP F 147 45.10 -13.67 -32.04
C ASP F 147 46.19 -14.66 -32.40
N VAL F 148 45.99 -15.92 -32.02
CA VAL F 148 46.94 -16.99 -32.30
C VAL F 148 46.62 -17.70 -33.60
N ASN F 149 47.43 -17.44 -34.63
CA ASN F 149 47.25 -18.10 -35.92
C ASN F 149 48.30 -19.19 -36.14
N ILE F 150 47.84 -20.34 -36.60
CA ILE F 150 48.75 -21.45 -36.89
C ILE F 150 48.45 -22.06 -38.27
N ILE F 151 49.44 -22.03 -39.14
CA ILE F 151 49.29 -22.54 -40.50
C ILE F 151 50.06 -23.84 -40.69
N VAL F 152 49.39 -24.84 -41.26
CA VAL F 152 50.02 -26.13 -41.50
C VAL F 152 50.21 -26.39 -43.00
N VAL F 158 55.51 -25.45 -40.01
CA VAL F 158 54.26 -24.97 -39.44
C VAL F 158 54.40 -23.57 -38.86
N GLN F 159 53.86 -22.59 -39.57
CA GLN F 159 53.95 -21.20 -39.13
C GLN F 159 52.97 -20.88 -38.02
N THR F 160 53.50 -20.32 -36.93
CA THR F 160 52.67 -19.89 -35.81
C THR F 160 53.05 -18.47 -35.40
N TYR F 161 52.10 -17.55 -35.50
CA TYR F 161 52.36 -16.15 -35.18
C TYR F 161 51.25 -15.52 -34.35
N ILE F 162 51.47 -14.29 -33.91
CA ILE F 162 50.53 -13.61 -33.03
C ILE F 162 50.11 -12.26 -33.61
N ILE F 163 48.81 -12.00 -33.59
CA ILE F 163 48.27 -10.72 -34.04
C ILE F 163 47.74 -9.92 -32.84
N ASN F 164 48.46 -8.88 -32.46
CA ASN F 164 48.09 -8.07 -31.30
C ASN F 164 46.86 -7.21 -31.55
N SER F 165 46.41 -6.53 -30.50
CA SER F 165 45.23 -5.67 -30.60
C SER F 165 45.50 -4.46 -31.49
N ASN F 188 56.79 -18.73 -20.37
CA ASN F 188 55.88 -17.80 -21.04
C ASN F 188 55.23 -18.43 -22.27
N VAL F 189 55.91 -19.43 -22.84
CA VAL F 189 55.39 -20.15 -23.99
C VAL F 189 54.18 -21.00 -23.63
N ASN F 190 54.29 -21.69 -22.50
CA ASN F 190 53.20 -22.53 -22.01
C ASN F 190 51.98 -21.73 -21.59
N MET F 191 52.22 -20.51 -21.12
CA MET F 191 51.15 -19.63 -20.66
C MET F 191 50.30 -19.16 -21.84
N ILE F 192 50.90 -19.05 -23.01
CA ILE F 192 50.19 -18.62 -24.21
C ILE F 192 49.14 -19.65 -24.63
N TRP F 193 49.56 -20.91 -24.75
CA TRP F 193 48.65 -21.99 -25.12
C TRP F 193 47.65 -22.28 -24.00
N ALA F 194 48.00 -21.94 -22.77
CA ALA F 194 47.12 -22.15 -21.63
C ALA F 194 45.92 -21.21 -21.69
N GLU F 195 46.19 -19.92 -21.87
CA GLU F 195 45.15 -18.90 -21.88
C GLU F 195 44.19 -19.06 -23.06
N THR F 196 44.74 -19.39 -24.22
CA THR F 196 43.94 -19.53 -25.44
C THR F 196 43.04 -20.76 -25.38
N PHE F 197 43.47 -21.78 -24.64
CA PHE F 197 42.65 -22.98 -24.45
C PHE F 197 41.48 -22.68 -23.52
N MET F 198 41.77 -22.03 -22.40
CA MET F 198 40.74 -21.69 -21.42
C MET F 198 39.68 -20.78 -22.03
N SER F 199 40.13 -19.76 -22.75
CA SER F 199 39.22 -18.84 -23.41
C SER F 199 38.39 -19.55 -24.48
N GLY F 200 39.00 -20.55 -25.12
CA GLY F 200 38.31 -21.35 -26.11
C GLY F 200 37.19 -22.17 -25.49
N ILE F 201 37.48 -22.82 -24.38
CA ILE F 201 36.50 -23.63 -23.68
C ILE F 201 35.35 -22.78 -23.16
N VAL F 202 35.69 -21.58 -22.65
CA VAL F 202 34.68 -20.64 -22.15
C VAL F 202 33.69 -20.27 -23.26
N ARG F 203 34.22 -19.99 -24.45
CA ARG F 203 33.38 -19.68 -25.59
C ARG F 203 32.49 -20.85 -25.98
N ASP F 204 33.04 -22.05 -25.92
CA ASP F 204 32.31 -23.26 -26.31
C ASP F 204 31.14 -23.54 -25.37
N ILE F 205 31.28 -23.14 -24.11
CA ILE F 205 30.25 -23.41 -23.11
C ILE F 205 29.24 -22.26 -23.01
N MET F 206 29.75 -21.03 -22.96
CA MET F 206 28.90 -19.87 -22.77
C MET F 206 28.02 -19.58 -23.98
N ILE F 207 28.39 -20.11 -25.14
CA ILE F 207 27.58 -19.93 -26.35
C ILE F 207 26.32 -20.79 -26.26
N MET F 208 26.36 -21.79 -25.39
CA MET F 208 25.23 -22.70 -25.21
C MET F 208 24.46 -22.37 -23.94
N LYS F 209 25.09 -21.62 -23.03
CA LYS F 209 24.48 -21.31 -21.75
C LYS F 209 23.75 -19.96 -21.79
N ASP F 210 24.33 -18.99 -22.50
CA ASP F 210 23.70 -17.69 -22.63
C ASP F 210 22.50 -17.77 -23.56
N ASN F 211 22.47 -18.78 -24.41
CA ASN F 211 21.37 -18.98 -25.34
C ASN F 211 20.42 -20.08 -24.89
N ARG F 212 20.54 -20.47 -23.62
CA ARG F 212 19.71 -21.53 -23.07
C ARG F 212 18.23 -21.14 -23.08
N ALA F 213 17.96 -19.86 -22.96
CA ALA F 213 16.59 -19.36 -22.97
C ALA F 213 15.96 -19.51 -24.35
N ASP F 214 16.79 -19.36 -25.39
CA ASP F 214 16.32 -19.48 -26.77
C ASP F 214 16.58 -20.87 -27.33
N GLY F 215 16.80 -21.83 -26.44
CA GLY F 215 17.02 -23.20 -26.85
C GLY F 215 18.33 -23.38 -27.59
N GLU F 216 19.35 -22.63 -27.19
CA GLU F 216 20.68 -22.70 -27.80
C GLU F 216 20.61 -22.46 -29.30
N SER F 217 19.90 -21.41 -29.69
CA SER F 217 19.73 -21.07 -31.10
C SER F 217 21.05 -20.67 -31.74
N GLN F 218 21.24 -21.07 -33.00
CA GLN F 218 22.46 -20.76 -33.73
C GLN F 218 22.17 -19.88 -34.94
N ASN F 219 22.65 -18.65 -34.91
CA ASN F 219 22.41 -17.71 -36.00
C ASN F 219 23.42 -17.89 -37.13
N LEU F 220 24.67 -18.18 -36.78
CA LEU F 220 25.73 -18.34 -37.77
C LEU F 220 25.72 -19.77 -38.32
N VAL F 221 25.50 -19.88 -39.63
CA VAL F 221 25.34 -21.17 -40.28
C VAL F 221 26.69 -21.84 -40.57
N GLU F 222 27.68 -21.04 -40.94
CA GLU F 222 28.97 -21.56 -41.37
C GLU F 222 29.83 -22.08 -40.23
N THR F 223 29.23 -22.27 -39.05
CA THR F 223 29.95 -22.73 -37.88
C THR F 223 29.78 -24.23 -37.66
N LEU F 224 30.89 -24.90 -37.33
CA LEU F 224 30.85 -26.31 -36.97
C LEU F 224 31.19 -26.49 -35.50
N ILE F 225 30.22 -26.93 -34.71
CA ILE F 225 30.39 -27.02 -33.27
C ILE F 225 30.60 -28.45 -32.80
N PHE F 226 31.74 -28.70 -32.17
CA PHE F 226 32.03 -30.01 -31.61
C PHE F 226 31.71 -30.06 -30.12
N ASN F 227 31.76 -31.26 -29.56
CA ASN F 227 31.61 -31.44 -28.12
C ASN F 227 32.95 -31.20 -27.43
N PRO F 228 33.04 -30.11 -26.64
CA PRO F 228 34.30 -29.71 -26.01
C PRO F 228 34.80 -30.72 -24.99
N PHE F 229 33.90 -31.51 -24.43
CA PHE F 229 34.27 -32.50 -23.42
C PHE F 229 34.89 -33.74 -24.03
N THR F 230 34.57 -34.01 -25.29
CA THR F 230 35.06 -35.21 -25.97
C THR F 230 36.22 -34.90 -26.93
N SER F 231 36.82 -33.73 -26.77
CA SER F 231 37.93 -33.33 -27.64
C SER F 231 39.28 -33.58 -26.97
N GLY F 232 39.28 -34.43 -25.94
CA GLY F 232 40.49 -34.71 -25.20
C GLY F 232 41.48 -35.56 -26.01
N ASP F 236 42.36 -35.22 -21.26
CA ASP F 236 40.93 -35.02 -21.03
C ASP F 236 40.64 -33.53 -20.78
N VAL F 237 39.80 -32.96 -21.63
CA VAL F 237 39.48 -31.53 -21.57
C VAL F 237 38.84 -31.12 -20.24
N ALA F 238 37.97 -31.97 -19.71
CA ALA F 238 37.30 -31.72 -18.45
C ALA F 238 38.29 -31.56 -17.30
N ASN F 239 39.22 -32.51 -17.20
CA ASN F 239 40.24 -32.48 -16.17
C ASN F 239 41.32 -31.43 -16.42
N ASN F 240 41.56 -31.13 -17.69
CA ASN F 240 42.57 -30.16 -18.08
C ASN F 240 42.15 -28.73 -17.73
N PHE F 241 40.84 -28.47 -17.81
CA PHE F 241 40.30 -27.16 -17.49
C PHE F 241 40.47 -26.86 -15.99
N ILE F 242 40.39 -27.90 -15.18
CA ILE F 242 40.49 -27.75 -13.73
C ILE F 242 41.92 -27.47 -13.29
N LYS F 243 42.86 -28.26 -13.80
CA LYS F 243 44.27 -28.11 -13.44
C LYS F 243 44.88 -26.83 -13.99
N LEU F 244 44.25 -26.28 -15.03
CA LEU F 244 44.76 -25.08 -15.68
C LEU F 244 44.00 -23.83 -15.24
N PHE F 245 43.00 -24.03 -14.38
CA PHE F 245 42.15 -22.94 -13.90
C PHE F 245 42.88 -21.90 -13.02
N PRO F 246 43.67 -22.35 -12.01
CA PRO F 246 44.27 -21.32 -11.16
C PRO F 246 45.32 -20.46 -11.88
N LEU F 247 45.91 -21.00 -12.95
CA LEU F 247 46.90 -20.26 -13.70
C LEU F 247 46.26 -19.12 -14.49
N VAL F 248 44.98 -19.27 -14.79
CA VAL F 248 44.25 -18.27 -15.57
C VAL F 248 43.32 -17.46 -14.67
N TYR F 249 43.26 -17.85 -13.39
CA TYR F 249 42.47 -17.13 -12.40
C TYR F 249 43.02 -15.72 -12.19
N GLU F 250 42.24 -14.88 -11.51
CA GLU F 250 42.60 -13.49 -11.18
C GLU F 250 42.57 -12.60 -12.43
N LYS F 251 42.45 -13.22 -13.59
CA LYS F 251 42.32 -12.49 -14.85
C LYS F 251 40.97 -12.79 -15.50
N GLY F 252 40.11 -13.46 -14.75
CA GLY F 252 38.79 -13.84 -15.23
C GLY F 252 37.85 -12.65 -15.36
N VAL F 253 38.20 -11.56 -14.70
CA VAL F 253 37.39 -10.34 -14.75
C VAL F 253 37.43 -9.72 -16.14
N TYR F 254 38.51 -9.96 -16.87
CA TYR F 254 38.66 -9.44 -18.23
C TYR F 254 37.66 -10.07 -19.19
N LEU F 255 37.11 -11.21 -18.79
CA LEU F 255 36.09 -11.88 -19.61
C LEU F 255 34.72 -11.29 -19.37
N ASP F 256 34.66 -10.26 -18.52
CA ASP F 256 33.40 -9.62 -18.13
C ASP F 256 32.46 -10.63 -17.48
N ALA F 257 31.16 -10.38 -17.56
CA ALA F 257 30.17 -11.20 -16.88
C ALA F 257 28.91 -11.36 -17.75
N PRO F 258 28.05 -12.32 -17.41
CA PRO F 258 26.75 -12.45 -18.10
C PRO F 258 25.93 -11.15 -18.08
N THR F 259 24.95 -11.05 -18.97
CA THR F 259 24.17 -9.83 -19.13
C THR F 259 23.35 -9.47 -17.90
N HIS F 260 23.07 -10.46 -17.05
CA HIS F 260 22.28 -10.23 -15.85
C HIS F 260 23.16 -9.81 -14.67
N VAL F 261 24.47 -9.79 -14.90
CA VAL F 261 25.42 -9.35 -13.88
C VAL F 261 25.96 -7.96 -14.20
N LEU F 262 25.55 -6.98 -13.41
CA LEU F 262 25.95 -5.59 -13.64
C LEU F 262 27.33 -5.29 -13.06
N ASN F 263 27.68 -5.96 -11.96
CA ASN F 263 28.96 -5.72 -11.30
C ASN F 263 29.82 -6.98 -11.22
N PRO F 264 30.65 -7.20 -12.26
CA PRO F 264 31.55 -8.37 -12.32
C PRO F 264 32.60 -8.37 -11.22
N SER F 265 33.14 -9.54 -10.92
CA SER F 265 34.19 -9.68 -9.92
C SER F 265 35.01 -10.94 -10.16
N LEU F 266 35.79 -11.34 -9.16
CA LEU F 266 36.59 -12.56 -9.25
C LEU F 266 35.69 -13.79 -9.19
N THR F 267 34.48 -13.63 -8.68
CA THR F 267 33.54 -14.73 -8.55
C THR F 267 32.50 -14.71 -9.66
N ASN F 268 31.94 -13.54 -9.93
CA ASN F 268 30.93 -13.40 -10.98
C ASN F 268 31.55 -13.02 -12.32
N ASN F 269 31.88 -14.03 -13.12
CA ASN F 269 32.44 -13.81 -14.45
C ASN F 269 32.29 -15.06 -15.32
N TYR F 270 32.51 -14.89 -16.62
CA TYR F 270 32.34 -15.98 -17.57
C TYR F 270 33.28 -17.15 -17.29
N LEU F 271 34.43 -16.87 -16.71
CA LEU F 271 35.40 -17.92 -16.40
C LEU F 271 34.88 -18.86 -15.32
N VAL F 272 34.34 -18.28 -14.24
CA VAL F 272 33.80 -19.08 -13.14
C VAL F 272 32.50 -19.76 -13.56
N GLU F 273 31.67 -19.04 -14.32
CA GLU F 273 30.42 -19.58 -14.84
C GLU F 273 30.68 -20.80 -15.73
N THR F 274 31.79 -20.77 -16.46
CA THR F 274 32.18 -21.89 -17.29
C THR F 274 32.67 -23.04 -16.43
N LEU F 275 33.44 -22.71 -15.39
CA LEU F 275 33.97 -23.72 -14.49
C LEU F 275 32.87 -24.50 -13.79
N VAL F 276 31.94 -23.77 -13.16
CA VAL F 276 30.86 -24.40 -12.41
C VAL F 276 29.94 -25.21 -13.34
N GLU F 277 29.92 -24.86 -14.62
CA GLU F 277 29.14 -25.58 -15.61
C GLU F 277 29.83 -26.87 -16.02
N ILE F 278 31.15 -26.81 -16.18
CA ILE F 278 31.95 -27.98 -16.54
C ILE F 278 31.94 -29.02 -15.42
N VAL F 279 32.16 -28.55 -14.20
CA VAL F 279 32.18 -29.42 -13.03
C VAL F 279 30.82 -30.10 -12.82
N ARG F 280 29.76 -29.34 -13.06
CA ARG F 280 28.41 -29.87 -12.90
C ARG F 280 28.09 -30.98 -13.90
N LEU F 281 28.48 -30.76 -15.15
CA LEU F 281 28.18 -31.71 -16.22
C LEU F 281 29.04 -32.97 -16.13
N THR F 282 30.29 -32.80 -15.73
CA THR F 282 31.24 -33.91 -15.69
C THR F 282 31.27 -34.58 -14.32
N LYS F 283 30.62 -33.94 -13.35
CA LYS F 283 30.56 -34.45 -11.97
C LYS F 283 31.95 -34.67 -11.40
N SER F 284 32.90 -33.83 -11.80
CA SER F 284 34.27 -33.92 -11.30
C SER F 284 34.42 -33.15 -10.00
N LEU F 285 33.83 -33.70 -8.94
CA LEU F 285 33.83 -33.04 -7.63
C LEU F 285 35.20 -33.05 -6.99
N GLU F 286 35.74 -34.25 -6.80
CA GLU F 286 37.01 -34.44 -6.09
C GLU F 286 38.19 -33.78 -6.80
N ALA F 287 38.04 -33.57 -8.11
CA ALA F 287 39.09 -32.94 -8.90
C ALA F 287 39.08 -31.43 -8.74
N CYS F 288 37.88 -30.85 -8.75
CA CYS F 288 37.72 -29.41 -8.61
C CYS F 288 37.89 -28.97 -7.16
N ARG F 289 37.41 -29.80 -6.23
CA ARG F 289 37.50 -29.51 -4.81
C ARG F 289 38.95 -29.46 -4.36
N LYS F 290 39.75 -30.36 -4.89
CA LYS F 290 41.18 -30.42 -4.58
C LYS F 290 41.90 -29.18 -5.09
N MET F 291 41.50 -28.72 -6.28
CA MET F 291 42.13 -27.56 -6.91
C MET F 291 41.75 -26.26 -6.20
N LEU F 292 40.47 -26.13 -5.85
CA LEU F 292 39.97 -24.90 -5.23
C LEU F 292 40.52 -24.71 -3.82
N LYS F 293 40.66 -25.80 -3.07
CA LYS F 293 41.20 -25.73 -1.72
C LYS F 293 42.63 -25.19 -1.71
N LYS F 294 43.37 -25.47 -2.78
CA LYS F 294 44.73 -24.96 -2.92
C LYS F 294 44.73 -23.50 -3.34
N LEU F 295 43.64 -23.09 -3.99
CA LEU F 295 43.51 -21.71 -4.45
C LEU F 295 43.10 -20.77 -3.31
N ILE F 296 42.36 -21.32 -2.34
CA ILE F 296 41.91 -20.53 -1.20
C ILE F 296 43.10 -20.09 -0.35
N GLU F 297 44.13 -20.93 -0.30
CA GLU F 297 45.34 -20.65 0.47
C GLU F 297 46.00 -19.32 0.07
N ILE F 298 45.86 -18.95 -1.19
CA ILE F 298 46.42 -17.69 -1.67
C ILE F 298 45.31 -16.71 -2.03
N HIS F 299 44.10 -17.25 -2.23
CA HIS F 299 42.93 -16.43 -2.53
C HIS F 299 41.71 -16.87 -1.74
N PRO F 300 41.62 -16.43 -0.47
CA PRO F 300 40.56 -16.84 0.46
C PRO F 300 39.15 -16.53 -0.05
N GLU F 301 39.03 -15.60 -0.99
CA GLU F 301 37.72 -15.20 -1.51
C GLU F 301 37.19 -16.21 -2.53
N ALA F 302 38.01 -17.18 -2.89
CA ALA F 302 37.63 -18.19 -3.86
C ALA F 302 36.77 -19.28 -3.24
N VAL F 303 36.45 -19.13 -1.96
CA VAL F 303 35.61 -20.10 -1.25
C VAL F 303 34.18 -20.02 -1.77
N ILE F 304 33.80 -18.88 -2.33
CA ILE F 304 32.47 -18.69 -2.89
C ILE F 304 32.27 -19.63 -4.08
N ILE F 305 33.33 -19.81 -4.85
CA ILE F 305 33.31 -20.73 -5.98
C ILE F 305 33.14 -22.17 -5.51
N LEU F 306 33.83 -22.52 -4.44
CA LEU F 306 33.74 -23.86 -3.86
C LEU F 306 32.32 -24.17 -3.38
N ILE F 307 31.64 -23.14 -2.89
CA ILE F 307 30.26 -23.29 -2.44
C ILE F 307 29.32 -23.62 -3.60
N ARG F 308 29.51 -22.91 -4.71
CA ARG F 308 28.68 -23.12 -5.90
C ARG F 308 28.90 -24.52 -6.47
N VAL F 309 30.13 -25.02 -6.35
CA VAL F 309 30.46 -26.36 -6.83
C VAL F 309 29.74 -27.40 -6.00
N TYR F 310 29.71 -27.19 -4.68
CA TYR F 310 29.04 -28.10 -3.76
C TYR F 310 27.55 -28.21 -4.07
N PHE F 311 26.92 -27.07 -4.34
CA PHE F 311 25.51 -27.04 -4.71
C PHE F 311 25.27 -27.77 -6.02
N ALA F 312 26.19 -27.63 -6.97
CA ALA F 312 26.06 -28.25 -8.28
C ALA F 312 26.34 -29.75 -8.23
N CYS F 313 27.26 -30.14 -7.36
CA CYS F 313 27.65 -31.55 -7.25
C CYS F 313 26.94 -32.25 -6.09
N ASP F 314 25.71 -31.81 -5.82
CA ASP F 314 24.85 -32.43 -4.80
C ASP F 314 25.51 -32.49 -3.43
N LEU F 315 25.83 -31.33 -2.87
CA LEU F 315 26.36 -31.23 -1.52
C LEU F 315 25.76 -30.01 -0.82
N GLU F 316 24.46 -30.03 -0.61
CA GLU F 316 23.75 -28.90 -0.01
C GLU F 316 24.26 -28.59 1.38
N ILE F 317 24.26 -29.59 2.24
CA ILE F 317 24.67 -29.44 3.63
C ILE F 317 26.11 -28.93 3.76
N ASP F 318 27.00 -29.49 2.95
CA ASP F 318 28.40 -29.05 2.95
C ASP F 318 28.53 -27.61 2.47
N ALA F 319 27.61 -27.19 1.62
CA ALA F 319 27.63 -25.82 1.08
C ALA F 319 27.08 -24.81 2.08
N VAL F 320 25.94 -25.13 2.69
CA VAL F 320 25.33 -24.24 3.67
C VAL F 320 26.21 -24.10 4.91
N ASP F 321 26.82 -25.21 5.33
CA ASP F 321 27.77 -25.19 6.44
C ASP F 321 28.94 -24.27 6.11
N LEU F 322 29.31 -24.22 4.84
CA LEU F 322 30.43 -23.38 4.40
C LEU F 322 29.99 -21.92 4.28
N ILE F 323 28.75 -21.69 3.86
CA ILE F 323 28.22 -20.33 3.75
C ILE F 323 28.14 -19.67 5.11
N ASN F 324 27.61 -20.39 6.09
CA ASN F 324 27.49 -19.89 7.45
C ASN F 324 28.86 -19.57 8.05
N GLU F 325 29.88 -20.31 7.62
CA GLU F 325 31.24 -20.07 8.08
C GLU F 325 31.77 -18.72 7.59
N GLN F 326 31.34 -18.32 6.40
CA GLN F 326 31.83 -17.09 5.80
C GLN F 326 31.07 -15.85 6.27
N LEU F 327 29.82 -16.04 6.68
CA LEU F 327 28.95 -14.92 7.04
C LEU F 327 28.81 -14.73 8.55
N ASN F 328 29.46 -15.59 9.33
CA ASN F 328 29.34 -15.53 10.78
C ASN F 328 30.68 -15.66 11.51
N SER F 329 31.47 -16.65 11.15
CA SER F 329 32.76 -16.88 11.80
C SER F 329 33.75 -15.76 11.52
N PRO F 330 34.37 -15.24 12.60
CA PRO F 330 35.34 -14.14 12.53
C PRO F 330 36.59 -14.49 11.73
N SER F 331 36.82 -15.78 11.49
CA SER F 331 38.00 -16.19 10.76
C SER F 331 37.74 -16.19 9.25
N SER F 332 36.59 -15.68 8.84
CA SER F 332 36.25 -15.60 7.43
C SER F 332 37.04 -14.49 6.75
N PHE F 333 37.11 -14.54 5.42
CA PHE F 333 37.87 -13.56 4.67
C PHE F 333 37.14 -12.22 4.64
N LEU F 334 35.84 -12.25 4.90
CA LEU F 334 35.03 -11.04 4.93
C LEU F 334 35.40 -10.17 6.12
N ALA F 335 35.81 -10.80 7.21
CA ALA F 335 36.25 -10.08 8.40
C ALA F 335 37.77 -9.98 8.43
N ASP F 336 38.31 -8.94 7.81
CA ASP F 336 39.74 -8.74 7.75
C ASP F 336 40.14 -7.36 8.24
N THR F 340 39.39 -3.79 2.03
CA THR F 340 38.64 -2.61 1.63
C THR F 340 37.20 -2.67 2.13
N SER F 341 36.33 -1.85 1.55
CA SER F 341 34.94 -1.78 1.99
C SER F 341 33.97 -2.01 0.83
N HIS F 342 34.50 -2.03 -0.38
CA HIS F 342 33.66 -2.23 -1.57
C HIS F 342 33.95 -3.55 -2.26
N ILE F 343 35.22 -3.94 -2.29
CA ILE F 343 35.61 -5.21 -2.89
C ILE F 343 35.16 -6.36 -1.99
N GLN F 344 35.11 -6.10 -0.69
CA GLN F 344 34.69 -7.11 0.27
C GLN F 344 33.17 -7.16 0.39
N LEU F 345 32.53 -6.03 0.13
CA LEU F 345 31.08 -5.90 0.26
C LEU F 345 30.35 -6.66 -0.84
N ILE F 346 30.93 -6.69 -2.03
CA ILE F 346 30.31 -7.39 -3.16
C ILE F 346 30.44 -8.90 -3.00
N PHE F 347 31.43 -9.34 -2.22
CA PHE F 347 31.60 -10.75 -1.94
C PHE F 347 30.53 -11.22 -0.95
N LYS F 348 30.22 -10.35 0.01
CA LYS F 348 29.19 -10.65 1.00
C LYS F 348 27.81 -10.72 0.35
N SER F 349 27.56 -9.83 -0.60
CA SER F 349 26.29 -9.80 -1.32
C SER F 349 26.07 -11.06 -2.13
N GLU F 350 27.14 -11.54 -2.77
CA GLU F 350 27.08 -12.77 -3.55
C GLU F 350 26.75 -13.97 -2.67
N LEU F 351 27.35 -14.01 -1.48
CA LEU F 351 27.08 -15.07 -0.53
C LEU F 351 25.63 -15.02 -0.07
N LEU F 352 25.13 -13.81 0.18
CA LEU F 352 23.74 -13.62 0.58
C LEU F 352 22.81 -13.97 -0.58
N SER F 353 23.23 -13.65 -1.80
CA SER F 353 22.43 -13.95 -2.99
C SER F 353 22.32 -15.46 -3.19
N ILE F 354 23.45 -16.15 -3.05
CA ILE F 354 23.48 -17.61 -3.18
C ILE F 354 22.63 -18.27 -2.10
N GLN F 355 22.79 -17.80 -0.87
CA GLN F 355 22.05 -18.33 0.27
C GLN F 355 20.56 -18.13 0.10
N SER F 356 20.17 -16.92 -0.31
CA SER F 356 18.76 -16.58 -0.47
C SER F 356 18.12 -17.33 -1.63
N GLU F 357 18.85 -17.47 -2.72
CA GLU F 357 18.37 -18.19 -3.90
C GLU F 357 18.22 -19.68 -3.59
N PHE F 358 19.16 -20.21 -2.82
CA PHE F 358 19.09 -21.60 -2.37
C PHE F 358 17.84 -21.84 -1.54
N LEU F 359 17.53 -20.88 -0.67
CA LEU F 359 16.34 -20.96 0.16
C LEU F 359 15.07 -20.88 -0.68
N LEU F 360 15.15 -20.21 -1.83
CA LEU F 360 13.97 -19.99 -2.66
C LEU F 360 13.70 -21.09 -3.67
N ASP F 361 14.69 -21.38 -4.53
CA ASP F 361 14.54 -22.37 -5.59
C ASP F 361 14.18 -23.74 -5.04
N VAL F 362 14.87 -24.13 -3.97
CA VAL F 362 14.55 -25.37 -3.26
C VAL F 362 14.25 -25.02 -1.81
N LYS F 363 13.75 -26.00 -1.05
CA LYS F 363 13.48 -25.86 0.38
C LYS F 363 12.32 -24.91 0.69
N ARG F 364 11.59 -24.47 -0.34
CA ARG F 364 10.46 -23.54 -0.18
C ARG F 364 10.86 -22.34 0.68
N ASP F 365 10.46 -22.38 1.96
CA ASP F 365 10.93 -21.45 3.00
C ASP F 365 11.07 -20.01 2.56
N TYR F 366 9.98 -19.39 2.13
CA TYR F 366 10.01 -18.03 1.62
C TYR F 366 10.29 -17.01 2.73
N LYS F 367 9.90 -17.34 3.95
CA LYS F 367 10.09 -16.42 5.07
C LYS F 367 11.56 -16.13 5.34
N LEU F 368 12.35 -17.20 5.49
CA LEU F 368 13.77 -17.04 5.75
C LEU F 368 14.50 -16.54 4.51
N ALA F 369 13.96 -16.87 3.35
CA ALA F 369 14.54 -16.44 2.08
C ALA F 369 14.42 -14.93 1.89
N LYS F 370 13.37 -14.36 2.47
CA LYS F 370 13.11 -12.92 2.38
C LYS F 370 14.11 -12.12 3.20
N GLU F 371 14.41 -12.61 4.40
CA GLU F 371 15.31 -11.92 5.32
C GLU F 371 16.74 -11.87 4.77
N VAL F 372 17.11 -12.87 3.99
CA VAL F 372 18.44 -12.93 3.38
C VAL F 372 18.46 -12.07 2.11
N ALA F 373 17.35 -12.07 1.39
CA ALA F 373 17.22 -11.31 0.15
C ALA F 373 17.34 -9.81 0.41
N MET F 374 16.75 -9.36 1.51
CA MET F 374 16.79 -7.94 1.86
C MET F 374 18.18 -7.51 2.29
N GLU F 375 18.90 -8.41 2.96
CA GLU F 375 20.27 -8.13 3.36
C GLU F 375 21.18 -8.09 2.14
N ALA F 376 20.84 -8.87 1.12
CA ALA F 376 21.59 -8.86 -0.13
C ALA F 376 21.43 -7.52 -0.83
N VAL F 377 20.24 -6.93 -0.69
CA VAL F 377 19.95 -5.63 -1.27
C VAL F 377 20.74 -4.55 -0.56
N ASN F 378 20.79 -4.62 0.77
CA ASN F 378 21.51 -3.64 1.57
C ASN F 378 23.02 -3.68 1.33
N CYS F 379 23.50 -4.79 0.78
CA CYS F 379 24.91 -4.92 0.45
C CYS F 379 25.20 -4.45 -0.98
N ALA F 380 24.23 -4.68 -1.87
CA ALA F 380 24.37 -4.27 -3.26
C ALA F 380 23.02 -3.86 -3.85
N PRO F 381 22.60 -2.61 -3.57
CA PRO F 381 21.31 -2.11 -4.06
C PRO F 381 21.32 -1.74 -5.53
N ASN F 382 22.51 -1.69 -6.14
CA ASN F 382 22.64 -1.37 -7.55
C ASN F 382 22.71 -2.62 -8.41
N GLU F 383 22.73 -3.78 -7.77
CA GLU F 383 22.79 -5.07 -8.46
C GLU F 383 21.39 -5.55 -8.85
N PHE F 384 21.30 -6.22 -10.00
CA PHE F 384 20.03 -6.71 -10.50
C PHE F 384 19.54 -7.95 -9.74
N LYS F 385 20.45 -8.89 -9.51
CA LYS F 385 20.10 -10.18 -8.92
C LYS F 385 19.52 -10.04 -7.51
N THR F 386 20.02 -9.06 -6.76
CA THR F 386 19.56 -8.83 -5.39
C THR F 386 18.08 -8.44 -5.38
N TRP F 387 17.73 -7.46 -6.21
CA TRP F 387 16.33 -7.02 -6.30
C TRP F 387 15.47 -8.06 -7.00
N TYR F 388 16.08 -8.81 -7.92
CA TYR F 388 15.37 -9.85 -8.66
C TYR F 388 14.93 -10.97 -7.72
N LEU F 389 15.79 -11.32 -6.78
CA LEU F 389 15.47 -12.35 -5.79
C LEU F 389 14.34 -11.91 -4.88
N LEU F 390 14.48 -10.71 -4.31
CA LEU F 390 13.50 -10.16 -3.38
C LEU F 390 12.11 -10.06 -4.01
N THR F 391 12.05 -9.73 -5.29
CA THR F 391 10.79 -9.66 -6.01
C THR F 391 10.14 -11.03 -6.11
N ARG F 392 10.95 -12.05 -6.37
CA ARG F 392 10.45 -13.42 -6.46
C ARG F 392 9.88 -13.90 -5.12
N ILE F 393 10.51 -13.49 -4.03
CA ILE F 393 10.05 -13.86 -2.70
C ILE F 393 8.68 -13.25 -2.42
N TYR F 394 8.54 -11.97 -2.76
CA TYR F 394 7.28 -11.26 -2.56
C TYR F 394 6.15 -11.91 -3.33
N ILE F 395 6.43 -12.34 -4.56
CA ILE F 395 5.43 -13.03 -5.37
C ILE F 395 5.04 -14.35 -4.72
N LYS F 396 6.04 -15.09 -4.24
CA LYS F 396 5.80 -16.36 -3.57
C LYS F 396 5.09 -16.16 -2.24
N LEU F 397 5.27 -14.98 -1.64
CA LEU F 397 4.63 -14.65 -0.38
C LEU F 397 3.26 -14.00 -0.61
N ASN F 398 2.81 -14.00 -1.86
CA ASN F 398 1.51 -13.45 -2.23
C ASN F 398 1.37 -11.97 -1.88
N ASP F 399 2.50 -11.28 -1.77
CA ASP F 399 2.51 -9.85 -1.49
C ASP F 399 2.80 -9.07 -2.76
N MET F 400 1.73 -8.82 -3.53
CA MET F 400 1.87 -8.17 -4.83
C MET F 400 2.10 -6.67 -4.69
N SER F 401 1.84 -6.14 -3.51
CA SER F 401 2.04 -4.72 -3.25
C SER F 401 3.52 -4.37 -3.29
N ASN F 402 4.31 -5.06 -2.48
CA ASN F 402 5.76 -4.82 -2.44
C ASN F 402 6.47 -5.49 -3.62
N ALA F 403 5.80 -6.44 -4.25
CA ALA F 403 6.35 -7.11 -5.42
C ALA F 403 6.51 -6.12 -6.57
N LEU F 404 5.54 -5.23 -6.72
CA LEU F 404 5.60 -4.20 -7.75
C LEU F 404 6.60 -3.11 -7.37
N LEU F 405 6.72 -2.85 -6.08
CA LEU F 405 7.68 -1.85 -5.58
C LEU F 405 9.11 -2.32 -5.76
N SER F 406 9.35 -3.59 -5.45
CA SER F 406 10.69 -4.17 -5.58
C SER F 406 11.07 -4.37 -7.04
N LEU F 407 10.06 -4.62 -7.88
CA LEU F 407 10.28 -4.79 -9.31
C LEU F 407 10.63 -3.46 -9.97
N ASN F 408 10.08 -2.38 -9.43
CA ASN F 408 10.31 -1.05 -9.96
C ASN F 408 11.70 -0.52 -9.62
N ALA F 409 12.17 -0.83 -8.41
CA ALA F 409 13.49 -0.39 -7.97
C ALA F 409 14.58 -1.32 -8.48
N CYS F 410 14.17 -2.32 -9.27
CA CYS F 410 15.10 -3.29 -9.84
C CYS F 410 15.84 -2.70 -11.03
N PRO F 411 17.17 -2.59 -10.94
CA PRO F 411 18.00 -2.02 -12.01
C PRO F 411 18.07 -2.93 -13.24
N MET F 412 18.09 -2.33 -14.42
CA MET F 412 18.12 -3.09 -15.66
C MET F 412 19.48 -3.02 -16.37
N SER F 413 19.71 -3.96 -17.28
CA SER F 413 20.92 -3.97 -18.09
C SER F 413 20.67 -3.22 -19.38
N GLN F 414 21.36 -2.11 -19.56
CA GLN F 414 21.09 -1.21 -20.69
C GLN F 414 22.20 -1.21 -21.73
N VAL F 415 23.33 -1.84 -21.42
CA VAL F 415 24.48 -1.83 -22.33
C VAL F 415 24.91 -3.23 -22.75
N LYS F 416 25.18 -4.07 -21.77
CA LYS F 416 25.70 -5.42 -22.01
C LYS F 416 24.69 -6.30 -22.75
N GLU F 417 25.20 -7.21 -23.58
CA GLU F 417 24.35 -8.12 -24.34
C GLU F 417 24.80 -9.57 -24.16
N LYS F 418 23.95 -10.51 -24.56
CA LYS F 418 24.28 -11.92 -24.48
C LYS F 418 25.32 -12.29 -25.54
N TYR F 419 26.17 -13.26 -25.21
CA TYR F 419 27.24 -13.67 -26.12
C TYR F 419 26.73 -14.48 -27.30
N VAL F 420 27.00 -13.98 -28.51
CA VAL F 420 26.63 -14.70 -29.72
C VAL F 420 27.79 -14.75 -30.70
N LEU F 421 27.68 -15.63 -31.69
CA LEU F 421 28.72 -15.75 -32.72
C LEU F 421 28.51 -14.72 -33.83
N ARG F 422 29.52 -13.89 -34.06
CA ARG F 422 29.44 -12.86 -35.08
C ARG F 422 30.39 -13.16 -36.25
N ALA F 425 33.64 -11.81 -42.00
CA ALA F 425 33.28 -10.84 -43.03
C ALA F 425 31.84 -11.05 -43.49
N PRO F 426 30.99 -10.04 -43.30
CA PRO F 426 29.57 -10.09 -43.68
C PRO F 426 29.37 -10.32 -45.17
N ILE F 427 28.42 -11.18 -45.52
CA ILE F 427 28.11 -11.46 -46.91
C ILE F 427 26.61 -11.33 -47.18
N LEU F 433 26.97 -19.94 -50.31
CA LEU F 433 27.26 -20.83 -49.19
C LEU F 433 27.26 -22.29 -49.63
N HIS F 434 28.06 -23.11 -48.96
CA HIS F 434 28.09 -24.54 -49.25
C HIS F 434 27.49 -25.30 -48.09
N LEU F 435 26.41 -26.04 -48.35
CA LEU F 435 25.71 -26.78 -47.32
C LEU F 435 25.67 -28.28 -47.59
N PRO F 436 26.68 -29.01 -47.10
CA PRO F 436 26.72 -30.47 -47.29
C PRO F 436 25.71 -31.19 -46.40
N LEU F 437 24.70 -31.78 -47.03
CA LEU F 437 23.66 -32.51 -46.29
C LEU F 437 24.17 -33.87 -45.82
N PRO F 438 24.17 -34.09 -44.49
CA PRO F 438 24.63 -35.35 -43.90
C PRO F 438 23.57 -36.46 -43.96
N ASN F 450 14.61 -37.79 -40.13
CA ASN F 450 13.99 -38.45 -41.28
C ASN F 450 13.25 -37.51 -42.23
N PRO F 451 12.42 -36.58 -41.70
CA PRO F 451 11.80 -35.66 -42.67
C PRO F 451 12.83 -34.69 -43.29
N MET F 452 13.18 -33.62 -42.57
CA MET F 452 14.18 -32.66 -43.03
C MET F 452 13.96 -32.25 -44.48
N ASP F 453 12.97 -31.40 -44.71
CA ASP F 453 12.61 -31.02 -46.06
C ASP F 453 11.87 -29.68 -46.19
N VAL F 454 11.89 -29.14 -47.40
CA VAL F 454 11.08 -28.00 -47.82
C VAL F 454 11.28 -26.70 -47.04
N GLN F 455 10.53 -25.67 -47.42
CA GLN F 455 10.68 -24.33 -46.89
C GLN F 455 9.70 -24.06 -45.76
N LEU F 456 10.21 -23.59 -44.62
CA LEU F 456 9.36 -23.23 -43.50
C LEU F 456 9.14 -21.72 -43.49
N GLU F 457 8.00 -21.31 -42.94
CA GLU F 457 7.58 -19.91 -42.93
C GLU F 457 7.49 -19.37 -44.36
N GLN F 458 8.12 -18.23 -44.58
CA GLN F 458 8.05 -17.53 -45.86
C GLN F 458 6.59 -17.37 -46.27
N LYS F 459 5.74 -17.07 -45.28
CA LYS F 459 4.30 -17.02 -45.49
C LYS F 459 3.62 -15.93 -44.67
N SER F 460 2.33 -15.75 -44.93
CA SER F 460 1.53 -14.78 -44.19
C SER F 460 1.15 -15.29 -42.81
N ALA F 461 1.05 -14.38 -41.85
CA ALA F 461 0.65 -14.73 -40.50
C ALA F 461 -0.15 -13.59 -39.89
N ASP F 462 -0.88 -13.88 -38.81
CA ASP F 462 -1.67 -12.88 -38.11
C ASP F 462 -0.79 -11.70 -37.68
N PRO F 463 -1.04 -10.51 -38.26
CA PRO F 463 -0.23 -9.31 -38.03
C PRO F 463 -0.05 -8.96 -36.55
N ASN F 464 -1.05 -9.25 -35.72
CA ASN F 464 -0.97 -8.95 -34.30
C ASN F 464 -0.35 -10.10 -33.51
N LEU F 465 -0.08 -11.21 -34.20
CA LEU F 465 0.50 -12.39 -33.56
C LEU F 465 2.03 -12.41 -33.70
N VAL F 466 2.52 -11.92 -34.83
CA VAL F 466 3.95 -11.93 -35.10
C VAL F 466 4.60 -10.63 -34.63
N ASN F 467 3.80 -9.58 -34.50
CA ASN F 467 4.30 -8.28 -34.06
C ASN F 467 4.25 -8.12 -32.54
N LEU F 468 4.19 -9.24 -31.83
CA LEU F 468 4.19 -9.21 -30.37
C LEU F 468 5.53 -8.70 -29.83
N SER F 469 5.49 -7.52 -29.20
CA SER F 469 6.70 -6.90 -28.68
C SER F 469 7.22 -7.63 -27.45
N ALA F 470 6.37 -8.44 -26.83
CA ALA F 470 6.76 -9.21 -25.66
C ALA F 470 7.76 -10.29 -26.03
N SER F 471 7.76 -10.68 -27.30
CA SER F 471 8.74 -11.62 -27.81
C SER F 471 10.06 -10.93 -28.06
N SER F 472 11.13 -11.71 -28.16
CA SER F 472 12.48 -11.19 -28.43
C SER F 472 12.95 -10.19 -27.39
N LEU F 473 12.46 -10.32 -26.17
CA LEU F 473 12.94 -9.50 -25.05
C LEU F 473 14.31 -10.00 -24.59
N LYS F 474 15.24 -9.07 -24.40
CA LYS F 474 16.61 -9.44 -24.04
C LYS F 474 16.99 -8.96 -22.66
N SER F 475 18.11 -9.48 -22.15
CA SER F 475 18.68 -9.07 -20.87
C SER F 475 17.70 -9.23 -19.72
N THR F 476 17.80 -8.33 -18.74
CA THR F 476 17.00 -8.37 -17.53
C THR F 476 15.52 -8.08 -17.81
N PHE F 477 15.25 -7.42 -18.93
CA PHE F 477 13.89 -7.06 -19.30
C PHE F 477 13.04 -8.31 -19.55
N GLN F 478 13.68 -9.37 -20.02
CA GLN F 478 13.00 -10.65 -20.23
C GLN F 478 12.68 -11.30 -18.89
N LEU F 479 13.65 -11.30 -17.99
CA LEU F 479 13.49 -11.89 -16.67
C LEU F 479 12.46 -11.13 -15.84
N ALA F 480 12.39 -9.82 -16.06
CA ALA F 480 11.43 -8.98 -15.35
C ALA F 480 10.01 -9.23 -15.84
N TYR F 481 9.88 -9.49 -17.14
CA TYR F 481 8.58 -9.74 -17.75
C TYR F 481 7.99 -11.05 -17.27
N LYS F 482 8.86 -12.02 -16.96
CA LYS F 482 8.42 -13.32 -16.45
C LYS F 482 7.76 -13.17 -15.09
N LEU F 483 8.31 -12.27 -14.26
CA LEU F 483 7.77 -12.01 -12.94
C LEU F 483 6.46 -11.24 -13.04
N LEU F 484 6.35 -10.39 -14.05
CA LEU F 484 5.15 -9.58 -14.25
C LEU F 484 3.98 -10.46 -14.65
N THR F 485 4.24 -11.45 -15.50
CA THR F 485 3.23 -12.40 -15.91
C THR F 485 2.86 -13.32 -14.76
N GLU F 486 3.81 -13.54 -13.87
CA GLU F 486 3.57 -14.36 -12.68
C GLU F 486 2.69 -13.62 -11.69
N ILE F 487 2.77 -12.29 -11.70
CA ILE F 487 1.94 -11.45 -10.84
C ILE F 487 0.51 -11.36 -11.36
N VAL F 488 0.37 -11.11 -12.66
CA VAL F 488 -0.94 -10.96 -13.28
C VAL F 488 -1.70 -12.28 -13.32
N GLN F 489 -0.98 -13.39 -13.11
CA GLN F 489 -1.59 -14.70 -13.07
C GLN F 489 -2.45 -14.88 -11.82
N ILE F 490 -2.02 -14.26 -10.74
CA ILE F 490 -2.72 -14.36 -9.46
C ILE F 490 -3.81 -13.29 -9.34
N THR F 491 -3.44 -12.04 -9.63
CA THR F 491 -4.35 -10.92 -9.44
C THR F 491 -5.35 -10.78 -10.58
N GLY F 492 -4.85 -10.85 -11.82
CA GLY F 492 -5.68 -10.59 -12.98
C GLY F 492 -5.40 -9.18 -13.46
N TRP F 493 -5.74 -8.90 -14.72
CA TRP F 493 -5.44 -7.58 -15.30
C TRP F 493 -6.20 -6.45 -14.63
N GLU F 494 -7.46 -6.69 -14.29
CA GLU F 494 -8.30 -5.67 -13.66
C GLU F 494 -7.82 -5.34 -12.25
N GLN F 495 -7.44 -6.38 -11.50
CA GLN F 495 -6.97 -6.19 -10.14
C GLN F 495 -5.55 -5.62 -10.13
N LEU F 496 -4.80 -5.90 -11.19
CA LEU F 496 -3.43 -5.42 -11.33
C LEU F 496 -3.42 -3.91 -11.49
N LEU F 497 -4.38 -3.38 -12.24
CA LEU F 497 -4.49 -1.94 -12.45
C LEU F 497 -4.84 -1.22 -11.16
N LYS F 498 -5.54 -1.92 -10.26
CA LYS F 498 -5.86 -1.37 -8.96
C LYS F 498 -4.60 -1.22 -8.12
N TYR F 499 -3.74 -2.24 -8.17
CA TYR F 499 -2.46 -2.19 -7.49
C TYR F 499 -1.56 -1.14 -8.13
N ARG F 500 -1.57 -1.10 -9.45
CA ARG F 500 -0.73 -0.19 -10.23
C ARG F 500 -1.08 1.27 -9.94
N SER F 501 -2.38 1.60 -10.01
CA SER F 501 -2.84 2.96 -9.80
C SER F 501 -2.75 3.39 -8.33
N LYS F 502 -2.46 2.43 -7.45
CA LYS F 502 -2.38 2.69 -6.02
C LYS F 502 -0.98 3.17 -5.61
N ILE F 503 0.05 2.66 -6.28
CA ILE F 503 1.42 2.95 -5.89
C ILE F 503 2.21 3.65 -7.00
N PHE F 504 1.59 3.87 -8.15
CA PHE F 504 2.24 4.57 -9.24
C PHE F 504 1.42 5.79 -9.67
N VAL F 505 2.06 6.72 -10.37
CA VAL F 505 1.40 7.93 -10.83
C VAL F 505 0.77 7.73 -12.21
N SER F 532 1.85 10.44 -1.99
CA SER F 532 2.50 9.28 -1.38
C SER F 532 2.67 8.15 -2.38
N LYS F 533 3.03 8.50 -3.60
CA LYS F 533 3.24 7.51 -4.66
C LYS F 533 4.61 7.71 -5.29
N ARG F 534 4.99 6.80 -6.18
CA ARG F 534 6.30 6.87 -6.84
C ARG F 534 6.18 6.78 -8.36
N LEU F 535 7.16 7.36 -9.05
CA LEU F 535 7.18 7.37 -10.51
C LEU F 535 7.60 6.01 -11.08
N CYS F 536 6.91 5.57 -12.13
CA CYS F 536 7.26 4.33 -12.82
C CYS F 536 8.53 4.49 -13.64
N GLU F 537 9.33 3.44 -13.72
CA GLU F 537 10.63 3.50 -14.37
C GLU F 537 10.59 3.29 -15.88
N ARG F 538 9.47 3.68 -16.51
CA ARG F 538 9.32 3.62 -17.96
C ARG F 538 9.41 2.21 -18.54
N TRP F 539 10.53 1.52 -18.30
CA TRP F 539 10.71 0.16 -18.81
C TRP F 539 9.66 -0.78 -18.24
N LEU F 540 9.26 -0.51 -17.00
CA LEU F 540 8.21 -1.29 -16.36
C LEU F 540 6.86 -1.00 -17.00
N ASP F 541 6.62 0.27 -17.28
CA ASP F 541 5.37 0.69 -17.91
C ASP F 541 5.23 0.08 -19.30
N ASN F 542 6.35 -0.03 -20.02
CA ASN F 542 6.36 -0.63 -21.34
C ASN F 542 6.00 -2.10 -21.29
N LEU F 543 6.43 -2.78 -20.22
CA LEU F 543 6.12 -4.19 -20.04
C LEU F 543 4.63 -4.41 -19.80
N PHE F 544 3.97 -3.41 -19.21
CA PHE F 544 2.54 -3.47 -19.01
C PHE F 544 1.81 -3.42 -20.35
N MET F 545 2.34 -2.62 -21.28
CA MET F 545 1.80 -2.55 -22.63
C MET F 545 1.99 -3.88 -23.35
N LEU F 546 3.15 -4.50 -23.11
CA LEU F 546 3.47 -5.79 -23.70
C LEU F 546 2.62 -6.89 -23.08
N LEU F 547 2.34 -6.76 -21.78
CA LEU F 547 1.53 -7.74 -21.07
C LEU F 547 0.09 -7.72 -21.58
N TYR F 548 -0.42 -6.54 -21.87
CA TYR F 548 -1.79 -6.38 -22.35
C TYR F 548 -1.96 -7.01 -23.73
N GLU F 549 -0.92 -6.93 -24.56
CA GLU F 549 -0.96 -7.49 -25.90
C GLU F 549 -0.97 -9.02 -25.87
N ASP F 550 -0.24 -9.60 -24.93
CA ASP F 550 -0.17 -11.05 -24.79
C ASP F 550 -1.44 -11.63 -24.20
N LEU F 551 -2.00 -10.96 -23.20
CA LEU F 551 -3.24 -11.40 -22.58
C LEU F 551 -4.40 -11.35 -23.57
N LYS F 552 -4.40 -10.32 -24.41
CA LYS F 552 -5.42 -10.17 -25.43
C LYS F 552 -5.30 -11.28 -26.46
N THR F 553 -4.08 -11.55 -26.89
CA THR F 553 -3.80 -12.58 -27.89
C THR F 553 -4.20 -13.97 -27.38
N TYR F 554 -3.81 -14.26 -26.14
CA TYR F 554 -4.08 -15.56 -25.53
C TYR F 554 -5.58 -15.78 -25.32
N THR F 555 -6.29 -14.72 -24.95
CA THR F 555 -7.72 -14.81 -24.69
C THR F 555 -8.52 -14.92 -25.99
N ASP F 556 -8.11 -14.17 -27.00
CA ASP F 556 -8.77 -14.21 -28.30
C ASP F 556 -8.54 -15.56 -28.99
N TRP F 557 -7.48 -16.25 -28.59
CA TRP F 557 -7.15 -17.55 -29.16
C TRP F 557 -7.97 -18.65 -28.48
N GLN F 558 -8.01 -18.61 -27.16
CA GLN F 558 -8.72 -19.62 -26.39
C GLN F 558 -10.23 -19.52 -26.57
N SER F 559 -10.73 -18.30 -26.75
CA SER F 559 -12.14 -18.07 -26.99
C SER F 559 -12.54 -18.61 -28.36
N GLU F 560 -11.63 -18.46 -29.32
CA GLU F 560 -11.85 -18.97 -30.67
C GLU F 560 -11.76 -20.49 -30.71
N GLN F 561 -10.75 -21.03 -30.03
CA GLN F 561 -10.52 -22.47 -29.99
C GLN F 561 -11.64 -23.20 -29.25
N LEU F 562 -12.28 -22.51 -28.31
CA LEU F 562 -13.39 -23.07 -27.56
C LEU F 562 -14.63 -23.22 -28.45
N LYS F 573 -4.67 -23.98 -38.31
CA LYS F 573 -3.59 -23.04 -38.04
C LYS F 573 -2.24 -23.61 -38.46
N LEU F 574 -1.42 -22.78 -39.08
CA LEU F 574 -0.08 -23.19 -39.52
C LEU F 574 0.81 -23.46 -38.32
N THR F 575 1.83 -24.30 -38.52
CA THR F 575 2.73 -24.71 -37.45
C THR F 575 3.46 -23.52 -36.83
N VAL F 576 3.85 -22.57 -37.67
CA VAL F 576 4.52 -21.36 -37.20
C VAL F 576 3.58 -20.54 -36.33
N GLU F 577 2.30 -20.52 -36.71
CA GLU F 577 1.29 -19.83 -35.94
C GLU F 577 1.08 -20.51 -34.59
N TRP F 578 1.31 -21.83 -34.55
CA TRP F 578 1.22 -22.57 -33.30
C TRP F 578 2.43 -22.27 -32.41
N GLU F 579 3.57 -21.99 -33.03
CA GLU F 579 4.77 -21.61 -32.30
C GLU F 579 4.55 -20.29 -31.58
N LEU F 580 4.06 -19.31 -32.33
CA LEU F 580 3.85 -17.96 -31.81
C LEU F 580 2.85 -17.95 -30.66
N PHE F 581 1.77 -18.70 -30.79
CA PHE F 581 0.79 -18.81 -29.72
C PHE F 581 1.35 -19.60 -28.55
N GLY F 582 2.10 -20.66 -28.87
CA GLY F 582 2.71 -21.49 -27.85
C GLY F 582 3.72 -20.71 -27.01
N LEU F 583 4.53 -19.91 -27.69
CA LEU F 583 5.50 -19.06 -27.02
C LEU F 583 4.79 -17.98 -26.22
N CYS F 584 3.64 -17.54 -26.73
CA CYS F 584 2.84 -16.54 -26.04
C CYS F 584 2.25 -17.09 -24.76
N ALA F 585 1.74 -18.32 -24.84
CA ALA F 585 1.15 -18.99 -23.68
C ALA F 585 2.23 -19.34 -22.66
N LYS F 586 3.43 -19.65 -23.15
CA LYS F 586 4.54 -19.99 -22.28
C LYS F 586 5.01 -18.75 -21.51
N ARG F 587 4.97 -17.60 -22.17
CA ARG F 587 5.37 -16.35 -21.53
C ARG F 587 4.42 -15.95 -20.43
N LEU F 588 3.13 -16.26 -20.61
CA LEU F 588 2.12 -15.90 -19.63
C LEU F 588 2.05 -16.91 -18.48
N GLY F 589 2.72 -18.04 -18.65
CA GLY F 589 2.80 -19.06 -17.62
C GLY F 589 1.78 -20.17 -17.77
N HIS F 590 1.23 -20.29 -18.98
CA HIS F 590 0.27 -21.35 -19.27
C HIS F 590 0.97 -22.52 -19.94
N LEU F 591 1.72 -23.29 -19.16
CA LEU F 591 2.55 -24.37 -19.68
C LEU F 591 1.76 -25.51 -20.35
N PRO F 592 0.71 -26.05 -19.69
CA PRO F 592 0.04 -27.15 -20.38
C PRO F 592 -0.72 -26.72 -21.63
N GLU F 593 -1.20 -25.49 -21.67
CA GLU F 593 -1.91 -24.99 -22.84
C GLU F 593 -0.93 -24.67 -23.97
N ALA F 594 0.32 -24.37 -23.60
CA ALA F 594 1.35 -24.08 -24.58
C ALA F 594 1.91 -25.37 -25.16
N ALA F 595 2.00 -26.40 -24.32
CA ALA F 595 2.52 -27.69 -24.73
C ALA F 595 1.61 -28.32 -25.79
N LYS F 596 0.32 -28.07 -25.67
CA LYS F 596 -0.65 -28.57 -26.64
C LYS F 596 -0.44 -27.90 -27.99
N ALA F 597 -0.21 -26.59 -27.96
CA ALA F 597 0.05 -25.82 -29.17
C ALA F 597 1.31 -26.31 -29.86
N PHE F 598 2.33 -26.59 -29.06
CA PHE F 598 3.59 -27.10 -29.57
C PHE F 598 3.44 -28.53 -30.09
N GLN F 599 2.57 -29.30 -29.44
CA GLN F 599 2.34 -30.69 -29.81
C GLN F 599 1.54 -30.78 -31.12
N ILE F 600 0.60 -29.86 -31.29
CA ILE F 600 -0.20 -29.81 -32.52
C ILE F 600 0.68 -29.40 -33.69
N GLY F 601 1.52 -28.39 -33.49
CA GLY F 601 2.44 -27.92 -34.49
C GLY F 601 3.53 -28.94 -34.83
N LEU F 602 3.73 -29.88 -33.91
CA LEU F 602 4.75 -30.91 -34.10
C LEU F 602 4.25 -32.04 -35.00
N SER F 603 2.94 -32.10 -35.19
CA SER F 603 2.34 -33.16 -35.99
C SER F 603 2.37 -32.83 -37.48
N GLN F 604 2.03 -31.59 -37.81
CA GLN F 604 1.99 -31.14 -39.19
C GLN F 604 3.40 -30.95 -39.78
N ARG F 605 4.36 -30.64 -38.91
CA ARG F 605 5.72 -30.37 -39.32
C ARG F 605 6.66 -30.54 -38.13
N PHE F 606 7.96 -30.61 -38.41
CA PHE F 606 8.94 -30.78 -37.35
C PHE F 606 9.09 -29.54 -36.47
N SER F 607 9.79 -28.53 -36.97
CA SER F 607 10.08 -27.29 -36.25
C SER F 607 10.91 -27.53 -34.98
N PRO F 608 12.07 -26.84 -34.89
CA PRO F 608 12.96 -26.93 -33.73
C PRO F 608 12.37 -26.28 -32.47
N VAL F 609 11.65 -25.18 -32.65
CA VAL F 609 11.03 -24.46 -31.54
C VAL F 609 10.03 -25.31 -30.79
N CYS F 610 9.17 -26.00 -31.54
CA CYS F 610 8.16 -26.86 -30.93
C CYS F 610 8.78 -28.05 -30.22
N ALA F 611 9.79 -28.64 -30.85
CA ALA F 611 10.45 -29.83 -30.30
C ALA F 611 11.19 -29.51 -29.00
N LYS F 612 11.95 -28.42 -29.00
CA LYS F 612 12.72 -28.02 -27.82
C LYS F 612 11.82 -27.62 -26.66
N ASN F 613 10.72 -26.96 -26.97
CA ASN F 613 9.79 -26.51 -25.94
C ASN F 613 8.95 -27.64 -25.36
N LEU F 614 8.56 -28.58 -26.22
CA LEU F 614 7.79 -29.73 -25.77
C LEU F 614 8.67 -30.67 -24.95
N LEU F 615 9.96 -30.71 -25.29
CA LEU F 615 10.93 -31.52 -24.55
C LEU F 615 11.08 -31.00 -23.12
N GLN F 616 11.16 -29.68 -22.98
CA GLN F 616 11.28 -29.06 -21.67
C GLN F 616 10.02 -29.28 -20.85
N PHE F 617 8.89 -29.44 -21.54
CA PHE F 617 7.62 -29.72 -20.87
C PHE F 617 7.66 -31.06 -20.15
N TYR F 618 8.18 -32.07 -20.83
CA TYR F 618 8.28 -33.40 -20.23
C TYR F 618 9.28 -33.43 -19.08
N ILE F 619 10.32 -32.61 -19.19
CA ILE F 619 11.31 -32.48 -18.12
C ILE F 619 10.64 -31.91 -16.87
N ASP F 620 9.84 -30.88 -17.06
CA ASP F 620 9.10 -30.26 -15.95
C ASP F 620 8.05 -31.21 -15.40
N GLU F 621 7.41 -31.97 -16.28
CA GLU F 621 6.42 -32.95 -15.87
C GLU F 621 7.06 -34.08 -15.09
N HIS F 622 8.29 -34.41 -15.45
CA HIS F 622 9.03 -35.47 -14.77
C HIS F 622 9.41 -35.04 -13.36
N LYS F 623 9.94 -33.83 -13.23
CA LYS F 623 10.34 -33.30 -11.93
C LYS F 623 9.13 -33.10 -11.01
N ARG F 624 8.00 -32.78 -11.60
CA ARG F 624 6.77 -32.53 -10.84
C ARG F 624 6.29 -33.78 -10.11
N ILE F 625 6.27 -34.90 -10.83
CA ILE F 625 5.82 -36.16 -10.27
C ILE F 625 6.76 -36.63 -9.16
N ARG F 626 8.06 -36.51 -9.39
CA ARG F 626 9.07 -36.93 -8.43
C ARG F 626 9.02 -36.10 -7.14
N ARG F 627 8.62 -34.83 -7.27
CA ARG F 627 8.53 -33.95 -6.12
C ARG F 627 7.24 -34.15 -5.33
N ASP F 628 6.13 -34.32 -6.05
CA ASP F 628 4.83 -34.51 -5.44
C ASP F 628 4.70 -35.88 -4.77
N SER F 629 5.44 -36.85 -5.27
CA SER F 629 5.42 -38.20 -4.72
C SER F 629 6.09 -38.26 -3.35
N THR F 637 -0.14 -44.08 -6.45
CA THR F 637 0.17 -45.48 -6.18
C THR F 637 1.37 -45.95 -6.99
N SER F 638 1.74 -47.21 -6.82
CA SER F 638 2.89 -47.78 -7.50
C SER F 638 2.68 -47.88 -9.02
N SER F 639 1.51 -48.35 -9.42
CA SER F 639 1.21 -48.54 -10.84
C SER F 639 1.18 -47.22 -11.60
N GLN F 640 0.76 -46.15 -10.93
CA GLN F 640 0.73 -44.82 -11.54
C GLN F 640 2.13 -44.28 -11.81
N ILE F 641 3.05 -44.51 -10.89
CA ILE F 641 4.42 -44.02 -11.03
C ILE F 641 5.16 -44.75 -12.14
N LEU F 642 5.02 -46.06 -12.18
CA LEU F 642 5.70 -46.88 -13.17
C LEU F 642 5.29 -46.54 -14.60
N SER F 643 4.00 -46.24 -14.79
CA SER F 643 3.49 -45.94 -16.12
C SER F 643 3.72 -44.50 -16.54
N SER F 644 3.51 -43.55 -15.62
CA SER F 644 3.65 -42.14 -15.94
C SER F 644 5.09 -41.74 -16.26
N ILE F 645 6.03 -42.28 -15.48
CA ILE F 645 7.44 -41.98 -15.68
C ILE F 645 7.96 -42.57 -16.98
N ASN F 646 7.60 -43.82 -17.24
CA ASN F 646 8.05 -44.52 -18.45
C ASN F 646 7.56 -43.83 -19.71
N ASP F 647 6.30 -43.39 -19.70
CA ASP F 647 5.71 -42.70 -20.84
C ASP F 647 6.42 -41.37 -21.09
N ILE F 648 6.83 -40.70 -20.02
CA ILE F 648 7.55 -39.45 -20.14
C ILE F 648 8.97 -39.69 -20.65
N ASP F 649 9.65 -40.68 -20.07
CA ASP F 649 11.02 -41.01 -20.47
C ASP F 649 11.12 -41.35 -21.95
N SER F 650 10.16 -42.12 -22.45
CA SER F 650 10.14 -42.50 -23.85
C SER F 650 9.90 -41.29 -24.75
N SER F 651 9.03 -40.39 -24.30
CA SER F 651 8.75 -39.17 -25.05
C SER F 651 9.94 -38.23 -25.04
N ILE F 652 10.67 -38.23 -23.92
CA ILE F 652 11.90 -37.43 -23.81
C ILE F 652 12.95 -37.92 -24.81
N ILE F 653 13.22 -39.22 -24.77
CA ILE F 653 14.18 -39.83 -25.67
C ILE F 653 13.77 -39.61 -27.13
N ASP F 654 12.49 -39.74 -27.40
CA ASP F 654 11.96 -39.55 -28.75
C ASP F 654 12.22 -38.15 -29.27
N LEU F 655 12.21 -37.16 -28.37
CA LEU F 655 12.43 -35.78 -28.75
C LEU F 655 13.92 -35.43 -28.82
N VAL F 656 14.69 -35.99 -27.89
CA VAL F 656 16.14 -35.75 -27.86
C VAL F 656 16.80 -36.25 -29.14
N VAL F 657 16.40 -37.43 -29.60
CA VAL F 657 16.92 -38.00 -30.83
C VAL F 657 16.62 -37.11 -32.04
N LYS F 658 15.38 -36.62 -32.11
CA LYS F 658 14.96 -35.80 -33.24
C LYS F 658 15.70 -34.47 -33.30
N ILE F 659 15.83 -33.81 -32.16
CA ILE F 659 16.51 -32.52 -32.08
C ILE F 659 18.00 -32.67 -32.38
N CYS F 660 18.60 -33.72 -31.85
CA CYS F 660 20.02 -33.97 -32.06
C CYS F 660 20.31 -34.26 -33.54
N CYS F 661 19.37 -34.93 -34.19
CA CYS F 661 19.49 -35.21 -35.62
C CYS F 661 19.35 -33.92 -36.43
N TRP F 662 18.54 -33.00 -35.94
CA TRP F 662 18.35 -31.72 -36.60
C TRP F 662 19.57 -30.82 -36.39
N ASN F 663 20.20 -30.93 -35.22
CA ASN F 663 21.41 -30.18 -34.92
C ASN F 663 22.57 -30.68 -35.76
N HIS F 664 22.62 -31.98 -35.99
CA HIS F 664 23.68 -32.59 -36.79
C HIS F 664 23.61 -32.14 -38.25
N ARG F 665 22.40 -31.85 -38.71
CA ARG F 665 22.21 -31.38 -40.08
C ARG F 665 22.75 -29.97 -40.25
N TRP F 666 22.70 -29.20 -39.17
CA TRP F 666 23.21 -27.83 -39.20
C TRP F 666 24.53 -27.72 -38.44
N TYR F 667 25.36 -28.75 -38.57
CA TYR F 667 26.74 -28.74 -38.10
C TYR F 667 26.87 -28.47 -36.60
N ILE F 668 25.95 -29.02 -35.83
CA ILE F 668 25.99 -28.88 -34.37
C ILE F 668 26.04 -30.24 -33.70
N GLU F 669 27.17 -30.53 -33.04
CA GLU F 669 27.37 -31.83 -32.41
C GLU F 669 27.31 -31.70 -30.89
N PHE F 670 27.04 -30.50 -30.39
CA PHE F 670 27.04 -30.23 -28.96
C PHE F 670 25.84 -29.43 -28.51
N SER F 671 25.12 -29.93 -27.51
CA SER F 671 23.97 -29.24 -26.96
C SER F 671 23.77 -29.62 -25.49
N ILE F 672 24.02 -28.66 -24.60
CA ILE F 672 23.91 -28.89 -23.17
C ILE F 672 22.49 -29.27 -22.75
N ILE F 673 21.51 -28.67 -23.42
CA ILE F 673 20.10 -28.95 -23.15
C ILE F 673 19.78 -30.43 -23.36
N LEU F 674 20.25 -30.97 -24.48
CA LEU F 674 19.99 -32.36 -24.84
C LEU F 674 20.76 -33.32 -23.95
N ILE F 675 21.92 -32.90 -23.49
CA ILE F 675 22.72 -33.71 -22.57
C ILE F 675 22.02 -33.83 -21.23
N ASP F 676 21.51 -32.71 -20.73
CA ASP F 676 20.75 -32.71 -19.48
C ASP F 676 19.43 -33.44 -19.64
N ALA F 677 18.81 -33.29 -20.81
CA ALA F 677 17.52 -33.93 -21.09
C ALA F 677 17.64 -35.45 -21.10
N LEU F 678 18.62 -35.95 -21.83
CA LEU F 678 18.83 -37.40 -21.93
C LEU F 678 19.33 -37.96 -20.61
N SER F 679 19.99 -37.12 -19.82
CA SER F 679 20.50 -37.53 -18.52
C SER F 679 19.36 -37.87 -17.56
N VAL F 680 18.20 -37.26 -17.79
CA VAL F 680 17.02 -37.52 -16.97
C VAL F 680 16.57 -38.97 -17.08
N ALA F 681 16.53 -39.48 -18.31
CA ALA F 681 16.15 -40.86 -18.56
C ALA F 681 17.22 -41.83 -18.03
N VAL F 682 18.48 -41.45 -18.21
CA VAL F 682 19.61 -42.27 -17.78
C VAL F 682 19.59 -42.51 -16.27
N GLN F 683 19.18 -41.50 -15.52
CA GLN F 683 19.06 -41.64 -14.07
C GLN F 683 17.97 -42.64 -13.70
N ASP F 684 16.93 -42.71 -14.54
CA ASP F 684 15.83 -43.63 -14.32
C ASP F 684 16.16 -45.02 -14.86
N MET F 685 16.33 -45.12 -16.17
CA MET F 685 16.64 -46.39 -16.82
C MET F 685 18.14 -46.45 -17.15
N GLY F 686 18.71 -47.64 -17.06
CA GLY F 686 20.14 -47.83 -17.23
C GLY F 686 20.74 -47.24 -18.48
N ILE F 687 22.04 -46.98 -18.43
CA ILE F 687 22.78 -46.40 -19.56
C ILE F 687 22.72 -47.26 -20.82
N THR F 688 22.59 -48.58 -20.62
CA THR F 688 22.50 -49.52 -21.73
C THR F 688 21.07 -49.65 -22.24
N LYS F 689 20.11 -49.45 -21.33
CA LYS F 689 18.70 -49.53 -21.69
C LYS F 689 18.27 -48.37 -22.57
N VAL F 690 18.84 -47.20 -22.30
CA VAL F 690 18.53 -46.00 -23.08
C VAL F 690 19.00 -46.18 -24.51
N HIS F 691 20.18 -46.76 -24.68
CA HIS F 691 20.76 -46.98 -26.00
C HIS F 691 19.88 -47.91 -26.84
N ASN F 692 19.43 -49.00 -26.22
CA ASN F 692 18.57 -49.96 -26.91
C ASN F 692 17.19 -49.40 -27.21
N GLU F 693 16.77 -48.42 -26.40
CA GLU F 693 15.51 -47.73 -26.63
C GLU F 693 15.58 -46.92 -27.92
N ILE F 694 16.73 -46.31 -28.16
CA ILE F 694 16.96 -45.51 -29.36
C ILE F 694 17.14 -46.40 -30.59
N ALA F 695 17.90 -47.48 -30.42
CA ALA F 695 18.19 -48.40 -31.52
C ALA F 695 16.94 -49.17 -31.95
N SER F 696 15.92 -49.18 -31.10
CA SER F 696 14.68 -49.89 -31.41
C SER F 696 13.73 -49.01 -32.23
N ARG F 697 13.40 -47.83 -31.69
CA ARG F 697 12.46 -46.93 -32.34
C ARG F 697 13.08 -46.27 -33.57
N PHE F 698 14.39 -46.04 -33.51
CA PHE F 698 15.10 -45.41 -34.64
C PHE F 698 16.06 -46.40 -35.28
N SER F 699 16.72 -45.96 -36.36
CA SER F 699 17.64 -46.82 -37.09
C SER F 699 18.99 -46.94 -36.37
N ASP F 700 19.83 -47.83 -36.86
CA ASP F 700 21.14 -48.08 -36.26
C ASP F 700 22.12 -46.91 -36.38
N PRO F 701 22.24 -46.30 -37.59
CA PRO F 701 23.21 -45.18 -37.64
C PRO F 701 22.77 -43.96 -36.84
N VAL F 702 21.45 -43.81 -36.67
CA VAL F 702 20.91 -42.72 -35.85
C VAL F 702 21.26 -42.93 -34.38
N ALA F 703 21.08 -44.16 -33.92
CA ALA F 703 21.42 -44.52 -32.55
C ALA F 703 22.92 -44.36 -32.30
N GLN F 704 23.72 -44.61 -33.34
CA GLN F 704 25.17 -44.44 -33.25
C GLN F 704 25.53 -42.96 -33.14
N LEU F 705 24.74 -42.11 -33.81
CA LEU F 705 24.95 -40.68 -33.76
C LEU F 705 24.70 -40.13 -32.36
N ILE F 706 23.58 -40.54 -31.77
CA ILE F 706 23.24 -40.14 -30.41
C ILE F 706 24.27 -40.69 -29.43
N ASP F 707 24.81 -41.87 -29.77
CA ASP F 707 25.81 -42.50 -28.93
C ASP F 707 27.08 -41.67 -28.87
N ASP F 708 27.52 -41.17 -30.03
CA ASP F 708 28.74 -40.39 -30.12
C ASP F 708 28.60 -39.00 -29.51
N ASN F 709 27.49 -38.33 -29.83
CA ASN F 709 27.28 -36.94 -29.40
C ASN F 709 26.98 -36.78 -27.92
N ILE F 710 26.09 -37.60 -27.39
CA ILE F 710 25.60 -37.41 -26.04
C ILE F 710 25.89 -38.61 -25.12
N LEU F 711 25.60 -39.81 -25.61
CA LEU F 711 25.63 -40.99 -24.77
C LEU F 711 27.04 -41.40 -24.37
N ASN F 712 28.02 -41.11 -25.23
CA ASN F 712 29.41 -41.43 -24.92
C ASN F 712 29.93 -40.56 -23.78
N PHE F 713 29.43 -39.32 -23.71
CA PHE F 713 29.79 -38.41 -22.64
C PHE F 713 29.27 -38.92 -21.30
N LEU F 714 28.02 -39.36 -21.28
CA LEU F 714 27.39 -39.86 -20.06
C LEU F 714 27.99 -41.19 -19.62
N LYS F 715 28.45 -41.98 -20.58
CA LYS F 715 28.95 -43.31 -20.30
C LYS F 715 30.32 -43.30 -19.63
N ASN F 716 31.15 -42.34 -20.00
CA ASN F 716 32.53 -42.31 -19.52
C ASN F 716 32.96 -40.99 -18.89
N PHE F 717 32.67 -39.88 -19.56
CA PHE F 717 33.17 -38.57 -19.15
C PHE F 717 32.36 -37.93 -18.02
N THR F 718 31.69 -38.76 -17.22
CA THR F 718 30.97 -38.25 -16.07
C THR F 718 31.56 -38.79 -14.77
N ASN F 719 32.81 -39.25 -14.84
CA ASN F 719 33.52 -39.80 -13.69
C ASN F 719 32.78 -40.92 -12.99
N ASP F 720 32.24 -41.85 -13.77
CA ASP F 720 31.52 -43.01 -13.25
C ASP F 720 30.36 -42.61 -12.33
N THR F 721 29.50 -41.74 -12.83
CA THR F 721 28.33 -41.29 -12.07
C THR F 721 27.27 -42.37 -12.06
N PHE F 722 27.28 -43.21 -13.09
CA PHE F 722 26.30 -44.29 -13.22
C PHE F 722 26.98 -45.66 -13.13
N SER G 3 19.00 37.10 -60.48
CA SER G 3 18.80 37.02 -61.92
C SER G 3 19.36 35.72 -62.47
N GLN G 4 18.50 34.71 -62.57
CA GLN G 4 18.84 33.40 -63.14
C GLN G 4 19.91 32.69 -62.32
N THR G 5 21.07 33.30 -62.18
CA THR G 5 22.09 32.83 -61.26
C THR G 5 21.64 33.01 -59.82
N SER G 6 22.43 32.48 -58.89
CA SER G 6 22.08 32.47 -57.47
C SER G 6 20.75 31.75 -57.24
N ILE G 7 20.44 30.80 -58.12
CA ILE G 7 19.28 29.94 -57.97
C ILE G 7 19.69 28.49 -58.27
N PRO G 8 20.05 27.74 -57.23
CA PRO G 8 20.48 26.34 -57.39
C PRO G 8 19.34 25.46 -57.88
N GLU G 9 19.67 24.38 -58.58
CA GLU G 9 18.66 23.44 -59.07
C GLU G 9 19.17 22.00 -59.00
N VAL G 10 18.23 21.06 -58.90
CA VAL G 10 18.58 19.64 -58.87
C VAL G 10 17.82 18.70 -59.80
N GLN G 21 5.05 17.18 -53.33
CA GLN G 21 5.88 17.17 -54.53
C GLN G 21 6.40 15.77 -54.82
N ARG G 22 6.95 15.14 -53.79
CA ARG G 22 7.53 13.82 -53.91
C ARG G 22 8.15 13.43 -52.58
N ARG G 23 7.71 14.12 -51.54
CA ARG G 23 8.12 13.83 -50.18
C ARG G 23 7.11 14.40 -49.23
N ALA G 24 5.96 13.74 -49.14
CA ALA G 24 4.98 14.07 -48.13
C ALA G 24 5.49 13.62 -46.77
N ARG G 25 6.68 13.03 -46.75
CA ARG G 25 7.32 12.57 -45.53
C ARG G 25 7.17 13.60 -44.43
N VAL G 26 5.97 13.64 -43.87
CA VAL G 26 5.66 14.55 -42.79
C VAL G 26 5.81 13.80 -41.47
N GLY G 27 4.67 13.32 -40.99
CA GLY G 27 4.56 12.71 -39.68
C GLY G 27 5.76 12.87 -38.78
N GLN G 28 6.96 12.91 -39.37
CA GLN G 28 8.18 13.09 -38.60
C GLN G 28 8.80 14.47 -38.82
N PHE G 29 8.07 15.51 -38.41
CA PHE G 29 8.59 16.87 -38.48
C PHE G 29 8.71 17.49 -37.09
N ASP G 31 10.27 20.12 -34.62
CA ASP G 31 10.72 21.50 -34.40
C ASP G 31 10.13 22.45 -35.43
N LEU G 32 10.88 23.50 -35.77
CA LEU G 32 10.41 24.52 -36.70
C LEU G 32 10.16 23.98 -38.09
N GLY G 33 10.89 22.92 -38.47
CA GLY G 33 10.72 22.30 -39.76
C GLY G 33 11.80 22.70 -40.75
N PRO G 35 12.64 23.79 -44.61
CA PRO G 35 12.55 25.04 -45.36
C PRO G 35 11.54 24.95 -46.50
N ASP G 36 11.11 26.10 -47.02
CA ASP G 36 10.14 26.13 -48.10
C ASP G 36 10.72 25.58 -49.41
N LEU G 37 10.11 24.52 -49.91
CA LEU G 37 10.55 23.90 -51.16
C LEU G 37 9.88 24.57 -52.36
N ILE G 38 10.69 24.99 -53.33
CA ILE G 38 10.17 25.64 -54.53
C ILE G 38 10.60 24.89 -55.79
N PHE G 91 12.68 22.52 -57.39
CA PHE G 91 13.14 21.54 -56.41
C PHE G 91 13.94 22.21 -55.30
N PHE G 92 14.56 23.34 -55.62
CA PHE G 92 15.42 24.04 -54.67
C PHE G 92 14.63 24.58 -53.47
N TYR G 93 15.34 24.77 -52.36
CA TYR G 93 14.73 25.32 -51.16
C TYR G 93 14.96 26.83 -51.11
N CYS G 94 14.09 27.54 -50.40
CA CYS G 94 14.19 29.00 -50.32
C CYS G 94 13.66 29.53 -49.00
N MET G 95 14.28 30.60 -48.51
CA MET G 95 13.86 31.23 -47.26
C MET G 95 13.69 32.73 -47.43
N GLY G 96 12.83 33.32 -46.60
CA GLY G 96 12.62 34.76 -46.63
C GLY G 96 11.52 35.20 -47.56
N ILE G 97 10.64 34.27 -47.93
CA ILE G 97 9.51 34.59 -48.78
C ILE G 97 8.34 35.12 -47.97
N ASP G 98 7.76 36.23 -48.42
CA ASP G 98 6.62 36.82 -47.73
C ASP G 98 5.35 35.98 -47.95
N THR G 99 5.05 35.12 -46.99
CA THR G 99 3.90 34.22 -47.10
C THR G 99 2.71 34.70 -46.26
N SER G 100 2.69 36.00 -45.98
CA SER G 100 1.62 36.59 -45.18
C SER G 100 0.31 36.66 -45.98
N ASP G 101 0.44 36.68 -47.30
CA ASP G 101 -0.73 36.80 -48.17
C ASP G 101 -0.49 36.04 -49.48
N PRO G 102 -1.49 35.26 -49.92
CA PRO G 102 -1.39 34.47 -51.16
C PRO G 102 -1.16 35.32 -52.39
N THR G 103 -1.70 36.54 -52.41
CA THR G 103 -1.51 37.44 -53.54
C THR G 103 -0.06 37.91 -53.61
N SER G 104 0.55 38.11 -52.44
CA SER G 104 1.95 38.52 -52.36
C SER G 104 2.88 37.39 -52.79
N ILE G 105 2.41 36.16 -52.65
CA ILE G 105 3.17 34.99 -53.07
C ILE G 105 3.19 34.87 -54.59
N THR G 106 2.04 35.15 -55.20
CA THR G 106 1.92 35.11 -56.66
C THR G 106 2.81 36.15 -57.33
N ILE G 107 3.04 37.25 -56.63
CA ILE G 107 3.96 38.29 -57.11
C ILE G 107 5.39 37.75 -57.16
N PHE G 108 5.77 37.03 -56.12
CA PHE G 108 7.09 36.41 -56.04
C PHE G 108 7.27 35.39 -57.16
N ALA G 109 6.25 34.57 -57.39
CA ALA G 109 6.29 33.57 -58.45
C ALA G 109 6.34 34.22 -59.83
N SER G 138 5.74 26.57 -50.95
CA SER G 138 5.13 25.69 -49.96
C SER G 138 5.64 25.99 -48.55
N SER G 139 4.95 26.88 -47.85
CA SER G 139 5.33 27.26 -46.50
C SER G 139 4.79 26.26 -45.48
N TRP G 140 5.51 26.13 -44.36
CA TRP G 140 5.14 25.19 -43.31
C TRP G 140 5.08 25.88 -41.95
N ASN G 141 4.11 25.51 -41.13
CA ASN G 141 4.00 26.06 -39.78
C ASN G 141 4.07 24.96 -38.72
N ALA G 142 4.76 25.25 -37.63
CA ALA G 142 4.98 24.27 -36.57
C ALA G 142 3.94 24.41 -35.47
N PHE G 143 3.21 25.52 -35.47
CA PHE G 143 2.13 25.73 -34.51
C PHE G 143 1.05 24.66 -34.70
N ARG G 144 0.58 24.55 -35.93
CA ARG G 144 -0.30 23.45 -36.32
C ARG G 144 0.32 22.74 -37.53
N LYS G 145 0.72 21.49 -37.34
CA LYS G 145 1.45 20.75 -38.35
C LYS G 145 0.61 20.49 -39.60
N TYR G 146 0.61 21.46 -40.50
CA TYR G 146 -0.07 21.34 -41.79
C TYR G 146 0.74 22.06 -42.87
N ASP G 147 0.68 21.55 -44.09
CA ASP G 147 1.48 22.10 -45.18
C ASP G 147 0.62 22.86 -46.18
N VAL G 148 0.99 24.11 -46.44
CA VAL G 148 0.25 24.95 -47.38
C VAL G 148 0.83 24.83 -48.79
N VAL G 189 -9.23 31.27 -42.66
CA VAL G 189 -8.32 31.34 -43.80
C VAL G 189 -7.17 32.30 -43.54
N ASN G 190 -7.48 33.46 -42.96
CA ASN G 190 -6.47 34.45 -42.65
C ASN G 190 -5.52 33.96 -41.55
N MET G 191 -6.05 33.15 -40.64
CA MET G 191 -5.25 32.61 -39.54
C MET G 191 -4.24 31.61 -40.06
N ILE G 192 -4.60 30.93 -41.15
CA ILE G 192 -3.71 29.96 -41.77
C ILE G 192 -2.49 30.66 -42.36
N TRP G 193 -2.74 31.71 -43.14
CA TRP G 193 -1.66 32.49 -43.74
C TRP G 193 -0.88 33.26 -42.67
N ALA G 194 -1.53 33.52 -41.54
CA ALA G 194 -0.89 34.22 -40.44
C ALA G 194 0.16 33.35 -39.76
N GLU G 195 -0.23 32.14 -39.38
CA GLU G 195 0.67 31.23 -38.67
C GLU G 195 1.85 30.80 -39.53
N THR G 196 1.58 30.54 -40.81
CA THR G 196 2.62 30.09 -41.73
C THR G 196 3.62 31.21 -42.01
N PHE G 197 3.15 32.45 -41.94
CA PHE G 197 4.03 33.60 -42.10
C PHE G 197 4.93 33.77 -40.89
N MET G 198 4.34 33.73 -39.70
CA MET G 198 5.08 33.89 -38.46
C MET G 198 6.12 32.78 -38.30
N SER G 199 5.70 31.54 -38.53
CA SER G 199 6.59 30.40 -38.44
C SER G 199 7.71 30.49 -39.48
N GLY G 200 7.38 31.05 -40.64
CA GLY G 200 8.35 31.23 -41.70
C GLY G 200 9.43 32.21 -41.29
N ILE G 201 9.02 33.34 -40.72
CA ILE G 201 9.94 34.36 -40.27
C ILE G 201 10.84 33.83 -39.15
N VAL G 202 10.24 33.05 -38.24
CA VAL G 202 10.99 32.44 -37.16
C VAL G 202 12.11 31.56 -37.71
N ARG G 203 11.79 30.77 -38.74
CA ARG G 203 12.79 29.93 -39.38
C ARG G 203 13.88 30.78 -40.04
N ASP G 204 13.49 31.88 -40.65
CA ASP G 204 14.43 32.76 -41.33
C ASP G 204 15.42 33.42 -40.37
N ILE G 205 14.96 33.66 -39.14
CA ILE G 205 15.79 34.35 -38.15
C ILE G 205 16.60 33.38 -37.30
N MET G 206 15.94 32.33 -36.82
CA MET G 206 16.58 31.38 -35.92
C MET G 206 17.64 30.53 -36.62
N ILE G 207 17.60 30.47 -37.95
CA ILE G 207 18.59 29.74 -38.71
C ILE G 207 19.92 30.51 -38.71
N MET G 208 19.84 31.80 -38.44
CA MET G 208 21.02 32.66 -38.42
C MET G 208 21.48 32.94 -37.00
N LYS G 209 20.59 32.72 -36.03
CA LYS G 209 20.89 33.01 -34.64
C LYS G 209 21.43 31.80 -33.90
N ASP G 210 20.87 30.63 -34.18
CA ASP G 210 21.32 29.39 -33.56
C ASP G 210 22.68 28.96 -34.08
N ASN G 211 23.03 29.42 -35.28
CA ASN G 211 24.30 29.07 -35.90
C ASN G 211 25.31 30.22 -35.79
N ARG G 212 25.02 31.17 -34.91
CA ARG G 212 25.86 32.35 -34.73
C ARG G 212 27.26 31.98 -34.24
N ALA G 213 27.36 30.88 -33.50
CA ALA G 213 28.64 30.41 -32.97
C ALA G 213 29.56 29.92 -34.09
N ASP G 214 28.97 29.33 -35.12
CA ASP G 214 29.73 28.81 -36.24
C ASP G 214 29.73 29.79 -37.42
N GLY G 215 29.42 31.05 -37.14
CA GLY G 215 29.41 32.08 -38.16
C GLY G 215 28.31 31.86 -39.20
N GLU G 216 27.17 31.37 -38.73
CA GLU G 216 26.01 31.10 -39.58
C GLU G 216 26.37 30.18 -40.75
N SER G 217 27.04 29.08 -40.43
CA SER G 217 27.44 28.11 -41.45
C SER G 217 26.22 27.44 -42.07
N GLN G 218 26.30 27.19 -43.38
CA GLN G 218 25.20 26.58 -44.11
C GLN G 218 25.60 25.22 -44.67
N ASN G 219 24.97 24.17 -44.17
CA ASN G 219 25.27 22.81 -44.60
C ASN G 219 24.56 22.44 -45.90
N LEU G 220 23.32 22.90 -46.04
CA LEU G 220 22.52 22.60 -47.23
C LEU G 220 22.83 23.59 -48.34
N VAL G 221 23.34 23.08 -49.46
CA VAL G 221 23.80 23.92 -50.56
C VAL G 221 22.66 24.42 -51.45
N GLU G 222 21.66 23.57 -51.66
CA GLU G 222 20.57 23.88 -52.58
C GLU G 222 19.57 24.88 -52.03
N THR G 223 19.93 25.56 -50.95
CA THR G 223 19.05 26.54 -50.32
C THR G 223 19.37 27.97 -50.76
N LEU G 224 18.32 28.75 -51.04
CA LEU G 224 18.48 30.15 -51.38
C LEU G 224 17.86 31.03 -50.29
N ILE G 225 18.71 31.77 -49.58
CA ILE G 225 18.26 32.58 -48.46
C ILE G 225 18.21 34.07 -48.79
N PHE G 226 17.02 34.65 -48.66
CA PHE G 226 16.82 36.08 -48.86
C PHE G 226 16.83 36.82 -47.53
N ASN G 227 16.87 38.15 -47.59
CA ASN G 227 16.73 38.97 -46.40
C ASN G 227 15.25 39.12 -46.03
N PRO G 228 14.86 38.53 -44.89
CA PRO G 228 13.45 38.53 -44.46
C PRO G 228 12.94 39.93 -44.14
N PHE G 229 13.84 40.84 -43.80
CA PHE G 229 13.45 42.20 -43.46
C PHE G 229 13.16 43.04 -44.70
N THR G 230 13.78 42.68 -45.82
CA THR G 230 13.61 43.42 -47.06
C THR G 230 12.68 42.69 -48.03
N LEU G 234 4.73 45.55 -50.08
CA LEU G 234 3.92 46.73 -49.81
C LEU G 234 3.81 47.01 -48.31
N GLU G 235 4.28 46.05 -47.51
CA GLU G 235 4.26 46.19 -46.06
C GLU G 235 5.55 45.65 -45.45
N ASP G 236 6.16 46.45 -44.59
CA ASP G 236 7.38 46.06 -43.90
C ASP G 236 7.14 44.82 -43.04
N VAL G 237 7.93 43.78 -43.28
CA VAL G 237 7.78 42.50 -42.60
C VAL G 237 7.95 42.65 -41.08
N ALA G 238 8.86 43.52 -40.68
CA ALA G 238 9.10 43.78 -39.26
C ALA G 238 7.83 44.28 -38.57
N ASN G 239 7.16 45.25 -39.18
CA ASN G 239 5.93 45.79 -38.63
C ASN G 239 4.78 44.80 -38.75
N ASN G 240 4.84 43.96 -39.77
CA ASN G 240 3.82 42.94 -39.99
C ASN G 240 3.94 41.83 -38.95
N PHE G 241 5.17 41.55 -38.54
CA PHE G 241 5.43 40.54 -37.52
C PHE G 241 4.86 40.94 -36.17
N ILE G 242 4.90 42.24 -35.89
CA ILE G 242 4.43 42.77 -34.61
C ILE G 242 2.90 42.75 -34.50
N LYS G 243 2.23 43.21 -35.54
CA LYS G 243 0.77 43.24 -35.56
C LYS G 243 0.17 41.85 -35.61
N LEU G 244 0.97 40.88 -36.07
CA LEU G 244 0.51 39.51 -36.20
C LEU G 244 0.99 38.64 -35.05
N PHE G 245 1.77 39.24 -34.15
CA PHE G 245 2.34 38.51 -33.01
C PHE G 245 1.32 38.02 -31.98
N PRO G 246 0.39 38.90 -31.53
CA PRO G 246 -0.52 38.40 -30.49
C PRO G 246 -1.48 37.32 -30.99
N LEU G 247 -1.73 37.29 -32.29
CA LEU G 247 -2.61 36.28 -32.87
C LEU G 247 -1.95 34.90 -32.86
N VAL G 248 -0.62 34.88 -32.84
CA VAL G 248 0.12 33.64 -32.86
C VAL G 248 0.72 33.34 -31.49
N TYR G 249 0.55 34.26 -30.55
CA TYR G 249 1.02 34.08 -29.18
C TYR G 249 0.28 32.94 -28.49
N GLU G 250 0.80 32.51 -27.35
CA GLU G 250 0.24 31.42 -26.53
C GLU G 250 0.41 30.06 -27.20
N LYS G 251 0.86 30.07 -28.45
CA LYS G 251 1.14 28.84 -29.18
C LYS G 251 2.63 28.76 -29.50
N GLY G 252 3.40 29.67 -28.93
CA GLY G 252 4.84 29.72 -29.16
C GLY G 252 5.59 28.59 -28.49
N VAL G 253 4.93 27.93 -27.53
CA VAL G 253 5.53 26.80 -26.83
C VAL G 253 5.68 25.61 -27.78
N TYR G 254 4.84 25.55 -28.79
CA TYR G 254 4.90 24.49 -29.78
C TYR G 254 6.17 24.58 -30.63
N LEU G 255 6.78 25.76 -30.63
CA LEU G 255 8.04 25.96 -31.36
C LEU G 255 9.24 25.51 -30.55
N ASP G 256 8.99 24.97 -29.36
CA ASP G 256 10.04 24.54 -28.44
C ASP G 256 10.94 25.72 -28.08
N ALA G 257 12.19 25.42 -27.72
CA ALA G 257 13.12 26.44 -27.25
C ALA G 257 14.52 26.18 -27.80
N PRO G 258 15.42 27.19 -27.72
CA PRO G 258 16.82 26.98 -28.09
C PRO G 258 17.47 25.83 -27.33
N THR G 259 18.58 25.32 -27.86
CA THR G 259 19.25 24.15 -27.31
C THR G 259 19.80 24.35 -25.90
N HIS G 260 20.01 25.61 -25.52
CA HIS G 260 20.55 25.91 -24.20
C HIS G 260 19.44 26.07 -23.16
N VAL G 261 18.20 25.96 -23.60
CA VAL G 261 17.05 26.05 -22.70
C VAL G 261 16.44 24.67 -22.46
N ASN G 263 13.90 24.17 -20.31
CA ASN G 263 12.51 24.28 -19.89
C ASN G 263 11.79 25.41 -20.62
N PRO G 264 11.21 25.09 -21.79
CA PRO G 264 10.47 26.06 -22.60
C PRO G 264 9.23 26.60 -21.88
N SER G 265 8.77 27.77 -22.29
CA SER G 265 7.58 28.38 -21.71
C SER G 265 6.95 29.39 -22.65
N LEU G 266 6.03 30.20 -22.12
CA LEU G 266 5.39 31.25 -22.89
C LEU G 266 6.37 32.39 -23.17
N THR G 267 7.43 32.47 -22.38
CA THR G 267 8.44 33.50 -22.53
C THR G 267 9.68 32.97 -23.24
N ASN G 268 10.15 31.80 -22.81
CA ASN G 268 11.33 31.19 -23.41
C ASN G 268 10.98 30.24 -24.54
N ASN G 269 10.95 30.77 -25.76
CA ASN G 269 10.67 29.97 -26.95
C ASN G 269 11.15 30.66 -28.22
N TYR G 270 11.19 29.91 -29.32
CA TYR G 270 11.69 30.43 -30.60
C TYR G 270 10.86 31.61 -31.12
N LEU G 271 9.58 31.65 -30.77
CA LEU G 271 8.71 32.73 -31.21
C LEU G 271 9.11 34.06 -30.59
N VAL G 272 9.35 34.04 -29.27
CA VAL G 272 9.74 35.23 -28.54
C VAL G 272 11.19 35.61 -28.89
N GLU G 273 12.04 34.60 -29.02
CA GLU G 273 13.43 34.82 -29.40
C GLU G 273 13.53 35.50 -30.76
N THR G 274 12.61 35.16 -31.65
CA THR G 274 12.55 35.78 -32.97
C THR G 274 12.06 37.22 -32.88
N LEU G 275 11.05 37.44 -32.04
CA LEU G 275 10.48 38.77 -31.86
C LEU G 275 11.51 39.77 -31.35
N VAL G 276 12.17 39.42 -30.25
CA VAL G 276 13.15 40.31 -29.63
C VAL G 276 14.34 40.56 -30.55
N GLU G 277 14.59 39.63 -31.46
CA GLU G 277 15.67 39.78 -32.43
C GLU G 277 15.29 40.74 -33.56
N ILE G 278 14.05 40.63 -34.01
CA ILE G 278 13.53 41.51 -35.05
C ILE G 278 13.45 42.95 -34.55
N VAL G 279 12.91 43.11 -33.36
CA VAL G 279 12.77 44.43 -32.75
C VAL G 279 14.13 45.08 -32.51
N ARG G 280 15.11 44.27 -32.12
CA ARG G 280 16.46 44.76 -31.88
C ARG G 280 17.12 45.25 -33.16
N LEU G 281 16.97 44.49 -34.24
CA LEU G 281 17.61 44.81 -35.51
C LEU G 281 16.96 45.99 -36.22
N THR G 282 15.64 46.07 -36.13
CA THR G 282 14.88 47.11 -36.83
C THR G 282 14.65 48.33 -35.96
N LYS G 283 14.97 48.21 -34.67
CA LYS G 283 14.80 49.30 -33.71
C LYS G 283 13.37 49.82 -33.67
N SER G 284 12.41 48.93 -33.87
CA SER G 284 11.00 49.30 -33.84
C SER G 284 10.45 49.25 -32.42
N LEU G 285 10.88 50.20 -31.60
CA LEU G 285 10.49 50.24 -30.20
C LEU G 285 9.02 50.62 -30.02
N GLU G 286 8.64 51.78 -30.55
CA GLU G 286 7.29 52.31 -30.35
C GLU G 286 6.21 51.42 -30.97
N ALA G 287 6.60 50.61 -31.94
CA ALA G 287 5.66 49.71 -32.61
C ALA G 287 5.44 48.46 -31.76
N CYS G 288 6.52 47.93 -31.21
CA CYS G 288 6.45 46.73 -30.38
C CYS G 288 5.91 47.05 -28.98
N ARG G 289 6.29 48.22 -28.47
CA ARG G 289 5.86 48.65 -27.13
C ARG G 289 4.36 48.82 -27.05
N LYS G 290 3.76 49.39 -28.09
CA LYS G 290 2.32 49.60 -28.13
C LYS G 290 1.56 48.27 -28.18
N MET G 291 2.13 47.31 -28.90
CA MET G 291 1.51 46.00 -29.06
C MET G 291 1.57 45.19 -27.76
N LEU G 292 2.73 45.20 -27.11
CA LEU G 292 2.94 44.42 -25.90
C LEU G 292 2.11 44.92 -24.74
N LYS G 293 1.94 46.24 -24.65
CA LYS G 293 1.15 46.83 -23.57
C LYS G 293 -0.30 46.37 -23.62
N LYS G 294 -0.78 46.10 -24.82
CA LYS G 294 -2.14 45.58 -24.99
C LYS G 294 -2.21 44.09 -24.66
N LEU G 295 -1.07 43.42 -24.78
CA LEU G 295 -0.98 41.99 -24.50
C LEU G 295 -0.94 41.71 -23.00
N ILE G 296 -0.37 42.64 -22.24
CA ILE G 296 -0.25 42.50 -20.79
C ILE G 296 -1.62 42.47 -20.10
N GLU G 297 -2.57 43.23 -20.65
CA GLU G 297 -3.92 43.32 -20.10
C GLU G 297 -4.60 41.96 -19.99
N ILE G 298 -4.30 41.07 -20.93
CA ILE G 298 -4.90 39.74 -20.93
C ILE G 298 -3.88 38.64 -20.64
N HIS G 299 -2.60 38.97 -20.78
CA HIS G 299 -1.51 38.02 -20.50
C HIS G 299 -0.42 38.74 -19.69
N PRO G 300 -0.64 38.85 -18.37
CA PRO G 300 0.25 39.57 -17.45
C PRO G 300 1.68 39.05 -17.44
N GLU G 301 1.88 37.82 -17.89
CA GLU G 301 3.22 37.22 -17.89
C GLU G 301 4.02 37.68 -19.10
N ALA G 302 3.37 38.39 -20.02
CA ALA G 302 4.02 38.88 -21.22
C ALA G 302 4.84 40.14 -20.94
N VAL G 303 4.84 40.57 -19.69
CA VAL G 303 5.60 41.75 -19.28
C VAL G 303 7.09 41.47 -19.35
N ILE G 304 7.44 40.19 -19.25
CA ILE G 304 8.83 39.76 -19.35
C ILE G 304 9.38 40.04 -20.75
N ILE G 305 8.53 39.86 -21.75
CA ILE G 305 8.91 40.13 -23.13
C ILE G 305 9.19 41.61 -23.33
N LEU G 306 8.35 42.45 -22.74
CA LEU G 306 8.51 43.90 -22.83
C LEU G 306 9.83 44.35 -22.19
N ILE G 307 10.24 43.65 -21.15
CA ILE G 307 11.48 43.95 -20.46
C ILE G 307 12.69 43.68 -21.37
N ARG G 308 12.65 42.55 -22.07
CA ARG G 308 13.72 42.19 -22.99
C ARG G 308 13.79 43.16 -24.16
N VAL G 309 12.63 43.68 -24.58
CA VAL G 309 12.58 44.65 -25.66
C VAL G 309 13.20 45.99 -25.23
N TYR G 310 12.91 46.41 -24.01
CA TYR G 310 13.46 47.65 -23.47
C TYR G 310 14.98 47.61 -23.40
N PHE G 311 15.52 46.48 -22.95
CA PHE G 311 16.97 46.31 -22.86
C PHE G 311 17.62 46.37 -24.25
N ALA G 312 16.95 45.80 -25.24
CA ALA G 312 17.46 45.78 -26.60
C ALA G 312 17.33 47.14 -27.27
N CYS G 313 16.26 47.86 -26.94
CA CYS G 313 16.00 49.16 -27.54
C CYS G 313 16.45 50.30 -26.65
N ASP G 314 17.51 50.04 -25.89
CA ASP G 314 18.14 51.05 -25.04
C ASP G 314 17.18 51.71 -24.04
N LEU G 315 16.62 50.90 -23.14
CA LEU G 315 15.79 51.40 -22.05
C LEU G 315 16.04 50.60 -20.78
N GLU G 316 17.26 50.68 -20.26
CA GLU G 316 17.65 49.92 -19.07
C GLU G 316 16.82 50.29 -17.85
N ILE G 317 16.79 51.58 -17.53
CA ILE G 317 16.10 52.08 -16.36
C ILE G 317 14.62 51.71 -16.37
N ASP G 318 13.98 51.86 -17.52
CA ASP G 318 12.58 51.50 -17.66
C ASP G 318 12.38 50.00 -17.50
N ALA G 319 13.41 49.23 -17.87
CA ALA G 319 13.34 47.78 -17.77
C ALA G 319 13.53 47.30 -16.34
N VAL G 320 14.54 47.85 -15.66
CA VAL G 320 14.83 47.48 -14.27
C VAL G 320 13.67 47.89 -13.36
N ASP G 321 13.10 49.06 -13.61
CA ASP G 321 11.92 49.52 -12.90
C ASP G 321 10.76 48.54 -13.11
N LEU G 322 10.72 47.93 -14.28
CA LEU G 322 9.67 46.99 -14.61
C LEU G 322 9.94 45.63 -13.99
N ILE G 323 11.21 45.24 -13.92
CA ILE G 323 11.61 43.99 -13.30
C ILE G 323 11.30 43.99 -11.81
N ASN G 324 11.71 45.06 -11.13
CA ASN G 324 11.46 45.21 -9.70
C ASN G 324 9.96 45.25 -9.40
N GLU G 325 9.18 45.72 -10.36
CA GLU G 325 7.73 45.78 -10.22
C GLU G 325 7.15 44.37 -10.13
N GLN G 326 7.79 43.43 -10.82
CA GLN G 326 7.31 42.06 -10.86
C GLN G 326 7.78 41.23 -9.65
N LEU G 327 8.93 41.62 -9.09
CA LEU G 327 9.55 40.84 -8.03
C LEU G 327 9.35 41.44 -6.63
N ASN G 328 8.67 42.58 -6.54
CA ASN G 328 8.50 43.25 -5.27
C ASN G 328 7.06 43.73 -5.02
N SER G 329 6.50 44.42 -6.01
CA SER G 329 5.15 44.97 -5.88
C SER G 329 4.09 43.88 -5.79
N PRO G 330 3.22 43.97 -4.77
CA PRO G 330 2.16 43.01 -4.51
C PRO G 330 1.13 42.92 -5.65
N SER G 331 1.11 43.91 -6.53
CA SER G 331 0.16 43.92 -7.63
C SER G 331 0.71 43.19 -8.86
N SER G 332 1.86 42.55 -8.69
CA SER G 332 2.45 41.78 -9.79
C SER G 332 1.69 40.47 -10.00
N PHE G 333 1.89 39.85 -11.15
CA PHE G 333 1.21 38.61 -11.47
C PHE G 333 1.82 37.43 -10.71
N LEU G 334 3.05 37.61 -10.26
CA LEU G 334 3.73 36.59 -9.48
C LEU G 334 3.09 36.44 -8.10
N SER G 341 0.58 29.08 -8.80
CA SER G 341 1.66 28.91 -7.84
C SER G 341 2.73 27.97 -8.37
N HIS G 342 2.44 27.31 -9.48
CA HIS G 342 3.38 26.37 -10.09
C HIS G 342 3.89 26.89 -11.43
N ILE G 343 2.98 27.52 -12.18
CA ILE G 343 3.32 28.09 -13.48
C ILE G 343 4.18 29.34 -13.35
N GLN G 344 4.02 30.04 -12.23
CA GLN G 344 4.73 31.28 -11.97
C GLN G 344 6.18 31.09 -11.52
N LEU G 345 6.48 29.91 -10.99
CA LEU G 345 7.82 29.65 -10.45
C LEU G 345 8.88 29.64 -11.55
N ILE G 346 8.51 29.17 -12.73
CA ILE G 346 9.44 29.15 -13.86
C ILE G 346 9.59 30.56 -14.42
N PHE G 347 8.57 31.39 -14.22
CA PHE G 347 8.61 32.79 -14.64
C PHE G 347 9.50 33.62 -13.73
N LYS G 348 9.48 33.30 -12.44
CA LYS G 348 10.30 34.01 -11.46
C LYS G 348 11.78 33.75 -11.71
N SER G 349 12.11 32.52 -12.08
CA SER G 349 13.49 32.14 -12.37
C SER G 349 14.01 32.88 -13.60
N GLU G 350 13.16 33.02 -14.61
CA GLU G 350 13.51 33.73 -15.83
C GLU G 350 13.79 35.20 -15.56
N LEU G 351 12.96 35.81 -14.70
CA LEU G 351 13.16 37.20 -14.31
C LEU G 351 14.46 37.36 -13.54
N LEU G 352 14.77 36.41 -12.66
CA LEU G 352 16.01 36.42 -11.91
C LEU G 352 17.20 36.19 -12.83
N SER G 353 17.02 35.34 -13.83
CA SER G 353 18.07 35.06 -14.80
C SER G 353 18.39 36.28 -15.64
N ILE G 354 17.34 36.95 -16.11
CA ILE G 354 17.49 38.17 -16.90
C ILE G 354 18.16 39.27 -16.08
N GLN G 355 17.68 39.47 -14.87
CA GLN G 355 18.22 40.49 -13.98
C GLN G 355 19.68 40.21 -13.63
N SER G 356 19.99 38.95 -13.33
CA SER G 356 21.36 38.57 -12.97
C SER G 356 22.29 38.69 -14.17
N GLU G 357 21.81 38.29 -15.35
CA GLU G 357 22.61 38.40 -16.56
C GLU G 357 22.81 39.86 -16.93
N PHE G 358 21.79 40.68 -16.71
CA PHE G 358 21.89 42.11 -16.92
C PHE G 358 22.94 42.72 -15.99
N LEU G 359 22.94 42.26 -14.75
CA LEU G 359 23.92 42.73 -13.77
C LEU G 359 25.33 42.29 -14.14
N LEU G 360 25.43 41.17 -14.86
CA LEU G 360 26.73 40.60 -15.18
C LEU G 360 27.33 41.15 -16.48
N ASP G 361 26.57 41.05 -17.57
CA ASP G 361 27.06 41.49 -18.88
C ASP G 361 27.44 42.96 -18.89
N VAL G 362 26.60 43.79 -18.29
CA VAL G 362 26.91 45.21 -18.13
C VAL G 362 26.90 45.61 -16.66
N LYS G 363 27.38 46.82 -16.38
CA LYS G 363 27.38 47.40 -15.03
C LYS G 363 28.30 46.64 -14.07
N ARG G 364 29.06 45.68 -14.59
CA ARG G 364 29.98 44.85 -13.80
C ARG G 364 29.33 44.30 -12.52
N ASP G 365 29.62 44.93 -11.39
CA ASP G 365 28.93 44.67 -10.12
C ASP G 365 28.63 43.20 -9.87
N TYR G 366 29.69 42.40 -9.77
CA TYR G 366 29.55 40.95 -9.63
C TYR G 366 28.92 40.55 -8.31
N LYS G 367 29.09 41.39 -7.29
CA LYS G 367 28.58 41.11 -5.95
C LYS G 367 27.06 40.95 -5.93
N LEU G 368 26.34 41.93 -6.47
CA LEU G 368 24.89 41.88 -6.51
C LEU G 368 24.40 40.85 -7.52
N ALA G 369 25.19 40.61 -8.56
CA ALA G 369 24.83 39.62 -9.57
C ALA G 369 24.86 38.22 -8.98
N LYS G 370 25.70 38.02 -7.97
CA LYS G 370 25.84 36.73 -7.31
C LYS G 370 24.61 36.38 -6.49
N GLU G 371 24.08 37.35 -5.76
CA GLU G 371 22.94 37.12 -4.88
C GLU G 371 21.68 36.76 -5.66
N VAL G 372 21.58 37.29 -6.88
CA VAL G 372 20.43 37.02 -7.73
C VAL G 372 20.60 35.69 -8.48
N ALA G 373 21.84 35.39 -8.87
CA ALA G 373 22.14 34.16 -9.58
C ALA G 373 21.84 32.94 -8.71
N MET G 374 22.15 33.05 -7.42
CA MET G 374 21.89 31.96 -6.49
C MET G 374 20.40 31.78 -6.28
N GLU G 375 19.66 32.89 -6.28
CA GLU G 375 18.21 32.84 -6.15
C GLU G 375 17.59 32.23 -7.41
N ALA G 376 18.23 32.47 -8.55
CA ALA G 376 17.77 31.91 -9.81
C ALA G 376 17.95 30.39 -9.82
N VAL G 377 19.02 29.93 -9.18
CA VAL G 377 19.30 28.50 -9.07
C VAL G 377 18.28 27.79 -8.19
N ASN G 378 17.94 28.42 -7.07
CA ASN G 378 16.98 27.85 -6.14
C ASN G 378 15.57 27.77 -6.72
N CYS G 379 15.33 28.53 -7.78
CA CYS G 379 14.05 28.51 -8.46
C CYS G 379 14.04 27.46 -9.57
N ALA G 380 15.19 27.27 -10.20
CA ALA G 380 15.33 26.28 -11.27
C ALA G 380 16.71 25.64 -11.25
N PRO G 381 16.90 24.64 -10.37
CA PRO G 381 18.20 23.96 -10.24
C PRO G 381 18.44 22.96 -11.37
N ASN G 382 17.41 22.68 -12.17
CA ASN G 382 17.53 21.77 -13.30
C ASN G 382 17.83 22.52 -14.59
N GLU G 383 17.85 23.84 -14.52
CA GLU G 383 18.13 24.67 -15.68
C GLU G 383 19.63 24.87 -15.87
N PHE G 384 20.05 24.93 -17.13
CA PHE G 384 21.46 25.11 -17.46
C PHE G 384 21.90 26.56 -17.26
N LYS G 385 21.10 27.49 -17.75
CA LYS G 385 21.46 28.91 -17.74
C LYS G 385 21.66 29.45 -16.33
N THR G 386 20.87 28.94 -15.38
CA THR G 386 20.97 29.38 -14.00
C THR G 386 22.34 29.05 -13.40
N TRP G 387 22.77 27.81 -13.56
CA TRP G 387 24.09 27.38 -13.09
C TRP G 387 25.20 27.98 -13.93
N TYR G 388 24.91 28.20 -15.21
CA TYR G 388 25.89 28.78 -16.14
C TYR G 388 26.23 30.21 -15.75
N LEU G 389 25.22 30.96 -15.31
CA LEU G 389 25.42 32.32 -14.86
C LEU G 389 26.26 32.35 -13.59
N LEU G 390 25.85 31.55 -12.61
CA LEU G 390 26.52 31.51 -11.31
C LEU G 390 28.00 31.15 -11.43
N THR G 391 28.31 30.26 -12.37
CA THR G 391 29.69 29.86 -12.61
C THR G 391 30.51 31.05 -13.13
N ARG G 392 29.91 31.83 -14.02
CA ARG G 392 30.56 33.01 -14.57
C ARG G 392 30.82 34.05 -13.49
N ILE G 393 29.91 34.15 -12.52
CA ILE G 393 30.07 35.09 -11.42
C ILE G 393 31.26 34.72 -10.56
N TYR G 394 31.39 33.44 -10.23
CA TYR G 394 32.48 32.93 -9.42
C TYR G 394 33.84 33.18 -10.08
N ILE G 395 33.90 33.00 -11.40
CA ILE G 395 35.14 33.24 -12.14
C ILE G 395 35.54 34.72 -12.06
N LYS G 396 34.57 35.60 -12.25
CA LYS G 396 34.81 37.04 -12.17
C LYS G 396 35.11 37.48 -10.73
N LEU G 397 34.63 36.71 -9.76
CA LEU G 397 34.88 37.01 -8.35
C LEU G 397 36.18 36.34 -7.88
N ASN G 398 36.93 35.80 -8.82
CA ASN G 398 38.22 35.16 -8.56
C ASN G 398 38.11 33.99 -7.58
N ASP G 399 36.92 33.42 -7.47
CA ASP G 399 36.70 32.26 -6.62
C ASP G 399 36.61 31.00 -7.47
N MET G 400 37.77 30.42 -7.78
CA MET G 400 37.83 29.26 -8.67
C MET G 400 37.40 27.99 -7.95
N SER G 401 37.33 28.05 -6.62
CA SER G 401 36.90 26.90 -5.82
C SER G 401 35.44 26.58 -6.08
N ASN G 402 34.57 27.57 -5.90
CA ASN G 402 33.15 27.40 -6.13
C ASN G 402 32.79 27.44 -7.62
N ALA G 403 33.69 27.98 -8.42
CA ALA G 403 33.50 28.03 -9.87
C ALA G 403 33.47 26.64 -10.46
N LEU G 404 34.34 25.77 -9.94
CA LEU G 404 34.39 24.38 -10.38
C LEU G 404 33.23 23.58 -9.80
N LEU G 405 32.80 23.95 -8.60
CA LEU G 405 31.69 23.28 -7.95
C LEU G 405 30.39 23.56 -8.67
N SER G 406 30.18 24.82 -9.05
CA SER G 406 28.98 25.23 -9.77
C SER G 406 28.98 24.70 -11.18
N LEU G 407 30.18 24.56 -11.76
CA LEU G 407 30.32 24.03 -13.11
C LEU G 407 30.02 22.53 -13.12
N ASN G 408 30.33 21.87 -12.00
CA ASN G 408 30.10 20.44 -11.88
C ASN G 408 28.61 20.12 -11.70
N ALA G 409 27.92 20.98 -10.95
CA ALA G 409 26.48 20.79 -10.71
C ALA G 409 25.66 21.35 -11.86
N CYS G 410 26.35 21.84 -12.88
CA CYS G 410 25.71 22.40 -14.07
C CYS G 410 25.20 21.29 -14.99
N PRO G 411 23.87 21.24 -15.19
CA PRO G 411 23.22 20.23 -16.04
C PRO G 411 23.52 20.42 -17.53
N MET G 412 23.67 19.32 -18.26
CA MET G 412 23.99 19.39 -19.68
C MET G 412 22.81 19.01 -20.57
N SER G 413 22.86 19.43 -21.83
CA SER G 413 21.82 19.11 -22.82
C SER G 413 22.19 17.83 -23.56
N GLN G 414 21.38 16.79 -23.38
CA GLN G 414 21.71 15.47 -23.93
C GLN G 414 20.79 15.05 -25.07
N VAL G 415 19.71 15.80 -25.31
CA VAL G 415 18.74 15.41 -26.32
C VAL G 415 18.54 16.47 -27.40
N LYS G 416 18.17 17.68 -26.97
CA LYS G 416 17.85 18.76 -27.90
C LYS G 416 19.07 19.20 -28.72
N GLU G 417 18.83 19.62 -29.95
CA GLU G 417 19.90 20.07 -30.84
C GLU G 417 19.60 21.46 -31.41
N LYS G 418 20.62 22.08 -31.99
CA LYS G 418 20.46 23.39 -32.62
C LYS G 418 19.68 23.28 -33.91
N TYR G 419 18.93 24.32 -34.26
CA TYR G 419 18.09 24.31 -35.45
C TYR G 419 18.92 24.42 -36.74
N VAL G 420 18.78 23.41 -37.59
CA VAL G 420 19.44 23.41 -38.90
C VAL G 420 18.45 23.04 -40.00
N LEU G 421 18.83 23.29 -41.25
CA LEU G 421 17.98 22.96 -42.38
C LEU G 421 18.11 21.49 -42.79
N ILE G 424 15.12 16.95 -47.48
CA ILE G 424 13.92 16.24 -47.91
C ILE G 424 14.26 14.94 -48.63
N ALA G 425 15.06 15.05 -49.69
CA ALA G 425 15.49 13.87 -50.45
C ALA G 425 17.01 13.79 -50.52
N PRO G 426 17.58 12.71 -49.97
CA PRO G 426 19.04 12.49 -49.94
C PRO G 426 19.66 12.46 -51.34
N ILE G 427 20.81 13.12 -51.49
CA ILE G 427 21.51 13.15 -52.77
C ILE G 427 22.97 12.76 -52.61
N LEU G 433 24.29 17.67 -59.39
CA LEU G 433 23.79 18.94 -58.86
C LEU G 433 24.15 20.09 -59.78
N HIS G 434 23.30 21.11 -59.81
CA HIS G 434 23.57 22.30 -60.60
C HIS G 434 23.88 23.50 -59.71
N LEU G 435 25.10 24.03 -59.83
CA LEU G 435 25.52 25.16 -59.02
C LEU G 435 25.93 26.36 -59.88
N PRO G 436 24.96 27.22 -60.21
CA PRO G 436 25.27 28.41 -61.02
C PRO G 436 25.95 29.50 -60.19
N LEU G 437 27.23 29.75 -60.47
CA LEU G 437 27.97 30.79 -59.76
C LEU G 437 27.61 32.17 -60.31
N PRO G 438 27.08 33.03 -59.44
CA PRO G 438 26.63 34.38 -59.84
C PRO G 438 27.78 35.38 -59.97
N LEU G 439 27.66 36.30 -60.92
CA LEU G 439 28.65 37.34 -61.12
C LEU G 439 28.09 38.71 -60.72
N ASP G 440 28.49 39.18 -59.56
CA ASP G 440 28.02 40.48 -59.05
C ASP G 440 29.03 41.08 -58.08
N LEU G 456 41.29 24.54 -53.40
CA LEU G 456 40.02 24.15 -52.81
C LEU G 456 40.20 22.99 -51.84
N GLU G 457 40.91 23.26 -50.74
CA GLU G 457 41.22 22.24 -49.73
C GLU G 457 41.97 21.08 -50.38
N GLN G 458 41.46 19.86 -50.19
CA GLN G 458 42.11 18.65 -50.70
C GLN G 458 43.56 18.56 -50.24
N LYS G 459 43.78 18.81 -48.95
CA LYS G 459 45.13 18.83 -48.40
C LYS G 459 45.18 18.16 -47.03
N SER G 460 46.40 17.98 -46.51
CA SER G 460 46.60 17.37 -45.21
C SER G 460 46.32 18.36 -44.08
N ASP G 462 48.50 18.43 -40.36
CA ASP G 462 48.98 17.79 -39.14
C ASP G 462 47.89 16.94 -38.51
N PRO G 463 48.09 15.62 -38.46
CA PRO G 463 47.12 14.63 -37.96
C PRO G 463 46.60 14.94 -36.55
N ASN G 464 47.45 15.50 -35.70
CA ASN G 464 47.06 15.82 -34.33
C ASN G 464 46.44 17.20 -34.19
N LEU G 465 46.40 17.93 -35.31
CA LEU G 465 45.84 19.28 -35.32
C LEU G 465 44.37 19.26 -35.72
N VAL G 466 44.02 18.34 -36.60
CA VAL G 466 42.65 18.25 -37.11
C VAL G 466 41.81 17.29 -36.26
N ASN G 467 42.48 16.42 -35.52
CA ASN G 467 41.80 15.45 -34.66
C ASN G 467 41.54 15.99 -33.25
N LEU G 468 41.56 17.30 -33.11
CA LEU G 468 41.27 17.94 -31.83
C LEU G 468 39.80 17.75 -31.46
N SER G 469 39.55 17.00 -30.39
CA SER G 469 38.19 16.70 -29.96
C SER G 469 37.48 17.92 -29.38
N ALA G 470 38.27 18.92 -28.99
CA ALA G 470 37.73 20.16 -28.44
C ALA G 470 36.94 20.94 -29.48
N SER G 471 37.26 20.68 -30.76
CA SER G 471 36.52 21.29 -31.86
C SER G 471 35.19 20.57 -32.06
N SER G 472 34.28 21.24 -32.77
CA SER G 472 32.96 20.68 -33.09
C SER G 472 32.15 20.28 -31.85
N LEU G 473 32.42 20.94 -30.72
CA LEU G 473 31.62 20.74 -29.52
C LEU G 473 30.28 21.46 -29.67
N LYS G 474 29.20 20.76 -29.32
CA LYS G 474 27.87 21.31 -29.49
C LYS G 474 27.15 21.52 -28.16
N SER G 475 26.05 22.27 -28.22
CA SER G 475 25.18 22.50 -27.07
C SER G 475 25.92 23.10 -25.88
N THR G 476 25.48 22.74 -24.68
CA THR G 476 26.02 23.30 -23.44
C THR G 476 27.45 22.89 -23.18
N PHE G 477 27.89 21.79 -23.79
CA PHE G 477 29.25 21.30 -23.60
C PHE G 477 30.28 22.29 -24.12
N GLN G 478 29.92 23.03 -25.16
CA GLN G 478 30.80 24.04 -25.72
C GLN G 478 30.89 25.25 -24.78
N LEU G 479 29.74 25.68 -24.26
CA LEU G 479 29.67 26.82 -23.36
C LEU G 479 30.40 26.54 -22.05
N ALA G 480 30.35 25.29 -21.60
CA ALA G 480 31.02 24.90 -20.37
C ALA G 480 32.53 24.89 -20.55
N TYR G 481 32.95 24.48 -21.75
CA TYR G 481 34.38 24.41 -22.08
C TYR G 481 34.99 25.81 -22.15
N LYS G 482 34.18 26.79 -22.54
CA LYS G 482 34.63 28.17 -22.62
C LYS G 482 34.95 28.72 -21.24
N LEU G 483 34.15 28.32 -20.25
CA LEU G 483 34.37 28.73 -18.87
C LEU G 483 35.58 28.03 -18.28
N LEU G 484 35.80 26.80 -18.72
CA LEU G 484 36.93 26.00 -18.25
C LEU G 484 38.25 26.59 -18.72
N THR G 485 38.27 27.07 -19.96
CA THR G 485 39.44 27.73 -20.51
C THR G 485 39.64 29.10 -19.88
N GLU G 486 38.55 29.71 -19.44
CA GLU G 486 38.62 31.01 -18.79
C GLU G 486 39.21 30.87 -17.39
N ILE G 487 38.99 29.71 -16.77
CA ILE G 487 39.51 29.44 -15.43
C ILE G 487 41.01 29.16 -15.49
N VAL G 488 41.42 28.32 -16.43
CA VAL G 488 42.82 27.95 -16.57
C VAL G 488 43.67 29.13 -17.05
N GLN G 489 43.00 30.16 -17.57
CA GLN G 489 43.67 31.37 -18.02
C GLN G 489 44.22 32.14 -16.82
N ILE G 490 43.50 32.10 -15.71
CA ILE G 490 43.91 32.80 -14.50
C ILE G 490 44.83 31.93 -13.64
N THR G 491 44.41 30.69 -13.40
CA THR G 491 45.13 29.80 -12.50
C THR G 491 46.33 29.12 -13.15
N GLY G 492 46.13 28.60 -14.35
CA GLY G 492 47.15 27.80 -15.01
C GLY G 492 46.84 26.33 -14.83
N TRP G 493 47.44 25.48 -15.67
CA TRP G 493 47.15 24.06 -15.67
C TRP G 493 47.54 23.38 -14.35
N GLU G 494 48.69 23.78 -13.80
CA GLU G 494 49.17 23.17 -12.56
C GLU G 494 48.30 23.54 -11.37
N GLN G 495 47.88 24.79 -11.30
CA GLN G 495 47.05 25.26 -10.20
C GLN G 495 45.62 24.76 -10.33
N LEU G 496 45.20 24.52 -11.57
CA LEU G 496 43.86 24.00 -11.83
C LEU G 496 43.71 22.59 -11.31
N LEU G 497 44.76 21.78 -11.50
CA LEU G 497 44.77 20.40 -11.03
C LEU G 497 44.78 20.34 -9.50
N LYS G 498 45.37 21.35 -8.87
CA LYS G 498 45.38 21.43 -7.42
C LYS G 498 43.96 21.68 -6.90
N TYR G 499 43.24 22.56 -7.58
CA TYR G 499 41.84 22.82 -7.26
C TYR G 499 40.99 21.60 -7.58
N ARG G 500 41.31 20.95 -8.70
CA ARG G 500 40.57 19.78 -9.16
C ARG G 500 40.68 18.63 -8.17
N SER G 501 41.90 18.32 -7.76
CA SER G 501 42.15 17.21 -6.84
C SER G 501 41.71 17.53 -5.41
N LYS G 502 41.37 18.80 -5.17
CA LYS G 502 40.96 19.24 -3.84
C LYS G 502 39.47 19.04 -3.60
N ILE G 503 38.67 19.17 -4.65
CA ILE G 503 37.22 19.11 -4.50
C ILE G 503 36.59 17.96 -5.27
N PHE G 504 37.41 17.20 -5.99
CA PHE G 504 36.93 16.03 -6.71
C PHE G 504 37.68 14.77 -6.29
N VAL G 505 37.11 13.61 -6.58
CA VAL G 505 37.74 12.33 -6.22
C VAL G 505 38.68 11.85 -7.32
N LYS G 533 34.61 14.66 -0.20
CA LYS G 533 34.77 15.04 -1.60
C LYS G 533 33.48 14.79 -2.37
N ARG G 534 33.44 15.23 -3.62
CA ARG G 534 32.28 14.99 -4.48
C ARG G 534 32.72 14.41 -5.81
N LEU G 535 31.82 13.64 -6.44
CA LEU G 535 32.12 12.99 -7.70
C LEU G 535 32.04 13.95 -8.89
N CYS G 536 33.01 13.86 -9.79
CA CYS G 536 33.00 14.64 -11.02
C CYS G 536 31.96 14.06 -11.98
N GLU G 537 31.32 14.92 -12.76
CA GLU G 537 30.21 14.50 -13.60
C GLU G 537 30.64 13.93 -14.95
N ARG G 538 31.83 13.32 -14.98
CA ARG G 538 32.33 12.64 -16.18
C ARG G 538 32.51 13.56 -17.38
N TRP G 539 31.44 14.23 -17.81
CA TRP G 539 31.51 15.13 -18.95
C TRP G 539 32.49 16.26 -18.68
N LEU G 540 32.58 16.68 -17.42
CA LEU G 540 33.53 17.71 -17.03
C LEU G 540 34.95 17.15 -17.09
N ASP G 541 35.10 15.90 -16.66
CA ASP G 541 36.38 15.23 -16.68
C ASP G 541 36.89 15.06 -18.11
N ASN G 542 35.97 14.81 -19.03
CA ASN G 542 36.30 14.71 -20.44
C ASN G 542 36.80 16.04 -20.99
N LEU G 543 36.21 17.13 -20.50
CA LEU G 543 36.60 18.47 -20.93
C LEU G 543 38.01 18.81 -20.47
N PHE G 544 38.44 18.21 -19.36
CA PHE G 544 39.81 18.39 -18.88
C PHE G 544 40.79 17.73 -19.83
N MET G 545 40.41 16.56 -20.36
CA MET G 545 41.23 15.87 -21.34
C MET G 545 41.33 16.68 -22.63
N LEU G 546 40.21 17.30 -23.00
CA LEU G 546 40.18 18.14 -24.19
C LEU G 546 40.99 19.41 -23.98
N LEU G 547 40.96 19.91 -22.74
CA LEU G 547 41.70 21.12 -22.40
C LEU G 547 43.19 20.88 -22.51
N TYR G 548 43.62 19.68 -22.13
CA TYR G 548 45.03 19.31 -22.18
C TYR G 548 45.51 19.23 -23.63
N GLU G 549 44.64 18.79 -24.52
CA GLU G 549 44.98 18.64 -25.93
C GLU G 549 45.16 20.00 -26.61
N ASP G 550 44.35 20.97 -26.21
CA ASP G 550 44.43 22.31 -26.77
C ASP G 550 45.66 23.06 -26.27
N LEU G 551 45.94 22.90 -24.98
CA LEU G 551 47.11 23.53 -24.38
C LEU G 551 48.40 22.94 -24.98
N LYS G 552 48.37 21.64 -25.24
CA LYS G 552 49.52 20.97 -25.87
C LYS G 552 49.72 21.48 -27.29
N THR G 553 48.63 21.55 -28.05
CA THR G 553 48.67 22.00 -29.43
C THR G 553 49.13 23.46 -29.54
N TYR G 554 48.58 24.31 -28.67
CA TYR G 554 48.88 25.73 -28.68
C TYR G 554 50.35 25.99 -28.33
N THR G 555 50.88 25.21 -27.40
CA THR G 555 52.26 25.39 -26.96
C THR G 555 53.25 24.88 -28.01
N ASP G 556 52.93 23.75 -28.62
CA ASP G 556 53.77 23.17 -29.66
C ASP G 556 53.82 24.04 -30.91
N TRP G 557 52.80 24.87 -31.09
CA TRP G 557 52.74 25.76 -32.24
C TRP G 557 53.55 27.03 -32.00
N GLN G 558 53.34 27.63 -30.82
CA GLN G 558 54.01 28.88 -30.48
C GLN G 558 55.51 28.68 -30.24
N SER G 559 55.87 27.52 -29.70
CA SER G 559 57.28 27.20 -29.47
C SER G 559 57.99 26.99 -30.80
N GLU G 560 57.29 26.38 -31.75
CA GLU G 560 57.83 26.16 -33.09
C GLU G 560 57.88 27.46 -33.88
N LYS G 573 53.27 27.12 -43.53
CA LYS G 573 52.06 26.45 -43.07
C LYS G 573 50.87 26.76 -43.97
N LEU G 574 50.08 25.73 -44.27
CA LEU G 574 48.90 25.88 -45.12
C LEU G 574 47.83 26.73 -44.42
N THR G 575 46.96 27.33 -45.22
CA THR G 575 45.93 28.22 -44.69
C THR G 575 44.97 27.47 -43.77
N VAL G 576 44.69 26.21 -44.10
CA VAL G 576 43.82 25.38 -43.28
C VAL G 576 44.45 25.11 -41.92
N GLU G 577 45.77 24.97 -41.91
CA GLU G 577 46.51 24.77 -40.67
C GLU G 577 46.45 26.02 -39.80
N TRP G 578 46.33 27.18 -40.45
CA TRP G 578 46.19 28.44 -39.73
C TRP G 578 44.79 28.58 -39.14
N GLU G 579 43.80 28.01 -39.83
CA GLU G 579 42.42 28.01 -39.33
C GLU G 579 42.31 27.19 -38.05
N LEU G 580 42.83 25.97 -38.12
CA LEU G 580 42.75 25.02 -37.01
C LEU G 580 43.45 25.54 -35.76
N PHE G 581 44.63 26.12 -35.95
CA PHE G 581 45.37 26.71 -34.83
C PHE G 581 44.67 27.97 -34.33
N GLY G 582 44.13 28.75 -35.26
CA GLY G 582 43.43 29.97 -34.93
C GLY G 582 42.20 29.69 -34.07
N LEU G 583 41.48 28.64 -34.42
CA LEU G 583 40.31 28.23 -33.64
C LEU G 583 40.72 27.70 -32.27
N CYS G 584 41.91 27.09 -32.21
CA CYS G 584 42.43 26.56 -30.95
C CYS G 584 42.83 27.69 -30.00
N ALA G 585 43.48 28.71 -30.53
CA ALA G 585 43.89 29.86 -29.73
C ALA G 585 42.68 30.67 -29.27
N LYS G 586 41.64 30.70 -30.10
CA LYS G 586 40.42 31.41 -29.78
C LYS G 586 39.68 30.72 -28.65
N ARG G 587 39.71 29.39 -28.65
CA ARG G 587 39.06 28.59 -27.62
C ARG G 587 39.74 28.75 -26.26
N LEU G 588 41.06 28.92 -26.28
CA LEU G 588 41.82 29.06 -25.04
C LEU G 588 41.80 30.49 -24.53
N GLY G 589 41.31 31.42 -25.35
CA GLY G 589 41.16 32.80 -24.94
C GLY G 589 42.33 33.67 -25.35
N HIS G 590 43.11 33.21 -26.32
CA HIS G 590 44.23 33.98 -26.83
C HIS G 590 43.83 34.71 -28.10
N LEU G 591 43.06 35.78 -27.94
CA LEU G 591 42.50 36.54 -29.06
C LEU G 591 43.54 37.19 -29.97
N PRO G 592 44.52 37.92 -29.41
CA PRO G 592 45.46 38.56 -30.34
C PRO G 592 46.36 37.55 -31.06
N GLU G 593 46.65 36.42 -30.41
CA GLU G 593 47.47 35.38 -31.02
C GLU G 593 46.66 34.61 -32.08
N ALA G 594 45.35 34.59 -31.91
CA ALA G 594 44.48 33.90 -32.85
C ALA G 594 44.20 34.78 -34.07
N ALA G 595 44.09 36.09 -33.83
CA ALA G 595 43.82 37.05 -34.90
C ALA G 595 44.97 37.08 -35.90
N LYS G 596 46.19 36.88 -35.40
CA LYS G 596 47.37 36.84 -36.27
C LYS G 596 47.31 35.62 -37.17
N ALA G 597 46.92 34.48 -36.60
CA ALA G 597 46.81 33.23 -37.36
C ALA G 597 45.77 33.34 -38.46
N PHE G 598 44.64 33.97 -38.15
CA PHE G 598 43.58 34.17 -39.12
C PHE G 598 43.98 35.15 -40.21
N GLN G 599 44.78 36.16 -39.83
CA GLN G 599 45.21 37.17 -40.77
C GLN G 599 46.27 36.64 -41.72
N ILE G 600 47.15 35.79 -41.20
CA ILE G 600 48.20 35.16 -42.02
C ILE G 600 47.58 34.17 -43.01
N GLY G 601 46.66 33.35 -42.51
CA GLY G 601 45.99 32.37 -43.35
C GLY G 601 45.08 33.00 -44.39
N LEU G 602 44.68 34.25 -44.15
CA LEU G 602 43.81 34.97 -45.07
C LEU G 602 44.61 35.58 -46.22
N SER G 603 45.92 35.65 -46.04
CA SER G 603 46.79 36.27 -47.04
C SER G 603 47.13 35.30 -48.16
N GLN G 604 47.43 34.05 -47.80
CA GLN G 604 47.80 33.04 -48.78
C GLN G 604 46.58 32.58 -49.58
N ARG G 605 45.41 32.65 -48.96
CA ARG G 605 44.17 32.27 -49.61
C ARG G 605 42.98 32.88 -48.88
N PHE G 606 41.85 33.01 -49.57
CA PHE G 606 40.64 33.50 -48.94
C PHE G 606 39.98 32.38 -48.14
N SER G 607 39.48 32.72 -46.95
CA SER G 607 38.84 31.73 -46.10
C SER G 607 37.66 32.35 -45.34
N PRO G 608 36.48 31.72 -45.43
CA PRO G 608 35.30 32.21 -44.72
C PRO G 608 35.47 32.10 -43.20
N VAL G 609 36.12 31.02 -42.76
CA VAL G 609 36.39 30.82 -41.35
C VAL G 609 37.30 31.93 -40.81
N CYS G 610 38.36 32.21 -41.57
CA CYS G 610 39.31 33.25 -41.19
C CYS G 610 38.69 34.64 -41.24
N ALA G 611 37.92 34.90 -42.28
CA ALA G 611 37.30 36.21 -42.48
C ALA G 611 36.28 36.53 -41.39
N LYS G 612 35.42 35.58 -41.07
CA LYS G 612 34.39 35.77 -40.05
C LYS G 612 35.00 35.94 -38.67
N ASN G 613 36.06 35.20 -38.39
CA ASN G 613 36.73 35.28 -37.09
C ASN G 613 37.56 36.55 -36.95
N LEU G 614 38.20 36.97 -38.04
CA LEU G 614 38.99 38.19 -38.03
C LEU G 614 38.07 39.41 -37.93
N LEU G 615 36.89 39.29 -38.53
CA LEU G 615 35.89 40.35 -38.45
C LEU G 615 35.41 40.52 -37.01
N GLN G 616 35.18 39.40 -36.34
CA GLN G 616 34.72 39.41 -34.95
C GLN G 616 35.80 39.99 -34.03
N PHE G 617 37.05 39.85 -34.44
CA PHE G 617 38.16 40.38 -33.68
C PHE G 617 38.12 41.91 -33.64
N TYR G 618 37.87 42.51 -34.80
CA TYR G 618 37.81 43.96 -34.90
C TYR G 618 36.58 44.51 -34.16
N ILE G 619 35.51 43.73 -34.15
CA ILE G 619 34.31 44.11 -33.41
C ILE G 619 34.59 44.16 -31.92
N ASP G 620 35.29 43.14 -31.41
CA ASP G 620 35.65 43.09 -30.00
C ASP G 620 36.66 44.18 -29.65
N GLU G 621 37.59 44.43 -30.56
CA GLU G 621 38.59 45.48 -30.38
C GLU G 621 37.97 46.86 -30.42
N HIS G 622 36.92 47.02 -31.23
CA HIS G 622 36.23 48.30 -31.34
C HIS G 622 35.48 48.61 -30.05
N LYS G 623 34.78 47.61 -29.52
CA LYS G 623 34.03 47.78 -28.28
C LYS G 623 34.97 48.03 -27.10
N ARG G 624 36.16 47.44 -27.17
CA ARG G 624 37.15 47.58 -26.10
C ARG G 624 37.66 49.01 -25.99
N ILE G 625 38.02 49.60 -27.13
CA ILE G 625 38.55 50.96 -27.17
C ILE G 625 37.53 52.00 -26.70
N ARG G 626 36.29 51.85 -27.13
CA ARG G 626 35.24 52.79 -26.77
C ARG G 626 34.97 52.79 -25.26
N ARG G 627 35.18 51.65 -24.62
CA ARG G 627 34.99 51.54 -23.17
C ARG G 627 36.22 52.06 -22.43
N ASP G 628 37.41 51.77 -22.95
CA ASP G 628 38.65 52.19 -22.32
C ASP G 628 38.85 53.71 -22.46
N SER G 629 38.25 54.29 -23.49
CA SER G 629 38.36 55.72 -23.72
C SER G 629 37.60 56.50 -22.66
N VAL G 630 36.58 55.88 -22.09
CA VAL G 630 35.79 56.50 -21.03
C VAL G 630 36.59 56.58 -19.73
N SER G 631 37.15 55.45 -19.31
CA SER G 631 37.95 55.39 -18.09
C SER G 631 39.44 55.32 -18.41
N THR G 637 45.66 59.69 -26.03
CA THR G 637 45.14 61.02 -26.36
C THR G 637 43.92 60.92 -27.27
N SER G 638 43.34 62.06 -27.62
CA SER G 638 42.17 62.11 -28.47
C SER G 638 42.49 61.64 -29.89
N SER G 639 43.63 62.09 -30.41
CA SER G 639 44.06 61.75 -31.76
C SER G 639 44.32 60.25 -31.89
N GLN G 640 44.76 59.64 -30.79
CA GLN G 640 45.02 58.21 -30.75
C GLN G 640 43.72 57.43 -30.90
N ILE G 641 42.66 57.92 -30.26
CA ILE G 641 41.36 57.27 -30.31
C ILE G 641 40.72 57.40 -31.68
N LEU G 642 40.76 58.60 -32.24
CA LEU G 642 40.16 58.89 -33.53
C LEU G 642 40.78 58.04 -34.64
N SER G 643 42.08 57.81 -34.55
CA SER G 643 42.80 57.06 -35.59
C SER G 643 42.61 55.56 -35.41
N SER G 644 42.63 55.10 -34.17
CA SER G 644 42.51 53.67 -33.88
C SER G 644 41.13 53.14 -34.28
N ILE G 645 40.10 53.94 -34.02
CA ILE G 645 38.73 53.57 -34.37
C ILE G 645 38.54 53.53 -35.88
N ASN G 646 39.05 54.55 -36.56
CA ASN G 646 38.93 54.66 -38.02
C ASN G 646 39.59 53.49 -38.73
N ASP G 647 40.75 53.06 -38.24
CA ASP G 647 41.47 51.94 -38.83
C ASP G 647 40.67 50.65 -38.69
N ILE G 648 39.96 50.51 -37.58
CA ILE G 648 39.12 49.33 -37.34
C ILE G 648 37.91 49.35 -38.26
N ASP G 649 37.26 50.50 -38.35
CA ASP G 649 36.06 50.67 -39.18
C ASP G 649 36.33 50.30 -40.64
N SER G 650 37.48 50.74 -41.16
CA SER G 650 37.86 50.44 -42.53
C SER G 650 38.11 48.95 -42.71
N SER G 651 38.73 48.34 -41.72
CA SER G 651 39.03 46.91 -41.76
C SER G 651 37.76 46.09 -41.65
N ILE G 652 36.79 46.59 -40.89
CA ILE G 652 35.49 45.93 -40.75
C ILE G 652 34.74 45.92 -42.08
N ILE G 653 34.63 47.10 -42.70
CA ILE G 653 33.96 47.25 -43.98
C ILE G 653 34.62 46.39 -45.05
N ASP G 654 35.95 46.37 -45.04
CA ASP G 654 36.71 45.58 -46.01
C ASP G 654 36.40 44.08 -45.89
N LEU G 655 36.13 43.64 -44.65
CA LEU G 655 35.82 42.23 -44.40
C LEU G 655 34.35 41.91 -44.63
N VAL G 656 33.47 42.84 -44.28
CA VAL G 656 32.03 42.66 -44.47
C VAL G 656 31.68 42.48 -45.94
N VAL G 657 32.29 43.29 -46.80
CA VAL G 657 32.06 43.22 -48.23
C VAL G 657 32.51 41.87 -48.81
N LYS G 658 33.68 41.41 -48.38
CA LYS G 658 34.25 40.16 -48.87
C LYS G 658 33.39 38.95 -48.48
N ILE G 659 32.97 38.92 -47.22
CA ILE G 659 32.14 37.82 -46.74
C ILE G 659 30.77 37.82 -47.41
N CYS G 660 30.20 39.01 -47.56
CA CYS G 660 28.89 39.16 -48.20
C CYS G 660 28.93 38.74 -49.66
N CYS G 661 30.07 39.01 -50.30
CA CYS G 661 30.28 38.59 -51.69
C CYS G 661 30.42 37.06 -51.76
N TRP G 662 30.98 36.48 -50.70
CA TRP G 662 31.13 35.03 -50.61
C TRP G 662 29.79 34.37 -50.32
N ASN G 663 28.95 35.05 -49.54
CA ASN G 663 27.61 34.56 -49.24
C ASN G 663 26.72 34.58 -50.47
N HIS G 664 26.89 35.61 -51.28
CA HIS G 664 26.12 35.76 -52.51
C HIS G 664 26.47 34.66 -53.51
N ARG G 665 27.71 34.20 -53.44
CA ARG G 665 28.17 33.13 -54.32
C ARG G 665 27.52 31.80 -53.95
N TRP G 666 27.20 31.64 -52.65
CA TRP G 666 26.54 30.44 -52.17
C TRP G 666 25.08 30.70 -51.82
N TYR G 667 24.44 31.54 -52.63
CA TYR G 667 22.99 31.76 -52.57
C TYR G 667 22.51 32.25 -51.20
N ILE G 668 23.30 33.11 -50.56
CA ILE G 668 22.93 33.68 -49.28
C ILE G 668 22.93 35.21 -49.34
N GLU G 669 21.74 35.79 -49.18
CA GLU G 669 21.59 37.24 -49.27
C GLU G 669 21.35 37.87 -47.90
N PHE G 670 21.40 37.04 -46.86
CA PHE G 670 21.09 37.51 -45.51
C PHE G 670 22.12 37.02 -44.50
N ILE G 672 22.86 38.11 -40.19
CA ILE G 672 22.72 39.01 -39.05
C ILE G 672 24.08 39.48 -38.55
N ILE G 673 25.06 38.59 -38.60
CA ILE G 673 26.42 38.91 -38.18
C ILE G 673 27.01 40.05 -39.00
N LEU G 674 26.85 39.98 -40.32
CA LEU G 674 27.38 40.98 -41.22
C LEU G 674 26.63 42.30 -41.10
N ILE G 675 25.34 42.22 -40.81
CA ILE G 675 24.52 43.40 -40.64
C ILE G 675 24.94 44.18 -39.39
N ASP G 676 25.14 43.45 -38.30
CA ASP G 676 25.59 44.07 -37.05
C ASP G 676 27.01 44.60 -37.18
N ALA G 677 27.84 43.89 -37.91
CA ALA G 677 29.24 44.28 -38.09
C ALA G 677 29.34 45.62 -38.82
N LEU G 678 28.61 45.75 -39.92
CA LEU G 678 28.62 46.97 -40.71
C LEU G 678 27.89 48.09 -39.95
N SER G 679 26.97 47.70 -39.08
CA SER G 679 26.22 48.66 -38.28
C SER G 679 27.12 49.40 -37.30
N VAL G 680 28.21 48.75 -36.90
CA VAL G 680 29.19 49.35 -36.01
C VAL G 680 29.83 50.56 -36.65
N ALA G 681 30.19 50.43 -37.93
CA ALA G 681 30.80 51.53 -38.68
C ALA G 681 29.79 52.65 -38.92
N VAL G 682 28.56 52.28 -39.24
CA VAL G 682 27.50 53.25 -39.51
C VAL G 682 27.27 54.17 -38.32
N GLN G 683 27.34 53.61 -37.12
CA GLN G 683 27.20 54.40 -35.90
C GLN G 683 28.39 55.35 -35.73
N ASP G 684 29.55 54.96 -36.23
CA ASP G 684 30.74 55.78 -36.16
C ASP G 684 30.80 56.79 -37.30
N MET G 685 30.91 56.29 -38.52
CA MET G 685 30.97 57.13 -39.71
C MET G 685 29.61 57.14 -40.41
N GLY G 686 29.26 58.29 -40.99
CA GLY G 686 27.96 58.48 -41.60
C GLY G 686 27.56 57.44 -42.63
N LYS G 689 28.87 58.25 -45.88
CA LYS G 689 30.33 58.03 -45.87
C LYS G 689 30.66 56.55 -46.01
N VAL G 690 29.84 55.70 -45.38
CA VAL G 690 30.03 54.26 -45.47
C VAL G 690 29.83 53.75 -46.89
N HIS G 691 28.80 54.27 -47.55
CA HIS G 691 28.47 53.86 -48.90
C HIS G 691 29.59 54.22 -49.87
N ASN G 692 30.10 55.44 -49.75
CA ASN G 692 31.19 55.90 -50.61
C ASN G 692 32.50 55.22 -50.29
N GLU G 693 32.63 54.74 -49.05
CA GLU G 693 33.81 53.98 -48.64
C GLU G 693 33.88 52.65 -49.36
N ILE G 694 32.72 52.01 -49.54
CA ILE G 694 32.64 50.73 -50.23
C ILE G 694 32.80 50.90 -51.74
N ALA G 695 32.15 51.93 -52.28
CA ALA G 695 32.19 52.20 -53.71
C ALA G 695 33.57 52.63 -54.18
N SER G 696 34.41 53.03 -53.23
CA SER G 696 35.76 53.49 -53.55
C SER G 696 36.75 52.32 -53.68
N ARG G 697 36.85 51.53 -52.62
CA ARG G 697 37.79 50.41 -52.59
C ARG G 697 37.33 49.25 -53.47
N PHE G 698 36.01 49.10 -53.62
CA PHE G 698 35.46 48.05 -54.46
C PHE G 698 34.79 48.62 -55.70
N SER G 699 34.31 47.74 -56.58
CA SER G 699 33.68 48.18 -57.82
C SER G 699 32.24 48.62 -57.59
N ASP G 700 31.64 49.19 -58.63
CA ASP G 700 30.26 49.67 -58.54
C ASP G 700 29.22 48.57 -58.37
N PRO G 701 29.30 47.47 -59.15
CA PRO G 701 28.28 46.44 -58.93
C PRO G 701 28.42 45.72 -57.59
N VAL G 702 29.65 45.65 -57.06
CA VAL G 702 29.89 45.05 -55.76
C VAL G 702 29.28 45.92 -54.66
N ALA G 703 29.49 47.23 -54.77
CA ALA G 703 28.93 48.18 -53.82
C ALA G 703 27.41 48.15 -53.88
N GLN G 704 26.87 47.89 -55.06
CA GLN G 704 25.43 47.78 -55.25
C GLN G 704 24.89 46.53 -54.55
N LEU G 705 25.71 45.47 -54.53
CA LEU G 705 25.35 44.23 -53.86
C LEU G 705 25.26 44.43 -52.35
N ILE G 706 26.28 45.08 -51.79
CA ILE G 706 26.30 45.38 -50.36
C ILE G 706 25.17 46.33 -50.00
N ASP G 707 24.82 47.20 -50.94
CA ASP G 707 23.76 48.17 -50.73
C ASP G 707 22.41 47.48 -50.56
N ASP G 708 22.14 46.49 -51.42
CA ASP G 708 20.87 45.78 -51.39
C ASP G 708 20.75 44.85 -50.18
N ASN G 709 21.81 44.12 -49.90
CA ASN G 709 21.80 43.10 -48.85
C ASN G 709 21.80 43.68 -47.45
N ILE G 710 22.64 44.67 -47.21
CA ILE G 710 22.84 45.19 -45.85
C ILE G 710 22.49 46.66 -45.69
N LEU G 711 22.98 47.48 -46.62
CA LEU G 711 22.89 48.94 -46.47
C LEU G 711 21.47 49.46 -46.65
N ASN G 712 20.67 48.78 -47.47
CA ASN G 712 19.28 49.20 -47.68
C ASN G 712 18.45 49.00 -46.43
N PHE G 713 18.78 47.95 -45.67
CA PHE G 713 18.11 47.68 -44.41
C PHE G 713 18.40 48.77 -43.39
N LEU G 714 19.67 49.16 -43.29
CA LEU G 714 20.10 50.18 -42.34
C LEU G 714 19.58 51.56 -42.71
N LYS G 715 19.42 51.80 -44.01
CA LYS G 715 19.03 53.11 -44.50
C LYS G 715 17.55 53.42 -44.26
N ASN G 716 16.71 52.41 -44.35
CA ASN G 716 15.26 52.60 -44.27
C ASN G 716 14.57 51.73 -43.24
N PHE G 717 14.86 50.44 -43.24
CA PHE G 717 14.14 49.48 -42.41
C PHE G 717 14.63 49.44 -40.96
N THR G 718 15.24 50.52 -40.50
CA THR G 718 15.66 50.61 -39.10
C THR G 718 14.92 51.73 -38.37
N ASN G 719 13.78 52.13 -38.94
CA ASN G 719 12.95 53.20 -38.37
C ASN G 719 13.73 54.49 -38.13
N ASP G 720 14.52 54.89 -39.13
CA ASP G 720 15.32 56.12 -39.07
C ASP G 720 16.21 56.16 -37.84
N THR G 721 17.00 55.10 -37.64
CA THR G 721 17.92 55.04 -36.51
C THR G 721 19.16 55.89 -36.76
N VAL H 189 -55.98 -20.50 -9.06
CA VAL H 189 -57.10 -20.54 -8.13
C VAL H 189 -57.07 -21.81 -7.29
N ASN H 190 -56.93 -22.95 -7.95
CA ASN H 190 -56.87 -24.24 -7.27
C ASN H 190 -55.65 -24.37 -6.38
N MET H 191 -54.59 -23.65 -6.73
CA MET H 191 -53.36 -23.66 -5.95
C MET H 191 -53.57 -22.95 -4.61
N ILE H 192 -54.43 -21.94 -4.61
CA ILE H 192 -54.73 -21.18 -3.42
C ILE H 192 -55.46 -22.06 -2.38
N TRP H 193 -56.45 -22.81 -2.85
CA TRP H 193 -57.20 -23.71 -1.99
C TRP H 193 -56.34 -24.89 -1.54
N ALA H 194 -55.30 -25.17 -2.31
CA ALA H 194 -54.38 -26.25 -2.00
C ALA H 194 -53.41 -25.87 -0.87
N GLU H 195 -52.84 -24.67 -0.98
CA GLU H 195 -51.89 -24.18 0.01
C GLU H 195 -52.59 -23.90 1.34
N THR H 196 -53.75 -23.28 1.28
CA THR H 196 -54.52 -22.97 2.48
C THR H 196 -55.21 -24.20 3.04
N MET H 198 -53.09 -27.09 2.61
CA MET H 198 -52.04 -27.85 3.30
C MET H 198 -51.63 -27.17 4.60
N SER H 199 -51.61 -25.85 4.60
CA SER H 199 -51.21 -25.09 5.78
C SER H 199 -52.21 -25.27 6.92
N GLY H 200 -53.47 -25.42 6.58
CA GLY H 200 -54.51 -25.64 7.57
C GLY H 200 -54.37 -27.00 8.23
N ILE H 201 -53.90 -27.97 7.47
CA ILE H 201 -53.71 -29.33 7.97
C ILE H 201 -52.53 -29.39 8.93
N VAL H 202 -51.46 -28.67 8.59
CA VAL H 202 -50.25 -28.65 9.42
C VAL H 202 -50.53 -28.12 10.82
N ARG H 203 -51.27 -27.02 10.90
CA ARG H 203 -51.60 -26.40 12.17
C ARG H 203 -52.48 -27.30 13.04
N ASP H 204 -53.32 -28.10 12.41
CA ASP H 204 -54.22 -28.99 13.13
C ASP H 204 -53.50 -30.19 13.72
N ILE H 205 -52.31 -30.48 13.19
CA ILE H 205 -51.51 -31.62 13.64
C ILE H 205 -50.40 -31.20 14.59
N MET H 206 -49.73 -30.09 14.25
CA MET H 206 -48.60 -29.61 15.03
C MET H 206 -49.04 -29.03 16.37
N ILE H 207 -50.31 -28.67 16.48
CA ILE H 207 -50.84 -28.11 17.72
C ILE H 207 -51.02 -29.21 18.76
N MET H 208 -51.11 -30.45 18.31
CA MET H 208 -51.26 -31.59 19.20
C MET H 208 -49.95 -32.37 19.31
N LYS H 209 -48.94 -31.94 18.56
CA LYS H 209 -47.66 -32.63 18.53
C LYS H 209 -46.59 -31.85 19.30
N ASP H 210 -46.54 -30.54 19.10
CA ASP H 210 -45.57 -29.69 19.79
C ASP H 210 -45.96 -29.51 21.26
N ASN H 211 -47.23 -29.63 21.56
CA ASN H 211 -47.72 -29.50 22.92
C ASN H 211 -47.92 -30.86 23.60
N ARG H 212 -47.34 -31.89 23.00
CA ARG H 212 -47.50 -33.25 23.49
C ARG H 212 -46.79 -33.46 24.83
N ALA H 213 -45.79 -32.62 25.09
CA ALA H 213 -45.06 -32.68 26.35
C ALA H 213 -45.95 -32.33 27.53
N ASP H 214 -46.86 -31.38 27.32
CA ASP H 214 -47.79 -30.95 28.36
C ASP H 214 -49.13 -31.67 28.23
N GLY H 215 -49.17 -32.69 27.38
CA GLY H 215 -50.39 -33.46 27.18
C GLY H 215 -51.41 -32.74 26.31
N GLU H 216 -50.92 -32.14 25.22
CA GLU H 216 -51.78 -31.41 24.28
C GLU H 216 -52.61 -30.33 24.98
N SER H 217 -51.95 -29.55 25.83
CA SER H 217 -52.63 -28.49 26.58
C SER H 217 -53.13 -27.40 25.66
N GLN H 218 -54.27 -26.80 26.01
CA GLN H 218 -54.85 -25.72 25.23
C GLN H 218 -55.03 -24.45 26.07
N ASN H 219 -54.21 -23.44 25.80
CA ASN H 219 -54.27 -22.18 26.52
C ASN H 219 -55.48 -21.35 26.12
N LEU H 220 -55.71 -21.24 24.82
CA LEU H 220 -56.84 -20.46 24.30
C LEU H 220 -58.16 -21.16 24.55
N ASN H 227 -61.12 -32.99 14.70
CA ASN H 227 -60.55 -34.12 13.98
C ASN H 227 -60.48 -33.84 12.48
N PRO H 228 -59.25 -33.60 11.97
CA PRO H 228 -59.03 -33.31 10.56
C PRO H 228 -59.13 -34.54 9.67
N PHE H 229 -59.26 -35.71 10.29
CA PHE H 229 -59.32 -36.96 9.53
C PHE H 229 -60.76 -37.33 9.19
N THR H 230 -61.71 -36.79 9.96
CA THR H 230 -63.12 -37.07 9.73
C THR H 230 -63.87 -35.84 9.22
N SER H 231 -63.14 -34.94 8.54
CA SER H 231 -63.73 -33.73 7.99
C SER H 231 -63.76 -33.78 6.46
N GLY H 232 -63.85 -34.98 5.92
CA GLY H 232 -63.89 -35.16 4.47
C GLY H 232 -65.26 -34.86 3.89
N LYS H 251 -41.44 -25.81 -0.95
CA LYS H 251 -41.89 -24.66 -0.20
C LYS H 251 -42.18 -25.01 1.26
N GLY H 252 -41.61 -26.12 1.71
CA GLY H 252 -41.80 -26.56 3.08
C GLY H 252 -40.90 -25.83 4.07
N VAL H 253 -39.88 -25.16 3.54
CA VAL H 253 -38.94 -24.42 4.37
C VAL H 253 -39.62 -23.21 5.00
N TYR H 254 -40.58 -22.63 4.29
CA TYR H 254 -41.30 -21.45 4.75
C TYR H 254 -42.08 -21.70 6.04
N LEU H 255 -42.36 -22.97 6.32
CA LEU H 255 -43.11 -23.34 7.52
C LEU H 255 -42.18 -23.56 8.71
N ASP H 256 -40.90 -23.23 8.53
CA ASP H 256 -39.89 -23.35 9.59
C ASP H 256 -39.78 -24.77 10.12
N ALA H 257 -39.37 -24.91 11.37
CA ALA H 257 -39.11 -26.20 11.98
C ALA H 257 -39.46 -26.18 13.46
N PRO H 258 -39.64 -27.37 14.08
CA PRO H 258 -39.89 -27.46 15.52
C PRO H 258 -38.83 -26.75 16.37
N THR H 259 -39.14 -26.52 17.64
CA THR H 259 -38.27 -25.76 18.53
C THR H 259 -36.93 -26.45 18.81
N HIS H 260 -36.89 -27.77 18.64
CA HIS H 260 -35.67 -28.52 18.91
C HIS H 260 -34.78 -28.61 17.67
N VAL H 261 -35.31 -28.13 16.53
CA VAL H 261 -34.53 -28.09 15.30
C VAL H 261 -34.04 -26.67 15.02
N LEU H 262 -32.71 -26.50 15.04
CA LEU H 262 -32.11 -25.19 14.87
C LEU H 262 -31.85 -24.85 13.40
N ASN H 263 -31.77 -25.89 12.57
CA ASN H 263 -31.48 -25.71 11.15
C ASN H 263 -32.53 -26.37 10.26
N PRO H 264 -33.57 -25.62 9.88
CA PRO H 264 -34.63 -26.10 8.99
C PRO H 264 -34.10 -26.44 7.60
N SER H 265 -34.80 -27.32 6.89
CA SER H 265 -34.37 -27.72 5.55
C SER H 265 -35.55 -28.25 4.73
N LEU H 266 -35.24 -28.91 3.62
CA LEU H 266 -36.26 -29.48 2.75
C LEU H 266 -36.81 -30.79 3.33
N THR H 267 -36.15 -31.29 4.37
CA THR H 267 -36.57 -32.54 5.01
C THR H 267 -37.06 -32.29 6.44
N ASN H 268 -36.35 -31.44 7.17
CA ASN H 268 -36.73 -31.10 8.53
C ASN H 268 -37.57 -29.84 8.60
N ASN H 269 -38.88 -30.00 8.44
CA ASN H 269 -39.81 -28.87 8.52
C ASN H 269 -41.21 -29.32 8.89
N TYR H 270 -42.07 -28.36 9.24
CA TYR H 270 -43.42 -28.65 9.71
C TYR H 270 -44.29 -29.34 8.66
N LEU H 271 -43.96 -29.14 7.39
CA LEU H 271 -44.70 -29.76 6.30
C LEU H 271 -44.42 -31.26 6.22
N VAL H 272 -43.16 -31.63 6.48
CA VAL H 272 -42.74 -33.02 6.44
C VAL H 272 -43.15 -33.74 7.73
N GLU H 273 -43.01 -33.05 8.86
CA GLU H 273 -43.39 -33.59 10.16
C GLU H 273 -44.87 -33.96 10.17
N THR H 274 -45.66 -33.19 9.44
CA THR H 274 -47.09 -33.47 9.30
C THR H 274 -47.30 -34.72 8.44
N LEU H 275 -46.55 -34.80 7.34
CA LEU H 275 -46.62 -35.94 6.44
C LEU H 275 -45.96 -37.18 7.05
N GLU H 277 -46.58 -37.85 10.30
CA GLU H 277 -47.50 -38.06 11.39
C GLU H 277 -48.84 -38.61 10.88
N ILE H 278 -49.33 -38.03 9.80
CA ILE H 278 -50.58 -38.48 9.19
C ILE H 278 -50.41 -39.90 8.63
N VAL H 279 -49.27 -40.14 7.99
CA VAL H 279 -48.98 -41.44 7.42
C VAL H 279 -48.84 -42.49 8.52
N ARG H 280 -48.36 -42.07 9.68
CA ARG H 280 -48.20 -42.97 10.82
C ARG H 280 -49.54 -43.40 11.39
N LEU H 281 -50.47 -42.44 11.48
CA LEU H 281 -51.79 -42.70 12.05
C LEU H 281 -52.72 -43.42 11.08
N THR H 282 -52.78 -42.91 9.85
CA THR H 282 -53.67 -43.47 8.83
C THR H 282 -53.10 -44.77 8.25
N LYS H 283 -51.82 -45.00 8.48
CA LYS H 283 -51.12 -46.21 8.02
C LYS H 283 -51.23 -46.37 6.51
N SER H 284 -51.26 -45.26 5.79
CA SER H 284 -51.32 -45.27 4.34
C SER H 284 -49.93 -45.41 3.74
N LEU H 285 -49.46 -46.65 3.61
CA LEU H 285 -48.11 -46.91 3.13
C LEU H 285 -48.03 -46.93 1.61
N GLU H 286 -48.89 -47.73 0.99
CA GLU H 286 -48.85 -47.92 -0.47
C GLU H 286 -49.22 -46.65 -1.23
N ALA H 287 -49.94 -45.75 -0.57
CA ALA H 287 -50.34 -44.49 -1.19
C ALA H 287 -49.22 -43.46 -1.09
N CYS H 288 -48.54 -43.42 0.05
CA CYS H 288 -47.46 -42.48 0.27
C CYS H 288 -46.18 -42.91 -0.44
N ARG H 289 -45.98 -44.22 -0.54
CA ARG H 289 -44.80 -44.77 -1.18
C ARG H 289 -44.78 -44.43 -2.68
N LYS H 290 -45.94 -44.48 -3.31
CA LYS H 290 -46.06 -44.20 -4.74
C LYS H 290 -45.86 -42.71 -5.02
N MET H 291 -46.35 -41.86 -4.11
CA MET H 291 -46.23 -40.42 -4.27
C MET H 291 -44.79 -39.95 -4.14
N LEU H 292 -44.09 -40.49 -3.13
CA LEU H 292 -42.70 -40.12 -2.90
C LEU H 292 -41.79 -40.61 -4.01
N LYS H 293 -42.06 -41.80 -4.52
CA LYS H 293 -41.28 -42.35 -5.63
C LYS H 293 -41.67 -41.68 -6.94
N LEU H 295 -41.48 -38.42 -6.67
CA LEU H 295 -40.89 -37.15 -6.26
C LEU H 295 -39.36 -37.26 -6.20
N ILE H 296 -38.86 -38.47 -5.99
CA ILE H 296 -37.42 -38.72 -5.96
C ILE H 296 -36.81 -38.42 -7.32
N GLU H 297 -37.57 -38.68 -8.38
CA GLU H 297 -37.13 -38.42 -9.75
C GLU H 297 -36.84 -36.94 -9.97
N PRO H 300 -34.24 -35.71 -5.37
CA PRO H 300 -33.58 -36.91 -4.85
C PRO H 300 -33.40 -36.87 -3.34
N GLU H 301 -33.45 -35.67 -2.78
CA GLU H 301 -33.26 -35.49 -1.34
C GLU H 301 -34.54 -35.84 -0.57
N ALA H 302 -35.61 -36.14 -1.30
CA ALA H 302 -36.87 -36.52 -0.69
C ALA H 302 -36.86 -37.99 -0.27
N VAL H 303 -35.74 -38.66 -0.52
CA VAL H 303 -35.59 -40.06 -0.15
C VAL H 303 -35.51 -40.21 1.37
N ILE H 304 -35.07 -39.14 2.04
CA ILE H 304 -34.99 -39.12 3.49
C ILE H 304 -36.39 -39.20 4.10
N ILE H 305 -37.35 -38.57 3.43
CA ILE H 305 -38.73 -38.60 3.87
C ILE H 305 -39.26 -40.03 3.79
N LEU H 306 -38.90 -40.74 2.73
CA LEU H 306 -39.33 -42.11 2.53
C LEU H 306 -38.81 -43.04 3.62
N ILE H 307 -37.62 -42.71 4.13
CA ILE H 307 -37.00 -43.48 5.20
C ILE H 307 -37.81 -43.35 6.50
N ARG H 308 -38.23 -42.13 6.80
CA ARG H 308 -39.01 -41.86 8.00
C ARG H 308 -40.39 -42.49 7.94
N VAL H 309 -40.90 -42.67 6.72
CA VAL H 309 -42.19 -43.31 6.51
C VAL H 309 -42.08 -44.81 6.77
N TYR H 310 -41.00 -45.41 6.28
CA TYR H 310 -40.76 -46.85 6.46
C TYR H 310 -40.59 -47.20 7.93
N PHE H 311 -39.89 -46.34 8.67
CA PHE H 311 -39.69 -46.56 10.10
C PHE H 311 -41.02 -46.43 10.86
N ALA H 312 -41.92 -45.61 10.33
CA ALA H 312 -43.22 -45.40 10.97
C ALA H 312 -44.20 -46.50 10.58
N CYS H 313 -44.04 -47.03 9.37
CA CYS H 313 -44.94 -48.06 8.85
C CYS H 313 -44.35 -49.46 9.01
N ASP H 314 -43.46 -49.61 9.99
CA ASP H 314 -42.85 -50.89 10.33
C ASP H 314 -42.12 -51.54 9.14
N LEU H 315 -41.12 -50.84 8.62
CA LEU H 315 -40.28 -51.37 7.55
C LEU H 315 -38.82 -51.01 7.81
N GLU H 316 -38.25 -51.58 8.86
CA GLU H 316 -36.88 -51.27 9.26
C GLU H 316 -35.87 -51.73 8.22
N ILE H 317 -36.01 -52.97 7.75
CA ILE H 317 -35.08 -53.54 6.79
C ILE H 317 -35.05 -52.73 5.50
N ASP H 318 -36.22 -52.35 5.00
CA ASP H 318 -36.31 -51.56 3.78
C ASP H 318 -35.78 -50.15 3.99
N ALA H 319 -35.79 -49.68 5.23
CA ALA H 319 -35.33 -48.34 5.56
C ALA H 319 -33.81 -48.29 5.73
N VAL H 320 -33.28 -49.23 6.50
CA VAL H 320 -31.84 -49.30 6.75
C VAL H 320 -31.07 -49.54 5.46
N ASP H 321 -31.59 -50.43 4.61
CA ASP H 321 -30.98 -50.70 3.32
C ASP H 321 -31.05 -49.48 2.40
N LEU H 322 -32.00 -48.60 2.68
CA LEU H 322 -32.15 -47.38 1.91
C LEU H 322 -31.19 -46.30 2.42
N ILE H 323 -30.98 -46.28 3.75
CA ILE H 323 -30.04 -45.35 4.36
C ILE H 323 -28.62 -45.63 3.90
N ASN H 324 -28.25 -46.91 3.91
CA ASN H 324 -26.93 -47.34 3.46
C ASN H 324 -26.69 -47.02 2.00
N GLU H 325 -27.75 -47.01 1.22
CA GLU H 325 -27.67 -46.67 -0.20
C GLU H 325 -27.32 -45.19 -0.37
N GLN H 326 -27.79 -44.36 0.54
CA GLN H 326 -27.52 -42.93 0.51
C GLN H 326 -26.14 -42.62 1.07
N LEU H 327 -25.70 -43.42 2.04
CA LEU H 327 -24.39 -43.25 2.65
C LEU H 327 -23.42 -44.33 2.16
N THR H 340 -23.82 -28.60 -3.88
CA THR H 340 -22.87 -27.82 -3.09
C THR H 340 -22.14 -28.71 -2.08
N SER H 341 -21.79 -28.12 -0.93
CA SER H 341 -21.11 -28.86 0.12
C SER H 341 -21.81 -28.63 1.46
N HIS H 342 -22.46 -27.48 1.59
CA HIS H 342 -23.19 -27.14 2.82
C HIS H 342 -24.51 -27.89 2.90
N ILE H 343 -25.33 -27.77 1.87
CA ILE H 343 -26.63 -28.42 1.81
C ILE H 343 -26.46 -29.94 1.80
N GLN H 344 -25.42 -30.40 1.11
CA GLN H 344 -25.11 -31.83 1.06
C GLN H 344 -24.70 -32.35 2.44
N LEU H 345 -24.18 -31.46 3.28
CA LEU H 345 -23.72 -31.85 4.60
C LEU H 345 -24.86 -31.90 5.62
N ILE H 346 -25.78 -30.94 5.52
CA ILE H 346 -26.90 -30.89 6.44
C ILE H 346 -27.90 -32.00 6.14
N PHE H 347 -27.83 -32.54 4.92
CA PHE H 347 -28.64 -33.70 4.57
C PHE H 347 -27.97 -34.97 5.05
N LYS H 348 -26.64 -34.94 5.09
CA LYS H 348 -25.86 -36.06 5.60
C LYS H 348 -26.03 -36.20 7.11
N SER H 349 -26.09 -35.08 7.79
CA SER H 349 -26.24 -35.07 9.25
C SER H 349 -27.61 -35.55 9.68
N GLU H 350 -28.63 -35.26 8.86
CA GLU H 350 -29.98 -35.71 9.14
C GLU H 350 -30.09 -37.22 8.99
N LEU H 351 -29.40 -37.76 8.00
CA LEU H 351 -29.36 -39.20 7.78
C LEU H 351 -28.64 -39.90 8.92
N LEU H 352 -27.54 -39.28 9.39
CA LEU H 352 -26.78 -39.81 10.50
C LEU H 352 -27.54 -39.69 11.81
N SER H 353 -28.41 -38.70 11.89
CA SER H 353 -29.24 -38.49 13.09
C SER H 353 -30.35 -39.53 13.16
N ILE H 354 -30.95 -39.84 12.02
CA ILE H 354 -31.99 -40.85 11.95
C ILE H 354 -31.42 -42.24 12.26
N GLN H 355 -30.29 -42.56 11.63
CA GLN H 355 -29.65 -43.85 11.81
C GLN H 355 -29.19 -44.06 13.24
N SER H 356 -28.66 -43.00 13.85
CA SER H 356 -28.20 -43.06 15.23
C SER H 356 -29.38 -43.24 16.19
N GLU H 357 -30.46 -42.52 15.92
CA GLU H 357 -31.66 -42.61 16.74
C GLU H 357 -32.29 -43.98 16.61
N PHE H 358 -32.14 -44.59 15.44
CA PHE H 358 -32.63 -45.94 15.20
C PHE H 358 -31.85 -46.96 16.01
N LEU H 359 -30.57 -46.68 16.24
CA LEU H 359 -29.71 -47.58 17.00
C LEU H 359 -29.69 -47.24 18.49
N LEU H 360 -30.62 -46.38 18.90
CA LEU H 360 -30.68 -45.94 20.28
C LEU H 360 -32.02 -46.27 20.92
N ASP H 361 -33.10 -45.80 20.30
CA ASP H 361 -34.45 -46.02 20.83
C ASP H 361 -34.81 -47.51 20.80
N VAL H 362 -34.32 -48.21 19.79
CA VAL H 362 -34.55 -49.64 19.66
C VAL H 362 -33.27 -50.39 19.30
N LYS H 363 -33.38 -51.71 19.15
CA LYS H 363 -32.27 -52.56 18.70
C LYS H 363 -31.07 -52.59 19.65
N ARG H 364 -31.14 -51.81 20.74
CA ARG H 364 -30.02 -51.69 21.68
C ARG H 364 -28.73 -51.31 20.95
N ASP H 365 -27.64 -51.97 21.33
CA ASP H 365 -26.34 -51.80 20.66
C ASP H 365 -25.92 -50.34 20.59
N TYR H 366 -25.43 -49.82 21.71
CA TYR H 366 -25.06 -48.41 21.81
C TYR H 366 -23.66 -48.16 21.29
N LYS H 367 -22.91 -49.24 21.04
CA LYS H 367 -21.55 -49.12 20.54
C LYS H 367 -21.52 -48.59 19.11
N LEU H 368 -22.44 -49.08 18.29
CA LEU H 368 -22.57 -48.60 16.91
C LEU H 368 -23.34 -47.28 16.88
N ALA H 369 -24.21 -47.09 17.87
CA ALA H 369 -24.98 -45.86 17.96
C ALA H 369 -24.07 -44.68 18.30
N LYS H 370 -23.00 -44.96 19.03
CA LYS H 370 -22.03 -43.93 19.41
C LYS H 370 -21.22 -43.45 18.22
N GLU H 371 -20.79 -44.40 17.38
CA GLU H 371 -19.96 -44.08 16.23
C GLU H 371 -20.69 -43.20 15.22
N VAL H 372 -21.98 -43.48 15.02
CA VAL H 372 -22.78 -42.71 14.08
C VAL H 372 -23.10 -41.33 14.66
N ALA H 373 -23.34 -41.29 15.97
CA ALA H 373 -23.66 -40.04 16.65
C ALA H 373 -22.52 -39.05 16.58
N MET H 374 -21.29 -39.53 16.82
CA MET H 374 -20.12 -38.69 16.79
C MET H 374 -19.86 -38.14 15.38
N GLU H 375 -20.22 -38.93 14.37
CA GLU H 375 -20.10 -38.49 12.98
C GLU H 375 -21.19 -37.48 12.64
N ALA H 376 -22.34 -37.62 13.28
CA ALA H 376 -23.44 -36.68 13.09
C ALA H 376 -23.09 -35.33 13.70
N VAL H 377 -22.36 -35.35 14.81
CA VAL H 377 -21.92 -34.13 15.48
C VAL H 377 -20.89 -33.40 14.63
N ASN H 378 -19.96 -34.15 14.06
CA ASN H 378 -18.90 -33.57 13.22
C ASN H 378 -19.45 -32.91 11.96
N CYS H 379 -20.62 -33.37 11.52
CA CYS H 379 -21.26 -32.80 10.34
C CYS H 379 -22.06 -31.54 10.71
N ALA H 380 -22.72 -31.58 11.86
CA ALA H 380 -23.50 -30.45 12.34
C ALA H 380 -23.28 -30.21 13.83
N PRO H 381 -22.19 -29.52 14.17
CA PRO H 381 -21.83 -29.24 15.57
C PRO H 381 -22.68 -28.11 16.17
N ASN H 382 -23.47 -27.45 15.33
CA ASN H 382 -24.33 -26.37 15.80
C ASN H 382 -25.76 -26.84 16.03
N GLU H 383 -26.05 -28.07 15.61
CA GLU H 383 -27.38 -28.65 15.81
C GLU H 383 -27.58 -29.14 17.25
N PHE H 384 -28.83 -29.14 17.69
CA PHE H 384 -29.17 -29.60 19.03
C PHE H 384 -29.29 -31.11 19.10
N LYS H 385 -29.97 -31.69 18.12
CA LYS H 385 -30.25 -33.11 18.09
C LYS H 385 -28.97 -33.95 18.04
N THR H 386 -27.95 -33.43 17.35
CA THR H 386 -26.68 -34.13 17.21
C THR H 386 -26.03 -34.40 18.57
N TRP H 387 -25.85 -33.34 19.35
CA TRP H 387 -25.26 -33.48 20.68
C TRP H 387 -26.22 -34.17 21.64
N TYR H 388 -27.52 -34.02 21.38
CA TYR H 388 -28.54 -34.63 22.23
C TYR H 388 -28.49 -36.15 22.17
N LEU H 389 -28.37 -36.68 20.95
CA LEU H 389 -28.28 -38.13 20.76
C LEU H 389 -27.01 -38.69 21.38
N LEU H 390 -25.89 -38.01 21.14
CA LEU H 390 -24.59 -38.45 21.66
C LEU H 390 -24.56 -38.48 23.18
N THR H 391 -25.25 -37.52 23.80
CA THR H 391 -25.31 -37.44 25.25
C THR H 391 -26.05 -38.64 25.83
N ARG H 392 -27.11 -39.05 25.14
CA ARG H 392 -27.90 -40.20 25.57
C ARG H 392 -27.11 -41.50 25.50
N ILE H 393 -26.18 -41.57 24.56
CA ILE H 393 -25.36 -42.76 24.38
C ILE H 393 -24.43 -42.99 25.57
N TYR H 394 -23.74 -41.93 25.98
CA TYR H 394 -22.80 -42.00 27.09
C TYR H 394 -23.46 -42.43 28.39
N ILE H 395 -24.71 -42.01 28.58
CA ILE H 395 -25.46 -42.39 29.77
C ILE H 395 -25.73 -43.89 29.77
N LYS H 396 -26.10 -44.43 28.62
CA LYS H 396 -26.38 -45.85 28.48
C LYS H 396 -25.09 -46.68 28.48
N LEU H 397 -23.97 -46.03 28.18
CA LEU H 397 -22.68 -46.70 28.18
C LEU H 397 -21.99 -46.57 29.53
N ASN H 398 -22.73 -46.13 30.53
CA ASN H 398 -22.24 -45.99 31.90
C ASN H 398 -21.00 -45.10 32.00
N ASP H 399 -20.89 -44.15 31.08
CA ASP H 399 -19.78 -43.22 31.08
C ASP H 399 -20.28 -41.80 31.32
N MET H 400 -20.50 -41.47 32.59
CA MET H 400 -21.06 -40.18 32.97
C MET H 400 -20.03 -39.07 32.84
N SER H 401 -18.77 -39.45 32.67
CA SER H 401 -17.69 -38.48 32.51
C SER H 401 -17.86 -37.67 31.23
N ASN H 402 -18.00 -38.37 30.11
CA ASN H 402 -18.18 -37.72 28.82
C ASN H 402 -19.62 -37.28 28.59
N ALA H 403 -20.53 -37.82 29.40
CA ALA H 403 -21.95 -37.48 29.30
C ALA H 403 -22.18 -36.02 29.67
N LEU H 404 -21.43 -35.54 30.65
CA LEU H 404 -21.55 -34.14 31.07
C LEU H 404 -20.82 -33.22 30.10
N LEU H 405 -19.78 -33.76 29.45
CA LEU H 405 -19.01 -32.97 28.48
C LEU H 405 -19.84 -32.66 27.25
N SER H 406 -20.46 -33.68 26.68
CA SER H 406 -21.29 -33.51 25.50
C SER H 406 -22.53 -32.68 25.81
N LEU H 407 -23.03 -32.82 27.02
CA LEU H 407 -24.20 -32.06 27.46
C LEU H 407 -23.86 -30.58 27.59
N ASN H 408 -22.66 -30.30 28.09
CA ASN H 408 -22.20 -28.93 28.25
C ASN H 408 -21.96 -28.25 26.90
N ALA H 409 -21.55 -29.04 25.92
CA ALA H 409 -21.27 -28.51 24.59
C ALA H 409 -22.50 -28.62 23.68
N CYS H 410 -23.67 -28.73 24.29
CA CYS H 410 -24.91 -28.83 23.55
C CYS H 410 -25.58 -27.46 23.41
N PRO H 411 -25.77 -26.99 22.16
CA PRO H 411 -26.36 -25.68 21.88
C PRO H 411 -27.84 -25.60 22.25
N MET H 412 -28.23 -24.49 22.88
CA MET H 412 -29.62 -24.30 23.31
C MET H 412 -30.37 -23.35 22.39
N SER H 413 -31.69 -23.47 22.38
CA SER H 413 -32.54 -22.58 21.58
C SER H 413 -33.01 -21.39 22.41
N GLN H 414 -32.56 -20.21 22.03
CA GLN H 414 -32.87 -19.00 22.79
C GLN H 414 -33.90 -18.12 22.07
N VAL H 415 -34.14 -18.40 20.79
CA VAL H 415 -35.07 -17.60 20.00
C VAL H 415 -36.34 -18.39 19.67
N LYS H 416 -36.17 -19.55 19.06
CA LYS H 416 -37.31 -20.36 18.64
C LYS H 416 -37.92 -21.10 19.83
N SER H 475 -38.19 -25.56 26.30
CA SER H 475 -37.74 -26.03 24.99
C SER H 475 -36.60 -27.04 25.14
N THR H 476 -35.43 -26.71 24.61
CA THR H 476 -34.27 -27.57 24.68
C THR H 476 -33.78 -27.71 26.13
N PHE H 477 -34.09 -26.70 26.94
CA PHE H 477 -33.72 -26.72 28.36
C PHE H 477 -34.47 -27.81 29.10
N GLN H 478 -35.68 -28.11 28.63
CA GLN H 478 -36.48 -29.17 29.22
C GLN H 478 -35.86 -30.53 28.91
N LEU H 479 -35.49 -30.74 27.65
CA LEU H 479 -34.89 -32.00 27.21
C LEU H 479 -33.52 -32.20 27.85
N ALA H 480 -32.80 -31.10 28.05
CA ALA H 480 -31.48 -31.15 28.66
C ALA H 480 -31.58 -31.48 30.15
N TYR H 481 -32.72 -31.15 30.75
CA TYR H 481 -32.93 -31.40 32.16
C TYR H 481 -33.32 -32.86 32.40
N LYS H 482 -33.94 -33.47 31.39
CA LYS H 482 -34.35 -34.86 31.48
C LYS H 482 -33.13 -35.80 31.52
N LEU H 483 -32.07 -35.41 30.82
CA LEU H 483 -30.86 -36.21 30.75
C LEU H 483 -30.05 -36.09 32.03
N LEU H 484 -30.10 -34.93 32.67
CA LEU H 484 -29.38 -34.70 33.91
C LEU H 484 -29.99 -35.49 35.06
N THR H 485 -31.32 -35.64 35.03
CA THR H 485 -32.02 -36.40 36.05
C THR H 485 -31.81 -37.90 35.85
N GLU H 486 -31.42 -38.27 34.63
CA GLU H 486 -31.16 -39.67 34.30
C GLU H 486 -29.78 -40.09 34.82
N ILE H 487 -28.84 -39.15 34.82
CA ILE H 487 -27.50 -39.41 35.31
C ILE H 487 -27.48 -39.56 36.82
N VAL H 488 -28.18 -38.67 37.51
CA VAL H 488 -28.21 -38.65 38.97
C VAL H 488 -28.92 -39.89 39.52
N GLN H 489 -29.73 -40.52 38.68
CA GLN H 489 -30.46 -41.73 39.07
C GLN H 489 -29.49 -42.90 39.26
N ILE H 490 -28.42 -42.91 38.48
CA ILE H 490 -27.42 -43.97 38.55
C ILE H 490 -26.32 -43.62 39.54
N THR H 491 -25.75 -42.43 39.38
CA THR H 491 -24.62 -42.00 40.22
C THR H 491 -25.06 -41.55 41.61
N GLY H 492 -25.96 -40.57 41.65
CA GLY H 492 -26.38 -39.98 42.91
C GLY H 492 -25.87 -38.56 43.02
N TRP H 493 -26.49 -37.76 43.88
CA TRP H 493 -26.12 -36.35 44.02
C TRP H 493 -24.72 -36.18 44.59
N GLU H 494 -24.32 -37.12 45.46
CA GLU H 494 -23.00 -37.06 46.06
C GLU H 494 -21.91 -37.46 45.06
N GLN H 495 -22.25 -38.37 44.15
CA GLN H 495 -21.31 -38.82 43.13
C GLN H 495 -21.30 -37.87 41.94
N LEU H 496 -22.44 -37.21 41.70
CA LEU H 496 -22.55 -36.26 40.60
C LEU H 496 -21.64 -35.06 40.82
N LEU H 497 -21.57 -34.60 42.06
CA LEU H 497 -20.72 -33.47 42.41
C LEU H 497 -19.24 -33.80 42.23
N LYS H 498 -18.91 -35.09 42.33
CA LYS H 498 -17.55 -35.53 42.09
C LYS H 498 -17.22 -35.48 40.61
N TYR H 499 -18.21 -35.84 39.79
CA TYR H 499 -18.06 -35.74 38.33
C TYR H 499 -18.16 -34.29 37.88
N ARG H 500 -18.93 -33.50 38.63
CA ARG H 500 -19.14 -32.10 38.29
C ARG H 500 -17.90 -31.27 38.61
N SER H 501 -17.32 -31.48 39.79
CA SER H 501 -16.17 -30.70 40.23
C SER H 501 -14.87 -31.14 39.58
N LYS H 502 -14.95 -32.20 38.77
CA LYS H 502 -13.78 -32.74 38.10
C LYS H 502 -13.56 -32.11 36.73
N ILE H 503 -14.65 -31.85 36.01
CA ILE H 503 -14.58 -31.34 34.65
C ILE H 503 -15.19 -29.94 34.52
N PHE H 504 -15.46 -29.31 35.65
CA PHE H 504 -15.97 -27.94 35.64
C PHE H 504 -15.23 -27.09 36.68
N VAL H 505 -15.30 -25.78 36.52
CA VAL H 505 -14.64 -24.86 37.44
C VAL H 505 -15.60 -24.36 38.51
N LYS H 533 -9.70 -28.36 33.11
CA LYS H 533 -11.16 -28.31 33.22
C LYS H 533 -11.74 -27.30 32.24
N ARG H 534 -13.06 -27.26 32.15
CA ARG H 534 -13.75 -26.33 31.26
C ARG H 534 -14.84 -25.56 31.99
N LEU H 535 -15.30 -24.47 31.37
CA LEU H 535 -16.32 -23.61 31.96
C LEU H 535 -17.72 -24.09 31.62
N CYS H 536 -18.60 -24.10 32.61
CA CYS H 536 -20.00 -24.45 32.40
C CYS H 536 -20.71 -23.34 31.64
N GLU H 537 -21.67 -23.72 30.80
CA GLU H 537 -22.37 -22.76 29.95
C GLU H 537 -23.53 -22.07 30.67
N ARG H 538 -23.41 -21.93 31.98
CA ARG H 538 -24.39 -21.23 32.81
C ARG H 538 -25.76 -21.88 32.83
N TRP H 539 -26.34 -22.13 31.65
CA TRP H 539 -27.66 -22.74 31.56
C TRP H 539 -27.67 -24.14 32.18
N LEU H 540 -26.54 -24.83 32.06
CA LEU H 540 -26.40 -26.16 32.65
C LEU H 540 -26.25 -26.04 34.17
N ASP H 541 -25.54 -25.01 34.60
CA ASP H 541 -25.35 -24.74 36.03
C ASP H 541 -26.69 -24.41 36.69
N ASN H 542 -27.58 -23.78 35.93
CA ASN H 542 -28.91 -23.46 36.42
C ASN H 542 -29.74 -24.72 36.61
N LEU H 543 -29.48 -25.72 35.78
CA LEU H 543 -30.18 -26.99 35.87
C LEU H 543 -29.79 -27.74 37.14
N PHE H 544 -28.54 -27.59 37.55
CA PHE H 544 -28.08 -28.17 38.81
C PHE H 544 -28.80 -27.54 39.99
N MET H 545 -29.07 -26.24 39.88
CA MET H 545 -29.82 -25.53 40.91
C MET H 545 -31.27 -26.01 40.95
N LEU H 546 -31.83 -26.24 39.77
CA LEU H 546 -33.20 -26.73 39.66
C LEU H 546 -33.30 -28.19 40.08
N LEU H 547 -32.23 -28.94 39.83
CA LEU H 547 -32.20 -30.35 40.19
C LEU H 547 -32.18 -30.53 41.70
N TYR H 548 -31.49 -29.64 42.39
CA TYR H 548 -31.40 -29.70 43.84
C TYR H 548 -32.76 -29.38 44.48
N GLU H 549 -33.54 -28.52 43.83
CA GLU H 549 -34.84 -28.14 44.33
C GLU H 549 -35.87 -29.26 44.15
N ASP H 550 -35.68 -30.08 43.13
CA ASP H 550 -36.57 -31.21 42.88
C ASP H 550 -36.25 -32.37 43.81
N LEU H 551 -34.97 -32.57 44.10
CA LEU H 551 -34.54 -33.61 45.02
C LEU H 551 -34.90 -33.24 46.46
N LYS H 552 -34.92 -31.94 46.75
CA LYS H 552 -35.33 -31.45 48.06
C LYS H 552 -36.82 -31.69 48.27
N THR H 553 -37.61 -31.40 47.24
CA THR H 553 -39.05 -31.56 47.30
C THR H 553 -39.44 -33.03 47.44
N TYR H 554 -38.74 -33.89 46.70
CA TYR H 554 -39.03 -35.32 46.71
C TYR H 554 -38.65 -35.97 48.04
N THR H 555 -37.53 -35.52 48.62
CA THR H 555 -37.05 -36.07 49.87
C THR H 555 -37.93 -35.65 51.04
N ASP H 556 -38.34 -34.38 51.06
CA ASP H 556 -39.17 -33.86 52.13
C ASP H 556 -40.62 -34.34 52.03
N TRP H 557 -40.95 -34.98 50.91
CA TRP H 557 -42.29 -35.49 50.70
C TRP H 557 -42.42 -36.93 51.20
N GLN H 558 -41.46 -37.77 50.82
CA GLN H 558 -41.48 -39.18 51.20
C GLN H 558 -41.14 -39.37 52.68
N SER H 559 -40.41 -38.41 53.25
CA SER H 559 -40.04 -38.47 54.66
C SER H 559 -41.16 -37.96 55.56
N PHE H 581 -46.48 -32.97 43.11
CA PHE H 581 -45.50 -34.00 43.45
C PHE H 581 -45.43 -35.08 42.38
N GLY H 582 -46.57 -35.33 41.72
CA GLY H 582 -46.64 -36.32 40.67
C GLY H 582 -45.76 -35.98 39.48
N LEU H 583 -45.66 -34.70 39.18
CA LEU H 583 -44.81 -34.23 38.09
C LEU H 583 -43.35 -34.20 38.52
N CYS H 584 -43.11 -33.97 39.80
CA CYS H 584 -41.76 -33.92 40.34
C CYS H 584 -41.12 -35.30 40.35
N ALA H 585 -41.88 -36.31 40.76
CA ALA H 585 -41.39 -37.67 40.80
C ALA H 585 -41.17 -38.21 39.38
N LYS H 586 -41.91 -37.66 38.44
CA LYS H 586 -41.79 -38.06 37.03
C LYS H 586 -40.53 -37.48 36.41
N ARG H 587 -40.26 -36.21 36.71
CA ARG H 587 -39.07 -35.54 36.19
C ARG H 587 -37.80 -36.16 36.73
N LEU H 588 -37.86 -36.63 37.98
CA LEU H 588 -36.71 -37.26 38.62
C LEU H 588 -36.64 -38.75 38.29
N GLY H 589 -37.68 -39.27 37.65
CA GLY H 589 -37.74 -40.66 37.27
C GLY H 589 -37.99 -41.57 38.47
N PRO H 592 -42.63 -45.28 39.27
CA PRO H 592 -43.80 -45.90 39.89
C PRO H 592 -44.35 -45.07 41.07
N GLU H 593 -43.48 -44.27 41.67
CA GLU H 593 -43.89 -43.42 42.79
C GLU H 593 -44.77 -42.27 42.30
N ALA H 594 -44.55 -41.86 41.05
CA ALA H 594 -45.34 -40.79 40.45
C ALA H 594 -46.73 -41.29 40.08
N ALA H 595 -46.83 -42.57 39.73
CA ALA H 595 -48.11 -43.17 39.37
C ALA H 595 -49.02 -43.28 40.58
N LYS H 596 -48.43 -43.52 41.75
CA LYS H 596 -49.18 -43.60 42.99
C LYS H 596 -49.74 -42.24 43.37
N ALA H 597 -49.02 -41.19 42.99
CA ALA H 597 -49.44 -39.83 43.28
C ALA H 597 -50.23 -39.24 42.12
N SER H 607 -59.11 -34.42 37.75
CA SER H 607 -57.95 -33.65 37.30
C SER H 607 -57.45 -34.16 35.95
N PRO H 608 -57.35 -33.24 34.97
CA PRO H 608 -56.87 -33.59 33.63
C PRO H 608 -55.38 -33.90 33.61
N VAL H 609 -54.63 -33.30 34.52
CA VAL H 609 -53.19 -33.52 34.60
C VAL H 609 -52.87 -34.94 35.08
N CYS H 610 -53.57 -35.36 36.14
CA CYS H 610 -53.35 -36.68 36.70
C CYS H 610 -53.78 -37.79 35.75
N ALA H 611 -54.82 -37.52 34.97
CA ALA H 611 -55.37 -38.51 34.05
C ALA H 611 -54.42 -38.80 32.90
N LYS H 612 -53.89 -37.75 32.28
CA LYS H 612 -53.01 -37.89 31.13
C LYS H 612 -51.66 -38.48 31.54
N ASN H 613 -51.24 -38.22 32.76
CA ASN H 613 -49.98 -38.75 33.27
C ASN H 613 -50.11 -40.22 33.68
N LEU H 614 -51.28 -40.58 34.20
CA LEU H 614 -51.54 -41.95 34.61
C LEU H 614 -51.75 -42.84 33.38
N LEU H 615 -52.38 -42.29 32.36
CA LEU H 615 -52.61 -43.02 31.11
C LEU H 615 -51.29 -43.34 30.42
N GLN H 616 -50.37 -42.39 30.45
CA GLN H 616 -49.06 -42.58 29.85
C GLN H 616 -48.25 -43.61 30.63
N PHE H 617 -48.55 -43.73 31.92
CA PHE H 617 -47.88 -44.71 32.78
C PHE H 617 -48.22 -46.13 32.37
N TYR H 618 -49.50 -46.39 32.10
CA TYR H 618 -49.94 -47.70 31.68
C TYR H 618 -49.37 -48.07 30.31
N ILE H 619 -49.18 -47.07 29.46
CA ILE H 619 -48.57 -47.29 28.15
C ILE H 619 -47.12 -47.73 28.31
N ASP H 620 -46.41 -47.07 29.23
CA ASP H 620 -45.03 -47.42 29.53
C ASP H 620 -44.94 -48.78 30.20
N GLU H 621 -45.96 -49.11 31.00
CA GLU H 621 -46.03 -50.41 31.65
C GLU H 621 -46.38 -51.51 30.65
N HIS H 622 -47.17 -51.14 29.64
CA HIS H 622 -47.58 -52.09 28.62
C HIS H 622 -46.41 -52.44 27.71
N LYS H 623 -45.61 -51.44 27.35
CA LYS H 623 -44.43 -51.65 26.51
C LYS H 623 -43.35 -52.40 27.26
N ARG H 624 -43.34 -52.26 28.59
CA ARG H 624 -42.34 -52.91 29.43
C ARG H 624 -42.57 -54.43 29.48
N ILE H 625 -43.82 -54.82 29.62
CA ILE H 625 -44.17 -56.24 29.67
C ILE H 625 -44.01 -56.90 28.30
N ARG H 626 -44.59 -56.28 27.28
CA ARG H 626 -44.50 -56.79 25.92
C ARG H 626 -43.07 -56.69 25.38
N SER H 643 -52.73 -61.89 31.69
CA SER H 643 -53.52 -61.45 32.84
C SER H 643 -53.25 -60.00 33.17
N SER H 644 -51.97 -59.64 33.24
CA SER H 644 -51.57 -58.27 33.56
C SER H 644 -51.90 -57.33 32.41
N ILE H 645 -51.79 -57.83 31.18
CA ILE H 645 -52.08 -57.02 29.99
C ILE H 645 -53.56 -56.63 29.93
N ASN H 646 -54.43 -57.57 30.30
CA ASN H 646 -55.87 -57.32 30.27
C ASN H 646 -56.27 -56.25 31.29
N ASP H 647 -55.68 -56.31 32.48
CA ASP H 647 -55.97 -55.34 33.53
C ASP H 647 -55.50 -53.94 33.14
N ILE H 648 -54.37 -53.88 32.43
CA ILE H 648 -53.85 -52.60 31.95
C ILE H 648 -54.78 -52.01 30.90
N ASP H 649 -55.22 -52.84 29.96
CA ASP H 649 -56.12 -52.41 28.90
C ASP H 649 -57.44 -51.89 29.47
N SER H 650 -57.89 -52.49 30.56
CA SER H 650 -59.12 -52.07 31.22
C SER H 650 -58.97 -50.69 31.85
N SER H 651 -57.75 -50.39 32.30
CA SER H 651 -57.46 -49.10 32.92
C SER H 651 -57.19 -48.03 31.86
N ILE H 652 -56.62 -48.44 30.74
CA ILE H 652 -56.33 -47.52 29.64
C ILE H 652 -57.63 -46.98 29.04
N ILE H 653 -58.53 -47.89 28.66
CA ILE H 653 -59.82 -47.51 28.09
C ILE H 653 -60.62 -46.64 29.08
N ASP H 654 -60.52 -46.98 30.36
CA ASP H 654 -61.23 -46.23 31.40
C ASP H 654 -60.75 -44.78 31.48
N LEU H 655 -59.46 -44.56 31.21
CA LEU H 655 -58.90 -43.22 31.29
C LEU H 655 -59.09 -42.43 29.99
N VAL H 656 -59.05 -43.12 28.87
CA VAL H 656 -59.23 -42.48 27.56
C VAL H 656 -60.61 -41.84 27.45
N VAL H 657 -61.64 -42.58 27.88
CA VAL H 657 -63.01 -42.10 27.83
C VAL H 657 -63.19 -40.85 28.69
N LYS H 658 -62.63 -40.88 29.91
CA LYS H 658 -62.74 -39.76 30.83
C LYS H 658 -62.07 -38.50 30.28
N ILE H 659 -60.89 -38.66 29.68
CA ILE H 659 -60.16 -37.54 29.11
C ILE H 659 -60.88 -36.98 27.89
N CYS H 660 -61.38 -37.88 27.04
CA CYS H 660 -62.12 -37.49 25.84
C CYS H 660 -63.41 -36.75 26.20
N CYS H 661 -64.01 -37.17 27.30
CA CYS H 661 -65.22 -36.51 27.80
C CYS H 661 -64.86 -35.12 28.34
N TRP H 662 -63.63 -34.98 28.82
CA TRP H 662 -63.16 -33.70 29.34
C TRP H 662 -62.71 -32.80 28.20
N ASN H 663 -62.32 -33.40 27.09
CA ASN H 663 -61.89 -32.64 25.91
C ASN H 663 -63.08 -32.18 25.07
N HIS H 664 -64.21 -32.86 25.22
CA HIS H 664 -65.41 -32.54 24.47
C HIS H 664 -66.23 -31.46 25.17
N PHE H 670 -60.45 -33.75 19.12
CA PHE H 670 -59.30 -34.38 18.48
C PHE H 670 -58.12 -34.48 19.44
N SER H 671 -57.54 -35.67 19.56
CA SER H 671 -56.40 -35.91 20.42
C SER H 671 -55.56 -37.08 19.93
N ILE H 672 -54.34 -36.78 19.49
CA ILE H 672 -53.43 -37.80 18.99
C ILE H 672 -53.03 -38.77 20.10
N ILE H 673 -52.83 -38.24 21.30
CA ILE H 673 -52.45 -39.06 22.45
C ILE H 673 -53.51 -40.11 22.76
N LEU H 674 -54.77 -39.69 22.72
CA LEU H 674 -55.89 -40.57 23.04
C LEU H 674 -56.11 -41.63 21.97
N ILE H 675 -55.80 -41.29 20.72
CA ILE H 675 -55.92 -42.22 19.62
C ILE H 675 -54.88 -43.33 19.73
N ASP H 676 -53.63 -42.94 19.96
CA ASP H 676 -52.55 -43.91 20.11
C ASP H 676 -52.72 -44.77 21.35
N ALA H 677 -53.24 -44.19 22.41
CA ALA H 677 -53.46 -44.91 23.66
C ALA H 677 -54.55 -45.97 23.51
N LEU H 678 -55.60 -45.62 22.78
CA LEU H 678 -56.71 -46.53 22.55
C LEU H 678 -56.32 -47.60 21.53
N SER H 679 -55.40 -47.25 20.63
CA SER H 679 -54.95 -48.17 19.59
C SER H 679 -54.15 -49.33 20.19
N VAL H 680 -53.59 -49.11 21.38
CA VAL H 680 -52.84 -50.15 22.07
C VAL H 680 -53.74 -51.32 22.45
N ALA H 681 -54.90 -51.00 23.00
CA ALA H 681 -55.87 -52.02 23.40
C ALA H 681 -56.47 -52.71 22.18
N VAL H 682 -56.53 -51.98 21.07
CA VAL H 682 -57.06 -52.54 19.82
C VAL H 682 -56.15 -53.65 19.29
N GLN H 683 -54.84 -53.41 19.32
CA GLN H 683 -53.87 -54.39 18.87
C GLN H 683 -53.93 -55.67 19.70
N GLY H 686 -59.85 -57.03 20.01
CA GLY H 686 -60.41 -56.72 18.71
C GLY H 686 -61.01 -55.33 18.65
N ILE H 687 -61.39 -54.91 17.46
CA ILE H 687 -61.98 -53.59 17.26
C ILE H 687 -63.43 -53.55 17.73
N THR H 688 -64.09 -54.71 17.73
CA THR H 688 -65.48 -54.81 18.16
C THR H 688 -65.56 -55.23 19.63
N LYS H 689 -64.42 -55.65 20.18
CA LYS H 689 -64.36 -56.10 21.56
C LYS H 689 -64.34 -54.91 22.51
N VAL H 690 -64.00 -53.74 21.99
CA VAL H 690 -63.94 -52.52 22.79
C VAL H 690 -65.34 -51.94 23.02
N HIS H 691 -66.14 -51.89 21.96
CA HIS H 691 -67.52 -51.43 22.05
C HIS H 691 -68.33 -52.23 23.05
N ASN H 692 -68.09 -53.54 23.07
CA ASN H 692 -68.78 -54.43 23.99
C ASN H 692 -68.25 -54.27 25.41
N GLU H 693 -66.97 -53.97 25.53
CA GLU H 693 -66.34 -53.73 26.83
C GLU H 693 -67.01 -52.56 27.55
N ILE H 694 -67.33 -51.52 26.79
CA ILE H 694 -68.03 -50.36 27.34
C ILE H 694 -69.43 -50.74 27.80
N ALA H 695 -69.73 -50.44 29.05
CA ALA H 695 -71.03 -50.78 29.62
C ALA H 695 -71.35 -49.91 30.83
N PRO H 701 -74.71 -42.90 24.83
CA PRO H 701 -74.30 -41.63 24.22
C PRO H 701 -72.81 -41.38 24.36
N VAL H 702 -72.22 -41.89 25.43
CA VAL H 702 -70.78 -41.74 25.67
C VAL H 702 -69.99 -42.63 24.71
N ALA H 703 -70.43 -43.88 24.56
CA ALA H 703 -69.79 -44.82 23.65
C ALA H 703 -69.92 -44.37 22.21
N GLN H 704 -71.04 -43.73 21.89
CA GLN H 704 -71.28 -43.20 20.55
C GLN H 704 -70.31 -42.05 20.26
N LEU H 705 -69.98 -41.29 21.30
CA LEU H 705 -69.03 -40.19 21.17
C LEU H 705 -67.62 -40.71 20.93
N ILE H 706 -67.26 -41.77 21.65
CA ILE H 706 -65.94 -42.39 21.51
C ILE H 706 -65.81 -43.11 20.18
N ILE H 710 -62.76 -40.72 17.76
CA ILE H 710 -61.56 -41.52 17.96
C ILE H 710 -61.70 -42.90 17.33
N LEU H 711 -62.73 -43.64 17.76
CA LEU H 711 -62.96 -44.99 17.27
C LEU H 711 -63.78 -44.97 15.98
N THR H 718 -57.90 -45.85 8.48
CA THR H 718 -56.68 -46.59 8.79
C THR H 718 -56.33 -47.59 7.70
N ASN H 719 -57.11 -47.57 6.62
CA ASN H 719 -56.90 -48.45 5.47
C ASN H 719 -56.88 -49.94 5.84
N ASP H 720 -57.83 -50.35 6.67
CA ASP H 720 -57.95 -51.73 7.11
C ASP H 720 -56.67 -52.26 7.73
N THR H 721 -56.21 -51.62 8.80
CA THR H 721 -54.99 -52.01 9.47
C THR H 721 -55.19 -53.28 10.30
N MET I 12 13.69 -73.94 -40.86
CA MET I 12 12.69 -73.18 -40.13
C MET I 12 13.33 -72.21 -39.16
N ARG I 13 12.86 -70.97 -39.15
CA ARG I 13 13.41 -69.93 -38.29
C ARG I 13 12.57 -69.73 -37.03
N ILE I 14 13.19 -69.92 -35.87
CA ILE I 14 12.50 -69.84 -34.60
C ILE I 14 13.07 -68.75 -33.69
N LEU I 15 12.19 -67.93 -33.12
CA LEU I 15 12.62 -66.91 -32.17
C LEU I 15 12.23 -67.33 -30.75
N MET I 16 13.23 -67.59 -29.93
CA MET I 16 12.99 -68.02 -28.55
C MET I 16 13.25 -66.88 -27.58
N VAL I 17 12.18 -66.36 -26.98
CA VAL I 17 12.29 -65.24 -26.04
C VAL I 17 11.67 -65.59 -24.69
N GLY I 18 11.64 -64.61 -23.80
CA GLY I 18 11.10 -64.79 -22.47
C GLY I 18 11.82 -63.93 -21.46
N LEU I 19 11.34 -63.94 -20.22
CA LEU I 19 11.96 -63.14 -19.16
C LEU I 19 13.35 -63.65 -18.83
N ASP I 20 14.13 -62.85 -18.12
CA ASP I 20 15.48 -63.22 -17.74
C ASP I 20 15.47 -64.32 -16.68
N GLY I 21 16.39 -65.27 -16.82
CA GLY I 21 16.51 -66.36 -15.86
C GLY I 21 15.50 -67.47 -16.11
N ALA I 22 14.84 -67.41 -17.27
CA ALA I 22 13.84 -68.42 -17.62
C ALA I 22 14.50 -69.74 -17.98
N GLY I 23 15.71 -69.66 -18.54
CA GLY I 23 16.44 -70.85 -18.93
C GLY I 23 16.52 -71.03 -20.43
N LYS I 24 16.47 -69.92 -21.15
CA LYS I 24 16.49 -69.94 -22.61
C LYS I 24 17.80 -70.49 -23.17
N THR I 25 18.92 -69.96 -22.67
CA THR I 25 20.24 -70.43 -23.09
C THR I 25 20.42 -71.90 -22.73
N THR I 26 19.90 -72.30 -21.59
CA THR I 26 20.01 -73.67 -21.12
C THR I 26 19.25 -74.60 -22.07
N VAL I 27 18.05 -74.18 -22.47
CA VAL I 27 17.24 -74.96 -23.40
C VAL I 27 17.92 -75.07 -24.77
N LEU I 28 18.46 -73.96 -25.24
CA LEU I 28 19.08 -73.89 -26.56
C LEU I 28 20.30 -74.82 -26.67
N TYR I 29 21.19 -74.76 -25.70
CA TYR I 29 22.42 -75.54 -25.75
C TYR I 29 22.25 -76.96 -25.21
N LYS I 30 21.05 -77.26 -24.72
CA LYS I 30 20.72 -78.62 -24.33
C LYS I 30 20.31 -79.39 -25.58
N LEU I 31 19.79 -78.66 -26.57
CA LEU I 31 19.40 -79.24 -27.83
C LEU I 31 20.57 -79.29 -28.80
N LYS I 32 21.51 -78.36 -28.63
CA LYS I 32 22.68 -78.29 -29.49
C LYS I 32 23.80 -79.18 -28.98
N PRO I 41 23.92 -64.34 -17.49
CA PRO I 41 23.00 -63.36 -18.08
C PRO I 41 23.42 -62.96 -19.49
N THR I 42 22.53 -63.16 -20.45
CA THR I 42 22.83 -62.90 -21.85
C THR I 42 22.66 -61.42 -22.20
N ILE I 43 23.78 -60.73 -22.41
CA ILE I 43 23.77 -59.36 -22.87
C ILE I 43 23.91 -59.32 -24.39
N GLY I 44 22.81 -59.63 -25.09
CA GLY I 44 22.84 -59.72 -26.53
C GLY I 44 21.91 -60.81 -27.02
N PHE I 45 22.44 -61.73 -27.82
CA PHE I 45 21.64 -62.83 -28.33
C PHE I 45 22.50 -64.05 -28.70
N ASN I 46 21.85 -65.20 -28.83
CA ASN I 46 22.53 -66.43 -29.22
C ASN I 46 21.70 -67.19 -30.26
N VAL I 47 22.33 -67.53 -31.38
CA VAL I 47 21.64 -68.26 -32.44
C VAL I 47 22.37 -69.56 -32.78
N GLU I 48 21.66 -70.67 -32.64
CA GLU I 48 22.21 -71.99 -32.94
C GLU I 48 21.22 -72.84 -33.73
N THR I 49 21.73 -73.70 -34.60
CA THR I 49 20.89 -74.56 -35.41
C THR I 49 20.83 -75.97 -34.83
N VAL I 50 19.63 -76.40 -34.45
CA VAL I 50 19.44 -77.72 -33.85
C VAL I 50 18.73 -78.68 -34.81
N GLN I 51 19.29 -79.86 -34.99
CA GLN I 51 18.69 -80.87 -35.86
C GLN I 51 17.72 -81.75 -35.07
N TYR I 52 16.58 -82.05 -35.68
CA TYR I 52 15.58 -82.90 -35.05
C TYR I 52 14.87 -83.76 -36.10
N LYS I 53 14.98 -85.07 -35.95
CA LYS I 53 14.41 -86.04 -36.89
C LYS I 53 14.88 -85.78 -38.32
N PHE I 57 15.90 -76.66 -37.12
CA PHE I 57 15.42 -75.47 -36.42
C PHE I 57 16.53 -74.47 -36.15
N THR I 58 16.43 -73.29 -36.76
CA THR I 58 17.36 -72.21 -36.50
C THR I 58 16.80 -71.33 -35.38
N VAL I 59 17.17 -71.64 -34.15
CA VAL I 59 16.62 -70.95 -32.98
C VAL I 59 17.38 -69.69 -32.63
N TRP I 60 16.66 -68.57 -32.54
CA TRP I 60 17.25 -67.30 -32.15
C TRP I 60 16.91 -66.95 -30.71
N ASP I 61 17.91 -67.08 -29.84
CA ASP I 61 17.72 -66.77 -28.43
C ASP I 61 18.22 -65.37 -28.10
N VAL I 62 17.31 -64.52 -27.66
CA VAL I 62 17.65 -63.14 -27.32
C VAL I 62 17.53 -62.92 -25.81
N GLY I 63 18.38 -62.06 -25.26
CA GLY I 63 18.39 -61.79 -23.83
C GLY I 63 17.05 -61.33 -23.28
N GLY I 64 16.78 -61.70 -22.03
CA GLY I 64 15.50 -61.42 -21.41
C GLY I 64 15.53 -60.26 -20.42
N LEU I 65 16.71 -59.65 -20.28
CA LEU I 65 16.87 -58.50 -19.39
C LEU I 65 16.08 -57.30 -19.93
N ASP I 66 15.73 -56.38 -19.04
CA ASP I 66 14.94 -55.20 -19.41
C ASP I 66 15.68 -54.35 -20.45
N ARG I 67 17.01 -54.36 -20.39
CA ARG I 67 17.84 -53.59 -21.30
C ARG I 67 17.77 -54.11 -22.73
N ILE I 68 17.72 -55.43 -22.86
CA ILE I 68 17.76 -56.07 -24.18
C ILE I 68 16.36 -56.42 -24.68
N ARG I 69 15.38 -56.42 -23.77
CA ARG I 69 14.02 -56.82 -24.09
C ARG I 69 13.38 -55.98 -25.18
N SER I 70 13.85 -54.73 -25.32
CA SER I 70 13.31 -53.83 -26.33
C SER I 70 13.78 -54.20 -27.74
N LEU I 71 14.91 -54.89 -27.82
CA LEU I 71 15.51 -55.23 -29.11
C LEU I 71 14.91 -56.48 -29.74
N TRP I 72 13.85 -57.00 -29.15
CA TRP I 72 13.20 -58.21 -29.66
C TRP I 72 12.48 -57.96 -30.98
N ARG I 73 12.04 -56.73 -31.19
CA ARG I 73 11.26 -56.39 -32.38
C ARG I 73 12.04 -56.56 -33.68
N HIS I 74 13.37 -56.47 -33.58
CA HIS I 74 14.21 -56.61 -34.76
C HIS I 74 14.17 -58.03 -35.31
N TYR I 75 13.81 -58.99 -34.45
CA TYR I 75 13.79 -60.39 -34.83
C TYR I 75 12.38 -60.91 -35.08
N TYR I 76 11.38 -60.05 -34.88
CA TYR I 76 9.99 -60.45 -35.08
C TYR I 76 9.69 -60.76 -36.54
N ARG I 77 10.39 -60.08 -37.43
CA ARG I 77 10.19 -60.25 -38.86
C ARG I 77 10.70 -61.61 -39.34
N ASN I 78 9.98 -62.20 -40.29
CA ASN I 78 10.33 -63.50 -40.87
C ASN I 78 10.40 -64.63 -39.85
N THR I 79 9.71 -64.44 -38.72
CA THR I 79 9.66 -65.47 -37.69
C THR I 79 8.50 -66.43 -37.95
N GLU I 80 8.81 -67.72 -38.01
CA GLU I 80 7.80 -68.73 -38.30
C GLU I 80 7.26 -69.37 -37.02
N GLY I 81 8.09 -69.40 -35.98
CA GLY I 81 7.69 -69.99 -34.71
C GLY I 81 8.29 -69.27 -33.51
N VAL I 82 7.52 -69.15 -32.44
CA VAL I 82 7.98 -68.46 -31.26
C VAL I 82 7.96 -69.37 -30.03
N ILE I 83 9.12 -69.53 -29.40
CA ILE I 83 9.24 -70.31 -28.18
C ILE I 83 9.35 -69.39 -26.97
N PHE I 84 8.31 -69.37 -26.15
CA PHE I 84 8.29 -68.51 -24.97
C PHE I 84 8.58 -69.32 -23.71
N VAL I 85 9.82 -69.23 -23.22
CA VAL I 85 10.23 -69.95 -22.03
C VAL I 85 9.75 -69.23 -20.76
N VAL I 86 9.07 -69.97 -19.89
CA VAL I 86 8.51 -69.39 -18.66
C VAL I 86 9.06 -70.07 -17.43
N ASP I 87 9.57 -69.28 -16.48
CA ASP I 87 10.04 -69.81 -15.20
C ASP I 87 8.84 -70.25 -14.36
N SER I 88 8.61 -71.55 -14.29
CA SER I 88 7.46 -72.09 -13.57
C SER I 88 7.62 -71.91 -12.07
N ASN I 89 8.85 -72.01 -11.60
CA ASN I 89 9.14 -71.88 -10.17
C ASN I 89 8.92 -70.46 -9.67
N ASP I 90 9.27 -69.48 -10.50
CA ASP I 90 9.13 -68.08 -10.12
C ASP I 90 7.69 -67.61 -10.27
N ARG I 91 7.00 -67.55 -9.14
CA ARG I 91 5.58 -67.16 -9.11
C ARG I 91 5.39 -65.65 -9.25
N SER I 92 6.34 -64.89 -8.72
CA SER I 92 6.20 -63.43 -8.62
C SER I 92 6.11 -62.73 -9.97
N ARG I 93 6.89 -63.18 -10.94
CA ARG I 93 6.96 -62.48 -12.23
C ARG I 93 6.09 -63.13 -13.30
N ILE I 94 5.02 -63.80 -12.90
CA ILE I 94 4.10 -64.39 -13.86
C ILE I 94 3.21 -63.30 -14.44
N GLY I 95 3.06 -62.21 -13.68
CA GLY I 95 2.31 -61.06 -14.12
C GLY I 95 3.12 -60.29 -15.15
N GLU I 96 4.43 -60.24 -14.91
CA GLU I 96 5.34 -59.58 -15.83
C GLU I 96 5.47 -60.40 -17.12
N ALA I 97 5.37 -61.71 -16.99
CA ALA I 97 5.46 -62.61 -18.14
C ALA I 97 4.22 -62.50 -19.01
N ARG I 98 3.11 -62.12 -18.40
CA ARG I 98 1.85 -61.96 -19.13
C ARG I 98 1.89 -60.73 -20.04
N GLU I 99 2.34 -59.61 -19.49
CA GLU I 99 2.37 -58.35 -20.22
C GLU I 99 3.26 -58.44 -21.45
N VAL I 100 4.39 -59.12 -21.32
CA VAL I 100 5.33 -59.25 -22.42
C VAL I 100 4.77 -60.12 -23.55
N MET I 101 4.01 -61.15 -23.19
CA MET I 101 3.44 -62.04 -24.19
C MET I 101 2.24 -61.43 -24.90
N GLN I 102 1.40 -60.72 -24.14
CA GLN I 102 0.18 -60.14 -24.70
C GLN I 102 0.47 -59.04 -25.72
N ARG I 103 1.62 -58.37 -25.57
CA ARG I 103 1.99 -57.33 -26.51
C ARG I 103 2.70 -57.90 -27.73
N MET I 104 3.19 -59.14 -27.60
CA MET I 104 3.82 -59.83 -28.72
C MET I 104 2.78 -60.42 -29.66
N LEU I 105 1.63 -60.80 -29.11
CA LEU I 105 0.55 -61.37 -29.91
C LEU I 105 -0.10 -60.29 -30.77
N ASN I 106 0.04 -59.04 -30.36
CA ASN I 106 -0.54 -57.92 -31.11
C ASN I 106 0.40 -57.41 -32.19
N GLU I 107 1.61 -57.95 -32.22
CA GLU I 107 2.59 -57.57 -33.24
C GLU I 107 2.22 -58.13 -34.59
N ASP I 108 2.25 -57.29 -35.62
CA ASP I 108 1.90 -57.70 -36.98
C ASP I 108 2.94 -58.64 -37.56
N GLU I 109 4.18 -58.52 -37.11
CA GLU I 109 5.27 -59.33 -37.61
C GLU I 109 5.17 -60.78 -37.12
N LEU I 110 4.47 -60.96 -36.00
CA LEU I 110 4.28 -62.29 -35.42
C LEU I 110 2.85 -62.76 -35.60
N ARG I 111 2.21 -62.32 -36.67
CA ARG I 111 0.82 -62.66 -36.92
C ARG I 111 0.63 -64.15 -37.19
N ASN I 112 1.38 -64.68 -38.16
CA ASN I 112 1.22 -66.07 -38.56
C ASN I 112 2.21 -67.01 -37.88
N ALA I 113 3.06 -66.45 -37.02
CA ALA I 113 4.05 -67.24 -36.31
C ALA I 113 3.40 -68.14 -35.27
N ALA I 114 3.89 -69.37 -35.17
CA ALA I 114 3.38 -70.32 -34.19
C ALA I 114 3.78 -69.90 -32.78
N TRP I 115 3.12 -70.49 -31.77
CA TRP I 115 3.37 -70.12 -30.39
C TRP I 115 3.58 -71.34 -29.51
N LEU I 116 4.81 -71.51 -29.03
CA LEU I 116 5.15 -72.65 -28.17
C LEU I 116 5.65 -72.19 -26.80
N VAL I 117 4.84 -72.42 -25.78
CA VAL I 117 5.19 -71.98 -24.43
C VAL I 117 5.89 -73.10 -23.66
N PHE I 118 7.10 -72.82 -23.18
CA PHE I 118 7.87 -73.79 -22.41
C PHE I 118 7.82 -73.49 -20.91
N ALA I 119 7.20 -74.39 -20.16
CA ALA I 119 7.18 -74.28 -18.71
C ALA I 119 8.45 -74.88 -18.12
N ASN I 120 9.54 -74.12 -18.16
CA ASN I 120 10.84 -74.59 -17.73
C ASN I 120 10.94 -74.72 -16.23
N LYS I 121 11.99 -75.39 -15.75
CA LYS I 121 12.23 -75.62 -14.33
C LYS I 121 11.06 -76.34 -13.68
N GLN I 122 10.56 -77.37 -14.35
CA GLN I 122 9.43 -78.14 -13.86
C GLN I 122 9.87 -79.12 -12.76
N ASP I 123 11.18 -79.32 -12.66
CA ASP I 123 11.74 -80.22 -11.65
C ASP I 123 11.64 -79.65 -10.24
N LEU I 124 11.66 -78.32 -10.14
CA LEU I 124 11.58 -77.65 -8.85
C LEU I 124 10.21 -77.83 -8.21
N PRO I 125 10.17 -77.99 -6.88
CA PRO I 125 8.96 -78.29 -6.11
C PRO I 125 7.84 -77.25 -6.27
N GLU I 126 8.17 -75.99 -6.05
CA GLU I 126 7.17 -74.92 -6.05
C GLU I 126 6.76 -74.48 -7.46
N ALA I 127 7.25 -75.19 -8.47
CA ALA I 127 6.94 -74.85 -9.86
C ALA I 127 5.46 -75.09 -10.17
N MET I 128 4.87 -74.16 -10.91
CA MET I 128 3.47 -74.23 -11.30
C MET I 128 3.27 -75.28 -12.39
N SER I 129 2.10 -75.91 -12.41
CA SER I 129 1.76 -76.89 -13.43
C SER I 129 1.49 -76.19 -14.76
N ALA I 130 1.55 -76.95 -15.85
CA ALA I 130 1.32 -76.40 -17.19
C ALA I 130 -0.09 -75.86 -17.33
N ALA I 131 -1.04 -76.52 -16.68
CA ALA I 131 -2.44 -76.10 -16.73
C ALA I 131 -2.63 -74.79 -15.98
N GLU I 132 -1.90 -74.64 -14.87
CA GLU I 132 -2.01 -73.45 -14.04
C GLU I 132 -1.41 -72.23 -14.73
N ILE I 133 -0.27 -72.42 -15.39
CA ILE I 133 0.40 -71.33 -16.09
C ILE I 133 -0.43 -70.86 -17.29
N THR I 134 -1.11 -71.81 -17.94
CA THR I 134 -1.97 -71.53 -19.08
C THR I 134 -3.08 -70.56 -18.70
N GLU I 135 -3.59 -70.69 -17.48
CA GLU I 135 -4.63 -69.80 -16.97
C GLU I 135 -4.07 -68.40 -16.71
N LYS I 136 -2.87 -68.34 -16.14
CA LYS I 136 -2.24 -67.08 -15.80
C LYS I 136 -1.82 -66.30 -17.05
N LEU I 137 -1.34 -67.02 -18.06
CA LEU I 137 -0.91 -66.39 -19.30
C LEU I 137 -2.09 -66.02 -20.20
N GLY I 138 -3.21 -66.73 -20.03
CA GLY I 138 -4.40 -66.48 -20.82
C GLY I 138 -4.24 -66.94 -22.25
N LEU I 139 -3.79 -68.17 -22.42
CA LEU I 139 -3.57 -68.73 -23.74
C LEU I 139 -4.89 -69.15 -24.41
N HIS I 140 -5.92 -69.32 -23.60
CA HIS I 140 -7.22 -69.73 -24.11
C HIS I 140 -7.94 -68.59 -24.83
N SER I 141 -7.43 -67.37 -24.66
CA SER I 141 -8.01 -66.20 -25.30
C SER I 141 -7.47 -66.02 -26.72
N ILE I 142 -6.57 -66.91 -27.12
CA ILE I 142 -5.98 -66.85 -28.46
C ILE I 142 -6.89 -67.50 -29.49
N ARG I 145 -4.23 -68.18 -34.12
CA ARG I 145 -2.99 -68.90 -34.38
C ARG I 145 -2.89 -70.14 -33.51
N PRO I 146 -2.21 -71.18 -34.01
CA PRO I 146 -2.00 -72.41 -33.23
C PRO I 146 -1.04 -72.18 -32.05
N TRP I 147 -1.39 -72.71 -30.89
CA TRP I 147 -0.54 -72.58 -29.71
C TRP I 147 -0.52 -73.86 -28.88
N PHE I 148 0.52 -74.04 -28.08
CA PHE I 148 0.67 -75.22 -27.25
C PHE I 148 1.68 -74.99 -26.13
N ILE I 149 1.31 -75.40 -24.92
CA ILE I 149 2.20 -75.28 -23.77
C ILE I 149 2.75 -76.65 -23.36
N GLN I 150 4.04 -76.71 -23.05
CA GLN I 150 4.69 -77.96 -22.68
C GLN I 150 5.57 -77.81 -21.45
N ALA I 151 5.32 -78.64 -20.44
CA ALA I 151 6.14 -78.63 -19.23
C ALA I 151 7.53 -79.17 -19.52
N THR I 152 8.54 -78.32 -19.34
CA THR I 152 9.91 -78.69 -19.69
C THR I 152 10.87 -78.57 -18.52
N CYS I 153 12.03 -79.23 -18.66
CA CYS I 153 13.11 -79.13 -17.69
C CYS I 153 14.44 -79.15 -18.44
N ALA I 154 15.03 -77.98 -18.64
CA ALA I 154 16.23 -77.83 -19.46
C ALA I 154 17.43 -78.59 -18.91
N THR I 155 17.51 -78.72 -17.59
CA THR I 155 18.62 -79.41 -16.96
C THR I 155 18.59 -80.90 -17.28
N SER I 156 17.40 -81.48 -17.26
CA SER I 156 17.24 -82.90 -17.56
C SER I 156 17.01 -83.13 -19.05
N GLY I 157 16.30 -82.19 -19.69
CA GLY I 157 16.01 -82.29 -21.11
C GLY I 157 14.62 -82.83 -21.36
N GLU I 158 13.85 -83.01 -20.29
CA GLU I 158 12.52 -83.59 -20.40
C GLU I 158 11.53 -82.63 -21.06
N GLY I 159 10.82 -83.14 -22.07
CA GLY I 159 9.79 -82.39 -22.76
C GLY I 159 10.31 -81.25 -23.63
N LEU I 160 11.58 -81.34 -24.02
CA LEU I 160 12.16 -80.34 -24.90
C LEU I 160 11.97 -80.76 -26.35
N TYR I 161 12.29 -82.01 -26.66
CA TYR I 161 12.12 -82.54 -28.00
C TYR I 161 10.64 -82.73 -28.30
N GLU I 162 9.84 -82.89 -27.25
CA GLU I 162 8.40 -83.03 -27.36
C GLU I 162 7.79 -81.74 -27.91
N GLY I 163 8.34 -80.60 -27.51
CA GLY I 163 7.86 -79.32 -27.97
C GLY I 163 8.25 -79.06 -29.42
N LEU I 164 9.44 -79.52 -29.80
CA LEU I 164 9.92 -79.37 -31.16
C LEU I 164 9.06 -80.16 -32.13
N GLU I 165 8.52 -81.28 -31.66
CA GLU I 165 7.68 -82.13 -32.48
C GLU I 165 6.41 -81.42 -32.89
N TRP I 166 5.79 -80.72 -31.95
CA TRP I 166 4.59 -79.94 -32.23
C TRP I 166 4.93 -78.72 -33.08
N LEU I 167 6.13 -78.20 -32.88
CA LEU I 167 6.59 -77.01 -33.59
C LEU I 167 6.84 -77.31 -35.07
N SER I 168 7.05 -78.59 -35.37
CA SER I 168 7.30 -79.02 -36.74
C SER I 168 5.99 -79.32 -37.47
N ASN I 169 4.94 -79.60 -36.70
CA ASN I 169 3.63 -79.87 -37.29
C ASN I 169 2.78 -78.61 -37.35
N SER I 170 3.43 -77.46 -37.44
CA SER I 170 2.73 -76.19 -37.52
C SER I 170 2.04 -76.02 -38.87
N MET J 12 -25.29 70.44 39.92
CA MET J 12 -24.74 69.79 38.74
C MET J 12 -24.12 68.44 39.09
N ARG J 13 -24.44 67.42 38.28
CA ARG J 13 -23.96 66.07 38.53
C ARG J 13 -22.74 65.76 37.66
N ILE J 14 -21.63 65.42 38.32
CA ILE J 14 -20.36 65.19 37.62
C ILE J 14 -19.84 63.77 37.83
N LEU J 15 -19.44 63.13 36.74
CA LEU J 15 -18.81 61.81 36.80
C LEU J 15 -17.31 61.92 36.54
N MET J 16 -16.50 61.64 37.55
CA MET J 16 -15.05 61.73 37.41
C MET J 16 -14.43 60.35 37.27
N VAL J 17 -13.94 60.05 36.07
CA VAL J 17 -13.34 58.75 35.79
C VAL J 17 -11.92 58.88 35.27
N GLY J 18 -11.32 57.75 34.91
CA GLY J 18 -9.96 57.72 34.42
C GLY J 18 -9.26 56.44 34.84
N LEU J 19 -8.03 56.24 34.35
CA LEU J 19 -7.26 55.05 34.71
C LEU J 19 -6.88 55.07 36.18
N ASP J 20 -6.45 53.91 36.68
CA ASP J 20 -6.05 53.79 38.08
C ASP J 20 -4.74 54.53 38.33
N GLY J 21 -4.66 55.20 39.48
CA GLY J 21 -3.46 55.92 39.85
C GLY J 21 -3.35 57.29 39.20
N ALA J 22 -4.45 57.73 38.59
CA ALA J 22 -4.49 59.03 37.92
C ALA J 22 -4.52 60.17 38.94
N GLY J 23 -5.13 59.91 40.09
CA GLY J 23 -5.22 60.91 41.14
C GLY J 23 -6.63 61.43 41.31
N LYS J 24 -7.61 60.59 40.97
CA LYS J 24 -9.02 60.97 41.04
C LYS J 24 -9.46 61.22 42.48
N THR J 25 -9.17 60.27 43.37
CA THR J 25 -9.52 60.41 44.78
C THR J 25 -8.80 61.60 45.41
N THR J 26 -7.56 61.83 44.99
CA THR J 26 -6.76 62.93 45.52
C THR J 26 -7.37 64.27 45.14
N VAL J 27 -7.80 64.40 43.89
CA VAL J 27 -8.42 65.62 43.41
C VAL J 27 -9.74 65.90 44.13
N LEU J 28 -10.55 64.85 44.30
CA LEU J 28 -11.86 64.97 44.91
C LEU J 28 -11.81 65.47 46.35
N TYR J 29 -10.94 64.86 47.15
CA TYR J 29 -10.86 65.20 48.57
C TYR J 29 -9.95 66.40 48.82
N LYS J 30 -9.35 66.91 47.75
CA LYS J 30 -8.60 68.16 47.82
C LYS J 30 -9.56 69.33 47.67
N LEU J 31 -10.67 69.08 47.00
CA LEU J 31 -11.70 70.09 46.80
C LEU J 31 -12.71 70.11 47.95
N LYS J 32 -12.89 68.96 48.59
CA LYS J 32 -13.88 68.82 49.66
C LYS J 32 -13.31 69.20 51.02
N LEU J 33 -12.18 68.61 51.40
CA LEU J 33 -11.59 68.84 52.72
C LEU J 33 -10.42 69.81 52.66
N GLY J 34 -9.89 70.04 51.46
CA GLY J 34 -8.75 70.92 51.29
C GLY J 34 -7.47 70.33 51.84
N THR J 38 -3.81 60.23 52.63
CA THR J 38 -3.26 59.02 52.04
C THR J 38 -4.35 58.21 51.33
N THR J 39 -4.30 58.20 50.00
CA THR J 39 -5.32 57.52 49.21
C THR J 39 -4.91 56.09 48.87
N ILE J 40 -5.91 55.22 48.76
CA ILE J 40 -5.68 53.83 48.39
C ILE J 40 -6.47 53.49 47.14
N PRO J 41 -6.08 52.43 46.41
CA PRO J 41 -6.84 51.98 45.23
C PRO J 41 -8.33 51.76 45.53
N THR J 42 -9.18 52.46 44.80
CA THR J 42 -10.62 52.43 45.05
C THR J 42 -11.31 51.21 44.45
N ILE J 43 -11.70 50.28 45.32
CA ILE J 43 -12.49 49.13 44.89
C ILE J 43 -13.97 49.45 45.09
N GLY J 44 -14.52 50.25 44.18
CA GLY J 44 -15.89 50.71 44.29
C GLY J 44 -16.01 52.13 43.76
N PHE J 45 -16.56 53.03 44.56
CA PHE J 45 -16.70 54.43 44.16
C PHE J 45 -16.75 55.37 45.35
N ASN J 46 -16.55 56.66 45.09
CA ASN J 46 -16.62 57.70 46.11
C ASN J 46 -17.39 58.91 45.59
N VAL J 47 -18.41 59.33 46.32
CA VAL J 47 -19.21 60.47 45.90
C VAL J 47 -19.25 61.56 46.97
N GLU J 48 -18.78 62.75 46.62
CA GLU J 48 -18.77 63.89 47.53
C GLU J 48 -19.26 65.14 46.79
N THR J 49 -19.91 66.03 47.52
CA THR J 49 -20.42 67.26 46.92
C THR J 49 -19.51 68.45 47.22
N VAL J 50 -18.95 69.04 46.17
CA VAL J 50 -18.05 70.17 46.31
C VAL J 50 -18.71 71.45 45.82
N PHE J 57 -21.33 71.05 43.00
CA PHE J 57 -20.92 69.94 42.14
C PHE J 57 -20.96 68.61 42.88
N THR J 58 -21.82 67.71 42.40
CA THR J 58 -21.86 66.35 42.95
C THR J 58 -20.96 65.45 42.12
N VAL J 59 -19.72 65.32 42.55
CA VAL J 59 -18.71 64.56 41.79
C VAL J 59 -18.74 63.09 42.13
N TRP J 60 -18.89 62.25 41.11
CA TRP J 60 -18.88 60.80 41.28
C TRP J 60 -17.56 60.21 40.83
N ASP J 61 -16.75 59.79 41.79
CA ASP J 61 -15.46 59.20 41.51
C ASP J 61 -15.53 57.67 41.53
N VAL J 62 -15.26 57.05 40.38
CA VAL J 62 -15.30 55.60 40.26
C VAL J 62 -13.90 55.03 40.06
N GLY J 63 -13.66 53.84 40.59
CA GLY J 63 -12.36 53.19 40.48
C GLY J 63 -11.87 53.01 39.06
N GLY J 64 -10.55 53.10 38.89
CA GLY J 64 -9.95 53.04 37.57
C GLY J 64 -9.30 51.71 37.22
N LEU J 65 -9.36 50.77 38.17
CA LEU J 65 -8.82 49.43 37.94
C LEU J 65 -9.60 48.71 36.86
N ASP J 66 -8.95 47.74 36.21
CA ASP J 66 -9.59 46.98 35.13
C ASP J 66 -10.83 46.25 35.62
N ARG J 67 -10.82 45.85 36.90
CA ARG J 67 -11.92 45.15 37.50
C ARG J 67 -13.15 46.04 37.68
N ILE J 68 -12.92 47.31 38.00
CA ILE J 68 -14.01 48.24 38.28
C ILE J 68 -14.36 49.08 37.06
N ARG J 69 -13.48 49.09 36.08
CA ARG J 69 -13.64 49.92 34.88
C ARG J 69 -14.91 49.58 34.09
N SER J 70 -15.38 48.34 34.24
CA SER J 70 -16.58 47.88 33.55
C SER J 70 -17.85 48.48 34.14
N LEU J 71 -17.78 48.88 35.41
CA LEU J 71 -18.94 49.40 36.12
C LEU J 71 -19.20 50.88 35.88
N TRP J 72 -18.46 51.46 34.95
CA TRP J 72 -18.61 52.89 34.64
C TRP J 72 -19.93 53.20 33.94
N ARG J 73 -20.46 52.23 33.21
CA ARG J 73 -21.66 52.43 32.41
C ARG J 73 -22.90 52.70 33.27
N HIS J 74 -22.88 52.25 34.52
CA HIS J 74 -24.00 52.46 35.42
C HIS J 74 -24.14 53.92 35.84
N TYR J 75 -23.06 54.67 35.73
CA TYR J 75 -23.04 56.08 36.17
C TYR J 75 -23.14 57.04 34.99
N TYR J 76 -23.19 56.50 33.77
CA TYR J 76 -23.26 57.32 32.57
C TYR J 76 -24.59 58.05 32.46
N ARG J 77 -25.64 57.45 33.03
CA ARG J 77 -26.98 58.02 32.96
C ARG J 77 -27.09 59.27 33.80
N ASN J 78 -27.84 60.26 33.30
CA ASN J 78 -28.07 61.53 33.99
C ASN J 78 -26.79 62.29 34.32
N THR J 79 -25.73 62.00 33.58
CA THR J 79 -24.45 62.68 33.78
C THR J 79 -24.39 63.96 32.94
N GLU J 80 -24.10 65.08 33.60
CA GLU J 80 -24.07 66.37 32.94
C GLU J 80 -22.64 66.77 32.57
N GLY J 81 -21.67 66.30 33.34
CA GLY J 81 -20.27 66.61 33.09
C GLY J 81 -19.34 65.46 33.41
N VAL J 82 -18.31 65.29 32.60
CA VAL J 82 -17.35 64.20 32.79
C VAL J 82 -15.93 64.69 33.00
N ILE J 83 -15.33 64.35 34.13
CA ILE J 83 -13.95 64.72 34.41
C ILE J 83 -13.01 63.53 34.23
N PHE J 84 -12.18 63.59 33.20
CA PHE J 84 -11.26 62.51 32.90
C PHE J 84 -9.85 62.85 33.37
N VAL J 85 -9.47 62.31 34.53
CA VAL J 85 -8.15 62.57 35.10
C VAL J 85 -7.08 61.72 34.42
N VAL J 86 -6.02 62.37 33.95
CA VAL J 86 -4.95 61.68 33.24
C VAL J 86 -3.59 61.87 33.92
N ASP J 87 -2.90 60.76 34.18
CA ASP J 87 -1.55 60.82 34.70
C ASP J 87 -0.61 61.27 33.59
N SER J 88 -0.19 62.53 33.65
CA SER J 88 0.65 63.11 32.60
C SER J 88 2.05 62.52 32.58
N ASN J 89 2.52 62.06 33.73
CA ASN J 89 3.82 61.39 33.80
C ASN J 89 4.01 60.11 32.99
N ASP J 90 3.08 59.16 33.13
CA ASP J 90 3.25 57.84 32.51
C ASP J 90 3.16 57.87 31.00
N ARG J 91 4.28 58.10 30.33
CA ARG J 91 4.28 58.22 28.88
C ARG J 91 3.82 56.96 28.17
N SER J 92 3.78 55.83 28.88
CA SER J 92 3.49 54.57 28.20
C SER J 92 2.09 54.04 28.40
N ARG J 93 1.57 54.15 29.63
CA ARG J 93 0.21 53.72 29.89
C ARG J 93 -0.78 54.85 29.64
N ILE J 94 -0.58 55.54 28.53
CA ILE J 94 -1.53 56.52 28.06
C ILE J 94 -2.27 55.81 26.94
N GLY J 95 -1.54 55.54 25.87
CA GLY J 95 -2.08 54.75 24.79
C GLY J 95 -3.27 53.95 25.26
N GLU J 96 -3.20 53.44 26.48
CA GLU J 96 -4.31 52.72 27.09
C GLU J 96 -5.40 53.70 27.49
N ALA J 97 -5.00 54.91 27.88
CA ALA J 97 -5.92 55.94 28.33
C ALA J 97 -6.74 56.51 27.17
N ARG J 98 -6.17 56.45 25.97
CA ARG J 98 -6.85 56.99 24.80
C ARG J 98 -8.04 56.12 24.41
N GLU J 99 -7.83 54.82 24.36
CA GLU J 99 -8.88 53.88 23.96
C GLU J 99 -10.08 53.93 24.90
N VAL J 100 -9.81 54.07 26.20
CA VAL J 100 -10.87 54.09 27.21
C VAL J 100 -11.72 55.35 27.08
N MET J 101 -11.09 56.48 26.76
CA MET J 101 -11.82 57.74 26.62
C MET J 101 -12.58 57.80 25.30
N GLN J 102 -11.96 57.31 24.23
CA GLN J 102 -12.56 57.35 22.91
C GLN J 102 -13.81 56.47 22.81
N ARG J 103 -13.87 55.42 23.61
CA ARG J 103 -15.03 54.53 23.60
C ARG J 103 -16.14 55.08 24.49
N MET J 104 -15.79 56.03 25.36
CA MET J 104 -16.77 56.71 26.20
C MET J 104 -17.50 57.77 25.40
N LEU J 105 -16.82 58.34 24.42
CA LEU J 105 -17.40 59.39 23.58
C LEU J 105 -18.49 58.83 22.67
N ASN J 106 -18.44 57.53 22.41
CA ASN J 106 -19.42 56.89 21.55
C ASN J 106 -20.65 56.43 22.33
N GLU J 107 -20.61 56.57 23.65
CA GLU J 107 -21.74 56.20 24.50
C GLU J 107 -22.90 57.18 24.33
N ASP J 108 -24.09 56.64 24.16
CA ASP J 108 -25.28 57.47 23.96
C ASP J 108 -25.67 58.23 25.22
N GLU J 109 -25.33 57.68 26.38
CA GLU J 109 -25.66 58.30 27.65
C GLU J 109 -24.78 59.52 27.92
N LEU J 110 -23.61 59.55 27.30
CA LEU J 110 -22.68 60.67 27.47
C LEU J 110 -22.61 61.52 26.21
N ARG J 111 -23.71 61.58 25.46
CA ARG J 111 -23.75 62.35 24.23
C ARG J 111 -23.63 63.85 24.47
N ASN J 112 -24.49 64.38 25.32
CA ASN J 112 -24.53 65.82 25.56
C ASN J 112 -23.74 66.24 26.78
N ALA J 113 -23.10 65.27 27.44
CA ALA J 113 -22.31 65.56 28.63
C ALA J 113 -21.03 66.30 28.25
N ALA J 114 -20.66 67.29 29.07
CA ALA J 114 -19.45 68.06 28.85
C ALA J 114 -18.21 67.20 29.10
N TRP J 115 -17.06 67.67 28.62
CA TRP J 115 -15.84 66.89 28.76
C TRP J 115 -14.69 67.75 29.29
N LEU J 116 -14.26 67.45 30.51
CA LEU J 116 -13.17 68.18 31.15
C LEU J 116 -12.00 67.27 31.46
N VAL J 117 -10.90 67.43 30.73
CA VAL J 117 -9.72 66.60 30.91
C VAL J 117 -8.74 67.25 31.88
N PHE J 118 -8.39 66.51 32.94
CA PHE J 118 -7.43 66.99 33.92
C PHE J 118 -6.07 66.36 33.73
N ALA J 119 -5.08 67.18 33.37
CA ALA J 119 -3.71 66.70 33.26
C ALA J 119 -3.03 66.72 34.62
N ASN J 120 -3.33 65.72 35.44
CA ASN J 120 -2.84 65.68 36.82
C ASN J 120 -1.37 65.32 36.87
N LYS J 121 -0.76 65.52 38.04
CA LYS J 121 0.65 65.22 38.27
C LYS J 121 1.56 65.93 37.28
N GLU J 126 7.88 66.76 35.51
CA GLU J 126 8.11 65.95 34.32
C GLU J 126 6.80 65.69 33.57
N ALA J 127 5.73 66.29 34.06
CA ALA J 127 4.41 66.14 33.45
C ALA J 127 4.36 66.79 32.08
N MET J 128 3.71 66.12 31.14
CA MET J 128 3.57 66.65 29.79
C MET J 128 2.60 67.82 29.76
N SER J 129 2.82 68.75 28.83
CA SER J 129 1.95 69.91 28.69
C SER J 129 0.60 69.52 28.12
N ALA J 130 -0.39 70.41 28.27
CA ALA J 130 -1.75 70.16 27.81
C ALA J 130 -1.81 69.99 26.30
N ALA J 131 -0.95 70.71 25.58
CA ALA J 131 -0.93 70.65 24.13
C ALA J 131 -0.46 69.29 23.63
N GLU J 132 0.50 68.70 24.34
CA GLU J 132 1.04 67.40 23.97
C GLU J 132 0.04 66.28 24.22
N ILE J 133 -0.67 66.37 25.34
CA ILE J 133 -1.65 65.36 25.71
C ILE J 133 -2.84 65.34 24.76
N THR J 134 -3.22 66.51 24.26
CA THR J 134 -4.33 66.62 23.31
C THR J 134 -4.04 65.83 22.04
N GLU J 135 -2.78 65.81 21.63
CA GLU J 135 -2.36 65.03 20.47
C GLU J 135 -2.44 63.55 20.78
N LYS J 136 -2.00 63.18 21.98
CA LYS J 136 -2.00 61.79 22.42
C LYS J 136 -3.42 61.27 22.60
N LEU J 137 -4.30 62.13 23.11
CA LEU J 137 -5.71 61.76 23.30
C LEU J 137 -6.48 61.82 21.99
N LEU J 139 -8.26 65.24 21.30
CA LEU J 139 -9.43 65.98 21.75
C LEU J 139 -9.95 66.92 20.66
N HIS J 140 -9.09 67.24 19.70
CA HIS J 140 -9.46 68.14 18.61
C HIS J 140 -10.40 67.45 17.61
N SER J 141 -10.52 66.13 17.73
CA SER J 141 -11.38 65.36 16.85
C SER J 141 -12.81 65.35 17.36
N ILE J 142 -13.04 66.03 18.48
CA ILE J 142 -14.37 66.12 19.08
C ILE J 142 -15.19 67.23 18.43
N ARG J 145 -19.52 68.36 20.95
CA ARG J 145 -19.70 68.73 22.35
C ARG J 145 -18.54 69.62 22.81
N PRO J 146 -18.81 70.53 23.77
CA PRO J 146 -17.76 71.39 24.31
C PRO J 146 -16.75 70.62 25.17
N TRP J 147 -15.47 70.90 24.97
CA TRP J 147 -14.42 70.25 25.74
C TRP J 147 -13.29 71.22 26.08
N PHE J 148 -12.54 70.91 27.13
CA PHE J 148 -11.43 71.73 27.57
C PHE J 148 -10.48 70.94 28.47
N ILE J 149 -9.18 71.07 28.22
CA ILE J 149 -8.18 70.39 29.03
C ILE J 149 -7.46 71.38 29.94
N GLN J 150 -7.23 70.99 31.19
CA GLN J 150 -6.58 71.86 32.16
C GLN J 150 -5.49 71.12 32.93
N ALA J 151 -4.28 71.66 32.90
CA ALA J 151 -3.16 71.09 33.64
C ALA J 151 -3.34 71.31 35.14
N THR J 152 -3.43 70.21 35.89
CA THR J 152 -3.70 70.29 37.33
C THR J 152 -2.60 69.62 38.15
N CYS J 153 -2.52 69.99 39.42
CA CYS J 153 -1.61 69.34 40.36
C CYS J 153 -2.22 69.28 41.75
N ALA J 154 -2.76 68.11 42.11
CA ALA J 154 -3.46 67.94 43.37
C ALA J 154 -2.52 68.12 44.56
N GLY J 159 -3.87 73.76 39.45
CA GLY J 159 -5.08 74.52 39.19
C GLY J 159 -6.29 73.62 39.05
N LEU J 160 -6.97 73.38 40.16
CA LEU J 160 -8.17 72.54 40.16
C LEU J 160 -9.44 73.35 39.92
N TYR J 161 -9.57 74.46 40.63
CA TYR J 161 -10.74 75.32 40.50
C TYR J 161 -10.81 76.02 39.15
N GLU J 162 -9.67 76.17 38.48
CA GLU J 162 -9.63 76.76 37.16
C GLU J 162 -10.40 75.90 36.15
N GLY J 163 -10.31 74.58 36.33
CA GLY J 163 -11.03 73.64 35.48
C GLY J 163 -12.51 73.63 35.78
N LEU J 164 -12.85 73.75 37.06
CA LEU J 164 -14.24 73.75 37.49
C LEU J 164 -15.00 74.96 36.96
N GLU J 165 -14.29 76.07 36.79
CA GLU J 165 -14.90 77.30 36.30
C GLU J 165 -15.45 77.12 34.89
N TRP J 166 -14.69 76.43 34.04
CA TRP J 166 -15.14 76.15 32.69
C TRP J 166 -16.28 75.15 32.70
N LEU J 167 -16.27 74.26 33.68
CA LEU J 167 -17.28 73.21 33.78
C LEU J 167 -18.63 73.79 34.19
N SER J 168 -18.62 74.97 34.81
CA SER J 168 -19.84 75.62 35.24
C SER J 168 -20.41 76.51 34.12
N ASN J 169 -19.55 76.92 33.20
CA ASN J 169 -19.98 77.74 32.07
C ASN J 169 -20.29 76.90 30.84
N SER J 170 -20.69 75.65 31.06
CA SER J 170 -21.03 74.74 29.97
C SER J 170 -22.32 75.16 29.27
N ILE K 14 44.14 67.69 -64.99
CA ILE K 14 44.54 68.10 -63.65
C ILE K 14 43.47 67.75 -62.63
N LEU K 15 43.89 67.12 -61.53
CA LEU K 15 42.99 66.81 -60.43
C LEU K 15 43.24 67.71 -59.24
N MET K 16 42.28 68.57 -58.93
CA MET K 16 42.41 69.50 -57.81
C MET K 16 41.61 69.05 -56.59
N VAL K 17 42.32 68.62 -55.56
CA VAL K 17 41.68 68.13 -54.34
C VAL K 17 42.15 68.91 -53.11
N GLY K 18 41.70 68.48 -51.94
CA GLY K 18 42.05 69.15 -50.69
C GLY K 18 40.92 69.08 -49.68
N LEU K 19 41.17 69.58 -48.48
CA LEU K 19 40.17 69.57 -47.42
C LEU K 19 39.00 70.50 -47.76
N ASP K 20 37.89 70.34 -47.04
CA ASP K 20 36.71 71.16 -47.26
C ASP K 20 36.95 72.61 -46.79
N GLY K 21 36.45 73.56 -47.57
CA GLY K 21 36.58 74.96 -47.22
C GLY K 21 37.94 75.53 -47.59
N ALA K 22 38.71 74.77 -48.37
CA ALA K 22 40.04 75.22 -48.79
C ALA K 22 39.95 76.32 -49.83
N GLY K 23 38.90 76.28 -50.65
CA GLY K 23 38.71 77.29 -51.68
C GLY K 23 38.97 76.75 -53.08
N LYS K 24 38.75 75.45 -53.25
CA LYS K 24 39.01 74.80 -54.54
C LYS K 24 38.11 75.32 -55.66
N THR K 25 36.80 75.37 -55.39
CA THR K 25 35.84 75.88 -56.37
C THR K 25 36.12 77.34 -56.70
N THR K 26 36.52 78.11 -55.70
CA THR K 26 36.82 79.51 -55.89
C THR K 26 38.02 79.69 -56.81
N VAL K 27 39.04 78.87 -56.60
CA VAL K 27 40.24 78.90 -57.43
C VAL K 27 39.93 78.53 -58.88
N LEU K 28 39.13 77.48 -59.05
CA LEU K 28 38.79 76.97 -60.38
C LEU K 28 38.06 78.00 -61.23
N TYR K 29 37.04 78.63 -60.66
CA TYR K 29 36.22 79.58 -61.41
C TYR K 29 36.83 80.98 -61.42
N LYS K 30 37.94 81.16 -60.72
CA LYS K 30 38.68 82.41 -60.80
C LYS K 30 39.59 82.38 -62.03
N LEU K 31 39.99 81.18 -62.42
CA LEU K 31 40.81 80.98 -63.61
C LEU K 31 39.94 80.78 -64.84
N LYS K 32 38.73 80.27 -64.61
CA LYS K 32 37.81 79.96 -65.71
C LYS K 32 36.98 81.16 -66.12
N LEU K 33 36.34 81.81 -65.16
CA LEU K 33 35.44 82.93 -65.44
C LEU K 33 36.10 84.27 -65.13
N GLY K 34 37.18 84.24 -64.36
CA GLY K 34 37.85 85.47 -63.96
C GLY K 34 37.01 86.28 -62.99
N GLU K 35 36.09 85.61 -62.32
CA GLU K 35 35.18 86.26 -61.39
C GLU K 35 34.99 85.41 -60.13
N VAL K 36 34.97 86.06 -58.98
CA VAL K 36 34.75 85.37 -57.72
C VAL K 36 33.27 85.10 -57.51
N ILE K 37 32.88 83.83 -57.60
CA ILE K 37 31.49 83.45 -57.43
C ILE K 37 31.22 82.96 -56.01
N THR K 38 29.97 83.09 -55.58
CA THR K 38 29.57 82.60 -54.27
C THR K 38 29.57 81.08 -54.25
N THR K 39 30.53 80.50 -53.55
CA THR K 39 30.70 79.06 -53.53
C THR K 39 29.95 78.40 -52.38
N ILE K 40 29.48 77.18 -52.61
CA ILE K 40 28.80 76.38 -51.61
C ILE K 40 29.53 75.05 -51.45
N PRO K 41 29.32 74.36 -50.32
CA PRO K 41 29.91 73.02 -50.15
C PRO K 41 29.57 72.10 -51.32
N THR K 42 30.61 71.56 -51.96
CA THR K 42 30.44 70.77 -53.17
C THR K 42 30.02 69.33 -52.89
N ILE K 43 28.76 69.02 -53.19
CA ILE K 43 28.26 67.66 -53.09
C ILE K 43 28.38 66.96 -54.44
N GLY K 44 29.59 66.58 -54.79
CA GLY K 44 29.86 65.98 -56.10
C GLY K 44 31.22 66.39 -56.63
N PHE K 45 31.25 66.94 -57.83
CA PHE K 45 32.49 67.39 -58.44
C PHE K 45 32.25 68.48 -59.48
N ASN K 46 33.32 69.18 -59.85
CA ASN K 46 33.25 70.22 -60.87
C ASN K 46 34.42 70.14 -61.83
N VAL K 47 34.12 70.07 -63.13
CA VAL K 47 35.17 69.99 -64.14
C VAL K 47 35.04 71.12 -65.16
N GLU K 48 36.11 71.92 -65.27
CA GLU K 48 36.14 73.03 -66.21
C GLU K 48 37.47 73.08 -66.95
N THR K 49 37.43 73.54 -68.20
CA THR K 49 38.63 73.65 -69.02
C THR K 49 39.14 75.08 -69.04
N VAL K 50 40.36 75.28 -68.55
CA VAL K 50 40.95 76.62 -68.48
C VAL K 50 42.06 76.79 -69.50
N SER K 56 45.66 74.31 -72.52
CA SER K 56 44.32 73.82 -72.21
C SER K 56 44.33 72.90 -71.00
N PHE K 57 44.12 73.47 -69.82
CA PHE K 57 44.12 72.70 -68.58
C PHE K 57 42.71 72.20 -68.24
N THR K 58 42.56 70.89 -68.22
CA THR K 58 41.30 70.27 -67.80
C THR K 58 41.34 69.96 -66.31
N VAL K 59 40.87 70.91 -65.50
CA VAL K 59 40.96 70.78 -64.05
C VAL K 59 39.74 70.05 -63.47
N TRP K 60 40.00 68.99 -62.72
CA TRP K 60 38.95 68.22 -62.08
C TRP K 60 38.86 68.55 -60.59
N ASP K 61 37.82 69.30 -60.21
CA ASP K 61 37.62 69.69 -58.83
C ASP K 61 36.63 68.76 -58.11
N VAL K 62 37.11 68.05 -57.10
CA VAL K 62 36.28 67.12 -56.34
C VAL K 62 36.07 67.62 -54.92
N GLY K 63 34.89 67.34 -54.35
CA GLY K 63 34.54 67.75 -53.00
C GLY K 63 35.52 67.26 -51.96
N GLY K 64 35.69 68.06 -50.90
CA GLY K 64 36.67 67.76 -49.87
C GLY K 64 36.10 67.21 -48.58
N LEU K 65 34.78 67.04 -48.54
CA LEU K 65 34.12 66.45 -47.38
C LEU K 65 34.50 64.99 -47.21
N ASP K 66 34.40 64.48 -45.99
CA ASP K 66 34.76 63.09 -45.69
C ASP K 66 33.95 62.09 -46.51
N ARG K 67 32.72 62.45 -46.82
CA ARG K 67 31.83 61.60 -47.61
C ARG K 67 32.31 61.47 -49.04
N ILE K 68 32.83 62.55 -49.59
CA ILE K 68 33.24 62.59 -50.98
C ILE K 68 34.75 62.34 -51.12
N ARG K 69 35.47 62.50 -50.02
CA ARG K 69 36.93 62.36 -50.02
C ARG K 69 37.35 60.95 -50.42
N SER K 70 36.49 59.98 -50.18
CA SER K 70 36.77 58.59 -50.52
C SER K 70 36.66 58.38 -52.03
N LEU K 71 35.89 59.24 -52.69
CA LEU K 71 35.63 59.09 -54.11
C LEU K 71 36.76 59.68 -54.97
N TRP K 72 37.86 60.06 -54.33
CA TRP K 72 39.00 60.64 -55.03
C TRP K 72 39.72 59.61 -55.90
N ARG K 73 39.60 58.34 -55.51
CA ARG K 73 40.32 57.25 -56.19
C ARG K 73 39.88 57.10 -57.64
N HIS K 74 38.64 57.51 -57.94
CA HIS K 74 38.10 57.41 -59.28
C HIS K 74 38.79 58.36 -60.26
N TYR K 75 39.39 59.42 -59.73
CA TYR K 75 39.99 60.46 -60.55
C TYR K 75 41.52 60.39 -60.58
N TYR K 76 42.08 59.43 -59.84
CA TYR K 76 43.53 59.29 -59.77
C TYR K 76 44.16 58.86 -61.09
N ARG K 77 43.42 58.08 -61.87
CA ARG K 77 43.93 57.56 -63.13
C ARG K 77 44.06 58.64 -64.19
N ASN K 78 45.12 58.56 -65.00
CA ASN K 78 45.38 59.50 -66.09
C ASN K 78 45.51 60.95 -65.62
N THR K 79 45.87 61.14 -64.35
CA THR K 79 46.06 62.48 -63.82
C THR K 79 47.49 62.98 -64.03
N GLY K 81 48.90 66.10 -63.38
CA GLY K 81 49.24 67.08 -62.36
C GLY K 81 48.19 67.17 -61.26
N VAL K 82 48.65 67.35 -60.03
CA VAL K 82 47.76 67.42 -58.88
C VAL K 82 47.90 68.76 -58.14
N ILE K 83 46.79 69.48 -58.02
CA ILE K 83 46.77 70.73 -57.28
C ILE K 83 46.13 70.54 -55.91
N PHE K 84 46.95 70.63 -54.87
CA PHE K 84 46.46 70.43 -53.51
C PHE K 84 46.28 71.75 -52.79
N VAL K 85 45.03 72.21 -52.71
CA VAL K 85 44.72 73.48 -52.06
C VAL K 85 44.68 73.33 -50.55
N VAL K 86 45.40 74.19 -49.84
CA VAL K 86 45.49 74.13 -48.39
C VAL K 86 45.02 75.43 -47.73
N ASP K 87 44.11 75.30 -46.77
CA ASP K 87 43.65 76.45 -46.00
C ASP K 87 44.74 76.91 -45.04
N SER K 88 45.41 78.00 -45.39
CA SER K 88 46.53 78.52 -44.59
C SER K 88 46.06 79.07 -43.26
N ASN K 89 44.87 79.67 -43.26
CA ASN K 89 44.32 80.28 -42.05
C ASN K 89 43.96 79.28 -40.98
N ASP K 90 43.46 78.11 -41.39
CA ASP K 90 43.04 77.09 -40.44
C ASP K 90 44.23 76.32 -39.89
N ARG K 91 44.61 76.64 -38.66
CA ARG K 91 45.77 76.03 -38.02
C ARG K 91 45.47 74.60 -37.56
N SER K 92 44.24 74.38 -37.13
CA SER K 92 43.86 73.12 -36.50
C SER K 92 43.94 71.91 -37.42
N ARG K 93 43.53 72.07 -38.67
CA ARG K 93 43.45 70.94 -39.59
C ARG K 93 44.64 70.84 -40.53
N ILE K 94 45.80 71.34 -40.09
CA ILE K 94 47.00 71.24 -40.90
C ILE K 94 47.55 69.82 -40.82
N GLY K 95 47.21 69.13 -39.74
CA GLY K 95 47.60 67.74 -39.55
C GLY K 95 46.76 66.80 -40.40
N GLU K 96 45.48 67.12 -40.54
CA GLU K 96 44.57 66.33 -41.36
C GLU K 96 44.90 66.46 -42.84
N ALA K 97 45.38 67.64 -43.23
CA ALA K 97 45.74 67.89 -44.62
C ALA K 97 47.02 67.13 -44.99
N ARG K 98 47.85 66.87 -44.00
CA ARG K 98 49.10 66.15 -44.21
C ARG K 98 48.83 64.67 -44.46
N GLU K 99 48.03 64.06 -43.60
CA GLU K 99 47.74 62.63 -43.68
C GLU K 99 47.06 62.22 -44.98
N VAL K 100 46.13 63.04 -45.46
CA VAL K 100 45.39 62.73 -46.69
C VAL K 100 46.31 62.81 -47.91
N MET K 101 47.27 63.73 -47.86
CA MET K 101 48.20 63.89 -48.98
C MET K 101 49.25 62.79 -49.00
N GLN K 102 49.73 62.43 -47.81
CA GLN K 102 50.73 61.39 -47.67
C GLN K 102 50.17 60.02 -48.06
N LEU K 105 50.22 60.35 -52.23
CA LEU K 105 51.56 60.24 -52.80
C LEU K 105 51.98 58.78 -52.95
N ASN K 106 51.37 57.91 -52.15
CA ASN K 106 51.69 56.49 -52.19
C ASN K 106 50.87 55.74 -53.23
N GLU K 107 49.93 56.43 -53.85
CA GLU K 107 49.08 55.85 -54.89
C GLU K 107 49.88 55.62 -56.17
N ASP K 108 49.74 54.42 -56.74
CA ASP K 108 50.46 54.06 -57.96
C ASP K 108 49.95 54.83 -59.17
N GLU K 109 48.68 55.23 -59.11
CA GLU K 109 48.06 55.97 -60.20
C GLU K 109 48.58 57.41 -60.25
N LEU K 110 49.07 57.89 -59.11
CA LEU K 110 49.61 59.24 -59.03
C LEU K 110 51.13 59.21 -58.87
N ARG K 111 51.76 58.19 -59.45
CA ARG K 111 53.21 58.05 -59.38
C ARG K 111 53.92 59.17 -60.13
N VAL K 117 50.96 72.56 -54.90
CA VAL K 117 50.35 72.89 -53.61
C VAL K 117 49.98 74.37 -53.53
N PHE K 118 48.71 74.65 -53.31
CA PHE K 118 48.22 76.01 -53.19
C PHE K 118 47.97 76.43 -51.75
N ALA K 119 48.74 77.41 -51.28
CA ALA K 119 48.53 77.97 -49.94
C ALA K 119 47.45 79.05 -50.01
N ASN K 120 46.20 78.63 -50.05
CA ASN K 120 45.07 79.54 -50.24
C ASN K 120 44.78 80.38 -49.00
N LYS K 121 43.96 81.40 -49.17
CA LYS K 121 43.56 82.31 -48.09
C LYS K 121 44.77 82.96 -47.42
N GLN K 122 45.70 83.43 -48.24
CA GLN K 122 46.90 84.08 -47.74
C GLN K 122 46.59 85.51 -47.30
N ASP K 123 45.42 86.00 -47.70
CA ASP K 123 45.00 87.36 -47.38
C ASP K 123 44.68 87.51 -45.90
N LEU K 124 44.21 86.43 -45.29
CA LEU K 124 43.86 86.44 -43.87
C LEU K 124 45.10 86.60 -43.00
N PRO K 125 44.99 87.36 -41.90
CA PRO K 125 46.12 87.68 -41.03
C PRO K 125 46.80 86.45 -40.44
N GLU K 126 46.02 85.55 -39.85
CA GLU K 126 46.58 84.39 -39.14
C GLU K 126 47.03 83.27 -40.07
N ALA K 127 46.97 83.52 -41.39
CA ALA K 127 47.35 82.52 -42.37
C ALA K 127 48.85 82.22 -42.33
N MET K 128 49.19 80.95 -42.47
CA MET K 128 50.59 80.52 -42.46
C MET K 128 51.30 80.95 -43.74
N SER K 129 52.60 81.23 -43.63
CA SER K 129 53.41 81.58 -44.79
C SER K 129 53.69 80.34 -45.62
N ALA K 130 54.10 80.53 -46.87
CA ALA K 130 54.38 79.43 -47.77
C ALA K 130 55.52 78.56 -47.24
N ALA K 131 56.47 79.19 -46.56
CA ALA K 131 57.62 78.47 -46.01
C ALA K 131 57.22 77.56 -44.86
N GLU K 132 56.28 78.01 -44.04
CA GLU K 132 55.83 77.23 -42.88
C GLU K 132 55.04 75.99 -43.28
N ILE K 133 54.18 76.13 -44.27
CA ILE K 133 53.35 75.01 -44.73
C ILE K 133 54.22 73.93 -45.37
N THR K 134 55.29 74.35 -46.04
CA THR K 134 56.21 73.42 -46.68
C THR K 134 56.86 72.50 -45.64
N GLU K 135 57.13 73.05 -44.46
CA GLU K 135 57.71 72.29 -43.36
C GLU K 135 56.70 71.29 -42.79
N LYS K 136 55.46 71.73 -42.67
CA LYS K 136 54.40 70.90 -42.11
C LYS K 136 54.07 69.73 -43.04
N LEU K 137 54.10 69.97 -44.35
CA LEU K 137 53.82 68.94 -45.34
C LEU K 137 55.03 68.04 -45.54
N GLY K 138 56.22 68.57 -45.28
CA GLY K 138 57.45 67.81 -45.43
C GLY K 138 57.84 67.61 -46.88
N TRP K 147 57.85 68.96 -57.33
CA TRP K 147 56.81 69.60 -56.53
C TRP K 147 57.10 71.09 -56.34
N PHE K 148 56.04 71.85 -56.04
CA PHE K 148 56.18 73.28 -55.83
C PHE K 148 54.99 73.83 -55.07
N ILE K 149 55.26 74.67 -54.07
CA ILE K 149 54.21 75.30 -53.29
C ILE K 149 54.10 76.79 -53.63
N GLN K 150 52.86 77.27 -53.76
CA GLN K 150 52.62 78.66 -54.13
C GLN K 150 51.55 79.30 -53.25
N ALA K 151 51.89 80.41 -52.61
CA ALA K 151 50.93 81.15 -51.79
C ALA K 151 49.88 81.82 -52.68
N THR K 152 48.63 81.43 -52.50
CA THR K 152 47.55 81.91 -53.36
C THR K 152 46.45 82.62 -52.58
N CYS K 153 45.66 83.39 -53.30
CA CYS K 153 44.48 84.04 -52.74
C CYS K 153 43.37 84.06 -53.79
N ALA K 154 42.44 83.12 -53.67
CA ALA K 154 41.40 82.93 -54.68
C ALA K 154 40.48 84.14 -54.82
N THR K 155 40.27 84.85 -53.73
CA THR K 155 39.40 86.03 -53.75
C THR K 155 40.00 87.16 -54.58
N SER K 156 41.30 87.37 -54.43
CA SER K 156 42.00 88.41 -55.17
C SER K 156 42.52 87.86 -56.50
N GLY K 157 42.96 86.61 -56.48
CA GLY K 157 43.50 85.98 -57.68
C GLY K 157 45.00 86.00 -57.69
N GLU K 158 45.60 86.48 -56.60
CA GLU K 158 47.04 86.63 -56.52
C GLU K 158 47.76 85.28 -56.43
N GLY K 159 48.75 85.12 -57.30
CA GLY K 159 49.59 83.94 -57.35
C GLY K 159 48.86 82.70 -57.84
N LEU K 160 47.93 82.89 -58.76
CA LEU K 160 47.24 81.77 -59.39
C LEU K 160 47.93 81.41 -60.69
N TYR K 161 48.20 82.44 -61.50
CA TYR K 161 48.87 82.28 -62.78
C TYR K 161 50.35 81.94 -62.57
N GLU K 162 50.88 82.34 -61.42
CA GLU K 162 52.26 82.02 -61.05
C GLU K 162 52.44 80.51 -60.89
N GLY K 163 51.42 79.87 -60.32
CA GLY K 163 51.44 78.43 -60.13
C GLY K 163 51.22 77.67 -61.42
N LEU K 164 50.38 78.21 -62.29
CA LEU K 164 50.08 77.59 -63.58
C LEU K 164 51.31 77.57 -64.49
N GLU K 165 52.17 78.57 -64.36
CA GLU K 165 53.37 78.67 -65.18
C GLU K 165 54.32 77.51 -64.89
N TRP K 166 54.46 77.17 -63.62
CA TRP K 166 55.31 76.05 -63.21
C TRP K 166 54.71 74.72 -63.64
N LEU K 167 53.38 74.66 -63.70
CA LEU K 167 52.69 73.43 -64.08
C LEU K 167 52.88 73.12 -65.56
N SER K 168 53.21 74.14 -66.34
CA SER K 168 53.44 73.97 -67.77
C SER K 168 54.89 73.61 -68.07
N LEU L 15 -81.99 -65.04 33.57
CA LEU L 15 -80.81 -64.81 32.72
C LEU L 15 -79.98 -66.07 32.58
N MET L 16 -79.73 -66.47 31.34
CA MET L 16 -78.95 -67.67 31.06
C MET L 16 -77.65 -67.31 30.35
N VAL L 17 -76.55 -67.35 31.08
CA VAL L 17 -75.24 -67.02 30.52
C VAL L 17 -74.29 -68.20 30.59
N GLY L 18 -73.07 -68.00 30.10
CA GLY L 18 -72.07 -69.05 30.09
C GLY L 18 -71.06 -68.86 28.98
N LEU L 19 -70.01 -69.66 28.98
CA LEU L 19 -68.97 -69.58 27.95
C LEU L 19 -69.53 -69.94 26.58
N ASP L 20 -68.86 -69.48 25.53
CA ASP L 20 -69.30 -69.76 24.17
C ASP L 20 -69.14 -71.24 23.84
N GLY L 21 -70.12 -71.79 23.13
CA GLY L 21 -70.08 -73.19 22.74
C GLY L 21 -70.76 -74.09 23.76
N ALA L 22 -71.33 -73.49 24.80
CA ALA L 22 -72.03 -74.24 25.83
C ALA L 22 -73.51 -74.40 25.48
N LYS L 24 -76.23 -72.74 25.05
CA LYS L 24 -77.28 -71.93 25.66
C LYS L 24 -78.48 -71.79 24.73
N THR L 25 -78.21 -71.48 23.47
CA THR L 25 -79.27 -71.34 22.48
C THR L 25 -79.90 -72.70 22.18
N THR L 26 -79.12 -73.76 22.32
CA THR L 26 -79.62 -75.11 22.11
C THR L 26 -80.52 -75.53 23.26
N VAL L 27 -80.18 -75.07 24.47
CA VAL L 27 -80.97 -75.36 25.66
C VAL L 27 -82.29 -74.60 25.65
N LEU L 28 -82.24 -73.34 25.23
CA LEU L 28 -83.41 -72.47 25.24
C LEU L 28 -84.50 -72.97 24.29
N TYR L 29 -84.12 -73.24 23.05
CA TYR L 29 -85.09 -73.66 22.03
C TYR L 29 -85.54 -75.10 22.23
N LYS L 30 -84.81 -75.85 23.05
CA LYS L 30 -85.20 -77.22 23.38
C LYS L 30 -86.40 -77.19 24.33
N LEU L 31 -86.47 -76.15 25.14
CA LEU L 31 -87.57 -75.97 26.07
C LEU L 31 -88.71 -75.17 25.42
N LYS L 32 -88.41 -74.57 24.28
CA LYS L 32 -89.39 -73.74 23.57
C LYS L 32 -90.12 -74.54 22.49
N LEU L 33 -89.35 -75.16 21.60
CA LEU L 33 -89.93 -75.91 20.50
C LEU L 33 -89.89 -77.42 20.77
N GLY L 34 -88.80 -77.88 21.36
CA GLY L 34 -88.63 -79.29 21.67
C GLY L 34 -87.57 -79.94 20.81
N VAL L 36 -84.32 -79.52 18.64
CA VAL L 36 -82.90 -79.35 18.34
C VAL L 36 -82.71 -78.68 16.99
N ILE L 37 -82.36 -77.39 17.02
CA ILE L 37 -82.17 -76.62 15.80
C ILE L 37 -80.69 -76.30 15.57
N THR L 38 -80.35 -76.00 14.32
CA THR L 38 -78.98 -75.63 13.98
C THR L 38 -78.70 -74.19 14.40
N THR L 39 -78.00 -74.04 15.52
CA THR L 39 -77.75 -72.71 16.08
C THR L 39 -76.45 -72.12 15.58
N ILE L 40 -76.37 -70.80 15.60
CA ILE L 40 -75.17 -70.08 15.22
C ILE L 40 -74.67 -69.24 16.40
N PRO L 41 -73.35 -69.01 16.47
CA PRO L 41 -72.76 -68.19 17.53
C PRO L 41 -73.41 -66.80 17.62
N THR L 42 -74.06 -66.53 18.73
CA THR L 42 -74.76 -65.25 18.92
C THR L 42 -73.76 -64.10 19.11
N GLY L 63 -75.16 -64.39 24.03
CA GLY L 63 -73.78 -64.36 23.60
C GLY L 63 -72.82 -64.91 24.64
N GLY L 64 -71.91 -65.77 24.20
CA GLY L 64 -70.95 -66.39 25.10
C GLY L 64 -69.51 -66.02 24.79
N LEU L 65 -69.30 -65.40 23.63
CA LEU L 65 -67.96 -64.98 23.22
C LEU L 65 -67.38 -63.96 24.19
N ASP L 66 -66.05 -63.88 24.24
CA ASP L 66 -65.38 -62.95 25.15
C ASP L 66 -65.76 -61.50 24.88
N ARG L 67 -66.11 -61.21 23.62
CA ARG L 67 -66.53 -59.88 23.24
C ARG L 67 -67.89 -59.54 23.87
N ILE L 68 -68.91 -60.27 23.45
CA ILE L 68 -70.30 -60.02 23.88
C ILE L 68 -70.47 -60.25 25.40
N ARG L 69 -69.53 -60.96 26.00
CA ARG L 69 -69.60 -61.31 27.41
C ARG L 69 -69.64 -60.09 28.33
N SER L 70 -69.06 -58.99 27.88
CA SER L 70 -69.01 -57.77 28.68
C SER L 70 -70.35 -57.04 28.67
N LEU L 71 -71.29 -57.53 27.86
CA LEU L 71 -72.62 -56.93 27.79
C LEU L 71 -73.62 -57.69 28.66
N TRP L 72 -73.10 -58.55 29.53
CA TRP L 72 -73.96 -59.36 30.40
C TRP L 72 -74.50 -58.56 31.58
N ARG L 73 -73.76 -57.53 31.99
CA ARG L 73 -74.12 -56.75 33.16
C ARG L 73 -75.36 -55.89 32.92
N HIS L 74 -75.73 -55.73 31.66
CA HIS L 74 -76.94 -54.99 31.31
C HIS L 74 -78.18 -55.81 31.58
N TYR L 75 -78.01 -57.12 31.72
CA TYR L 75 -79.13 -58.03 31.92
C TYR L 75 -79.16 -58.61 33.34
N TYR L 76 -78.41 -57.98 34.24
CA TYR L 76 -78.39 -58.40 35.64
C TYR L 76 -79.65 -57.94 36.37
N VAL L 82 -80.38 -67.53 38.07
CA VAL L 82 -79.47 -67.39 36.94
C VAL L 82 -78.93 -68.74 36.49
N ILE L 83 -79.22 -69.13 35.26
CA ILE L 83 -78.75 -70.39 34.71
C ILE L 83 -77.37 -70.24 34.09
N PHE L 84 -76.42 -71.03 34.59
CA PHE L 84 -75.05 -70.97 34.09
C PHE L 84 -74.65 -72.29 33.43
N VAL L 85 -74.66 -72.31 32.10
CA VAL L 85 -74.34 -73.53 31.35
C VAL L 85 -72.83 -73.71 31.20
N VAL L 86 -72.35 -74.90 31.52
CA VAL L 86 -70.93 -75.21 31.46
C VAL L 86 -70.66 -76.42 30.55
N ASP L 87 -69.70 -76.27 29.64
CA ASP L 87 -69.28 -77.37 28.78
C ASP L 87 -68.51 -78.40 29.60
N SER L 88 -69.14 -79.55 29.84
CA SER L 88 -68.53 -80.60 30.64
C SER L 88 -67.37 -81.26 29.90
N ASN L 89 -67.35 -81.09 28.58
CA ASN L 89 -66.28 -81.67 27.77
C ASN L 89 -65.26 -80.62 27.35
N ARG L 98 -65.12 -70.53 36.19
CA ARG L 98 -64.93 -70.15 37.58
C ARG L 98 -64.71 -68.65 37.72
N GLU L 99 -63.62 -68.16 37.13
CA GLU L 99 -63.26 -66.75 37.22
C GLU L 99 -64.35 -65.85 36.64
N VAL L 100 -65.05 -66.35 35.62
CA VAL L 100 -66.13 -65.59 34.99
C VAL L 100 -67.39 -65.61 35.85
N MET L 101 -67.60 -66.72 36.55
CA MET L 101 -68.80 -66.91 37.36
C MET L 101 -68.68 -66.31 38.76
N GLN L 102 -67.52 -66.46 39.37
CA GLN L 102 -67.30 -65.99 40.74
C GLN L 102 -67.43 -64.48 40.87
N ARG L 103 -67.00 -63.75 39.84
CA ARG L 103 -67.06 -62.29 39.88
C ARG L 103 -68.48 -61.79 39.66
N MET L 104 -69.36 -62.68 39.19
CA MET L 104 -70.76 -62.36 39.00
C MET L 104 -71.52 -62.51 40.32
N LEU L 105 -71.03 -63.41 41.17
CA LEU L 105 -71.66 -63.65 42.46
C LEU L 105 -71.40 -62.50 43.43
N VAL L 117 -76.80 -73.84 37.58
CA VAL L 117 -75.63 -74.39 36.89
C VAL L 117 -75.97 -75.71 36.20
N PHE L 118 -75.87 -75.72 34.88
CA PHE L 118 -76.14 -76.92 34.11
C PHE L 118 -74.86 -77.50 33.49
N ALA L 119 -74.59 -78.77 33.79
CA ALA L 119 -73.44 -79.45 33.22
C ALA L 119 -73.81 -80.07 31.87
N ASN L 120 -73.92 -79.22 30.85
CA ASN L 120 -74.35 -79.65 29.53
C ASN L 120 -73.33 -80.55 28.84
N LYS L 121 -73.75 -81.16 27.73
CA LYS L 121 -72.91 -82.08 26.97
C LYS L 121 -72.40 -83.23 27.82
N GLN L 122 -73.29 -83.80 28.62
CA GLN L 122 -72.95 -84.93 29.47
C GLN L 122 -72.76 -86.19 28.64
N ASP L 123 -73.39 -86.20 27.46
CA ASP L 123 -73.27 -87.32 26.53
C ASP L 123 -71.88 -87.36 25.92
N ALA L 130 -70.58 -84.08 36.71
CA ALA L 130 -71.35 -83.03 37.37
C ALA L 130 -70.80 -82.73 38.76
N ALA L 131 -70.40 -83.78 39.47
CA ALA L 131 -69.87 -83.63 40.82
C ALA L 131 -68.44 -83.08 40.80
N GLU L 132 -67.70 -83.42 39.75
CA GLU L 132 -66.32 -82.97 39.61
C GLU L 132 -66.27 -81.50 39.20
N ILE L 133 -67.26 -81.07 38.43
CA ILE L 133 -67.35 -79.68 37.98
C ILE L 133 -67.70 -78.77 39.16
N THR L 134 -68.47 -79.30 40.10
CA THR L 134 -68.88 -78.55 41.29
C THR L 134 -67.66 -78.13 42.11
N GLU L 135 -66.67 -79.01 42.17
CA GLU L 135 -65.45 -78.74 42.93
C GLU L 135 -64.60 -77.66 42.28
N LYS L 136 -64.48 -77.72 40.96
CA LYS L 136 -63.62 -76.80 40.23
C LYS L 136 -64.24 -75.41 40.06
N LEU L 137 -65.56 -75.34 40.19
CA LEU L 137 -66.26 -74.07 40.09
C LEU L 137 -66.39 -73.41 41.47
N GLY L 138 -66.19 -74.21 42.52
CA GLY L 138 -66.26 -73.70 43.88
C GLY L 138 -67.69 -73.42 44.33
N LEU L 139 -68.62 -74.28 43.93
CA LEU L 139 -70.02 -74.11 44.30
C LEU L 139 -70.25 -74.47 45.76
N ALA L 151 -75.93 -82.28 35.69
CA ALA L 151 -75.75 -83.09 34.49
C ALA L 151 -76.93 -82.94 33.54
N THR L 152 -76.75 -82.14 32.49
CA THR L 152 -77.81 -81.91 31.52
C THR L 152 -77.37 -82.24 30.11
N CYS L 153 -78.34 -82.35 29.21
CA CYS L 153 -78.06 -82.62 27.79
C CYS L 153 -79.10 -81.95 26.91
N ALA L 154 -78.68 -80.88 26.24
CA ALA L 154 -79.59 -80.07 25.43
C ALA L 154 -80.12 -80.83 24.21
N THR L 155 -79.30 -81.71 23.65
CA THR L 155 -79.69 -82.46 22.47
C THR L 155 -80.78 -83.48 22.78
N SER L 156 -80.56 -84.31 23.80
CA SER L 156 -81.53 -85.33 24.17
C SER L 156 -82.64 -84.77 25.06
N GLY L 157 -82.44 -83.54 25.52
CA GLY L 157 -83.40 -82.90 26.40
C GLY L 157 -83.43 -83.57 27.77
N GLU L 158 -82.27 -84.06 28.19
CA GLU L 158 -82.17 -84.80 29.45
C GLU L 158 -81.68 -83.89 30.57
N GLY L 159 -82.42 -83.89 31.68
CA GLY L 159 -82.03 -83.11 32.84
C GLY L 159 -82.49 -81.66 32.76
N LEU L 160 -83.51 -81.42 31.95
CA LEU L 160 -84.03 -80.06 31.77
C LEU L 160 -85.26 -79.80 32.63
N TYR L 161 -86.03 -80.86 32.90
CA TYR L 161 -87.21 -80.73 33.74
C TYR L 161 -86.83 -80.45 35.19
N GLU L 162 -85.64 -80.88 35.58
CA GLU L 162 -85.15 -80.68 36.94
C GLU L 162 -84.86 -79.20 37.21
N GLY L 163 -84.29 -78.53 36.21
CA GLY L 163 -83.97 -77.11 36.34
C GLY L 163 -85.21 -76.23 36.26
PG GNP M . 19.09 -64.65 -19.76
O1G GNP M . 18.54 -63.39 -19.15
O2G GNP M . 20.60 -64.72 -19.91
O3G GNP M . 18.29 -64.87 -21.02
N3B GNP M . 18.73 -65.86 -18.81
PB GNP M . 18.17 -67.21 -19.42
O1B GNP M . 16.72 -67.11 -19.65
O2B GNP M . 19.05 -67.54 -20.57
O3A GNP M . 18.38 -68.29 -18.37
PA GNP M . 19.66 -69.11 -18.34
O1A GNP M . 19.56 -70.12 -19.43
O2A GNP M . 20.84 -68.21 -18.36
O5' GNP M . 19.70 -69.91 -16.98
C5' GNP M . 19.32 -69.28 -15.76
C4' GNP M . 19.45 -70.24 -14.59
O4' GNP M . 18.36 -71.19 -14.62
C3' GNP M . 20.74 -71.06 -14.58
O3' GNP M . 21.33 -71.03 -13.29
C2' GNP M . 20.28 -72.47 -14.96
O2' GNP M . 21.05 -73.48 -14.35
C1' GNP M . 18.86 -72.49 -14.41
N9 GNP M . 17.98 -73.43 -15.10
C8 GNP M . 17.70 -73.48 -16.45
N7 GNP M . 16.87 -74.43 -16.78
C5 GNP M . 16.58 -75.06 -15.58
C6 GNP M . 15.73 -76.15 -15.30
O6 GNP M . 15.05 -76.82 -16.10
N1 GNP M . 15.71 -76.47 -13.94
C2 GNP M . 16.42 -75.80 -12.97
N2 GNP M . 16.28 -76.24 -11.71
N3 GNP M . 17.21 -74.77 -13.21
C4 GNP M . 17.24 -74.45 -14.53
MG MG N . 19.97 -66.27 -22.11
PG GNP O . -7.91 54.48 41.88
O1G GNP O . -7.58 53.22 41.10
O2G GNP O . -8.20 54.28 43.35
O3G GNP O . -8.98 55.16 41.09
N3B GNP O . -6.65 55.43 41.83
PB GNP O . -6.83 56.99 41.63
O1B GNP O . -6.91 57.30 40.18
O2B GNP O . -7.95 57.41 42.50
O3A GNP O . -5.57 57.64 42.16
PA GNP O . -5.39 57.90 43.65
O1A GNP O . -5.89 59.27 43.92
O2A GNP O . -5.97 56.79 44.45
O5' GNP O . -3.84 57.91 43.94
C5' GNP O . -2.99 58.86 43.30
C4' GNP O . -1.59 58.80 43.90
O4' GNP O . -0.76 59.82 43.29
C3' GNP O . -1.53 59.09 45.39
O3' GNP O . -0.38 58.50 45.97
C2' GNP O . -1.45 60.61 45.41
O2' GNP O . -0.83 61.10 46.59
C1' GNP O . -0.56 60.89 44.19
N9 GNP O . -0.92 62.13 43.51
C8 GNP O . -2.18 62.64 43.31
N7 GNP O . -2.19 63.77 42.66
C5 GNP O . -0.85 64.04 42.43
C6 GNP O . -0.24 65.14 41.78
O6 GNP O . -0.77 66.12 41.26
N1 GNP O . 1.15 65.02 41.76
C2 GNP O . 1.86 63.98 42.31
N2 GNP O . 3.20 64.04 42.19
N3 GNP O . 1.30 62.95 42.92
C4 GNP O . -0.05 63.05 42.95
MG MG P . -9.11 56.13 43.73
PG GNP Q . 34.28 71.99 -50.72
O1G GNP Q . 34.22 71.11 -49.50
O2G GNP Q . 32.95 72.37 -51.32
O3G GNP Q . 35.25 71.30 -51.65
N3B GNP Q . 34.96 73.36 -50.32
PB GNP Q . 36.00 74.06 -51.27
O1B GNP Q . 37.36 73.53 -51.04
O2B GNP Q . 35.44 74.00 -52.64
O3A GNP Q . 36.04 75.54 -50.88
PA GNP Q . 35.13 76.54 -51.58
O1A GNP Q . 35.77 76.86 -52.89
O2A GNP Q . 33.74 76.05 -51.59
O5' GNP Q . 35.15 77.87 -50.73
C5' GNP Q . 35.04 77.81 -49.31
C4' GNP Q . 35.10 79.20 -48.71
O4' GNP Q . 36.47 79.70 -48.78
C3' GNP Q . 34.23 80.24 -49.42
O3' GNP Q . 33.39 80.90 -48.46
C2' GNP Q . 35.23 81.19 -50.07
O2' GNP Q . 34.77 82.53 -50.11
C1' GNP Q . 36.42 81.06 -49.15
N9 GNP Q . 37.70 81.39 -49.77
C8 GNP Q . 38.29 80.75 -50.83
N7 GNP Q . 39.43 81.27 -51.19
C5 GNP Q . 39.61 82.32 -50.31
C6 GNP Q . 40.68 83.24 -50.20
O6 GNP Q . 41.71 83.32 -50.90
N1 GNP Q . 40.47 84.15 -49.16
C2 GNP Q . 39.38 84.17 -48.34
N2 GNP Q . 39.36 85.13 -47.40
N3 GNP Q . 38.37 83.30 -48.42
C4 GNP Q . 38.56 82.41 -49.43
MG MG R . 34.12 72.89 -53.81
PG GNP S . -72.95 -68.82 21.83
O1G GNP S . -71.53 -68.30 21.76
O2G GNP S . -73.85 -68.43 20.67
O3G GNP S . -73.44 -68.42 23.20
N3B GNP S . -72.92 -70.39 21.81
PB GNP S . -73.78 -71.22 22.84
O1B GNP S . -73.13 -71.19 24.18
O2B GNP S . -75.16 -70.72 22.73
O3A GNP S . -73.77 -72.66 22.38
PA GNP S . -74.91 -73.22 21.53
O1A GNP S . -76.04 -73.48 22.45
O2A GNP S . -75.14 -72.34 20.36
O5' GNP S . -74.44 -74.61 20.96
C5' GNP S . -73.08 -74.83 20.63
C4' GNP S . -72.88 -76.24 20.08
O4' GNP S . -72.99 -77.20 21.16
C3' GNP S . -73.88 -76.66 19.01
O3' GNP S . -73.19 -77.22 17.89
C2' GNP S . -74.76 -77.69 19.73
O2' GNP S . -75.25 -78.69 18.86
C1' GNP S . -73.77 -78.29 20.73
N9 GNP S . -74.41 -78.90 21.88
C8 GNP S . -75.22 -78.28 22.80
N7 GNP S . -75.65 -79.08 23.75
C5 GNP S . -75.09 -80.31 23.43
C6 GNP S . -75.19 -81.56 24.08
O6 GNP S . -75.84 -81.83 25.11
N1 GNP S . -74.47 -82.55 23.44
C2 GNP S . -73.73 -82.36 22.29
N2 GNP S . -73.09 -83.44 21.81
N3 GNP S . -73.62 -81.20 21.67
C4 GNP S . -74.33 -80.22 22.29
MG MG T . -76.09 -68.95 22.24
#